data_3HK9
#
_entry.id   3HK9
#
_cell.length_a   274.091
_cell.length_b   156.880
_cell.length_c   185.206
_cell.angle_alpha   90.00
_cell.angle_beta   115.78
_cell.angle_gamma   90.00
#
_symmetry.space_group_name_H-M   'C 1 2 1'
#
loop_
_entity.id
_entity.type
_entity.pdbx_description
1 polymer 'Uronate isomerase'
2 non-polymer 'D-glucuronic acid'
3 non-polymer 'CARBONATE ION'
4 non-polymer 'ZINC ION'
5 non-polymer 'CHLORIDE ION'
6 water water
#
_entity_poly.entity_id   1
_entity_poly.type   'polypeptide(L)'
_entity_poly.pdbx_seq_one_letter_code
;MSINSREVLAEKVKNAVNNQPVTDMHTHLFSPNFGEILLWDIDELLTYHYLVAEVMRWTDVSIEAFWAMSKREQADLIWE
ELFIKRSPVSEACRGVLTCLQGLGLDPATRDLQVYREYFAKKTSEEQVDTVLQLANVSDVVMTNDPFDDNERISWLEGKQ
PDSRFHAALRLDPLLNEYEQTKHRLRDWGYKVNDEWNEGSIQEVKRFLTDWIERMDPVYMAVSLPPTFSFPEESNRGRII
RDCLLPVAEKHNIPFAMMIGVKKRVHPALGDAGDFVGKASMDGVEHLLREYPNNKFLVTMLSRENQHELVVLARKFSNLM
IFGCWWFMNNPEIINEMTRMRMEMLGTSFIPQHSDARVLEQLIYKWHHSKSIIAEVLIDKYDDILQAGWEVTEEEIKRDV
ADLFSRNFWRFVGRNDHVTSVKVEQQT
;
_entity_poly.pdbx_strand_id   A,B,C,D,E,F,G,H,I,J,K,L
#
loop_
_chem_comp.id
_chem_comp.type
_chem_comp.name
_chem_comp.formula
CL non-polymer 'CHLORIDE ION' 'Cl -1'
CO3 non-polymer 'CARBONATE ION' 'C O3 -2'
REL D-saccharide 'D-glucuronic acid' 'C6 H10 O7'
ZN non-polymer 'ZINC ION' 'Zn 2'
#
# COMPACT_ATOMS: atom_id res chain seq x y z
N SER A 2 -17.54 -41.54 39.52
CA SER A 2 -16.27 -42.33 39.60
C SER A 2 -15.11 -41.49 39.08
N ILE A 3 -13.90 -41.80 39.54
CA ILE A 3 -12.73 -41.05 39.10
C ILE A 3 -12.22 -41.68 37.81
N ASN A 4 -12.54 -41.09 36.67
CA ASN A 4 -12.12 -41.66 35.39
C ASN A 4 -11.34 -40.76 34.45
N SER A 5 -10.63 -39.78 35.02
CA SER A 5 -9.79 -38.89 34.21
C SER A 5 -8.81 -38.14 35.10
N ARG A 6 -7.72 -37.68 34.52
CA ARG A 6 -6.73 -36.94 35.29
C ARG A 6 -7.40 -35.70 35.86
N GLU A 7 -8.29 -35.09 35.08
CA GLU A 7 -9.00 -33.89 35.53
C GLU A 7 -9.79 -34.17 36.82
N VAL A 8 -10.59 -35.23 36.84
CA VAL A 8 -11.36 -35.57 38.03
C VAL A 8 -10.39 -35.91 39.16
N LEU A 9 -9.37 -36.71 38.81
CA LEU A 9 -8.36 -37.11 39.77
C LEU A 9 -7.72 -35.88 40.44
N ALA A 10 -7.28 -34.91 39.62
CA ALA A 10 -6.64 -33.71 40.15
C ALA A 10 -7.50 -33.05 41.22
N GLU A 11 -8.79 -32.94 40.94
CA GLU A 11 -9.73 -32.34 41.89
C GLU A 11 -9.77 -33.11 43.20
N LYS A 12 -10.02 -34.41 43.10
CA LYS A 12 -10.10 -35.28 44.27
C LYS A 12 -8.81 -35.30 45.09
N VAL A 13 -7.67 -35.34 44.42
CA VAL A 13 -6.39 -35.37 45.13
C VAL A 13 -6.12 -34.05 45.83
N LYS A 14 -6.30 -32.94 45.14
CA LYS A 14 -6.07 -31.63 45.75
C LYS A 14 -7.02 -31.46 46.96
N ASN A 15 -8.28 -31.89 46.79
CA ASN A 15 -9.25 -31.80 47.87
C ASN A 15 -8.80 -32.63 49.07
N ALA A 16 -8.43 -33.88 48.81
CA ALA A 16 -8.00 -34.77 49.88
C ALA A 16 -6.75 -34.24 50.59
N VAL A 17 -5.74 -33.87 49.82
CA VAL A 17 -4.49 -33.34 50.38
C VAL A 17 -4.74 -32.10 51.24
N ASN A 18 -5.57 -31.19 50.74
CA ASN A 18 -5.89 -29.96 51.47
C ASN A 18 -6.63 -30.24 52.78
N ASN A 19 -7.53 -31.21 52.77
CA ASN A 19 -8.33 -31.52 53.95
C ASN A 19 -7.67 -32.45 54.96
N GLN A 20 -6.63 -33.16 54.56
CA GLN A 20 -5.95 -34.07 55.46
C GLN A 20 -5.22 -33.37 56.60
N PRO A 21 -5.61 -33.64 57.86
CA PRO A 21 -4.93 -32.98 58.98
C PRO A 21 -3.48 -33.47 59.02
N VAL A 22 -2.56 -32.54 59.25
CA VAL A 22 -1.14 -32.86 59.27
C VAL A 22 -0.51 -33.12 60.63
N THR A 23 0.35 -34.13 60.67
CA THR A 23 1.13 -34.42 61.86
C THR A 23 2.52 -33.97 61.40
N ASP A 24 3.01 -32.88 62.00
CA ASP A 24 4.32 -32.32 61.66
C ASP A 24 5.33 -32.99 62.60
N MET A 25 5.98 -34.06 62.14
CA MET A 25 6.89 -34.81 63.00
C MET A 25 8.27 -34.24 63.36
N HIS A 26 8.56 -33.02 62.96
CA HIS A 26 9.79 -32.34 63.33
C HIS A 26 9.67 -30.83 63.14
N THR A 27 9.70 -30.12 64.27
CA THR A 27 9.59 -28.66 64.28
C THR A 27 10.42 -28.13 65.44
N HIS A 28 10.56 -26.81 65.49
CA HIS A 28 11.28 -26.16 66.58
C HIS A 28 10.28 -25.25 67.27
N LEU A 29 9.05 -25.72 67.35
CA LEU A 29 7.97 -25.00 68.00
C LEU A 29 7.76 -25.63 69.37
N PHE A 30 7.10 -24.90 70.26
CA PHE A 30 6.85 -25.40 71.62
C PHE A 30 5.40 -25.11 71.99
N SER A 31 4.78 -26.00 72.77
CA SER A 31 3.41 -25.77 73.21
C SER A 31 3.44 -24.36 73.80
N PRO A 32 2.42 -23.55 73.52
CA PRO A 32 2.36 -22.18 74.03
C PRO A 32 2.60 -21.98 75.54
N ASN A 33 2.17 -22.95 76.35
CA ASN A 33 2.33 -22.83 77.79
C ASN A 33 3.80 -22.87 78.25
N PHE A 34 4.72 -23.09 77.31
CA PHE A 34 6.15 -23.12 77.65
C PHE A 34 6.70 -21.69 77.64
N GLY A 35 5.87 -20.75 77.16
CA GLY A 35 6.26 -19.36 77.14
C GLY A 35 7.03 -18.79 75.95
N GLU A 36 7.71 -17.69 76.22
CA GLU A 36 8.50 -16.94 75.24
C GLU A 36 9.29 -17.80 74.25
N ILE A 37 9.63 -19.02 74.67
CA ILE A 37 10.40 -19.90 73.81
C ILE A 37 9.70 -20.15 72.48
N LEU A 38 8.37 -20.05 72.46
CA LEU A 38 7.59 -20.24 71.24
C LEU A 38 7.60 -18.92 70.47
N LEU A 39 8.27 -18.90 69.32
CA LEU A 39 8.37 -17.68 68.52
C LEU A 39 7.20 -17.51 67.54
N TRP A 40 6.79 -16.26 67.34
CA TRP A 40 5.71 -15.95 66.41
C TRP A 40 5.61 -14.44 66.11
N ASP A 41 4.94 -14.14 64.99
CA ASP A 41 4.67 -12.81 64.44
C ASP A 41 5.59 -12.45 63.26
N ILE A 42 5.17 -11.47 62.46
CA ILE A 42 5.92 -11.06 61.28
C ILE A 42 7.39 -10.71 61.53
N ASP A 43 7.71 -10.15 62.69
CA ASP A 43 9.10 -9.82 62.99
C ASP A 43 9.95 -11.07 63.12
N GLU A 44 9.40 -12.09 63.78
CA GLU A 44 10.11 -13.34 63.95
C GLU A 44 10.27 -14.01 62.58
N LEU A 45 9.21 -13.95 61.77
CA LEU A 45 9.24 -14.53 60.44
C LEU A 45 10.37 -13.94 59.62
N LEU A 46 10.46 -12.61 59.63
CA LEU A 46 11.48 -11.91 58.87
C LEU A 46 12.90 -12.16 59.37
N THR A 47 13.04 -12.52 60.64
CA THR A 47 14.37 -12.78 61.21
C THR A 47 14.73 -14.26 61.30
N TYR A 48 13.96 -15.09 60.60
CA TYR A 48 14.22 -16.53 60.53
C TYR A 48 15.67 -16.56 60.02
N HIS A 49 16.49 -17.49 60.50
CA HIS A 49 17.89 -17.48 60.07
C HIS A 49 18.11 -17.68 58.57
N TYR A 50 17.14 -18.26 57.87
CA TYR A 50 17.27 -18.45 56.43
C TYR A 50 17.38 -17.08 55.78
N LEU A 51 16.62 -16.11 56.30
CA LEU A 51 16.63 -14.76 55.77
C LEU A 51 17.83 -13.95 56.24
N VAL A 52 18.44 -14.36 57.34
CA VAL A 52 19.64 -13.69 57.85
C VAL A 52 20.74 -14.00 56.86
N ALA A 53 20.87 -15.28 56.53
CA ALA A 53 21.88 -15.71 55.58
C ALA A 53 21.68 -14.98 54.26
N GLU A 54 20.43 -14.88 53.82
CA GLU A 54 20.09 -14.22 52.55
C GLU A 54 20.31 -12.70 52.53
N VAL A 55 19.97 -12.01 53.60
CA VAL A 55 20.14 -10.56 53.62
C VAL A 55 21.63 -10.18 53.61
N MET A 56 22.45 -11.04 54.21
CA MET A 56 23.89 -10.77 54.27
C MET A 56 24.58 -10.82 52.91
N ARG A 57 23.89 -11.37 51.90
CA ARG A 57 24.48 -11.43 50.57
C ARG A 57 24.22 -10.11 49.84
N TRP A 58 23.32 -9.31 50.39
CA TRP A 58 22.94 -8.03 49.79
C TRP A 58 23.33 -6.77 50.55
N THR A 59 23.03 -6.75 51.85
CA THR A 59 23.26 -5.59 52.70
C THR A 59 24.73 -5.26 53.01
N ASP A 60 25.02 -3.97 53.15
CA ASP A 60 26.37 -3.54 53.46
C ASP A 60 26.51 -3.41 54.98
N VAL A 61 25.41 -3.66 55.69
CA VAL A 61 25.38 -3.62 57.15
C VAL A 61 26.19 -4.83 57.63
N SER A 62 27.15 -4.61 58.51
CA SER A 62 27.99 -5.70 59.00
C SER A 62 27.18 -6.71 59.81
N ILE A 63 27.66 -7.95 59.83
CA ILE A 63 26.98 -9.00 60.58
C ILE A 63 26.99 -8.64 62.07
N GLU A 64 28.09 -8.07 62.54
CA GLU A 64 28.19 -7.67 63.94
C GLU A 64 27.15 -6.59 64.23
N ALA A 65 27.03 -5.65 63.31
CA ALA A 65 26.06 -4.57 63.46
C ALA A 65 24.63 -5.13 63.42
N PHE A 66 24.41 -6.17 62.61
CA PHE A 66 23.09 -6.78 62.51
C PHE A 66 22.62 -7.33 63.85
N TRP A 67 23.47 -8.11 64.51
CA TRP A 67 23.12 -8.71 65.81
C TRP A 67 22.91 -7.66 66.89
N ALA A 68 23.55 -6.51 66.73
CA ALA A 68 23.42 -5.44 67.70
C ALA A 68 22.04 -4.79 67.61
N MET A 69 21.48 -4.82 66.40
CA MET A 69 20.16 -4.24 66.17
C MET A 69 19.08 -4.95 66.96
N SER A 70 17.94 -4.28 67.12
CA SER A 70 16.80 -4.85 67.83
C SER A 70 16.06 -5.75 66.85
N LYS A 71 15.13 -6.55 67.36
CA LYS A 71 14.36 -7.45 66.52
C LYS A 71 13.63 -6.63 65.45
N ARG A 72 13.06 -5.50 65.87
CA ARG A 72 12.34 -4.63 64.97
C ARG A 72 13.25 -4.09 63.87
N GLU A 73 14.46 -3.68 64.24
CA GLU A 73 15.42 -3.14 63.28
C GLU A 73 15.90 -4.20 62.28
N GLN A 74 16.15 -5.41 62.76
CA GLN A 74 16.61 -6.50 61.89
C GLN A 74 15.54 -6.82 60.86
N ALA A 75 14.28 -6.85 61.32
CA ALA A 75 13.16 -7.14 60.44
C ALA A 75 12.96 -6.05 59.39
N ASP A 76 13.12 -4.79 59.79
CA ASP A 76 12.96 -3.70 58.83
C ASP A 76 14.05 -3.80 57.75
N LEU A 77 15.27 -4.09 58.19
CA LEU A 77 16.39 -4.20 57.27
C LEU A 77 16.15 -5.31 56.25
N ILE A 78 15.79 -6.50 56.73
CA ILE A 78 15.55 -7.64 55.85
C ILE A 78 14.41 -7.39 54.87
N TRP A 79 13.34 -6.76 55.36
CA TRP A 79 12.19 -6.45 54.52
C TRP A 79 12.62 -5.52 53.39
N GLU A 80 13.44 -4.54 53.74
CA GLU A 80 13.94 -3.55 52.80
C GLU A 80 14.91 -4.15 51.79
N GLU A 81 15.86 -4.93 52.28
CA GLU A 81 16.89 -5.55 51.44
C GLU A 81 16.43 -6.71 50.54
N LEU A 82 15.47 -7.50 51.03
CA LEU A 82 15.02 -8.67 50.28
C LEU A 82 13.61 -8.60 49.65
N PHE A 83 12.81 -7.61 50.05
CA PHE A 83 11.46 -7.47 49.52
C PHE A 83 11.26 -6.21 48.68
N ILE A 84 11.95 -5.15 49.07
CA ILE A 84 11.83 -3.86 48.37
C ILE A 84 12.92 -3.63 47.33
N LYS A 85 14.19 -3.76 47.74
CA LYS A 85 15.32 -3.55 46.83
C LYS A 85 15.41 -4.63 45.76
N ARG A 86 14.94 -5.83 46.07
CA ARG A 86 14.93 -6.94 45.12
C ARG A 86 13.62 -7.68 45.35
N SER A 87 13.02 -8.21 44.30
CA SER A 87 11.78 -8.95 44.48
C SER A 87 12.05 -10.17 45.36
N PRO A 88 11.17 -10.45 46.32
CA PRO A 88 11.28 -11.57 47.25
C PRO A 88 10.96 -12.95 46.64
N VAL A 89 11.68 -13.33 45.59
CA VAL A 89 11.44 -14.61 44.91
C VAL A 89 12.01 -15.89 45.53
N SER A 90 12.97 -15.77 46.45
CA SER A 90 13.54 -16.96 47.09
C SER A 90 12.43 -17.72 47.82
N GLU A 91 12.66 -19.00 48.10
CA GLU A 91 11.67 -19.82 48.81
C GLU A 91 11.33 -19.29 50.18
N ALA A 92 12.34 -18.85 50.94
CA ALA A 92 12.13 -18.33 52.28
C ALA A 92 11.36 -17.01 52.28
N CYS A 93 11.62 -16.15 51.30
CA CYS A 93 10.92 -14.88 51.21
C CYS A 93 9.49 -15.11 50.75
N ARG A 94 9.31 -16.00 49.78
CA ARG A 94 7.99 -16.35 49.26
C ARG A 94 7.16 -16.83 50.44
N GLY A 95 7.79 -17.66 51.28
CA GLY A 95 7.11 -18.21 52.44
C GLY A 95 6.50 -17.18 53.37
N VAL A 96 7.25 -16.09 53.63
CA VAL A 96 6.76 -15.05 54.50
C VAL A 96 5.47 -14.49 53.92
N LEU A 97 5.49 -14.24 52.62
CA LEU A 97 4.34 -13.70 51.92
C LEU A 97 3.13 -14.64 52.04
N THR A 98 3.37 -15.94 51.89
CA THR A 98 2.29 -16.92 52.00
C THR A 98 1.62 -16.87 53.38
N CYS A 99 2.43 -16.75 54.44
CA CYS A 99 1.90 -16.68 55.80
C CYS A 99 1.01 -15.44 55.95
N LEU A 100 1.51 -14.30 55.50
CA LEU A 100 0.76 -13.06 55.57
C LEU A 100 -0.60 -13.21 54.90
N GLN A 101 -0.59 -13.67 53.65
CA GLN A 101 -1.83 -13.85 52.92
C GLN A 101 -2.76 -14.79 53.69
N GLY A 102 -2.21 -15.91 54.16
CA GLY A 102 -3.00 -16.88 54.88
C GLY A 102 -3.69 -16.35 56.13
N LEU A 103 -3.10 -15.33 56.75
CA LEU A 103 -3.65 -14.73 57.96
C LEU A 103 -4.65 -13.62 57.66
N GLY A 104 -4.93 -13.39 56.37
CA GLY A 104 -5.87 -12.34 56.01
C GLY A 104 -5.20 -11.03 55.68
N LEU A 105 -3.87 -11.00 55.76
CA LEU A 105 -3.12 -9.79 55.46
C LEU A 105 -2.83 -9.79 53.95
N ASP A 106 -2.65 -8.62 53.37
CA ASP A 106 -2.41 -8.54 51.93
C ASP A 106 -1.04 -7.99 51.53
N PRO A 107 -0.15 -8.87 51.03
CA PRO A 107 1.20 -8.53 50.60
C PRO A 107 1.22 -7.51 49.45
N ALA A 108 0.09 -7.33 48.79
CA ALA A 108 0.00 -6.38 47.69
C ALA A 108 0.26 -4.96 48.17
N THR A 109 -0.14 -4.67 49.41
CA THR A 109 0.05 -3.35 49.99
C THR A 109 1.46 -3.11 50.52
N ARG A 110 2.17 -4.18 50.84
CA ARG A 110 3.53 -4.08 51.37
C ARG A 110 3.54 -3.21 52.63
N ASP A 111 2.39 -3.10 53.28
CA ASP A 111 2.26 -2.29 54.49
C ASP A 111 2.66 -3.07 55.74
N LEU A 112 3.97 -3.14 55.98
CA LEU A 112 4.51 -3.87 57.12
C LEU A 112 3.95 -3.39 58.47
N GLN A 113 3.79 -2.08 58.62
CA GLN A 113 3.26 -1.54 59.87
C GLN A 113 1.88 -2.10 60.14
N VAL A 114 1.05 -2.20 59.10
CA VAL A 114 -0.29 -2.74 59.26
C VAL A 114 -0.21 -4.22 59.62
N TYR A 115 0.67 -4.97 58.94
CA TYR A 115 0.81 -6.39 59.23
C TYR A 115 1.11 -6.60 60.71
N ARG A 116 2.02 -5.79 61.24
CA ARG A 116 2.41 -5.88 62.65
C ARG A 116 1.25 -5.63 63.61
N GLU A 117 0.36 -4.71 63.26
CA GLU A 117 -0.78 -4.38 64.11
C GLU A 117 -1.67 -5.61 64.35
N TYR A 118 -1.70 -6.53 63.39
CA TYR A 118 -2.49 -7.75 63.51
C TYR A 118 -2.03 -8.58 64.70
N PHE A 119 -0.72 -8.79 64.79
CA PHE A 119 -0.11 -9.60 65.85
C PHE A 119 -0.18 -8.96 67.25
N ALA A 120 -0.08 -7.63 67.29
CA ALA A 120 -0.11 -6.90 68.54
C ALA A 120 -1.35 -7.14 69.38
N LYS A 121 -2.50 -7.37 68.73
CA LYS A 121 -3.75 -7.57 69.44
C LYS A 121 -4.18 -9.01 69.69
N LYS A 122 -3.22 -9.93 69.77
CA LYS A 122 -3.53 -11.34 70.01
C LYS A 122 -2.55 -11.95 71.00
N THR A 123 -2.97 -13.01 71.68
CA THR A 123 -2.11 -13.70 72.62
C THR A 123 -1.44 -14.86 71.89
N SER A 124 -0.46 -15.47 72.54
CA SER A 124 0.25 -16.60 71.96
C SER A 124 -0.75 -17.73 71.71
N GLU A 125 -1.56 -18.00 72.73
CA GLU A 125 -2.58 -19.04 72.67
C GLU A 125 -3.56 -18.85 71.51
N GLU A 126 -3.93 -17.60 71.26
CA GLU A 126 -4.86 -17.30 70.17
C GLU A 126 -4.22 -17.51 68.80
N GLN A 127 -2.95 -17.13 68.68
CA GLN A 127 -2.25 -17.28 67.41
C GLN A 127 -2.03 -18.75 67.11
N VAL A 128 -1.78 -19.54 68.15
CA VAL A 128 -1.58 -20.98 67.99
C VAL A 128 -2.85 -21.57 67.41
N ASP A 129 -3.99 -21.22 68.02
CA ASP A 129 -5.29 -21.70 67.55
C ASP A 129 -5.51 -21.32 66.10
N THR A 130 -5.28 -20.05 65.78
CA THR A 130 -5.45 -19.56 64.42
C THR A 130 -4.59 -20.35 63.42
N VAL A 131 -3.28 -20.40 63.68
CA VAL A 131 -2.33 -21.09 62.80
C VAL A 131 -2.58 -22.58 62.56
N LEU A 132 -2.79 -23.34 63.63
CA LEU A 132 -3.04 -24.78 63.46
C LEU A 132 -4.30 -24.98 62.63
N GLN A 133 -5.24 -24.07 62.74
CA GLN A 133 -6.47 -24.16 61.99
C GLN A 133 -6.21 -23.83 60.52
N LEU A 134 -5.54 -22.70 60.28
CA LEU A 134 -5.23 -22.27 58.92
C LEU A 134 -4.32 -23.24 58.17
N ALA A 135 -3.33 -23.80 58.87
CA ALA A 135 -2.39 -24.73 58.26
C ALA A 135 -2.87 -26.18 58.35
N ASN A 136 -4.06 -26.37 58.91
CA ASN A 136 -4.66 -27.70 59.06
C ASN A 136 -3.69 -28.71 59.69
N VAL A 137 -2.97 -28.29 60.72
CA VAL A 137 -2.02 -29.16 61.42
C VAL A 137 -2.65 -29.60 62.74
N SER A 138 -2.75 -30.89 62.97
CA SER A 138 -3.36 -31.39 64.19
C SER A 138 -2.34 -31.72 65.29
N ASP A 139 -1.13 -32.13 64.88
CA ASP A 139 -0.10 -32.51 65.83
C ASP A 139 1.28 -31.96 65.48
N VAL A 140 1.93 -31.38 66.48
CA VAL A 140 3.26 -30.80 66.30
C VAL A 140 4.31 -31.48 67.17
N VAL A 141 5.35 -32.01 66.53
CA VAL A 141 6.43 -32.64 67.28
C VAL A 141 7.50 -31.58 67.48
N MET A 142 7.92 -31.40 68.73
CA MET A 142 8.92 -30.41 69.08
C MET A 142 10.30 -31.05 69.10
N THR A 143 11.31 -30.22 69.35
CA THR A 143 12.68 -30.68 69.49
C THR A 143 13.00 -30.22 70.90
N ASN A 144 13.03 -31.16 71.85
CA ASN A 144 13.29 -30.83 73.24
C ASN A 144 14.68 -31.21 73.70
N ASP A 145 15.53 -30.20 73.86
CA ASP A 145 16.91 -30.39 74.27
C ASP A 145 17.11 -30.16 75.77
N PRO A 146 17.28 -31.25 76.55
CA PRO A 146 17.48 -31.16 78.00
C PRO A 146 18.81 -30.52 78.40
N PHE A 147 19.70 -30.34 77.42
CA PHE A 147 20.99 -29.74 77.68
C PHE A 147 20.92 -28.21 77.63
N ASP A 148 19.80 -27.68 77.16
CA ASP A 148 19.61 -26.23 77.13
C ASP A 148 19.04 -25.87 78.50
N ASP A 149 19.66 -24.92 79.18
CA ASP A 149 19.22 -24.52 80.51
C ASP A 149 17.77 -24.04 80.57
N ASN A 150 17.37 -23.23 79.61
CA ASN A 150 16.01 -22.72 79.58
C ASN A 150 14.97 -23.81 79.36
N GLU A 151 15.26 -24.76 78.48
CA GLU A 151 14.32 -25.86 78.23
C GLU A 151 14.30 -26.88 79.36
N ARG A 152 15.47 -27.22 79.88
CA ARG A 152 15.55 -28.21 80.95
C ARG A 152 14.82 -27.79 82.21
N ILE A 153 14.97 -26.53 82.60
CA ILE A 153 14.31 -26.04 83.80
C ILE A 153 12.80 -26.12 83.65
N SER A 154 12.29 -25.87 82.44
CA SER A 154 10.85 -25.95 82.20
C SER A 154 10.32 -27.36 82.44
N TRP A 155 11.01 -28.36 81.89
CA TRP A 155 10.57 -29.75 82.06
C TRP A 155 10.73 -30.18 83.52
N LEU A 156 11.82 -29.78 84.15
CA LEU A 156 12.05 -30.16 85.53
C LEU A 156 11.02 -29.50 86.46
N GLU A 157 10.58 -28.30 86.11
CA GLU A 157 9.58 -27.60 86.92
C GLU A 157 8.14 -27.98 86.60
N GLY A 158 7.96 -29.12 85.94
CA GLY A 158 6.63 -29.60 85.63
C GLY A 158 5.89 -29.16 84.36
N LYS A 159 6.50 -28.34 83.51
CA LYS A 159 5.83 -27.92 82.28
C LYS A 159 5.49 -29.11 81.39
N GLN A 160 4.22 -29.23 81.00
CA GLN A 160 3.76 -30.30 80.13
C GLN A 160 3.00 -29.68 78.95
N PRO A 161 3.33 -30.11 77.71
CA PRO A 161 2.66 -29.57 76.52
C PRO A 161 1.21 -30.02 76.41
N ASP A 162 0.38 -29.26 75.70
CA ASP A 162 -1.00 -29.66 75.54
C ASP A 162 -1.05 -30.83 74.56
N SER A 163 -2.21 -31.48 74.46
CA SER A 163 -2.40 -32.65 73.61
C SER A 163 -1.97 -32.50 72.14
N ARG A 164 -1.88 -31.27 71.65
CA ARG A 164 -1.49 -31.05 70.26
C ARG A 164 0.03 -31.06 70.05
N PHE A 165 0.78 -30.93 71.13
CA PHE A 165 2.23 -30.91 71.04
C PHE A 165 2.88 -32.14 71.62
N HIS A 166 3.85 -32.70 70.90
CA HIS A 166 4.53 -33.91 71.37
C HIS A 166 6.04 -33.69 71.51
N ALA A 167 6.65 -34.41 72.44
CA ALA A 167 8.07 -34.28 72.70
C ALA A 167 8.98 -35.21 71.93
N ALA A 168 10.19 -34.72 71.68
CA ALA A 168 11.23 -35.47 70.98
C ALA A 168 12.51 -35.16 71.74
N LEU A 169 13.13 -36.19 72.29
CA LEU A 169 14.36 -36.04 73.07
C LEU A 169 15.62 -35.87 72.21
N ARG A 170 16.00 -34.61 72.02
CA ARG A 170 17.18 -34.25 71.21
C ARG A 170 18.45 -34.49 72.04
N LEU A 171 19.43 -35.21 71.49
CA LEU A 171 20.64 -35.55 72.23
C LEU A 171 22.01 -35.15 71.64
N ASP A 172 22.04 -34.15 70.76
CA ASP A 172 23.30 -33.72 70.14
C ASP A 172 24.49 -33.55 71.10
N PRO A 173 24.29 -32.86 72.24
CA PRO A 173 25.41 -32.68 73.18
C PRO A 173 25.97 -33.99 73.74
N LEU A 174 25.08 -34.89 74.13
CA LEU A 174 25.49 -36.18 74.68
C LEU A 174 26.27 -37.02 73.68
N LEU A 175 25.70 -37.16 72.49
CA LEU A 175 26.33 -37.95 71.44
C LEU A 175 27.50 -37.33 70.69
N ASN A 176 27.45 -36.03 70.40
CA ASN A 176 28.52 -35.38 69.65
C ASN A 176 29.52 -34.57 70.46
N GLU A 177 29.29 -34.46 71.77
CA GLU A 177 30.19 -33.69 72.63
C GLU A 177 30.29 -34.31 74.02
N TYR A 178 30.31 -35.63 74.08
CA TYR A 178 30.37 -36.33 75.36
C TYR A 178 31.54 -35.87 76.26
N GLU A 179 32.66 -35.48 75.68
CA GLU A 179 33.80 -35.03 76.48
C GLU A 179 33.46 -33.86 77.38
N GLN A 180 32.77 -32.87 76.84
CA GLN A 180 32.38 -31.70 77.62
C GLN A 180 31.05 -31.94 78.35
N THR A 181 30.20 -32.79 77.77
CA THR A 181 28.90 -33.09 78.34
C THR A 181 28.89 -34.02 79.55
N LYS A 182 29.84 -34.95 79.61
CA LYS A 182 29.90 -35.88 80.72
C LYS A 182 30.04 -35.15 82.06
N HIS A 183 30.66 -33.97 82.05
CA HIS A 183 30.85 -33.18 83.26
C HIS A 183 29.54 -32.58 83.76
N ARG A 184 28.62 -32.31 82.83
CA ARG A 184 27.34 -31.73 83.20
C ARG A 184 26.42 -32.85 83.70
N LEU A 185 26.63 -34.05 83.19
CA LEU A 185 25.84 -35.20 83.62
C LEU A 185 26.13 -35.45 85.10
N ARG A 186 27.41 -35.49 85.46
CA ARG A 186 27.77 -35.71 86.85
C ARG A 186 27.25 -34.57 87.72
N ASP A 187 27.11 -33.38 87.15
CA ASP A 187 26.57 -32.26 87.91
C ASP A 187 25.09 -32.50 88.20
N TRP A 188 24.45 -33.33 87.38
CA TRP A 188 23.04 -33.65 87.57
C TRP A 188 22.81 -34.99 88.26
N GLY A 189 23.87 -35.55 88.84
CA GLY A 189 23.73 -36.80 89.56
C GLY A 189 24.03 -38.07 88.79
N TYR A 190 24.43 -37.94 87.54
CA TYR A 190 24.76 -39.11 86.73
C TYR A 190 26.26 -39.38 86.84
N LYS A 191 26.59 -40.40 87.61
CA LYS A 191 27.97 -40.78 87.88
C LYS A 191 28.70 -41.47 86.73
N VAL A 192 28.92 -40.74 85.64
CA VAL A 192 29.65 -41.30 84.51
C VAL A 192 31.11 -41.23 84.92
N ASN A 193 31.82 -42.34 84.72
CA ASN A 193 33.23 -42.39 85.10
C ASN A 193 34.15 -41.85 84.02
N ASP A 194 35.46 -41.87 84.30
CA ASP A 194 36.45 -41.39 83.36
C ASP A 194 36.58 -42.38 82.22
N GLU A 195 36.52 -43.66 82.55
CA GLU A 195 36.61 -44.72 81.56
C GLU A 195 35.20 -45.18 81.18
N TRP A 196 35.05 -45.66 79.96
CA TRP A 196 33.75 -46.14 79.51
C TRP A 196 33.59 -47.56 80.03
N ASN A 197 33.06 -47.68 81.24
CA ASN A 197 32.86 -48.98 81.87
C ASN A 197 31.39 -49.24 82.15
N GLU A 198 31.12 -50.35 82.83
CA GLU A 198 29.77 -50.74 83.16
C GLU A 198 29.05 -49.61 83.92
N GLY A 199 29.78 -48.95 84.80
CA GLY A 199 29.20 -47.85 85.57
C GLY A 199 28.75 -46.70 84.70
N SER A 200 29.66 -46.23 83.84
CA SER A 200 29.36 -45.12 82.93
C SER A 200 28.18 -45.46 82.03
N ILE A 201 28.21 -46.69 81.49
CA ILE A 201 27.16 -47.17 80.60
C ILE A 201 25.80 -47.12 81.28
N GLN A 202 25.74 -47.64 82.51
CA GLN A 202 24.49 -47.65 83.26
C GLN A 202 23.96 -46.26 83.57
N GLU A 203 24.84 -45.34 83.94
CA GLU A 203 24.40 -43.98 84.26
C GLU A 203 23.91 -43.24 83.02
N VAL A 204 24.54 -43.48 81.87
CA VAL A 204 24.10 -42.82 80.65
C VAL A 204 22.71 -43.35 80.29
N LYS A 205 22.50 -44.66 80.52
CA LYS A 205 21.20 -45.26 80.26
C LYS A 205 20.17 -44.63 81.17
N ARG A 206 20.54 -44.45 82.44
CA ARG A 206 19.65 -43.85 83.43
C ARG A 206 19.23 -42.45 82.98
N PHE A 207 20.19 -41.69 82.47
CA PHE A 207 19.91 -40.34 81.99
C PHE A 207 18.84 -40.38 80.91
N LEU A 208 19.03 -41.27 79.94
CA LEU A 208 18.09 -41.43 78.83
C LEU A 208 16.73 -41.89 79.35
N THR A 209 16.72 -42.87 80.24
CA THR A 209 15.47 -43.36 80.80
C THR A 209 14.73 -42.28 81.59
N ASP A 210 15.43 -41.56 82.46
CA ASP A 210 14.78 -40.50 83.23
C ASP A 210 14.10 -39.50 82.32
N TRP A 211 14.78 -39.09 81.26
CA TRP A 211 14.21 -38.12 80.35
C TRP A 211 13.10 -38.68 79.48
N ILE A 212 13.17 -39.97 79.17
CA ILE A 212 12.13 -40.60 78.37
C ILE A 212 10.86 -40.60 79.22
N GLU A 213 11.03 -40.84 80.51
CA GLU A 213 9.90 -40.88 81.43
C GLU A 213 9.30 -39.48 81.63
N ARG A 214 10.15 -38.47 81.69
CA ARG A 214 9.67 -37.10 81.89
C ARG A 214 9.04 -36.46 80.65
N MET A 215 9.59 -36.75 79.47
CA MET A 215 9.06 -36.16 78.23
C MET A 215 8.07 -37.04 77.49
N ASP A 216 8.21 -38.36 77.64
CA ASP A 216 7.38 -39.31 76.91
C ASP A 216 7.48 -38.90 75.44
N PRO A 217 8.72 -38.86 74.92
CA PRO A 217 8.99 -38.48 73.53
C PRO A 217 8.56 -39.51 72.50
N VAL A 218 8.22 -39.04 71.30
CA VAL A 218 7.83 -39.93 70.21
C VAL A 218 9.08 -40.58 69.62
N TYR A 219 10.23 -39.98 69.91
CA TYR A 219 11.50 -40.52 69.45
C TYR A 219 12.67 -39.74 70.02
N MET A 220 13.86 -40.35 70.00
CA MET A 220 15.09 -39.70 70.44
C MET A 220 15.77 -39.28 69.13
N ALA A 221 16.34 -38.09 69.11
CA ALA A 221 16.97 -37.59 67.88
C ALA A 221 18.36 -37.00 68.07
N VAL A 222 19.04 -36.81 66.94
CA VAL A 222 20.38 -36.23 66.90
C VAL A 222 20.68 -35.82 65.47
N SER A 223 21.45 -34.74 65.30
CA SER A 223 21.85 -34.30 63.96
C SER A 223 23.32 -34.73 63.91
N LEU A 224 23.74 -35.23 62.75
CA LEU A 224 25.09 -35.73 62.59
C LEU A 224 25.82 -35.16 61.38
N PRO A 225 27.17 -35.15 61.44
CA PRO A 225 27.99 -34.62 60.35
C PRO A 225 28.15 -35.60 59.19
N PRO A 226 28.63 -35.10 58.04
CA PRO A 226 28.86 -35.88 56.81
C PRO A 226 29.80 -37.05 57.08
N THR A 227 30.65 -36.90 58.09
CA THR A 227 31.62 -37.92 58.44
C THR A 227 31.11 -38.99 59.40
N PHE A 228 29.81 -38.98 59.70
CA PHE A 228 29.25 -39.97 60.61
C PHE A 228 29.54 -41.40 60.15
N SER A 229 29.99 -42.22 61.10
CA SER A 229 30.30 -43.61 60.84
C SER A 229 29.86 -44.45 62.01
N PHE A 230 29.63 -45.73 61.74
CA PHE A 230 29.21 -46.69 62.75
C PHE A 230 29.31 -48.11 62.18
N PRO A 231 29.88 -49.05 62.95
CA PRO A 231 30.43 -48.82 64.30
C PRO A 231 31.62 -47.86 64.30
N GLU A 232 31.96 -47.35 65.48
CA GLU A 232 33.07 -46.42 65.61
C GLU A 232 33.55 -46.36 67.06
N GLU A 233 34.87 -46.47 67.25
CA GLU A 233 35.43 -46.41 68.59
C GLU A 233 35.62 -44.96 69.00
N SER A 234 34.50 -44.34 69.33
CA SER A 234 34.47 -42.94 69.75
C SER A 234 33.40 -42.90 70.81
N ASN A 235 33.24 -41.76 71.49
CA ASN A 235 32.20 -41.66 72.50
C ASN A 235 30.82 -41.85 71.85
N ARG A 236 30.63 -41.25 70.68
CA ARG A 236 29.35 -41.37 69.99
C ARG A 236 29.04 -42.83 69.65
N GLY A 237 30.03 -43.52 69.09
CA GLY A 237 29.85 -44.91 68.72
C GLY A 237 29.52 -45.80 69.90
N ARG A 238 30.25 -45.65 71.00
CA ARG A 238 30.03 -46.45 72.20
C ARG A 238 28.68 -46.13 72.84
N ILE A 239 28.37 -44.85 72.95
CA ILE A 239 27.11 -44.42 73.54
C ILE A 239 25.91 -44.96 72.75
N ILE A 240 25.97 -44.85 71.43
CA ILE A 240 24.89 -45.35 70.57
C ILE A 240 24.73 -46.86 70.74
N ARG A 241 25.86 -47.56 70.79
CA ARG A 241 25.86 -49.01 70.91
C ARG A 241 25.50 -49.54 72.31
N ASP A 242 26.09 -48.96 73.34
CA ASP A 242 25.83 -49.45 74.69
C ASP A 242 24.63 -48.83 75.41
N CYS A 243 24.25 -47.61 75.04
CA CYS A 243 23.16 -46.95 75.75
C CYS A 243 21.90 -46.61 74.94
N LEU A 244 22.07 -45.87 73.85
CA LEU A 244 20.93 -45.45 73.03
C LEU A 244 20.09 -46.57 72.45
N LEU A 245 20.72 -47.46 71.68
CA LEU A 245 19.99 -48.55 71.05
C LEU A 245 19.29 -49.49 72.04
N PRO A 246 20.03 -50.00 73.05
CA PRO A 246 19.38 -50.91 74.01
C PRO A 246 18.16 -50.26 74.66
N VAL A 247 18.30 -48.99 75.06
CA VAL A 247 17.20 -48.26 75.68
C VAL A 247 16.06 -48.03 74.69
N ALA A 248 16.39 -47.62 73.47
CA ALA A 248 15.37 -47.38 72.46
C ALA A 248 14.58 -48.66 72.18
N GLU A 249 15.28 -49.78 72.11
CA GLU A 249 14.64 -51.07 71.85
C GLU A 249 13.69 -51.44 72.99
N LYS A 250 14.14 -51.25 74.22
CA LYS A 250 13.33 -51.57 75.40
C LYS A 250 12.03 -50.78 75.42
N HIS A 251 12.10 -49.48 75.16
CA HIS A 251 10.91 -48.65 75.16
C HIS A 251 10.28 -48.56 73.78
N ASN A 252 10.80 -49.37 72.86
CA ASN A 252 10.33 -49.40 71.48
C ASN A 252 10.19 -47.99 70.91
N ILE A 253 11.19 -47.15 71.17
CA ILE A 253 11.20 -45.78 70.70
C ILE A 253 12.18 -45.64 69.52
N PRO A 254 11.70 -45.14 68.37
CA PRO A 254 12.59 -44.99 67.22
C PRO A 254 13.71 -43.97 67.45
N PHE A 255 14.81 -44.16 66.71
CA PHE A 255 15.96 -43.28 66.80
C PHE A 255 16.02 -42.46 65.52
N ALA A 256 15.87 -41.14 65.65
CA ALA A 256 15.89 -40.24 64.50
C ALA A 256 17.29 -39.69 64.25
N MET A 257 17.79 -39.86 63.03
CA MET A 257 19.12 -39.37 62.66
C MET A 257 18.99 -38.41 61.50
N MET A 258 19.43 -37.18 61.69
CA MET A 258 19.37 -36.18 60.64
C MET A 258 20.83 -35.97 60.25
N ILE A 259 21.20 -36.57 59.12
CA ILE A 259 22.58 -36.57 58.66
C ILE A 259 23.06 -35.64 57.57
N GLY A 260 24.25 -35.08 57.76
CA GLY A 260 24.84 -34.23 56.74
C GLY A 260 25.13 -32.79 57.10
N VAL A 261 24.85 -32.39 58.33
CA VAL A 261 25.09 -31.01 58.73
C VAL A 261 26.54 -30.77 59.19
N LYS A 262 27.14 -29.74 58.63
CA LYS A 262 28.51 -29.36 58.98
C LYS A 262 28.34 -28.09 59.82
N LYS A 263 28.35 -28.26 61.13
CA LYS A 263 28.14 -27.16 62.07
C LYS A 263 29.12 -25.99 62.01
N ARG A 264 28.56 -24.80 62.18
CA ARG A 264 29.29 -23.53 62.18
C ARG A 264 30.50 -23.35 61.28
N VAL A 265 30.33 -23.45 59.97
CA VAL A 265 31.46 -23.23 59.09
C VAL A 265 31.66 -21.72 59.00
N HIS A 266 30.67 -20.98 59.49
CA HIS A 266 30.72 -19.52 59.51
C HIS A 266 30.10 -19.10 60.85
N PRO A 267 30.90 -19.19 61.93
CA PRO A 267 30.51 -18.85 63.30
C PRO A 267 29.73 -17.54 63.47
N ALA A 268 30.22 -16.47 62.86
CA ALA A 268 29.57 -15.16 62.99
C ALA A 268 28.08 -15.14 62.65
N LEU A 269 27.66 -15.99 61.71
CA LEU A 269 26.25 -16.04 61.31
C LEU A 269 25.33 -16.72 62.30
N GLY A 270 25.89 -17.37 63.31
CA GLY A 270 25.07 -18.05 64.30
C GLY A 270 24.31 -19.23 63.71
N ASP A 271 23.00 -19.27 63.93
CA ASP A 271 22.18 -20.37 63.41
C ASP A 271 22.20 -20.44 61.88
N ALA A 272 22.62 -19.36 61.24
CA ALA A 272 22.66 -19.32 59.79
C ALA A 272 24.04 -19.71 59.25
N GLY A 273 24.90 -20.21 60.15
CA GLY A 273 26.24 -20.56 59.74
C GLY A 273 26.53 -22.04 59.55
N ASP A 274 25.52 -22.86 59.32
CA ASP A 274 25.75 -24.30 59.13
C ASP A 274 25.81 -24.67 57.65
N PHE A 275 26.69 -25.59 57.31
CA PHE A 275 26.89 -26.02 55.93
C PHE A 275 26.48 -27.48 55.76
N VAL A 276 26.69 -28.03 54.56
CA VAL A 276 26.29 -29.40 54.26
C VAL A 276 27.40 -30.22 53.58
N GLY A 277 27.30 -31.55 53.71
CA GLY A 277 28.28 -32.45 53.09
C GLY A 277 27.67 -33.82 52.85
N LYS A 278 28.06 -34.48 51.76
CA LYS A 278 27.54 -35.81 51.46
C LYS A 278 28.14 -36.81 52.45
N ALA A 279 27.29 -37.67 52.99
CA ALA A 279 27.77 -38.67 53.95
C ALA A 279 27.84 -40.04 53.31
N SER A 280 28.51 -40.96 53.98
CA SER A 280 28.61 -42.34 53.54
C SER A 280 27.36 -43.01 54.10
N MET A 281 26.82 -43.99 53.38
CA MET A 281 25.64 -44.70 53.84
C MET A 281 26.02 -45.90 54.69
N ASP A 282 27.32 -46.18 54.77
CA ASP A 282 27.83 -47.32 55.51
C ASP A 282 27.34 -47.46 56.95
N GLY A 283 27.37 -46.36 57.69
CA GLY A 283 26.94 -46.40 59.07
C GLY A 283 25.45 -46.66 59.25
N VAL A 284 24.64 -46.05 58.39
CA VAL A 284 23.20 -46.25 58.46
C VAL A 284 22.91 -47.69 58.07
N GLU A 285 23.60 -48.18 57.06
CA GLU A 285 23.43 -49.55 56.58
C GLU A 285 23.73 -50.57 57.67
N HIS A 286 24.82 -50.35 58.40
CA HIS A 286 25.19 -51.26 59.48
C HIS A 286 24.17 -51.22 60.61
N LEU A 287 23.76 -50.01 60.99
CA LEU A 287 22.79 -49.84 62.06
C LEU A 287 21.52 -50.63 61.76
N LEU A 288 20.96 -50.41 60.57
CA LEU A 288 19.73 -51.09 60.15
C LEU A 288 19.84 -52.62 60.13
N ARG A 289 20.93 -53.13 59.57
CA ARG A 289 21.10 -54.58 59.48
C ARG A 289 21.41 -55.26 60.80
N GLU A 290 22.31 -54.66 61.59
CA GLU A 290 22.68 -55.26 62.86
C GLU A 290 21.71 -55.03 64.02
N TYR A 291 20.78 -54.10 63.86
CA TYR A 291 19.80 -53.82 64.92
C TYR A 291 18.37 -53.89 64.37
N PRO A 292 17.95 -55.07 63.91
CA PRO A 292 16.62 -55.31 63.35
C PRO A 292 15.45 -55.05 64.30
N ASN A 293 15.75 -55.03 65.60
CA ASN A 293 14.71 -54.79 66.61
C ASN A 293 14.61 -53.30 66.95
N ASN A 294 15.44 -52.47 66.32
CA ASN A 294 15.40 -51.03 66.54
C ASN A 294 14.79 -50.36 65.31
N LYS A 295 14.11 -49.23 65.54
CA LYS A 295 13.49 -48.48 64.45
C LYS A 295 14.26 -47.20 64.22
N PHE A 296 14.42 -46.84 62.95
CA PHE A 296 15.19 -45.65 62.60
C PHE A 296 14.45 -44.66 61.69
N LEU A 297 14.43 -43.39 62.09
CA LEU A 297 13.84 -42.33 61.29
C LEU A 297 15.06 -41.59 60.72
N VAL A 298 15.13 -41.48 59.41
CA VAL A 298 16.28 -40.81 58.81
C VAL A 298 15.91 -39.80 57.75
N THR A 299 16.68 -38.70 57.73
CA THR A 299 16.53 -37.64 56.75
C THR A 299 17.97 -37.19 56.55
N MET A 300 18.35 -36.84 55.32
CA MET A 300 19.72 -36.42 55.09
C MET A 300 19.76 -35.04 54.46
N LEU A 301 20.86 -34.32 54.67
CA LEU A 301 20.99 -32.96 54.18
C LEU A 301 21.53 -32.77 52.76
N SER A 302 22.35 -33.71 52.31
CA SER A 302 22.94 -33.59 50.97
C SER A 302 22.04 -34.07 49.85
N ARG A 303 21.91 -33.27 48.81
CA ARG A 303 21.10 -33.63 47.66
C ARG A 303 21.59 -34.96 47.07
N GLU A 304 22.90 -35.18 47.15
CA GLU A 304 23.54 -36.37 46.61
C GLU A 304 23.35 -37.68 47.38
N ASN A 305 22.75 -37.59 48.57
CA ASN A 305 22.47 -38.75 49.42
C ASN A 305 21.04 -39.26 49.24
N GLN A 306 20.16 -38.40 48.73
CA GLN A 306 18.75 -38.72 48.58
C GLN A 306 18.36 -40.00 47.84
N HIS A 307 18.92 -40.23 46.65
CA HIS A 307 18.55 -41.42 45.90
C HIS A 307 18.98 -42.71 46.59
N GLU A 308 20.23 -42.78 47.05
CA GLU A 308 20.70 -43.98 47.72
C GLU A 308 20.00 -44.21 49.07
N LEU A 309 19.50 -43.14 49.68
CA LEU A 309 18.76 -43.26 50.95
C LEU A 309 17.46 -43.99 50.66
N VAL A 310 16.84 -43.67 49.53
CA VAL A 310 15.60 -44.31 49.14
C VAL A 310 15.86 -45.80 48.88
N VAL A 311 16.94 -46.11 48.18
CA VAL A 311 17.25 -47.50 47.90
C VAL A 311 17.49 -48.26 49.21
N LEU A 312 18.06 -47.59 50.20
CA LEU A 312 18.34 -48.24 51.48
C LEU A 312 17.04 -48.59 52.17
N ALA A 313 16.04 -47.74 52.00
CA ALA A 313 14.72 -47.97 52.60
C ALA A 313 14.10 -49.22 51.97
N ARG A 314 14.41 -49.47 50.70
CA ARG A 314 13.89 -50.64 50.00
C ARG A 314 14.48 -51.90 50.66
N LYS A 315 15.72 -51.78 51.13
CA LYS A 315 16.42 -52.88 51.78
C LYS A 315 15.98 -53.19 53.20
N PHE A 316 15.69 -52.16 53.99
CA PHE A 316 15.32 -52.36 55.39
C PHE A 316 14.00 -51.75 55.84
N SER A 317 13.10 -52.61 56.30
CA SER A 317 11.79 -52.17 56.76
C SER A 317 11.85 -51.41 58.09
N ASN A 318 12.96 -51.49 58.80
CA ASN A 318 13.06 -50.77 60.06
C ASN A 318 13.59 -49.36 59.84
N LEU A 319 13.71 -48.99 58.56
CA LEU A 319 14.13 -47.64 58.20
C LEU A 319 12.91 -46.89 57.68
N MET A 320 12.64 -45.70 58.24
CA MET A 320 11.52 -44.88 57.77
C MET A 320 12.14 -43.52 57.47
N ILE A 321 12.21 -43.18 56.19
CA ILE A 321 12.79 -41.91 55.79
C ILE A 321 11.73 -40.84 55.87
N PHE A 322 12.15 -39.61 56.13
CA PHE A 322 11.20 -38.52 56.26
C PHE A 322 11.74 -37.17 55.83
N GLY A 323 10.81 -36.33 55.38
CA GLY A 323 11.10 -34.97 54.98
C GLY A 323 12.15 -34.61 53.96
N CYS A 324 12.11 -33.33 53.60
CA CYS A 324 13.03 -32.69 52.67
C CYS A 324 13.57 -31.61 53.60
N TRP A 325 14.62 -31.99 54.30
CA TRP A 325 15.27 -31.18 55.32
C TRP A 325 16.16 -30.01 54.92
N TRP A 326 15.85 -28.84 55.49
CA TRP A 326 16.69 -27.66 55.35
C TRP A 326 16.99 -27.19 53.92
N PHE A 327 18.20 -27.45 53.46
CA PHE A 327 18.62 -27.05 52.11
C PHE A 327 17.91 -27.92 51.06
N MET A 328 17.26 -28.99 51.52
CA MET A 328 16.50 -29.88 50.65
C MET A 328 15.08 -29.33 50.52
N ASN A 329 14.69 -28.46 51.45
CA ASN A 329 13.32 -27.92 51.48
C ASN A 329 13.05 -26.78 50.50
N ASN A 330 13.34 -27.06 49.23
CA ASN A 330 13.13 -26.11 48.14
C ASN A 330 12.37 -26.85 47.04
N PRO A 331 11.39 -26.18 46.42
CA PRO A 331 10.56 -26.76 45.35
C PRO A 331 11.25 -27.73 44.40
N GLU A 332 12.32 -27.29 43.76
CA GLU A 332 13.06 -28.12 42.80
C GLU A 332 13.48 -29.45 43.39
N ILE A 333 14.00 -29.41 44.63
CA ILE A 333 14.46 -30.60 45.33
C ILE A 333 13.31 -31.40 45.93
N ILE A 334 12.34 -30.71 46.53
CA ILE A 334 11.20 -31.41 47.12
C ILE A 334 10.53 -32.27 46.04
N ASN A 335 10.41 -31.72 44.85
CA ASN A 335 9.78 -32.43 43.75
C ASN A 335 10.55 -33.69 43.36
N GLU A 336 11.85 -33.57 43.13
CA GLU A 336 12.62 -34.74 42.72
C GLU A 336 12.68 -35.81 43.80
N MET A 337 12.82 -35.39 45.06
CA MET A 337 12.88 -36.33 46.17
C MET A 337 11.58 -37.09 46.35
N THR A 338 10.47 -36.37 46.31
CA THR A 338 9.17 -36.99 46.50
C THR A 338 8.85 -37.95 45.37
N ARG A 339 9.25 -37.61 44.15
CA ARG A 339 9.00 -38.49 43.02
C ARG A 339 9.86 -39.75 43.07
N MET A 340 11.14 -39.62 43.41
CA MET A 340 12.03 -40.79 43.49
C MET A 340 11.56 -41.68 44.63
N ARG A 341 11.13 -41.07 45.72
CA ARG A 341 10.66 -41.82 46.88
C ARG A 341 9.40 -42.61 46.54
N MET A 342 8.41 -41.96 45.94
CA MET A 342 7.18 -42.66 45.61
C MET A 342 7.40 -43.77 44.58
N GLU A 343 8.21 -43.47 43.57
CA GLU A 343 8.48 -44.45 42.52
C GLU A 343 9.09 -45.76 43.04
N MET A 344 9.94 -45.68 44.06
CA MET A 344 10.58 -46.85 44.65
C MET A 344 10.00 -47.35 45.97
N LEU A 345 9.17 -46.55 46.63
CA LEU A 345 8.61 -46.94 47.92
C LEU A 345 7.09 -46.90 47.97
N GLY A 346 6.47 -46.43 46.90
CA GLY A 346 5.01 -46.33 46.90
C GLY A 346 4.65 -45.29 47.94
N THR A 347 3.87 -45.67 48.95
CA THR A 347 3.48 -44.74 50.00
C THR A 347 4.13 -45.02 51.34
N SER A 348 5.12 -45.92 51.36
CA SER A 348 5.77 -46.26 52.62
C SER A 348 6.89 -45.30 53.05
N PHE A 349 6.54 -44.02 53.16
CA PHE A 349 7.49 -43.00 53.61
C PHE A 349 6.75 -41.76 54.12
N ILE A 350 7.49 -40.84 54.71
CA ILE A 350 6.93 -39.60 55.23
C ILE A 350 7.56 -38.50 54.38
N PRO A 351 6.80 -37.99 53.39
CA PRO A 351 7.29 -36.94 52.50
C PRO A 351 7.78 -35.62 53.08
N GLN A 352 7.21 -35.16 54.18
CA GLN A 352 7.65 -33.85 54.67
C GLN A 352 7.42 -33.53 56.15
N HIS A 353 8.12 -32.50 56.60
CA HIS A 353 8.00 -31.95 57.96
C HIS A 353 8.28 -30.46 57.74
N SER A 354 7.80 -29.60 58.64
CA SER A 354 8.00 -28.17 58.45
C SER A 354 9.32 -27.64 58.98
N ASP A 355 9.75 -28.16 60.12
CA ASP A 355 10.99 -27.72 60.75
C ASP A 355 10.74 -26.27 61.19
N ALA A 356 9.48 -25.93 61.45
CA ALA A 356 9.14 -24.57 61.83
C ALA A 356 9.88 -24.08 63.07
N ARG A 357 10.41 -22.86 62.98
CA ARG A 357 11.11 -22.22 64.09
C ARG A 357 10.22 -21.08 64.55
N VAL A 358 9.34 -20.64 63.66
CA VAL A 358 8.40 -19.58 63.95
C VAL A 358 7.01 -20.12 63.61
N LEU A 359 6.11 -20.03 64.58
CA LEU A 359 4.73 -20.51 64.47
C LEU A 359 4.02 -20.36 63.12
N GLU A 360 3.90 -19.13 62.62
CA GLU A 360 3.23 -18.86 61.35
C GLU A 360 3.80 -19.67 60.17
N GLN A 361 5.05 -20.09 60.28
CA GLN A 361 5.68 -20.86 59.20
C GLN A 361 4.90 -22.13 58.84
N LEU A 362 4.18 -22.69 59.80
CA LEU A 362 3.40 -23.90 59.53
C LEU A 362 2.48 -23.69 58.33
N ILE A 363 2.10 -22.44 58.11
CA ILE A 363 1.22 -22.10 57.00
C ILE A 363 1.89 -22.25 55.64
N TYR A 364 3.04 -21.59 55.46
CA TYR A 364 3.72 -21.67 54.17
C TYR A 364 4.42 -22.99 53.90
N LYS A 365 5.04 -23.56 54.93
CA LYS A 365 5.75 -24.83 54.77
C LYS A 365 4.80 -25.91 54.24
N TRP A 366 3.63 -26.03 54.86
CA TRP A 366 2.66 -27.03 54.46
C TRP A 366 1.86 -26.68 53.21
N HIS A 367 1.66 -25.39 52.94
CA HIS A 367 0.93 -25.00 51.75
C HIS A 367 1.84 -25.20 50.52
N HIS A 368 3.10 -24.79 50.63
CA HIS A 368 4.07 -24.94 49.55
C HIS A 368 4.35 -26.42 49.28
N SER A 369 4.41 -27.21 50.34
CA SER A 369 4.70 -28.63 50.19
C SER A 369 3.52 -29.44 49.70
N LYS A 370 2.33 -29.19 50.25
CA LYS A 370 1.16 -29.94 49.84
C LYS A 370 0.85 -29.77 48.36
N SER A 371 1.06 -28.58 47.82
CA SER A 371 0.80 -28.35 46.41
C SER A 371 1.73 -29.20 45.54
N ILE A 372 2.98 -29.37 45.97
CA ILE A 372 3.93 -30.17 45.21
C ILE A 372 3.61 -31.67 45.36
N ILE A 373 3.37 -32.10 46.59
CA ILE A 373 3.02 -33.48 46.87
C ILE A 373 1.74 -33.88 46.12
N ALA A 374 0.79 -32.95 46.05
CA ALA A 374 -0.47 -33.21 45.35
C ALA A 374 -0.21 -33.46 43.87
N GLU A 375 0.67 -32.67 43.28
CA GLU A 375 0.97 -32.82 41.86
C GLU A 375 1.62 -34.19 41.60
N VAL A 376 2.52 -34.62 42.48
CA VAL A 376 3.17 -35.92 42.34
C VAL A 376 2.12 -37.04 42.41
N LEU A 377 1.22 -36.97 43.39
CA LEU A 377 0.17 -37.95 43.56
C LEU A 377 -0.73 -38.01 42.33
N ILE A 378 -1.06 -36.84 41.78
CA ILE A 378 -1.89 -36.80 40.59
C ILE A 378 -1.22 -37.57 39.46
N ASP A 379 0.08 -37.34 39.23
CA ASP A 379 0.79 -38.08 38.19
C ASP A 379 0.77 -39.58 38.47
N LYS A 380 1.07 -39.97 39.70
CA LYS A 380 1.13 -41.38 40.05
C LYS A 380 -0.20 -42.10 40.00
N TYR A 381 -1.26 -41.42 40.41
CA TYR A 381 -2.59 -42.02 40.37
C TYR A 381 -3.05 -42.10 38.93
N ASP A 382 -2.76 -41.07 38.15
CA ASP A 382 -3.19 -41.08 36.76
C ASP A 382 -2.48 -42.20 35.99
N ASP A 383 -1.22 -42.46 36.30
CA ASP A 383 -0.51 -43.54 35.61
C ASP A 383 -1.20 -44.89 35.84
N ILE A 384 -1.69 -45.16 37.04
CA ILE A 384 -2.35 -46.45 37.22
C ILE A 384 -3.81 -46.39 36.76
N LEU A 385 -4.40 -45.21 36.77
CA LEU A 385 -5.77 -45.07 36.29
C LEU A 385 -5.75 -45.36 34.79
N GLN A 386 -4.78 -44.79 34.09
CA GLN A 386 -4.68 -45.01 32.65
C GLN A 386 -4.35 -46.47 32.33
N ALA A 387 -3.74 -47.16 33.29
CA ALA A 387 -3.38 -48.56 33.12
C ALA A 387 -4.58 -49.46 33.42
N GLY A 388 -5.73 -48.85 33.74
CA GLY A 388 -6.94 -49.61 34.00
C GLY A 388 -7.34 -49.86 35.44
N TRP A 389 -6.62 -49.25 36.38
CA TRP A 389 -6.91 -49.44 37.79
C TRP A 389 -8.05 -48.56 38.28
N GLU A 390 -8.83 -49.07 39.20
CA GLU A 390 -9.92 -48.28 39.76
C GLU A 390 -9.39 -47.58 40.99
N VAL A 391 -9.43 -46.25 40.98
CA VAL A 391 -8.98 -45.48 42.12
C VAL A 391 -10.21 -44.81 42.75
N THR A 392 -10.49 -45.14 44.00
CA THR A 392 -11.65 -44.52 44.66
C THR A 392 -11.20 -43.37 45.52
N GLU A 393 -12.12 -42.45 45.78
CA GLU A 393 -11.82 -41.29 46.60
C GLU A 393 -11.44 -41.70 48.01
N GLU A 394 -11.99 -42.82 48.48
CA GLU A 394 -11.66 -43.31 49.81
C GLU A 394 -10.23 -43.84 49.86
N GLU A 395 -9.78 -44.48 48.80
CA GLU A 395 -8.42 -45.00 48.77
C GLU A 395 -7.44 -43.82 48.75
N ILE A 396 -7.80 -42.76 48.04
CA ILE A 396 -6.94 -41.58 47.98
C ILE A 396 -6.84 -40.96 49.37
N LYS A 397 -7.96 -40.83 50.06
CA LYS A 397 -7.93 -40.25 51.41
C LYS A 397 -7.11 -41.09 52.37
N ARG A 398 -7.16 -42.41 52.16
CA ARG A 398 -6.41 -43.37 52.98
C ARG A 398 -4.92 -43.22 52.75
N ASP A 399 -4.52 -43.13 51.47
CA ASP A 399 -3.11 -42.98 51.17
C ASP A 399 -2.60 -41.62 51.65
N VAL A 400 -3.38 -40.57 51.41
CA VAL A 400 -2.99 -39.23 51.82
C VAL A 400 -2.84 -39.16 53.34
N ALA A 401 -3.75 -39.81 54.06
CA ALA A 401 -3.70 -39.83 55.52
C ALA A 401 -2.41 -40.53 55.96
N ASP A 402 -2.03 -41.58 55.25
CA ASP A 402 -0.80 -42.32 55.56
C ASP A 402 0.39 -41.39 55.46
N LEU A 403 0.53 -40.75 54.30
CA LEU A 403 1.64 -39.85 54.03
C LEU A 403 1.80 -38.67 54.98
N PHE A 404 0.69 -38.00 55.30
CA PHE A 404 0.74 -36.83 56.16
C PHE A 404 0.56 -37.06 57.67
N SER A 405 0.21 -38.28 58.07
CA SER A 405 0.01 -38.52 59.50
C SER A 405 0.15 -39.96 60.00
N ARG A 406 -0.61 -40.88 59.41
CA ARG A 406 -0.59 -42.28 59.85
C ARG A 406 0.75 -43.02 59.78
N ASN A 407 1.53 -42.80 58.73
CA ASN A 407 2.80 -43.51 58.65
C ASN A 407 3.67 -43.17 59.86
N PHE A 408 3.71 -41.90 60.23
CA PHE A 408 4.52 -41.50 61.39
C PHE A 408 4.06 -42.19 62.68
N TRP A 409 2.79 -42.02 63.04
CA TRP A 409 2.28 -42.62 64.27
C TRP A 409 2.41 -44.13 64.29
N ARG A 410 2.19 -44.75 63.13
CA ARG A 410 2.29 -46.20 63.02
C ARG A 410 3.73 -46.63 63.31
N PHE A 411 4.70 -45.88 62.79
CA PHE A 411 6.10 -46.21 62.99
C PHE A 411 6.55 -46.02 64.43
N VAL A 412 6.09 -44.97 65.08
CA VAL A 412 6.47 -44.71 66.47
C VAL A 412 5.72 -45.61 67.44
N GLY A 413 4.57 -46.12 67.01
CA GLY A 413 3.79 -47.00 67.86
C GLY A 413 2.81 -46.26 68.77
N ARG A 414 2.30 -45.12 68.30
CA ARG A 414 1.35 -44.33 69.06
C ARG A 414 0.01 -44.19 68.34
N SER B 2 2.40 -3.33 39.36
CA SER B 2 0.94 -3.48 39.64
C SER B 2 0.37 -4.61 38.78
N ILE B 3 1.22 -5.59 38.47
CA ILE B 3 0.83 -6.74 37.65
C ILE B 3 0.03 -7.75 38.46
N ASN B 4 -1.17 -8.08 38.02
CA ASN B 4 -2.01 -9.01 38.76
C ASN B 4 -2.37 -10.28 37.99
N SER B 5 -2.26 -10.26 36.67
CA SER B 5 -2.57 -11.45 35.88
C SER B 5 -1.29 -12.17 35.49
N ARG B 6 -1.37 -13.49 35.41
CA ARG B 6 -0.21 -14.30 35.07
C ARG B 6 0.29 -14.08 33.65
N GLU B 7 -0.64 -13.86 32.71
CA GLU B 7 -0.27 -13.67 31.31
C GLU B 7 0.55 -12.38 31.09
N VAL B 8 0.17 -11.31 31.78
CA VAL B 8 0.89 -10.06 31.66
C VAL B 8 2.28 -10.22 32.28
N LEU B 9 2.33 -10.92 33.40
CA LEU B 9 3.59 -11.16 34.09
C LEU B 9 4.58 -11.86 33.16
N ALA B 10 4.14 -12.95 32.54
CA ALA B 10 4.99 -13.70 31.62
C ALA B 10 5.45 -12.81 30.48
N GLU B 11 4.55 -11.97 30.00
CA GLU B 11 4.85 -11.04 28.92
C GLU B 11 5.94 -10.05 29.32
N LYS B 12 5.80 -9.44 30.49
CA LYS B 12 6.77 -8.45 30.95
C LYS B 12 8.14 -9.06 31.24
N VAL B 13 8.14 -10.23 31.85
CA VAL B 13 9.40 -10.91 32.16
C VAL B 13 10.13 -11.23 30.86
N LYS B 14 9.45 -11.87 29.93
CA LYS B 14 10.09 -12.21 28.66
C LYS B 14 10.65 -10.97 27.95
N ASN B 15 9.88 -9.88 27.96
CA ASN B 15 10.35 -8.67 27.31
C ASN B 15 11.59 -8.12 28.00
N ALA B 16 11.56 -8.09 29.34
CA ALA B 16 12.69 -7.59 30.10
C ALA B 16 13.95 -8.43 29.83
N VAL B 17 13.81 -9.75 29.87
CA VAL B 17 14.94 -10.64 29.62
C VAL B 17 15.50 -10.46 28.22
N ASN B 18 14.62 -10.39 27.22
CA ASN B 18 15.06 -10.22 25.85
C ASN B 18 15.68 -8.86 25.59
N ASN B 19 15.17 -7.81 26.25
CA ASN B 19 15.70 -6.46 26.05
C ASN B 19 16.95 -6.13 26.85
N GLN B 20 17.19 -6.88 27.93
CA GLN B 20 18.33 -6.63 28.79
C GLN B 20 19.69 -6.86 28.13
N PRO B 21 20.50 -5.80 28.02
CA PRO B 21 21.84 -5.91 27.41
C PRO B 21 22.66 -6.83 28.32
N VAL B 22 23.30 -7.81 27.71
CA VAL B 22 24.08 -8.78 28.45
C VAL B 22 25.55 -8.50 28.63
N THR B 23 26.05 -8.82 29.82
CA THR B 23 27.48 -8.73 30.11
C THR B 23 27.84 -10.21 30.22
N ASP B 24 28.64 -10.69 29.27
CA ASP B 24 29.06 -12.08 29.24
C ASP B 24 30.41 -12.14 29.97
N MET B 25 30.38 -12.47 31.26
CA MET B 25 31.61 -12.47 32.06
C MET B 25 32.67 -13.57 31.93
N HIS B 26 32.56 -14.40 30.90
CA HIS B 26 33.59 -15.42 30.61
C HIS B 26 33.43 -16.00 29.23
N THR B 27 34.36 -15.63 28.35
CA THR B 27 34.36 -16.12 26.98
C THR B 27 35.80 -16.35 26.54
N HIS B 28 35.94 -16.89 25.34
CA HIS B 28 37.24 -17.13 24.76
C HIS B 28 37.27 -16.33 23.46
N LEU B 29 36.59 -15.19 23.50
CA LEU B 29 36.52 -14.27 22.38
C LEU B 29 37.52 -13.15 22.67
N PHE B 30 37.94 -12.46 21.61
CA PHE B 30 38.90 -11.36 21.75
C PHE B 30 38.41 -10.17 20.93
N SER B 31 38.75 -8.96 21.38
CA SER B 31 38.38 -7.75 20.65
C SER B 31 38.88 -8.00 19.22
N PRO B 32 38.09 -7.63 18.19
CA PRO B 32 38.49 -7.84 16.79
C PRO B 32 39.83 -7.25 16.34
N ASN B 33 40.31 -6.20 17.02
CA ASN B 33 41.57 -5.57 16.65
C ASN B 33 42.77 -6.44 17.03
N PHE B 34 42.53 -7.50 17.82
CA PHE B 34 43.60 -8.40 18.23
C PHE B 34 44.03 -9.34 17.10
N GLY B 35 43.23 -9.40 16.05
CA GLY B 35 43.58 -10.25 14.93
C GLY B 35 42.79 -11.53 14.74
N GLU B 36 43.36 -12.44 13.95
CA GLU B 36 42.72 -13.71 13.66
C GLU B 36 42.53 -14.59 14.88
N ILE B 37 43.02 -14.14 16.03
CA ILE B 37 42.87 -14.91 17.25
C ILE B 37 41.37 -15.01 17.58
N LEU B 38 40.59 -14.08 17.03
CA LEU B 38 39.14 -14.09 17.21
C LEU B 38 38.57 -15.03 16.15
N LEU B 39 38.00 -16.15 16.58
CA LEU B 39 37.45 -17.11 15.63
C LEU B 39 36.00 -16.83 15.26
N TRP B 40 35.65 -17.00 13.99
CA TRP B 40 34.28 -16.79 13.55
C TRP B 40 33.94 -17.38 12.17
N ASP B 41 32.64 -17.61 11.99
CA ASP B 41 32.00 -18.16 10.80
C ASP B 41 31.55 -19.60 10.98
N ILE B 42 30.70 -20.05 10.07
CA ILE B 42 30.14 -21.39 10.12
C ILE B 42 31.14 -22.55 10.20
N ASP B 43 32.28 -22.44 9.53
CA ASP B 43 33.25 -23.52 9.60
C ASP B 43 33.89 -23.58 10.99
N GLU B 44 34.06 -22.41 11.61
CA GLU B 44 34.62 -22.35 12.96
C GLU B 44 33.59 -22.94 13.92
N LEU B 45 32.32 -22.59 13.71
CA LEU B 45 31.22 -23.08 14.55
C LEU B 45 31.14 -24.59 14.49
N LEU B 46 31.18 -25.14 13.29
CA LEU B 46 31.10 -26.58 13.10
C LEU B 46 32.32 -27.34 13.63
N THR B 47 33.46 -26.67 13.76
CA THR B 47 34.67 -27.34 14.27
C THR B 47 34.96 -27.07 15.75
N TYR B 48 34.02 -26.40 16.41
CA TYR B 48 34.06 -26.11 17.87
C TYR B 48 34.38 -27.49 18.46
N HIS B 49 35.23 -27.55 19.48
CA HIS B 49 35.59 -28.86 20.02
C HIS B 49 34.43 -29.70 20.57
N TYR B 50 33.32 -29.05 20.91
CA TYR B 50 32.15 -29.79 21.39
C TYR B 50 31.68 -30.72 20.28
N LEU B 51 31.73 -30.22 19.04
CA LEU B 51 31.30 -31.01 17.89
C LEU B 51 32.38 -32.01 17.46
N VAL B 52 33.63 -31.73 17.83
CA VAL B 52 34.71 -32.65 17.50
C VAL B 52 34.48 -33.93 18.30
N ALA B 53 34.22 -33.78 19.60
CA ALA B 53 33.96 -34.93 20.45
C ALA B 53 32.76 -35.73 19.93
N GLU B 54 31.70 -35.01 19.57
CA GLU B 54 30.49 -35.67 19.09
C GLU B 54 30.64 -36.40 17.76
N VAL B 55 31.34 -35.80 16.81
CA VAL B 55 31.50 -36.46 15.51
C VAL B 55 32.37 -37.72 15.63
N MET B 56 33.29 -37.76 16.60
CA MET B 56 34.13 -38.94 16.75
C MET B 56 33.36 -40.16 17.23
N ARG B 57 32.20 -39.95 17.84
CA ARG B 57 31.40 -41.06 18.31
C ARG B 57 30.68 -41.74 17.16
N TRP B 58 30.62 -41.05 16.02
CA TRP B 58 29.93 -41.57 14.84
C TRP B 58 30.83 -41.96 13.67
N THR B 59 31.68 -41.03 13.26
CA THR B 59 32.54 -41.24 12.10
C THR B 59 33.57 -42.36 12.19
N ASP B 60 33.86 -42.97 11.05
CA ASP B 60 34.86 -44.04 10.99
C ASP B 60 36.21 -43.41 10.66
N VAL B 61 36.18 -42.10 10.39
CA VAL B 61 37.40 -41.35 10.09
C VAL B 61 38.17 -41.23 11.41
N SER B 62 39.42 -41.68 11.40
CA SER B 62 40.25 -41.63 12.60
C SER B 62 40.53 -40.19 13.02
N ILE B 63 40.70 -39.98 14.33
CA ILE B 63 40.98 -38.65 14.85
C ILE B 63 42.22 -38.06 14.19
N GLU B 64 43.22 -38.90 13.92
CA GLU B 64 44.45 -38.44 13.29
C GLU B 64 44.13 -37.87 11.89
N ALA B 65 43.32 -38.60 11.14
CA ALA B 65 42.93 -38.15 9.80
C ALA B 65 42.13 -36.86 9.90
N PHE B 66 41.28 -36.78 10.92
CA PHE B 66 40.47 -35.58 11.13
C PHE B 66 41.39 -34.37 11.24
N TRP B 67 42.35 -34.44 12.15
CA TRP B 67 43.29 -33.35 12.37
C TRP B 67 44.08 -33.05 11.09
N ALA B 68 44.29 -34.09 10.28
CA ALA B 68 45.04 -33.94 9.04
C ALA B 68 44.21 -33.14 8.04
N MET B 69 42.89 -33.24 8.14
CA MET B 69 41.98 -32.53 7.25
C MET B 69 42.07 -31.02 7.40
N SER B 70 41.66 -30.32 6.35
CA SER B 70 41.64 -28.86 6.36
C SER B 70 40.39 -28.44 7.15
N LYS B 71 40.33 -27.18 7.55
CA LYS B 71 39.19 -26.66 8.31
C LYS B 71 37.87 -26.90 7.58
N ARG B 72 37.83 -26.60 6.28
CA ARG B 72 36.61 -26.79 5.51
C ARG B 72 36.20 -28.26 5.39
N GLU B 73 37.18 -29.15 5.32
CA GLU B 73 36.90 -30.58 5.21
C GLU B 73 36.41 -31.14 6.53
N GLN B 74 36.87 -30.57 7.64
CA GLN B 74 36.44 -31.02 8.97
C GLN B 74 34.98 -30.59 9.14
N ALA B 75 34.67 -29.39 8.69
CA ALA B 75 33.32 -28.86 8.77
C ALA B 75 32.35 -29.69 7.95
N ASP B 76 32.75 -30.08 6.74
CA ASP B 76 31.89 -30.90 5.87
C ASP B 76 31.59 -32.26 6.50
N LEU B 77 32.60 -32.86 7.14
CA LEU B 77 32.41 -34.15 7.78
C LEU B 77 31.43 -34.03 8.94
N ILE B 78 31.66 -33.03 9.79
CA ILE B 78 30.81 -32.80 10.95
C ILE B 78 29.37 -32.49 10.53
N TRP B 79 29.22 -31.70 9.47
CA TRP B 79 27.90 -31.36 8.96
C TRP B 79 27.18 -32.62 8.49
N GLU B 80 27.87 -33.42 7.69
CA GLU B 80 27.32 -34.67 7.16
C GLU B 80 27.01 -35.68 8.27
N GLU B 81 27.98 -35.91 9.15
CA GLU B 81 27.84 -36.87 10.24
C GLU B 81 26.83 -36.50 11.33
N LEU B 82 26.84 -35.25 11.78
CA LEU B 82 25.94 -34.86 12.87
C LEU B 82 24.62 -34.20 12.48
N PHE B 83 24.54 -33.69 11.25
CA PHE B 83 23.32 -33.01 10.82
C PHE B 83 22.51 -33.75 9.75
N ILE B 84 23.20 -34.42 8.83
CA ILE B 84 22.52 -35.13 7.75
C ILE B 84 22.26 -36.61 8.04
N LYS B 85 23.28 -37.33 8.52
CA LYS B 85 23.14 -38.75 8.82
C LYS B 85 22.30 -39.01 10.08
N ARG B 86 22.28 -38.02 10.98
CA ARG B 86 21.49 -38.10 12.21
C ARG B 86 20.96 -36.71 12.49
N SER B 87 19.75 -36.62 13.04
CA SER B 87 19.16 -35.32 13.33
C SER B 87 20.06 -34.59 14.33
N PRO B 88 20.32 -33.30 14.09
CA PRO B 88 21.17 -32.48 14.96
C PRO B 88 20.47 -32.06 16.25
N VAL B 89 20.06 -33.03 17.06
CA VAL B 89 19.35 -32.74 18.30
C VAL B 89 20.17 -32.40 19.54
N SER B 90 21.46 -32.67 19.53
CA SER B 90 22.29 -32.38 20.70
C SER B 90 22.31 -30.86 20.90
N GLU B 91 22.63 -30.41 22.11
CA GLU B 91 22.65 -28.98 22.40
C GLU B 91 23.62 -28.23 21.51
N ALA B 92 24.83 -28.77 21.33
CA ALA B 92 25.84 -28.11 20.50
C ALA B 92 25.41 -27.98 19.03
N CYS B 93 24.80 -29.03 18.50
CA CYS B 93 24.33 -29.00 17.11
C CYS B 93 23.14 -28.06 16.96
N ARG B 94 22.30 -28.01 17.99
CA ARG B 94 21.13 -27.12 18.01
C ARG B 94 21.65 -25.68 18.00
N GLY B 95 22.75 -25.46 18.71
CA GLY B 95 23.34 -24.14 18.78
C GLY B 95 23.80 -23.60 17.43
N VAL B 96 24.43 -24.45 16.63
CA VAL B 96 24.90 -24.03 15.32
C VAL B 96 23.69 -23.55 14.50
N LEU B 97 22.59 -24.30 14.56
CA LEU B 97 21.38 -23.94 13.83
C LEU B 97 20.81 -22.61 14.30
N THR B 98 20.75 -22.42 15.61
CA THR B 98 20.24 -21.17 16.19
C THR B 98 21.06 -19.99 15.66
N CYS B 99 22.37 -20.18 15.53
CA CYS B 99 23.24 -19.13 15.02
C CYS B 99 22.90 -18.78 13.59
N LEU B 100 22.81 -19.79 12.72
CA LEU B 100 22.49 -19.56 11.31
C LEU B 100 21.15 -18.83 11.16
N GLN B 101 20.15 -19.26 11.91
CA GLN B 101 18.83 -18.63 11.84
C GLN B 101 18.92 -17.18 12.30
N GLY B 102 19.61 -16.95 13.42
CA GLY B 102 19.75 -15.60 13.93
C GLY B 102 20.37 -14.64 12.93
N LEU B 103 21.33 -15.13 12.16
CA LEU B 103 22.00 -14.31 11.15
C LEU B 103 21.16 -14.03 9.91
N GLY B 104 19.95 -14.60 9.87
CA GLY B 104 19.10 -14.37 8.72
C GLY B 104 19.24 -15.50 7.71
N LEU B 105 20.05 -16.50 8.05
CA LEU B 105 20.23 -17.64 7.16
C LEU B 105 19.11 -18.65 7.42
N ASP B 106 18.86 -19.53 6.46
CA ASP B 106 17.78 -20.51 6.61
C ASP B 106 18.23 -21.98 6.66
N PRO B 107 18.19 -22.58 7.86
CA PRO B 107 18.58 -23.98 8.09
C PRO B 107 17.73 -24.97 7.30
N ALA B 108 16.54 -24.54 6.89
CA ALA B 108 15.63 -25.40 6.15
C ALA B 108 16.23 -25.94 4.85
N THR B 109 16.99 -25.10 4.16
CA THR B 109 17.61 -25.50 2.90
C THR B 109 18.82 -26.41 3.07
N ARG B 110 19.45 -26.36 4.23
CA ARG B 110 20.63 -27.17 4.53
C ARG B 110 21.75 -26.86 3.53
N ASP B 111 21.68 -25.67 2.93
CA ASP B 111 22.67 -25.26 1.93
C ASP B 111 23.89 -24.66 2.63
N LEU B 112 24.81 -25.53 3.02
CA LEU B 112 26.05 -25.13 3.70
C LEU B 112 26.89 -24.17 2.88
N GLN B 113 26.94 -24.39 1.56
CA GLN B 113 27.72 -23.53 0.70
C GLN B 113 27.16 -22.12 0.69
N VAL B 114 25.84 -21.98 0.72
CA VAL B 114 25.26 -20.65 0.73
C VAL B 114 25.55 -19.98 2.07
N TYR B 115 25.53 -20.77 3.14
CA TYR B 115 25.81 -20.23 4.47
C TYR B 115 27.22 -19.64 4.49
N ARG B 116 28.17 -20.39 3.95
CA ARG B 116 29.57 -19.95 3.89
C ARG B 116 29.72 -18.64 3.14
N GLU B 117 28.99 -18.48 2.04
CA GLU B 117 29.06 -17.27 1.25
C GLU B 117 28.75 -16.01 2.06
N TYR B 118 27.90 -16.15 3.07
CA TYR B 118 27.53 -15.01 3.92
C TYR B 118 28.74 -14.45 4.67
N PHE B 119 29.46 -15.32 5.35
CA PHE B 119 30.62 -14.91 6.12
C PHE B 119 31.75 -14.38 5.26
N ALA B 120 31.97 -15.03 4.12
CA ALA B 120 33.02 -14.65 3.20
C ALA B 120 32.94 -13.19 2.73
N LYS B 121 31.74 -12.61 2.74
CA LYS B 121 31.59 -11.23 2.29
C LYS B 121 31.60 -10.17 3.39
N LYS B 122 32.05 -10.53 4.59
CA LYS B 122 32.09 -9.58 5.70
C LYS B 122 33.47 -9.58 6.34
N THR B 123 33.76 -8.53 7.10
CA THR B 123 35.03 -8.43 7.81
C THR B 123 34.77 -8.88 9.24
N SER B 124 35.83 -9.06 10.02
CA SER B 124 35.69 -9.47 11.41
C SER B 124 34.99 -8.36 12.18
N GLU B 125 35.36 -7.12 11.89
CA GLU B 125 34.77 -5.96 12.55
C GLU B 125 33.28 -5.88 12.29
N GLU B 126 32.87 -6.13 11.05
CA GLU B 126 31.46 -6.06 10.71
C GLU B 126 30.67 -7.20 11.38
N GLN B 127 31.24 -8.39 11.40
CA GLN B 127 30.57 -9.54 12.00
C GLN B 127 30.41 -9.40 13.50
N VAL B 128 31.39 -8.78 14.17
CA VAL B 128 31.27 -8.59 15.62
C VAL B 128 30.15 -7.59 15.87
N ASP B 129 30.02 -6.59 15.01
CA ASP B 129 28.96 -5.59 15.14
C ASP B 129 27.60 -6.29 15.01
N THR B 130 27.50 -7.13 13.98
CA THR B 130 26.28 -7.88 13.70
C THR B 130 25.92 -8.84 14.84
N VAL B 131 26.90 -9.60 15.32
CA VAL B 131 26.67 -10.57 16.39
C VAL B 131 26.38 -9.93 17.75
N LEU B 132 27.09 -8.85 18.08
CA LEU B 132 26.85 -8.20 19.37
C LEU B 132 25.45 -7.59 19.38
N GLN B 133 24.97 -7.16 18.22
CA GLN B 133 23.63 -6.60 18.16
C GLN B 133 22.57 -7.69 18.29
N LEU B 134 22.68 -8.73 17.46
CA LEU B 134 21.72 -9.82 17.49
C LEU B 134 21.60 -10.47 18.87
N ALA B 135 22.74 -10.74 19.50
CA ALA B 135 22.74 -11.37 20.82
C ALA B 135 22.49 -10.37 21.95
N ASN B 136 22.39 -9.09 21.60
CA ASN B 136 22.16 -8.05 22.58
C ASN B 136 23.16 -8.18 23.73
N VAL B 137 24.43 -8.33 23.38
CA VAL B 137 25.51 -8.43 24.37
C VAL B 137 26.24 -7.10 24.32
N SER B 138 26.35 -6.44 25.46
CA SER B 138 27.01 -5.13 25.52
C SER B 138 28.47 -5.21 25.97
N ASP B 139 28.82 -6.25 26.72
CA ASP B 139 30.19 -6.40 27.24
C ASP B 139 30.66 -7.85 27.25
N VAL B 140 31.84 -8.08 26.68
CA VAL B 140 32.43 -9.41 26.61
C VAL B 140 33.71 -9.46 27.44
N VAL B 141 33.82 -10.48 28.30
CA VAL B 141 35.02 -10.64 29.10
C VAL B 141 35.82 -11.74 28.43
N MET B 142 37.05 -11.41 28.04
CA MET B 142 37.94 -12.34 27.38
C MET B 142 38.70 -13.14 28.43
N THR B 143 39.46 -14.11 27.95
CA THR B 143 40.31 -14.95 28.78
C THR B 143 41.69 -14.56 28.23
N ASN B 144 42.46 -13.80 28.99
CA ASN B 144 43.77 -13.37 28.48
C ASN B 144 44.93 -14.04 29.19
N ASP B 145 45.61 -14.89 28.43
CA ASP B 145 46.74 -15.67 28.92
C ASP B 145 48.11 -15.11 28.51
N PRO B 146 48.78 -14.42 29.45
CA PRO B 146 50.10 -13.82 29.21
C PRO B 146 51.18 -14.86 28.89
N PHE B 147 50.90 -16.12 29.21
CA PHE B 147 51.84 -17.20 28.95
C PHE B 147 51.77 -17.70 27.52
N ASP B 148 50.79 -17.20 26.76
CA ASP B 148 50.67 -17.57 25.36
C ASP B 148 51.50 -16.55 24.59
N ASP B 149 52.51 -17.01 23.86
CA ASP B 149 53.36 -16.10 23.09
C ASP B 149 52.57 -15.13 22.23
N ASN B 150 51.67 -15.65 21.42
CA ASN B 150 50.87 -14.81 20.54
C ASN B 150 50.13 -13.72 21.30
N GLU B 151 49.46 -14.09 22.39
CA GLU B 151 48.71 -13.11 23.18
C GLU B 151 49.61 -12.11 23.90
N ARG B 152 50.67 -12.60 24.54
CA ARG B 152 51.59 -11.74 25.29
C ARG B 152 52.16 -10.59 24.46
N ILE B 153 52.81 -10.93 23.35
CA ILE B 153 53.41 -9.92 22.50
C ILE B 153 52.37 -8.89 22.08
N SER B 154 51.12 -9.32 21.95
CA SER B 154 50.05 -8.41 21.58
C SER B 154 49.86 -7.35 22.68
N TRP B 155 49.84 -7.80 23.93
CA TRP B 155 49.67 -6.88 25.06
C TRP B 155 50.93 -6.05 25.27
N LEU B 156 52.07 -6.59 24.89
CA LEU B 156 53.33 -5.89 25.05
C LEU B 156 53.46 -4.75 24.05
N GLU B 157 52.93 -4.94 22.85
CA GLU B 157 52.98 -3.92 21.82
C GLU B 157 51.83 -2.92 21.90
N GLY B 158 51.30 -2.70 23.09
CA GLY B 158 50.22 -1.74 23.28
C GLY B 158 48.81 -2.06 22.81
N LYS B 159 48.58 -3.20 22.18
CA LYS B 159 47.24 -3.55 21.70
C LYS B 159 46.21 -3.43 22.82
N GLN B 160 45.15 -2.68 22.58
CA GLN B 160 44.08 -2.48 23.55
C GLN B 160 42.72 -2.86 22.95
N PRO B 161 41.91 -3.63 23.69
CA PRO B 161 40.59 -4.03 23.18
C PRO B 161 39.67 -2.82 23.18
N ASP B 162 38.65 -2.81 22.33
CA ASP B 162 37.75 -1.67 22.33
C ASP B 162 36.87 -1.72 23.58
N SER B 163 36.08 -0.67 23.82
CA SER B 163 35.24 -0.58 25.01
C SER B 163 34.26 -1.73 25.27
N ARG B 164 33.97 -2.52 24.24
CA ARG B 164 33.03 -3.63 24.40
C ARG B 164 33.69 -4.88 24.99
N PHE B 165 35.01 -4.96 24.92
CA PHE B 165 35.74 -6.12 25.43
C PHE B 165 36.58 -5.80 26.66
N HIS B 166 36.57 -6.73 27.62
CA HIS B 166 37.32 -6.57 28.87
C HIS B 166 38.26 -7.75 29.09
N ALA B 167 39.38 -7.47 29.75
CA ALA B 167 40.37 -8.50 30.00
C ALA B 167 40.18 -9.21 31.32
N ALA B 168 40.62 -10.46 31.35
CA ALA B 168 40.58 -11.27 32.55
C ALA B 168 41.92 -11.99 32.50
N LEU B 169 42.71 -11.82 33.56
CA LEU B 169 44.05 -12.41 33.65
C LEU B 169 44.03 -13.88 34.06
N ARG B 170 44.20 -14.76 33.09
CA ARG B 170 44.20 -16.21 33.28
C ARG B 170 45.60 -16.69 33.70
N LEU B 171 45.66 -17.40 34.82
CA LEU B 171 46.95 -17.84 35.37
C LEU B 171 47.21 -19.34 35.52
N ASP B 172 46.53 -20.18 34.73
CA ASP B 172 46.73 -21.62 34.84
C ASP B 172 48.19 -22.10 34.86
N PRO B 173 49.02 -21.63 33.91
CA PRO B 173 50.43 -22.09 33.91
C PRO B 173 51.19 -21.72 35.19
N LEU B 174 50.95 -20.53 35.71
CA LEU B 174 51.59 -20.05 36.93
C LEU B 174 51.21 -20.84 38.18
N LEU B 175 49.90 -21.03 38.39
CA LEU B 175 49.44 -21.74 39.57
C LEU B 175 49.46 -23.26 39.49
N ASN B 176 49.25 -23.81 38.30
CA ASN B 176 49.23 -25.26 38.13
C ASN B 176 50.50 -25.88 37.59
N GLU B 177 51.38 -25.06 37.00
CA GLU B 177 52.62 -25.57 36.45
C GLU B 177 53.81 -24.67 36.78
N TYR B 178 53.85 -24.18 38.02
CA TYR B 178 54.91 -23.28 38.46
C TYR B 178 56.33 -23.77 38.18
N GLU B 179 56.60 -25.04 38.52
CA GLU B 179 57.91 -25.62 38.31
C GLU B 179 58.44 -25.41 36.89
N GLN B 180 57.59 -25.63 35.89
CA GLN B 180 58.00 -25.45 34.50
C GLN B 180 57.87 -23.99 34.08
N THR B 181 56.93 -23.28 34.69
CA THR B 181 56.69 -21.88 34.36
C THR B 181 57.70 -20.91 34.98
N LYS B 182 58.17 -21.21 36.20
CA LYS B 182 59.11 -20.33 36.89
C LYS B 182 60.34 -19.99 36.06
N HIS B 183 60.71 -20.88 35.14
CA HIS B 183 61.87 -20.66 34.29
C HIS B 183 61.55 -19.59 33.24
N ARG B 184 60.26 -19.40 32.98
CA ARG B 184 59.83 -18.40 32.01
C ARG B 184 59.72 -17.05 32.72
N LEU B 185 59.41 -17.10 34.01
CA LEU B 185 59.28 -15.89 34.82
C LEU B 185 60.64 -15.21 34.90
N ARG B 186 61.70 -16.01 35.10
CA ARG B 186 63.03 -15.45 35.18
C ARG B 186 63.49 -14.97 33.80
N ASP B 187 63.04 -15.67 32.76
CA ASP B 187 63.36 -15.29 31.39
C ASP B 187 62.80 -13.90 31.11
N TRP B 188 61.78 -13.51 31.87
CA TRP B 188 61.14 -12.21 31.70
C TRP B 188 61.56 -11.20 32.77
N GLY B 189 62.64 -11.51 33.50
CA GLY B 189 63.12 -10.61 34.53
C GLY B 189 62.57 -10.81 35.91
N TYR B 190 61.75 -11.83 36.10
CA TYR B 190 61.19 -12.12 37.40
C TYR B 190 62.06 -13.19 38.04
N LYS B 191 63.00 -12.74 38.87
CA LYS B 191 63.95 -13.63 39.52
C LYS B 191 63.41 -14.44 40.69
N VAL B 192 62.66 -15.50 40.38
CA VAL B 192 62.13 -16.35 41.42
C VAL B 192 63.25 -17.30 41.82
N ASN B 193 63.40 -17.54 43.11
CA ASN B 193 64.46 -18.42 43.59
C ASN B 193 64.04 -19.89 43.59
N ASP B 194 65.05 -20.77 43.66
CA ASP B 194 64.81 -22.20 43.65
C ASP B 194 63.83 -22.58 44.76
N GLU B 195 63.98 -21.94 45.92
CA GLU B 195 63.11 -22.21 47.05
C GLU B 195 62.11 -21.07 47.23
N TRP B 196 61.01 -21.34 47.94
CA TRP B 196 59.97 -20.35 48.15
C TRP B 196 60.29 -19.42 49.32
N ASN B 197 60.96 -18.30 49.02
CA ASN B 197 61.34 -17.33 50.04
C ASN B 197 60.84 -15.93 49.71
N GLU B 198 61.25 -14.96 50.54
CA GLU B 198 60.85 -13.57 50.39
C GLU B 198 60.99 -13.05 48.96
N GLY B 199 62.13 -13.33 48.34
CA GLY B 199 62.37 -12.86 46.98
C GLY B 199 61.45 -13.48 45.94
N SER B 200 61.23 -14.79 46.07
CA SER B 200 60.36 -15.50 45.14
C SER B 200 58.92 -15.02 45.28
N ILE B 201 58.55 -14.61 46.49
CA ILE B 201 57.20 -14.13 46.77
C ILE B 201 56.98 -12.73 46.19
N GLN B 202 57.96 -11.85 46.35
CA GLN B 202 57.83 -10.50 45.83
C GLN B 202 57.92 -10.43 44.31
N GLU B 203 58.65 -11.35 43.70
CA GLU B 203 58.77 -11.36 42.25
C GLU B 203 57.50 -11.89 41.59
N VAL B 204 56.84 -12.84 42.24
CA VAL B 204 55.59 -13.37 41.72
C VAL B 204 54.53 -12.29 41.82
N LYS B 205 54.56 -11.53 42.92
CA LYS B 205 53.60 -10.44 43.10
C LYS B 205 53.80 -9.40 42.01
N ARG B 206 55.08 -9.12 41.72
CA ARG B 206 55.43 -8.13 40.69
C ARG B 206 54.86 -8.55 39.35
N PHE B 207 55.01 -9.83 39.02
CA PHE B 207 54.49 -10.37 37.78
C PHE B 207 52.99 -10.09 37.68
N LEU B 208 52.27 -10.41 38.74
CA LEU B 208 50.84 -10.19 38.79
C LEU B 208 50.51 -8.71 38.64
N THR B 209 51.13 -7.89 39.48
CA THR B 209 50.90 -6.45 39.43
C THR B 209 51.23 -5.84 38.07
N ASP B 210 52.35 -6.28 37.47
CA ASP B 210 52.72 -5.77 36.15
C ASP B 210 51.63 -6.06 35.14
N TRP B 211 51.08 -7.28 35.19
CA TRP B 211 50.04 -7.66 34.25
C TRP B 211 48.68 -7.06 34.57
N ILE B 212 48.44 -6.76 35.85
CA ILE B 212 47.17 -6.16 36.22
C ILE B 212 47.15 -4.73 35.68
N GLU B 213 48.32 -4.09 35.69
CA GLU B 213 48.45 -2.73 35.21
C GLU B 213 48.36 -2.69 33.68
N ARG B 214 48.89 -3.73 33.04
CA ARG B 214 48.89 -3.82 31.58
C ARG B 214 47.54 -4.23 30.98
N MET B 215 46.81 -5.10 31.69
CA MET B 215 45.51 -5.57 31.24
C MET B 215 44.31 -4.88 31.87
N ASP B 216 44.48 -4.43 33.12
CA ASP B 216 43.39 -3.79 33.86
C ASP B 216 42.23 -4.81 33.83
N PRO B 217 42.54 -6.07 34.22
CA PRO B 217 41.56 -7.15 34.25
C PRO B 217 40.44 -6.94 35.25
N VAL B 218 39.25 -7.45 34.90
CA VAL B 218 38.09 -7.34 35.77
C VAL B 218 38.24 -8.37 36.89
N TYR B 219 39.11 -9.35 36.67
CA TYR B 219 39.40 -10.38 37.67
C TYR B 219 40.54 -11.26 37.19
N MET B 220 41.10 -12.05 38.11
CA MET B 220 42.18 -12.98 37.80
C MET B 220 41.55 -14.36 37.89
N ALA B 221 41.86 -15.24 36.94
CA ALA B 221 41.24 -16.56 36.90
C ALA B 221 42.15 -17.76 36.78
N VAL B 222 41.60 -18.92 37.13
CA VAL B 222 42.31 -20.19 37.04
C VAL B 222 41.31 -21.34 37.07
N SER B 223 41.56 -22.36 36.24
CA SER B 223 40.69 -23.53 36.22
C SER B 223 41.46 -24.59 37.01
N LEU B 224 40.74 -25.26 37.92
CA LEU B 224 41.34 -26.25 38.80
C LEU B 224 40.77 -27.66 38.68
N PRO B 225 41.57 -28.67 39.07
CA PRO B 225 41.16 -30.08 39.01
C PRO B 225 40.26 -30.45 40.20
N PRO B 226 39.59 -31.61 40.10
CA PRO B 226 38.69 -32.07 41.17
C PRO B 226 39.43 -32.25 42.49
N THR B 227 40.72 -32.53 42.42
CA THR B 227 41.54 -32.73 43.61
C THR B 227 41.98 -31.43 44.29
N PHE B 228 41.56 -30.29 43.76
CA PHE B 228 41.94 -29.01 44.35
C PHE B 228 41.76 -28.97 45.87
N SER B 229 42.81 -28.52 46.56
CA SER B 229 42.80 -28.42 48.01
C SER B 229 43.47 -27.12 48.45
N PHE B 230 43.08 -26.65 49.63
CA PHE B 230 43.66 -25.44 50.21
C PHE B 230 43.19 -25.26 51.66
N PRO B 231 44.12 -24.93 52.56
CA PRO B 231 45.55 -24.73 52.30
C PRO B 231 46.23 -25.97 51.72
N GLU B 232 47.42 -25.79 51.16
CA GLU B 232 48.16 -26.90 50.61
C GLU B 232 49.62 -26.53 50.44
N GLU B 233 50.51 -27.39 50.94
CA GLU B 233 51.94 -27.12 50.81
C GLU B 233 52.39 -27.54 49.43
N SER B 234 52.14 -26.67 48.46
CA SER B 234 52.52 -26.90 47.08
C SER B 234 52.77 -25.54 46.47
N ASN B 235 53.19 -25.50 45.22
CA ASN B 235 53.43 -24.22 44.56
C ASN B 235 52.10 -23.47 44.43
N ARG B 236 51.04 -24.15 44.02
CA ARG B 236 49.73 -23.51 43.88
C ARG B 236 49.27 -22.96 45.23
N GLY B 237 49.29 -23.81 46.26
CA GLY B 237 48.88 -23.39 47.58
C GLY B 237 49.65 -22.21 48.12
N ARG B 238 50.97 -22.21 47.92
CA ARG B 238 51.81 -21.13 48.41
C ARG B 238 51.66 -19.84 47.60
N ILE B 239 51.64 -19.96 46.28
CA ILE B 239 51.47 -18.79 45.40
C ILE B 239 50.14 -18.09 45.70
N ILE B 240 49.07 -18.87 45.87
CA ILE B 240 47.75 -18.32 46.17
C ILE B 240 47.75 -17.61 47.52
N ARG B 241 48.30 -18.27 48.52
CA ARG B 241 48.35 -17.72 49.88
C ARG B 241 49.20 -16.45 50.01
N ASP B 242 50.44 -16.52 49.51
CA ASP B 242 51.35 -15.38 49.62
C ASP B 242 51.37 -14.34 48.52
N CYS B 243 50.87 -14.68 47.34
CA CYS B 243 50.90 -13.72 46.24
C CYS B 243 49.53 -13.29 45.70
N LEU B 244 48.82 -14.25 45.09
CA LEU B 244 47.51 -14.01 44.48
C LEU B 244 46.53 -13.28 45.39
N LEU B 245 46.20 -13.87 46.53
CA LEU B 245 45.23 -13.26 47.44
C LEU B 245 45.63 -11.86 47.91
N PRO B 246 46.83 -11.70 48.49
CA PRO B 246 47.18 -10.34 48.92
C PRO B 246 47.14 -9.33 47.77
N VAL B 247 47.63 -9.72 46.59
CA VAL B 247 47.61 -8.81 45.44
C VAL B 247 46.16 -8.52 45.02
N ALA B 248 45.31 -9.54 45.06
CA ALA B 248 43.91 -9.37 44.67
C ALA B 248 43.17 -8.44 45.64
N GLU B 249 43.49 -8.54 46.93
CA GLU B 249 42.85 -7.68 47.92
C GLU B 249 43.25 -6.22 47.76
N LYS B 250 44.54 -5.99 47.50
CA LYS B 250 45.05 -4.63 47.34
C LYS B 250 44.37 -3.91 46.19
N HIS B 251 44.22 -4.60 45.05
CA HIS B 251 43.57 -3.99 43.89
C HIS B 251 42.07 -4.27 43.89
N ASN B 252 41.56 -4.86 44.97
CA ASN B 252 40.14 -5.16 45.10
C ASN B 252 39.67 -5.93 43.86
N ILE B 253 40.48 -6.89 43.44
CA ILE B 253 40.17 -7.69 42.26
C ILE B 253 39.74 -9.10 42.63
N PRO B 254 38.54 -9.51 42.21
CA PRO B 254 38.07 -10.86 42.54
C PRO B 254 38.94 -11.95 41.94
N PHE B 255 38.91 -13.12 42.57
CA PHE B 255 39.66 -14.28 42.13
C PHE B 255 38.64 -15.32 41.65
N ALA B 256 38.65 -15.61 40.35
CA ALA B 256 37.71 -16.57 39.79
C ALA B 256 38.31 -17.97 39.69
N MET B 257 37.62 -18.95 40.28
CA MET B 257 38.06 -20.33 40.28
C MET B 257 37.04 -21.21 39.57
N MET B 258 37.44 -21.83 38.47
CA MET B 258 36.56 -22.73 37.73
C MET B 258 37.10 -24.11 38.05
N ILE B 259 36.42 -24.74 39.01
CA ILE B 259 36.81 -26.03 39.56
C ILE B 259 36.17 -27.30 39.01
N GLY B 260 36.97 -28.36 38.86
CA GLY B 260 36.43 -29.63 38.41
C GLY B 260 36.92 -30.28 37.13
N VAL B 261 37.69 -29.57 36.32
CA VAL B 261 38.16 -30.16 35.07
C VAL B 261 39.38 -31.07 35.21
N LYS B 262 39.36 -32.21 34.53
CA LYS B 262 40.48 -33.15 34.54
C LYS B 262 41.05 -33.04 33.13
N LYS B 263 42.21 -32.43 33.01
CA LYS B 263 42.87 -32.21 31.73
C LYS B 263 43.38 -33.42 30.97
N ARG B 264 43.26 -33.35 29.66
CA ARG B 264 43.74 -34.38 28.74
C ARG B 264 43.56 -35.85 29.10
N VAL B 265 42.34 -36.30 29.36
CA VAL B 265 42.15 -37.72 29.67
C VAL B 265 42.22 -38.48 28.32
N HIS B 266 42.02 -37.74 27.23
CA HIS B 266 42.11 -38.31 25.89
C HIS B 266 42.92 -37.32 25.06
N PRO B 267 44.25 -37.33 25.21
CA PRO B 267 45.22 -36.47 24.52
C PRO B 267 44.98 -36.18 23.05
N ALA B 268 44.74 -37.22 22.26
CA ALA B 268 44.54 -37.05 20.82
C ALA B 268 43.35 -36.17 20.43
N LEU B 269 42.39 -35.98 21.33
CA LEU B 269 41.22 -35.15 21.03
C LEU B 269 41.49 -33.66 21.19
N GLY B 270 42.70 -33.32 21.66
CA GLY B 270 43.05 -31.93 21.84
C GLY B 270 42.12 -31.27 22.85
N ASP B 271 41.64 -30.07 22.51
CA ASP B 271 40.75 -29.32 23.39
C ASP B 271 39.47 -30.08 23.76
N ALA B 272 39.14 -31.09 22.98
CA ALA B 272 37.94 -31.89 23.23
C ALA B 272 38.27 -33.12 24.08
N GLY B 273 39.45 -33.13 24.70
CA GLY B 273 39.84 -34.28 25.49
C GLY B 273 39.83 -34.13 27.00
N ASP B 274 39.20 -33.08 27.53
CA ASP B 274 39.15 -32.87 28.97
C ASP B 274 37.91 -33.55 29.58
N PHE B 275 38.06 -34.01 30.83
CA PHE B 275 36.99 -34.70 31.52
C PHE B 275 36.58 -33.90 32.77
N VAL B 276 35.75 -34.50 33.63
CA VAL B 276 35.27 -33.84 34.84
C VAL B 276 35.29 -34.75 36.06
N GLY B 277 35.36 -34.15 37.25
CA GLY B 277 35.35 -34.91 38.47
C GLY B 277 34.77 -34.06 39.60
N LYS B 278 34.12 -34.68 40.58
CA LYS B 278 33.54 -33.94 41.69
C LYS B 278 34.64 -33.44 42.63
N ALA B 279 34.55 -32.20 43.08
CA ALA B 279 35.56 -31.65 43.97
C ALA B 279 35.07 -31.56 45.40
N SER B 280 36.02 -31.40 46.32
CA SER B 280 35.71 -31.23 47.74
C SER B 280 35.43 -29.74 47.85
N MET B 281 34.54 -29.36 48.78
CA MET B 281 34.22 -27.95 48.97
C MET B 281 35.12 -27.34 50.04
N ASP B 282 35.87 -28.20 50.73
CA ASP B 282 36.77 -27.78 51.80
C ASP B 282 37.68 -26.61 51.43
N GLY B 283 38.37 -26.74 50.31
CA GLY B 283 39.25 -25.69 49.86
C GLY B 283 38.56 -24.36 49.65
N VAL B 284 37.39 -24.39 49.01
CA VAL B 284 36.63 -23.16 48.75
C VAL B 284 36.06 -22.59 50.05
N GLU B 285 35.66 -23.48 50.95
CA GLU B 285 35.11 -23.08 52.23
C GLU B 285 36.17 -22.32 53.02
N HIS B 286 37.38 -22.88 53.04
CA HIS B 286 38.50 -22.27 53.74
C HIS B 286 38.83 -20.88 53.19
N LEU B 287 38.95 -20.77 51.88
CA LEU B 287 39.27 -19.50 51.25
C LEU B 287 38.28 -18.39 51.58
N LEU B 288 36.99 -18.71 51.57
CA LEU B 288 35.93 -17.73 51.84
C LEU B 288 35.93 -17.27 53.28
N ARG B 289 36.10 -18.21 54.21
CA ARG B 289 36.12 -17.89 55.62
C ARG B 289 37.42 -17.21 56.07
N GLU B 290 38.56 -17.73 55.63
CA GLU B 290 39.85 -17.19 56.03
C GLU B 290 40.30 -15.91 55.33
N TYR B 291 39.71 -15.60 54.17
CA TYR B 291 40.06 -14.40 53.43
C TYR B 291 38.80 -13.60 53.11
N PRO B 292 38.15 -13.02 54.13
CA PRO B 292 36.93 -12.23 54.01
C PRO B 292 37.07 -10.91 53.25
N ASN B 293 38.29 -10.44 53.06
CA ASN B 293 38.50 -9.19 52.34
C ASN B 293 38.82 -9.45 50.87
N ASN B 294 38.71 -10.71 50.45
CA ASN B 294 38.95 -11.08 49.06
C ASN B 294 37.62 -11.50 48.45
N LYS B 295 37.44 -11.24 47.16
CA LYS B 295 36.21 -11.60 46.47
C LYS B 295 36.48 -12.80 45.57
N PHE B 296 35.60 -13.79 45.62
CA PHE B 296 35.76 -15.00 44.82
C PHE B 296 34.59 -15.27 43.86
N LEU B 297 34.92 -15.57 42.61
CA LEU B 297 33.91 -15.90 41.61
C LEU B 297 34.08 -17.40 41.38
N VAL B 298 33.03 -18.17 41.59
CA VAL B 298 33.13 -19.61 41.42
C VAL B 298 32.06 -20.24 40.56
N THR B 299 32.49 -21.23 39.79
CA THR B 299 31.63 -22.03 38.95
C THR B 299 32.29 -23.40 39.01
N MET B 300 31.49 -24.47 39.10
CA MET B 300 32.07 -25.80 39.18
C MET B 300 31.59 -26.69 38.04
N LEU B 301 32.41 -27.67 37.67
CA LEU B 301 32.10 -28.53 36.52
C LEU B 301 31.22 -29.76 36.76
N SER B 302 31.27 -30.30 37.97
CA SER B 302 30.49 -31.49 38.33
C SER B 302 29.04 -31.19 38.70
N ARG B 303 28.10 -31.93 38.12
CA ARG B 303 26.68 -31.76 38.43
C ARG B 303 26.50 -31.95 39.93
N GLU B 304 27.26 -32.90 40.48
CA GLU B 304 27.20 -33.24 41.90
C GLU B 304 27.73 -32.19 42.88
N ASN B 305 28.34 -31.11 42.35
CA ASN B 305 28.88 -30.04 43.19
C ASN B 305 27.90 -28.84 43.26
N GLN B 306 27.00 -28.76 42.30
CA GLN B 306 26.08 -27.62 42.21
C GLN B 306 25.22 -27.24 43.41
N HIS B 307 24.56 -28.21 44.04
CA HIS B 307 23.72 -27.87 45.19
C HIS B 307 24.51 -27.35 46.38
N GLU B 308 25.56 -28.06 46.78
CA GLU B 308 26.37 -27.62 47.91
C GLU B 308 27.08 -26.29 47.65
N LEU B 309 27.36 -25.98 46.39
CA LEU B 309 27.99 -24.71 46.05
C LEU B 309 27.00 -23.59 46.35
N VAL B 310 25.73 -23.84 46.02
CA VAL B 310 24.70 -22.85 46.28
C VAL B 310 24.62 -22.62 47.78
N VAL B 311 24.65 -23.71 48.54
CA VAL B 311 24.56 -23.60 49.99
C VAL B 311 25.74 -22.82 50.55
N LEU B 312 26.92 -23.03 49.96
CA LEU B 312 28.12 -22.34 50.41
C LEU B 312 27.95 -20.85 50.17
N ALA B 313 27.28 -20.49 49.08
CA ALA B 313 27.05 -19.08 48.78
C ALA B 313 26.14 -18.46 49.84
N ARG B 314 25.30 -19.30 50.46
CA ARG B 314 24.40 -18.82 51.50
C ARG B 314 25.21 -18.46 52.73
N LYS B 315 26.33 -19.16 52.92
CA LYS B 315 27.19 -18.93 54.07
C LYS B 315 28.11 -17.71 53.95
N PHE B 316 28.68 -17.51 52.76
CA PHE B 316 29.63 -16.43 52.54
C PHE B 316 29.30 -15.41 51.45
N SER B 317 29.08 -14.17 51.87
CA SER B 317 28.76 -13.09 50.96
C SER B 317 29.93 -12.72 50.04
N ASN B 318 31.13 -13.18 50.37
CA ASN B 318 32.29 -12.88 49.53
C ASN B 318 32.42 -13.89 48.41
N LEU B 319 31.39 -14.72 48.27
CA LEU B 319 31.33 -15.71 47.21
C LEU B 319 30.20 -15.34 46.24
N MET B 320 30.54 -15.29 44.96
CA MET B 320 29.57 -14.99 43.93
C MET B 320 29.67 -16.15 42.95
N ILE B 321 28.64 -16.98 42.89
CA ILE B 321 28.69 -18.12 41.98
C ILE B 321 28.19 -17.66 40.62
N PHE B 322 28.75 -18.24 39.56
CA PHE B 322 28.35 -17.84 38.23
C PHE B 322 28.25 -18.96 37.20
N GLY B 323 27.36 -18.75 36.24
CA GLY B 323 27.15 -19.65 35.12
C GLY B 323 26.93 -21.14 35.30
N CYS B 324 26.70 -21.77 34.14
CA CYS B 324 26.49 -23.20 34.01
C CYS B 324 27.59 -23.59 33.03
N TRP B 325 28.74 -23.91 33.59
CA TRP B 325 29.94 -24.23 32.84
C TRP B 325 30.12 -25.56 32.09
N TRP B 326 30.47 -25.44 30.81
CA TRP B 326 30.83 -26.60 30.00
C TRP B 326 29.80 -27.74 29.96
N PHE B 327 30.08 -28.81 30.71
CA PHE B 327 29.21 -29.97 30.78
C PHE B 327 27.94 -29.68 31.59
N MET B 328 27.88 -28.48 32.17
CA MET B 328 26.70 -28.04 32.92
C MET B 328 25.82 -27.21 31.98
N ASN B 329 26.41 -26.75 30.89
CA ASN B 329 25.72 -25.91 29.92
C ASN B 329 24.74 -26.66 29.00
N ASN B 330 23.87 -27.44 29.61
CA ASN B 330 22.86 -28.20 28.88
C ASN B 330 21.51 -27.89 29.55
N PRO B 331 20.47 -27.63 28.76
CA PRO B 331 19.13 -27.31 29.28
C PRO B 331 18.69 -27.99 30.56
N GLU B 332 18.84 -29.32 30.63
CA GLU B 332 18.43 -30.08 31.82
C GLU B 332 19.17 -29.60 33.07
N ILE B 333 20.47 -29.36 32.93
CA ILE B 333 21.28 -28.91 34.05
C ILE B 333 21.12 -27.42 34.30
N ILE B 334 21.06 -26.63 33.23
CA ILE B 334 20.88 -25.18 33.40
C ILE B 334 19.58 -24.92 34.16
N ASN B 335 18.53 -25.65 33.82
CA ASN B 335 17.25 -25.47 34.48
C ASN B 335 17.30 -25.81 35.96
N GLU B 336 17.81 -26.99 36.30
CA GLU B 336 17.88 -27.37 37.71
C GLU B 336 18.83 -26.48 38.51
N MET B 337 19.94 -26.08 37.89
CA MET B 337 20.89 -25.22 38.58
C MET B 337 20.27 -23.87 38.88
N THR B 338 19.73 -23.23 37.85
CA THR B 338 19.10 -21.92 37.98
C THR B 338 17.97 -21.94 39.02
N ARG B 339 17.18 -23.00 39.05
CA ARG B 339 16.09 -23.10 40.03
C ARG B 339 16.61 -23.28 41.46
N MET B 340 17.63 -24.11 41.66
CA MET B 340 18.18 -24.32 43.00
C MET B 340 18.78 -23.01 43.51
N ARG B 341 19.45 -22.31 42.60
CA ARG B 341 20.09 -21.04 42.94
C ARG B 341 19.09 -19.96 43.34
N MET B 342 18.07 -19.74 42.51
CA MET B 342 17.08 -18.71 42.82
C MET B 342 16.30 -19.04 44.09
N GLU B 343 16.04 -20.33 44.31
CA GLU B 343 15.30 -20.75 45.48
C GLU B 343 16.04 -20.50 46.79
N MET B 344 17.37 -20.63 46.77
CA MET B 344 18.15 -20.39 48.00
C MET B 344 18.93 -19.08 48.01
N LEU B 345 19.01 -18.37 46.88
CA LEU B 345 19.75 -17.12 46.81
C LEU B 345 18.99 -15.92 46.24
N GLY B 346 17.72 -16.12 45.87
CA GLY B 346 16.97 -15.02 45.31
C GLY B 346 17.59 -14.58 43.99
N THR B 347 18.01 -13.32 43.91
CA THR B 347 18.65 -12.82 42.70
C THR B 347 20.13 -12.53 42.91
N SER B 348 20.69 -12.98 44.04
CA SER B 348 22.09 -12.72 44.32
C SER B 348 23.11 -13.67 43.71
N PHE B 349 23.05 -13.86 42.40
CA PHE B 349 24.00 -14.71 41.70
C PHE B 349 24.07 -14.34 40.23
N ILE B 350 25.00 -14.95 39.50
CA ILE B 350 25.16 -14.70 38.08
C ILE B 350 24.80 -16.01 37.41
N PRO B 351 23.56 -16.11 36.91
CA PRO B 351 23.09 -17.34 36.25
C PRO B 351 23.86 -17.91 35.07
N GLN B 352 24.47 -17.07 34.23
CA GLN B 352 25.15 -17.62 33.06
C GLN B 352 26.24 -16.77 32.41
N HIS B 353 27.09 -17.45 31.64
CA HIS B 353 28.16 -16.84 30.84
C HIS B 353 28.16 -17.75 29.60
N SER B 354 28.62 -17.27 28.46
CA SER B 354 28.58 -18.09 27.25
C SER B 354 29.76 -19.03 27.00
N ASP B 355 30.94 -18.63 27.44
CA ASP B 355 32.15 -19.43 27.23
C ASP B 355 32.43 -19.54 25.71
N ALA B 356 31.93 -18.58 24.94
CA ALA B 356 32.10 -18.60 23.49
C ALA B 356 33.56 -18.65 23.01
N ARG B 357 33.83 -19.58 22.08
CA ARG B 357 35.16 -19.73 21.50
C ARG B 357 35.08 -19.22 20.07
N VAL B 358 33.85 -19.21 19.54
CA VAL B 358 33.58 -18.74 18.19
C VAL B 358 32.55 -17.62 18.33
N LEU B 359 32.83 -16.49 17.70
CA LEU B 359 31.98 -15.31 17.75
C LEU B 359 30.46 -15.51 17.69
N GLU B 360 29.99 -16.19 16.63
CA GLU B 360 28.56 -16.42 16.44
C GLU B 360 27.86 -17.16 17.59
N GLN B 361 28.62 -17.87 18.41
CA GLN B 361 28.04 -18.62 19.52
C GLN B 361 27.30 -17.75 20.53
N LEU B 362 27.61 -16.45 20.54
CA LEU B 362 26.94 -15.55 21.47
C LEU B 362 25.44 -15.56 21.19
N ILE B 363 25.07 -15.77 19.93
CA ILE B 363 23.67 -15.80 19.56
C ILE B 363 22.95 -16.97 20.24
N TYR B 364 23.42 -18.20 19.99
CA TYR B 364 22.76 -19.36 20.58
C TYR B 364 22.97 -19.53 22.07
N LYS B 365 24.18 -19.29 22.56
CA LYS B 365 24.44 -19.42 23.99
C LYS B 365 23.41 -18.63 24.77
N TRP B 366 23.28 -17.33 24.44
CA TRP B 366 22.32 -16.47 25.14
C TRP B 366 20.85 -16.71 24.83
N HIS B 367 20.54 -17.04 23.58
CA HIS B 367 19.13 -17.29 23.24
C HIS B 367 18.66 -18.54 24.01
N HIS B 368 19.44 -19.61 23.97
CA HIS B 368 19.09 -20.84 24.66
C HIS B 368 18.97 -20.63 26.17
N SER B 369 19.90 -19.86 26.74
CA SER B 369 19.90 -19.63 28.18
C SER B 369 18.81 -18.66 28.62
N LYS B 370 18.64 -17.56 27.91
CA LYS B 370 17.62 -16.60 28.28
C LYS B 370 16.22 -17.22 28.32
N SER B 371 15.91 -18.10 27.37
CA SER B 371 14.59 -18.71 27.37
C SER B 371 14.37 -19.51 28.66
N ILE B 372 15.42 -20.19 29.12
CA ILE B 372 15.32 -20.97 30.36
C ILE B 372 15.26 -20.09 31.60
N ILE B 373 16.08 -19.05 31.64
CA ILE B 373 16.07 -18.15 32.79
C ILE B 373 14.74 -17.40 32.87
N ALA B 374 14.16 -17.08 31.72
CA ALA B 374 12.87 -16.39 31.70
C ALA B 374 11.81 -17.28 32.31
N GLU B 375 11.85 -18.57 31.95
CA GLU B 375 10.91 -19.56 32.47
C GLU B 375 10.96 -19.65 33.98
N VAL B 376 12.17 -19.71 34.52
CA VAL B 376 12.33 -19.80 35.98
C VAL B 376 11.81 -18.54 36.65
N LEU B 377 12.14 -17.38 36.08
CA LEU B 377 11.69 -16.11 36.64
C LEU B 377 10.17 -16.05 36.64
N ILE B 378 9.56 -16.39 35.51
CA ILE B 378 8.10 -16.38 35.43
C ILE B 378 7.49 -17.23 36.55
N ASP B 379 7.98 -18.46 36.73
CA ASP B 379 7.48 -19.33 37.78
C ASP B 379 7.64 -18.73 39.17
N LYS B 380 8.81 -18.16 39.46
CA LYS B 380 9.04 -17.59 40.77
C LYS B 380 8.21 -16.32 41.00
N TYR B 381 8.09 -15.47 39.98
CA TYR B 381 7.29 -14.26 40.13
C TYR B 381 5.84 -14.68 40.32
N ASP B 382 5.43 -15.70 39.58
CA ASP B 382 4.06 -16.17 39.65
C ASP B 382 3.76 -16.74 41.02
N ASP B 383 4.71 -17.45 41.62
CA ASP B 383 4.49 -18.01 42.94
C ASP B 383 4.21 -16.92 43.98
N ILE B 384 4.94 -15.82 43.93
CA ILE B 384 4.67 -14.78 44.90
C ILE B 384 3.39 -14.04 44.51
N LEU B 385 3.13 -13.94 43.22
CA LEU B 385 1.91 -13.29 42.76
C LEU B 385 0.73 -14.03 43.39
N GLN B 386 0.82 -15.36 43.41
CA GLN B 386 -0.24 -16.19 43.99
C GLN B 386 -0.37 -15.91 45.48
N ALA B 387 0.71 -15.49 46.11
CA ALA B 387 0.69 -15.17 47.54
C ALA B 387 0.10 -13.78 47.75
N GLY B 388 -0.09 -13.03 46.67
CA GLY B 388 -0.66 -11.70 46.80
C GLY B 388 0.29 -10.56 46.48
N TRP B 389 1.56 -10.88 46.26
CA TRP B 389 2.55 -9.87 45.95
C TRP B 389 2.44 -9.48 44.48
N GLU B 390 2.47 -8.18 44.21
CA GLU B 390 2.39 -7.73 42.82
C GLU B 390 3.62 -6.90 42.49
N VAL B 391 4.42 -7.40 41.56
CA VAL B 391 5.64 -6.72 41.14
C VAL B 391 5.30 -5.69 40.07
N THR B 392 6.17 -4.70 39.89
CA THR B 392 5.96 -3.70 38.85
C THR B 392 6.91 -4.06 37.73
N GLU B 393 6.62 -3.58 36.53
CA GLU B 393 7.48 -3.88 35.39
C GLU B 393 8.89 -3.35 35.62
N GLU B 394 9.00 -2.27 36.38
CA GLU B 394 10.30 -1.66 36.65
C GLU B 394 11.12 -2.54 37.59
N GLU B 395 10.45 -3.18 38.55
CA GLU B 395 11.15 -4.05 39.49
C GLU B 395 11.67 -5.27 38.74
N ILE B 396 10.91 -5.72 37.75
CA ILE B 396 11.33 -6.86 36.94
C ILE B 396 12.58 -6.49 36.14
N LYS B 397 12.59 -5.32 35.51
CA LYS B 397 13.74 -4.88 34.72
C LYS B 397 14.96 -4.73 35.60
N ARG B 398 14.73 -4.36 36.85
CA ARG B 398 15.78 -4.19 37.84
C ARG B 398 16.39 -5.56 38.16
N ASP B 399 15.52 -6.52 38.50
CA ASP B 399 15.98 -7.88 38.84
C ASP B 399 16.72 -8.49 37.65
N VAL B 400 16.13 -8.38 36.47
CA VAL B 400 16.73 -8.94 35.27
C VAL B 400 18.09 -8.29 35.00
N ALA B 401 18.18 -6.99 35.22
CA ALA B 401 19.44 -6.28 35.00
C ALA B 401 20.51 -6.80 35.96
N ASP B 402 20.10 -7.07 37.20
CA ASP B 402 21.02 -7.59 38.20
C ASP B 402 21.62 -8.92 37.77
N LEU B 403 20.76 -9.82 37.30
CA LEU B 403 21.19 -11.15 36.88
C LEU B 403 22.12 -11.20 35.66
N PHE B 404 21.79 -10.44 34.63
CA PHE B 404 22.57 -10.43 33.39
C PHE B 404 23.71 -9.43 33.27
N SER B 405 23.87 -8.55 34.25
CA SER B 405 24.92 -7.55 34.15
C SER B 405 25.35 -6.87 35.45
N ARG B 406 24.40 -6.30 36.17
CA ARG B 406 24.71 -5.57 37.41
C ARG B 406 25.38 -6.34 38.54
N ASN B 407 24.99 -7.59 38.77
CA ASN B 407 25.61 -8.37 39.85
C ASN B 407 27.11 -8.53 39.61
N PHE B 408 27.51 -8.71 38.36
CA PHE B 408 28.92 -8.89 38.00
C PHE B 408 29.75 -7.62 38.19
N TRP B 409 29.32 -6.51 37.59
CA TRP B 409 30.04 -5.24 37.71
C TRP B 409 30.09 -4.73 39.14
N ARG B 410 28.99 -4.89 39.86
CA ARG B 410 28.96 -4.47 41.25
C ARG B 410 29.92 -5.33 42.06
N PHE B 411 29.97 -6.63 41.75
CA PHE B 411 30.86 -7.53 42.48
C PHE B 411 32.34 -7.22 42.22
N VAL B 412 32.70 -7.07 40.94
CA VAL B 412 34.08 -6.77 40.60
C VAL B 412 34.45 -5.34 40.98
N GLY B 413 33.43 -4.52 41.23
CA GLY B 413 33.66 -3.14 41.61
C GLY B 413 33.99 -2.25 40.42
N ARG B 414 33.20 -2.36 39.36
CA ARG B 414 33.41 -1.57 38.15
C ARG B 414 32.08 -1.09 37.57
N SER C 2 6.27 -30.40 5.54
CA SER C 2 7.01 -30.10 6.81
C SER C 2 6.14 -30.41 8.02
N ILE C 3 6.72 -30.25 9.21
CA ILE C 3 6.00 -30.48 10.45
C ILE C 3 5.78 -29.08 11.02
N ASN C 4 4.58 -28.56 10.79
CA ASN C 4 4.20 -27.21 11.16
C ASN C 4 3.91 -26.90 12.62
N SER C 5 3.64 -27.92 13.44
CA SER C 5 3.35 -27.65 14.84
C SER C 5 3.83 -28.75 15.76
N ARG C 6 4.00 -28.40 17.03
CA ARG C 6 4.47 -29.34 18.03
C ARG C 6 3.46 -30.48 18.22
N GLU C 7 2.17 -30.15 18.11
CA GLU C 7 1.15 -31.17 18.27
C GLU C 7 1.26 -32.26 17.21
N VAL C 8 1.49 -31.87 15.97
CA VAL C 8 1.65 -32.86 14.91
C VAL C 8 2.97 -33.59 15.15
N LEU C 9 4.00 -32.84 15.51
CA LEU C 9 5.30 -33.44 15.79
C LEU C 9 5.16 -34.56 16.81
N ALA C 10 4.44 -34.26 17.89
CA ALA C 10 4.24 -35.21 18.96
C ALA C 10 3.61 -36.52 18.46
N GLU C 11 2.55 -36.39 17.68
CA GLU C 11 1.86 -37.56 17.12
C GLU C 11 2.80 -38.37 16.25
N LYS C 12 3.57 -37.69 15.40
CA LYS C 12 4.54 -38.33 14.51
C LYS C 12 5.60 -39.09 15.33
N VAL C 13 6.18 -38.40 16.30
CA VAL C 13 7.21 -38.99 17.15
C VAL C 13 6.66 -40.19 17.92
N LYS C 14 5.51 -40.01 18.54
CA LYS C 14 4.92 -41.10 19.32
C LYS C 14 4.64 -42.31 18.43
N ASN C 15 4.17 -42.07 17.21
CA ASN C 15 3.88 -43.20 16.32
C ASN C 15 5.17 -43.92 15.92
N ALA C 16 6.22 -43.16 15.62
CA ALA C 16 7.50 -43.74 15.23
C ALA C 16 8.07 -44.59 16.38
N VAL C 17 8.11 -44.02 17.57
CA VAL C 17 8.60 -44.74 18.74
C VAL C 17 7.79 -46.01 19.01
N ASN C 18 6.48 -45.90 18.99
CA ASN C 18 5.62 -47.07 19.24
C ASN C 18 5.74 -48.17 18.19
N ASN C 19 5.88 -47.78 16.92
CA ASN C 19 5.98 -48.74 15.82
C ASN C 19 7.36 -49.37 15.65
N GLN C 20 8.39 -48.76 16.23
CA GLN C 20 9.75 -49.26 16.11
C GLN C 20 10.04 -50.55 16.90
N PRO C 21 10.42 -51.64 16.20
CA PRO C 21 10.72 -52.90 16.87
C PRO C 21 11.92 -52.70 17.79
N VAL C 22 11.81 -53.21 19.00
CA VAL C 22 12.87 -53.05 20.00
C VAL C 22 13.82 -54.23 20.13
N THR C 23 15.11 -53.92 20.28
CA THR C 23 16.10 -54.95 20.56
C THR C 23 16.41 -54.64 22.01
N ASP C 24 16.04 -55.55 22.90
CA ASP C 24 16.24 -55.40 24.34
C ASP C 24 17.60 -56.01 24.64
N MET C 25 18.65 -55.18 24.71
CA MET C 25 20.00 -55.67 24.93
C MET C 25 20.47 -56.19 26.28
N HIS C 26 19.56 -56.29 27.24
CA HIS C 26 19.87 -56.88 28.54
C HIS C 26 18.60 -57.29 29.29
N THR C 27 18.43 -58.60 29.47
CA THR C 27 17.28 -59.14 30.17
C THR C 27 17.71 -60.41 30.91
N HIS C 28 16.80 -60.92 31.73
CA HIS C 28 17.05 -62.14 32.46
C HIS C 28 16.02 -63.16 31.97
N LEU C 29 15.70 -63.08 30.69
CA LEU C 29 14.74 -63.98 30.05
C LEU C 29 15.52 -65.04 29.26
N PHE C 30 14.83 -66.09 28.82
CA PHE C 30 15.44 -67.16 28.06
C PHE C 30 14.53 -67.65 26.94
N SER C 31 15.12 -68.16 25.88
CA SER C 31 14.34 -68.71 24.76
C SER C 31 13.46 -69.78 25.43
N PRO C 32 12.16 -69.81 25.11
CA PRO C 32 11.23 -70.78 25.69
C PRO C 32 11.66 -72.25 25.67
N ASN C 33 12.51 -72.63 24.72
CA ASN C 33 12.94 -74.02 24.64
C ASN C 33 13.87 -74.44 25.78
N PHE C 34 14.37 -73.48 26.56
CA PHE C 34 15.24 -73.80 27.68
C PHE C 34 14.40 -74.28 28.86
N GLY C 35 13.09 -74.18 28.72
CA GLY C 35 12.19 -74.64 29.78
C GLY C 35 11.77 -73.69 30.88
N GLU C 36 11.55 -74.28 32.05
CA GLU C 36 11.10 -73.56 33.25
C GLU C 36 11.91 -72.34 33.65
N ILE C 37 13.16 -72.26 33.19
CA ILE C 37 14.02 -71.13 33.53
C ILE C 37 13.42 -69.81 33.04
N LEU C 38 12.57 -69.89 32.00
CA LEU C 38 11.90 -68.70 31.49
C LEU C 38 10.67 -68.53 32.37
N LEU C 39 10.66 -67.46 33.16
CA LEU C 39 9.55 -67.21 34.07
C LEU C 39 8.45 -66.37 33.42
N TRP C 40 7.20 -66.72 33.70
CA TRP C 40 6.07 -65.96 33.16
C TRP C 40 4.78 -66.19 33.94
N ASP C 41 3.84 -65.26 33.74
CA ASP C 41 2.51 -65.23 34.34
C ASP C 41 2.38 -64.23 35.50
N ILE C 42 1.13 -63.97 35.88
CA ILE C 42 0.82 -63.02 36.94
C ILE C 42 1.46 -63.32 38.31
N ASP C 43 1.55 -64.60 38.68
CA ASP C 43 2.16 -64.92 39.97
C ASP C 43 3.65 -64.61 39.96
N GLU C 44 4.29 -64.77 38.81
CA GLU C 44 5.73 -64.46 38.68
C GLU C 44 5.92 -62.94 38.72
N LEU C 45 4.98 -62.22 38.09
CA LEU C 45 5.05 -60.77 38.05
C LEU C 45 4.95 -60.19 39.45
N LEU C 46 4.00 -60.72 40.23
CA LEU C 46 3.78 -60.27 41.59
C LEU C 46 4.90 -60.68 42.54
N THR C 47 5.69 -61.69 42.18
CA THR C 47 6.77 -62.13 43.05
C THR C 47 8.14 -61.64 42.60
N TYR C 48 8.15 -60.77 41.59
CA TYR C 48 9.39 -60.13 41.10
C TYR C 48 10.06 -59.58 42.37
N HIS C 49 11.38 -59.68 42.49
CA HIS C 49 12.01 -59.23 43.74
C HIS C 49 11.82 -57.76 44.08
N TYR C 50 11.50 -56.94 43.09
CA TYR C 50 11.25 -55.53 43.34
C TYR C 50 10.06 -55.44 44.30
N LEU C 51 9.02 -56.24 44.04
CA LEU C 51 7.84 -56.20 44.89
C LEU C 51 8.06 -56.87 46.23
N VAL C 52 9.03 -57.78 46.28
CA VAL C 52 9.37 -58.45 47.54
C VAL C 52 9.95 -57.39 48.48
N ALA C 53 10.88 -56.59 47.97
CA ALA C 53 11.46 -55.54 48.80
C ALA C 53 10.35 -54.62 49.28
N GLU C 54 9.49 -54.20 48.36
CA GLU C 54 8.40 -53.29 48.71
C GLU C 54 7.37 -53.85 49.69
N VAL C 55 6.99 -55.11 49.53
CA VAL C 55 6.00 -55.67 50.43
C VAL C 55 6.54 -55.81 51.87
N MET C 56 7.83 -56.08 52.00
CA MET C 56 8.41 -56.23 53.33
C MET C 56 8.36 -54.92 54.12
N ARG C 57 8.19 -53.80 53.44
CA ARG C 57 8.09 -52.51 54.12
C ARG C 57 6.72 -52.30 54.76
N TRP C 58 5.73 -53.09 54.33
CA TRP C 58 4.35 -52.98 54.83
C TRP C 58 3.84 -54.16 55.66
N THR C 59 4.08 -55.37 55.18
CA THR C 59 3.58 -56.59 55.83
C THR C 59 4.24 -56.97 57.15
N ASP C 60 3.44 -57.47 58.09
CA ASP C 60 3.96 -57.90 59.37
C ASP C 60 4.41 -59.37 59.27
N VAL C 61 4.27 -59.93 58.07
CA VAL C 61 4.69 -61.30 57.82
C VAL C 61 6.22 -61.26 57.71
N SER C 62 6.90 -62.18 58.39
CA SER C 62 8.36 -62.20 58.37
C SER C 62 8.93 -62.69 57.04
N ILE C 63 10.16 -62.26 56.75
CA ILE C 63 10.83 -62.65 55.51
C ILE C 63 10.97 -64.16 55.41
N GLU C 64 11.22 -64.82 56.54
CA GLU C 64 11.36 -66.27 56.53
C GLU C 64 10.02 -66.92 56.24
N ALA C 65 8.96 -66.38 56.82
CA ALA C 65 7.63 -66.92 56.59
C ALA C 65 7.28 -66.71 55.12
N PHE C 66 7.65 -65.55 54.59
CA PHE C 66 7.39 -65.24 53.20
C PHE C 66 7.98 -66.31 52.28
N TRP C 67 9.26 -66.60 52.46
CA TRP C 67 9.93 -67.59 51.62
C TRP C 67 9.33 -68.98 51.79
N ALA C 68 8.82 -69.27 53.00
CA ALA C 68 8.22 -70.57 53.27
C ALA C 68 6.85 -70.72 52.59
N MET C 69 6.28 -69.60 52.16
CA MET C 69 4.98 -69.64 51.48
C MET C 69 5.15 -70.16 50.05
N SER C 70 4.04 -70.62 49.47
CA SER C 70 4.07 -71.10 48.09
C SER C 70 4.09 -69.86 47.20
N LYS C 71 4.39 -70.05 45.92
CA LYS C 71 4.43 -68.96 44.97
C LYS C 71 3.09 -68.23 44.94
N ARG C 72 1.99 -68.98 45.01
CA ARG C 72 0.66 -68.40 44.99
C ARG C 72 0.33 -67.62 46.26
N GLU C 73 0.78 -68.11 47.41
CA GLU C 73 0.52 -67.41 48.68
C GLU C 73 1.34 -66.12 48.72
N GLN C 74 2.55 -66.16 48.16
CA GLN C 74 3.40 -64.98 48.12
C GLN C 74 2.72 -63.93 47.25
N ALA C 75 2.23 -64.38 46.10
CA ALA C 75 1.55 -63.50 45.15
C ALA C 75 0.31 -62.89 45.80
N ASP C 76 -0.45 -63.71 46.52
CA ASP C 76 -1.67 -63.23 47.19
C ASP C 76 -1.34 -62.16 48.21
N LEU C 77 -0.26 -62.39 48.97
CA LEU C 77 0.16 -61.45 50.00
C LEU C 77 0.56 -60.10 49.40
N ILE C 78 1.37 -60.15 48.35
CA ILE C 78 1.83 -58.93 47.71
C ILE C 78 0.66 -58.16 47.09
N TRP C 79 -0.21 -58.88 46.41
CA TRP C 79 -1.38 -58.27 45.79
C TRP C 79 -2.16 -57.51 46.86
N GLU C 80 -2.48 -58.20 47.94
CA GLU C 80 -3.22 -57.63 49.05
C GLU C 80 -2.53 -56.44 49.71
N GLU C 81 -1.27 -56.62 50.08
CA GLU C 81 -0.51 -55.57 50.76
C GLU C 81 -0.14 -54.36 49.93
N LEU C 82 0.23 -54.59 48.66
CA LEU C 82 0.65 -53.49 47.80
C LEU C 82 -0.39 -52.93 46.84
N PHE C 83 -1.47 -53.67 46.59
CA PHE C 83 -2.51 -53.23 45.67
C PHE C 83 -3.85 -52.91 46.33
N ILE C 84 -4.22 -53.70 47.32
CA ILE C 84 -5.49 -53.50 47.99
C ILE C 84 -5.40 -52.59 49.21
N LYS C 85 -4.44 -52.85 50.10
CA LYS C 85 -4.28 -52.07 51.31
C LYS C 85 -3.69 -50.67 51.10
N ARG C 86 -3.00 -50.47 49.98
CA ARG C 86 -2.44 -49.18 49.61
C ARG C 86 -2.52 -49.14 48.09
N SER C 87 -2.66 -47.96 47.51
CA SER C 87 -2.73 -47.85 46.06
C SER C 87 -1.40 -48.25 45.43
N PRO C 88 -1.45 -49.07 44.37
CA PRO C 88 -0.23 -49.53 43.69
C PRO C 88 0.44 -48.45 42.85
N VAL C 89 0.80 -47.34 43.50
CA VAL C 89 1.43 -46.23 42.80
C VAL C 89 2.91 -46.34 42.47
N SER C 90 3.64 -47.23 43.13
CA SER C 90 5.07 -47.37 42.83
C SER C 90 5.25 -47.77 41.38
N GLU C 91 6.46 -47.61 40.87
CA GLU C 91 6.75 -47.96 39.47
C GLU C 91 6.56 -49.46 39.22
N ALA C 92 7.08 -50.30 40.12
CA ALA C 92 6.95 -51.75 39.93
C ALA C 92 5.50 -52.24 40.00
N CYS C 93 4.71 -51.70 40.92
CA CYS C 93 3.31 -52.10 41.04
C CYS C 93 2.52 -51.59 39.84
N ARG C 94 2.89 -50.40 39.36
CA ARG C 94 2.25 -49.81 38.20
C ARG C 94 2.53 -50.71 36.98
N GLY C 95 3.77 -51.18 36.89
CA GLY C 95 4.15 -52.04 35.78
C GLY C 95 3.28 -53.28 35.69
N VAL C 96 2.97 -53.89 36.83
CA VAL C 96 2.13 -55.08 36.85
C VAL C 96 0.78 -54.78 36.21
N LEU C 97 0.24 -53.59 36.47
CA LEU C 97 -1.06 -53.23 35.91
C LEU C 97 -0.96 -53.03 34.40
N THR C 98 0.11 -52.40 33.95
CA THR C 98 0.30 -52.17 32.53
C THR C 98 0.33 -53.49 31.77
N CYS C 99 0.93 -54.52 32.38
CA CYS C 99 1.02 -55.84 31.75
C CYS C 99 -0.37 -56.45 31.64
N LEU C 100 -1.10 -56.45 32.75
CA LEU C 100 -2.44 -57.00 32.77
C LEU C 100 -3.29 -56.32 31.71
N GLN C 101 -3.20 -55.01 31.63
CA GLN C 101 -3.98 -54.25 30.64
C GLN C 101 -3.53 -54.59 29.22
N GLY C 102 -2.23 -54.67 29.03
CA GLY C 102 -1.70 -54.97 27.70
C GLY C 102 -2.14 -56.33 27.19
N LEU C 103 -2.35 -57.28 28.09
CA LEU C 103 -2.76 -58.62 27.70
C LEU C 103 -4.28 -58.74 27.50
N GLY C 104 -4.99 -57.63 27.61
CA GLY C 104 -6.43 -57.65 27.42
C GLY C 104 -7.19 -57.96 28.70
N LEU C 105 -6.50 -57.97 29.83
CA LEU C 105 -7.14 -58.23 31.11
C LEU C 105 -7.65 -56.92 31.69
N ASP C 106 -8.52 -56.99 32.68
CA ASP C 106 -9.11 -55.78 33.26
C ASP C 106 -8.74 -55.53 34.73
N PRO C 107 -7.79 -54.62 34.97
CA PRO C 107 -7.32 -54.26 36.31
C PRO C 107 -8.43 -53.70 37.19
N ALA C 108 -9.44 -53.11 36.56
CA ALA C 108 -10.56 -52.51 37.28
C ALA C 108 -11.28 -53.53 38.17
N THR C 109 -11.37 -54.77 37.70
CA THR C 109 -12.07 -55.82 38.45
C THR C 109 -11.28 -56.34 39.65
N ARG C 110 -9.96 -56.23 39.60
CA ARG C 110 -9.09 -56.73 40.67
C ARG C 110 -9.37 -58.22 40.90
N ASP C 111 -9.82 -58.88 39.85
CA ASP C 111 -10.14 -60.31 39.92
C ASP C 111 -8.89 -61.14 39.63
N LEU C 112 -8.05 -61.30 40.65
CA LEU C 112 -6.80 -62.05 40.50
C LEU C 112 -7.01 -63.48 40.00
N GLN C 113 -8.10 -64.12 40.44
CA GLN C 113 -8.38 -65.49 40.01
C GLN C 113 -8.61 -65.54 38.50
N VAL C 114 -9.28 -64.53 37.96
CA VAL C 114 -9.54 -64.50 36.53
C VAL C 114 -8.24 -64.22 35.77
N TYR C 115 -7.34 -63.42 36.34
CA TYR C 115 -6.08 -63.13 35.68
C TYR C 115 -5.28 -64.42 35.57
N ARG C 116 -5.25 -65.18 36.66
CA ARG C 116 -4.52 -66.45 36.67
C ARG C 116 -5.05 -67.42 35.62
N GLU C 117 -6.35 -67.36 35.35
CA GLU C 117 -6.96 -68.24 34.35
C GLU C 117 -6.45 -67.99 32.94
N TYR C 118 -6.11 -66.73 32.64
CA TYR C 118 -5.59 -66.38 31.32
C TYR C 118 -4.28 -67.10 31.00
N PHE C 119 -3.42 -67.21 32.00
CA PHE C 119 -2.12 -67.84 31.84
C PHE C 119 -2.18 -69.36 31.89
N ALA C 120 -3.08 -69.88 32.71
CA ALA C 120 -3.23 -71.32 32.86
C ALA C 120 -3.65 -72.05 31.58
N LYS C 121 -4.21 -71.31 30.63
CA LYS C 121 -4.66 -71.93 29.38
C LYS C 121 -3.78 -71.60 28.18
N LYS C 122 -2.48 -71.47 28.42
CA LYS C 122 -1.53 -71.17 27.35
C LYS C 122 -0.16 -71.79 27.63
N THR C 123 0.61 -72.00 26.58
CA THR C 123 1.94 -72.58 26.72
C THR C 123 2.97 -71.46 26.70
N SER C 124 4.19 -71.79 27.12
CA SER C 124 5.29 -70.83 27.16
C SER C 124 5.55 -70.26 25.76
N GLU C 125 5.56 -71.14 24.76
CA GLU C 125 5.79 -70.70 23.39
C GLU C 125 4.70 -69.73 22.93
N GLU C 126 3.46 -70.00 23.31
CA GLU C 126 2.36 -69.14 22.91
C GLU C 126 2.46 -67.80 23.61
N GLN C 127 2.86 -67.79 24.89
CA GLN C 127 2.97 -66.55 25.64
C GLN C 127 4.11 -65.65 25.17
N VAL C 128 5.24 -66.24 24.78
CA VAL C 128 6.33 -65.39 24.30
C VAL C 128 5.92 -64.77 22.97
N ASP C 129 5.15 -65.51 22.16
CA ASP C 129 4.68 -64.98 20.88
C ASP C 129 3.77 -63.78 21.15
N THR C 130 2.85 -63.94 22.10
CA THR C 130 1.90 -62.88 22.46
C THR C 130 2.62 -61.66 23.03
N VAL C 131 3.49 -61.88 24.01
CA VAL C 131 4.23 -60.78 24.63
C VAL C 131 5.17 -60.04 23.70
N LEU C 132 5.96 -60.77 22.92
CA LEU C 132 6.87 -60.13 21.98
C LEU C 132 6.11 -59.28 20.97
N GLN C 133 4.90 -59.70 20.61
CA GLN C 133 4.12 -58.94 19.66
C GLN C 133 3.56 -57.69 20.36
N LEU C 134 2.98 -57.87 21.54
CA LEU C 134 2.42 -56.75 22.30
C LEU C 134 3.49 -55.74 22.72
N ALA C 135 4.67 -56.23 23.11
CA ALA C 135 5.74 -55.34 23.51
C ALA C 135 6.51 -54.84 22.30
N ASN C 136 6.22 -55.43 21.13
CA ASN C 136 6.89 -55.07 19.90
C ASN C 136 8.41 -55.19 20.07
N VAL C 137 8.83 -56.31 20.65
CA VAL C 137 10.26 -56.61 20.86
C VAL C 137 10.66 -57.64 19.81
N SER C 138 11.62 -57.30 18.96
CA SER C 138 12.06 -58.21 17.92
C SER C 138 13.17 -59.13 18.41
N ASP C 139 14.08 -58.57 19.22
CA ASP C 139 15.23 -59.32 19.73
C ASP C 139 15.49 -59.13 21.21
N VAL C 140 15.66 -60.25 21.90
CA VAL C 140 15.91 -60.26 23.33
C VAL C 140 17.32 -60.78 23.64
N VAL C 141 18.08 -60.04 24.44
CA VAL C 141 19.40 -60.49 24.82
C VAL C 141 19.28 -61.05 26.23
N MET C 142 19.71 -62.30 26.39
CA MET C 142 19.64 -62.97 27.68
C MET C 142 20.90 -62.74 28.50
N THR C 143 20.89 -63.30 29.70
CA THR C 143 22.04 -63.26 30.60
C THR C 143 22.27 -64.74 30.86
N ASN C 144 23.33 -65.28 30.24
CA ASN C 144 23.64 -66.70 30.40
C ASN C 144 24.89 -66.90 31.23
N ASP C 145 24.70 -67.45 32.42
CA ASP C 145 25.79 -67.69 33.36
C ASP C 145 26.18 -69.16 33.41
N PRO C 146 27.31 -69.52 32.75
CA PRO C 146 27.79 -70.90 32.73
C PRO C 146 28.11 -71.48 34.10
N PHE C 147 28.31 -70.61 35.09
CA PHE C 147 28.64 -71.08 36.44
C PHE C 147 27.41 -71.57 37.19
N ASP C 148 26.23 -71.26 36.67
CA ASP C 148 25.00 -71.73 37.30
C ASP C 148 24.83 -73.15 36.77
N ASP C 149 24.69 -74.11 37.67
CA ASP C 149 24.54 -75.51 37.28
C ASP C 149 23.36 -75.75 36.36
N ASN C 150 22.20 -75.20 36.68
CA ASN C 150 21.01 -75.39 35.86
C ASN C 150 21.19 -74.79 34.46
N GLU C 151 21.81 -73.63 34.36
CA GLU C 151 22.00 -73.01 33.05
C GLU C 151 23.05 -73.75 32.22
N ARG C 152 24.18 -74.07 32.85
CA ARG C 152 25.27 -74.76 32.17
C ARG C 152 24.83 -76.08 31.54
N ILE C 153 24.15 -76.92 32.30
CA ILE C 153 23.70 -78.22 31.81
C ILE C 153 22.86 -78.09 30.55
N SER C 154 22.03 -77.05 30.47
CA SER C 154 21.19 -76.84 29.30
C SER C 154 22.03 -76.59 28.04
N TRP C 155 23.06 -75.75 28.17
CA TRP C 155 23.92 -75.45 27.02
C TRP C 155 24.76 -76.66 26.64
N LEU C 156 25.28 -77.36 27.63
CA LEU C 156 26.11 -78.53 27.39
C LEU C 156 25.29 -79.64 26.73
N GLU C 157 23.98 -79.65 26.99
CA GLU C 157 23.12 -80.67 26.40
C GLU C 157 22.43 -80.22 25.11
N GLY C 158 23.12 -79.37 24.36
CA GLY C 158 22.62 -78.90 23.08
C GLY C 158 21.56 -77.81 23.01
N LYS C 159 21.15 -77.25 24.13
CA LYS C 159 20.14 -76.19 24.07
C LYS C 159 20.68 -74.98 23.34
N GLN C 160 19.88 -74.46 22.42
CA GLN C 160 20.22 -73.29 21.63
C GLN C 160 18.97 -72.43 21.50
N PRO C 161 19.10 -71.10 21.68
CA PRO C 161 17.95 -70.20 21.59
C PRO C 161 17.42 -70.03 20.17
N ASP C 162 16.13 -69.73 20.01
CA ASP C 162 15.63 -69.52 18.67
C ASP C 162 16.15 -68.15 18.22
N SER C 163 15.94 -67.83 16.96
CA SER C 163 16.42 -66.59 16.36
C SER C 163 16.05 -65.25 17.03
N ARG C 164 15.06 -65.27 17.91
CA ARG C 164 14.66 -64.03 18.58
C ARG C 164 15.49 -63.76 19.84
N PHE C 165 16.13 -64.79 20.36
CA PHE C 165 16.95 -64.67 21.57
C PHE C 165 18.45 -64.76 21.32
N HIS C 166 19.20 -63.87 21.96
CA HIS C 166 20.65 -63.86 21.79
C HIS C 166 21.33 -64.05 23.13
N ALA C 167 22.48 -64.71 23.12
CA ALA C 167 23.23 -64.96 24.34
C ALA C 167 24.20 -63.83 24.71
N ALA C 168 24.50 -63.76 26.00
CA ALA C 168 25.44 -62.78 26.54
C ALA C 168 26.18 -63.55 27.63
N LEU C 169 27.48 -63.69 27.46
CA LEU C 169 28.31 -64.44 28.42
C LEU C 169 28.54 -63.67 29.72
N ARG C 170 27.82 -64.07 30.77
CA ARG C 170 27.91 -63.45 32.09
C ARG C 170 29.03 -64.10 32.90
N LEU C 171 30.00 -63.29 33.32
CA LEU C 171 31.18 -63.79 34.03
C LEU C 171 31.45 -63.36 35.48
N ASP C 172 30.40 -62.99 36.20
CA ASP C 172 30.55 -62.55 37.59
C ASP C 172 31.40 -63.46 38.50
N PRO C 173 31.09 -64.78 38.56
CA PRO C 173 31.86 -65.69 39.41
C PRO C 173 33.35 -65.74 39.07
N LEU C 174 33.67 -65.73 37.78
CA LEU C 174 35.04 -65.76 37.32
C LEU C 174 35.83 -64.50 37.67
N LEU C 175 35.24 -63.33 37.43
CA LEU C 175 35.91 -62.07 37.68
C LEU C 175 35.87 -61.57 39.13
N ASN C 176 34.80 -61.87 39.85
CA ASN C 176 34.66 -61.39 41.22
C ASN C 176 34.94 -62.42 42.31
N GLU C 177 34.94 -63.70 41.96
CA GLU C 177 35.18 -64.74 42.96
C GLU C 177 36.14 -65.83 42.48
N TYR C 178 37.19 -65.41 41.78
CA TYR C 178 38.16 -66.36 41.24
C TYR C 178 38.74 -67.34 42.26
N GLU C 179 38.98 -66.88 43.49
CA GLU C 179 39.53 -67.77 44.50
C GLU C 179 38.71 -69.05 44.68
N GLN C 180 37.40 -68.93 44.51
CA GLN C 180 36.52 -70.08 44.64
C GLN C 180 36.26 -70.72 43.28
N THR C 181 36.05 -69.88 42.27
CA THR C 181 35.76 -70.35 40.92
C THR C 181 36.91 -71.10 40.24
N LYS C 182 38.13 -70.79 40.65
CA LYS C 182 39.31 -71.45 40.09
C LYS C 182 39.23 -72.97 40.25
N HIS C 183 38.62 -73.42 41.34
CA HIS C 183 38.47 -74.85 41.60
C HIS C 183 37.50 -75.50 40.61
N ARG C 184 36.46 -74.76 40.26
CA ARG C 184 35.48 -75.29 39.33
C ARG C 184 36.09 -75.40 37.93
N LEU C 185 36.92 -74.42 37.57
CA LEU C 185 37.58 -74.44 36.27
C LEU C 185 38.42 -75.71 36.18
N ARG C 186 39.07 -76.05 37.29
CA ARG C 186 39.89 -77.25 37.34
C ARG C 186 39.00 -78.48 37.21
N ASP C 187 37.86 -78.47 37.90
CA ASP C 187 36.93 -79.59 37.84
C ASP C 187 36.37 -79.73 36.43
N TRP C 188 36.57 -78.71 35.59
CA TRP C 188 36.07 -78.75 34.23
C TRP C 188 37.17 -78.93 33.20
N GLY C 189 38.36 -79.32 33.65
CA GLY C 189 39.47 -79.55 32.74
C GLY C 189 40.34 -78.37 32.40
N TYR C 190 40.03 -77.20 32.96
CA TYR C 190 40.84 -76.01 32.71
C TYR C 190 41.92 -75.98 33.78
N LYS C 191 43.15 -76.26 33.35
CA LYS C 191 44.27 -76.33 34.28
C LYS C 191 44.85 -75.00 34.71
N VAL C 192 44.09 -74.25 35.52
CA VAL C 192 44.55 -72.98 36.03
C VAL C 192 45.45 -73.29 37.23
N ASN C 193 46.62 -72.67 37.25
CA ASN C 193 47.59 -72.92 38.33
C ASN C 193 47.39 -71.97 39.49
N ASP C 194 47.89 -72.37 40.66
CA ASP C 194 47.76 -71.55 41.86
C ASP C 194 48.37 -70.17 41.65
N GLU C 195 49.44 -70.09 40.85
CA GLU C 195 50.04 -68.80 40.60
C GLU C 195 49.69 -68.34 39.18
N TRP C 196 49.52 -67.04 39.02
CA TRP C 196 49.16 -66.45 37.73
C TRP C 196 50.28 -66.52 36.71
N ASN C 197 50.41 -67.67 36.05
CA ASN C 197 51.44 -67.87 35.03
C ASN C 197 50.81 -67.97 33.65
N GLU C 198 51.64 -68.15 32.64
CA GLU C 198 51.15 -68.25 31.27
C GLU C 198 50.16 -69.39 31.10
N GLY C 199 50.37 -70.48 31.83
CA GLY C 199 49.48 -71.61 31.73
C GLY C 199 48.09 -71.24 32.21
N SER C 200 48.03 -70.56 33.34
CA SER C 200 46.76 -70.14 33.92
C SER C 200 46.05 -69.18 32.97
N ILE C 201 46.82 -68.25 32.39
CA ILE C 201 46.27 -67.27 31.47
C ILE C 201 45.66 -67.92 30.23
N GLN C 202 46.35 -68.92 29.68
CA GLN C 202 45.88 -69.61 28.50
C GLN C 202 44.64 -70.47 28.79
N GLU C 203 44.57 -71.04 29.99
CA GLU C 203 43.42 -71.87 30.35
C GLU C 203 42.17 -71.03 30.63
N VAL C 204 42.36 -69.83 31.17
CA VAL C 204 41.22 -68.96 31.42
C VAL C 204 40.72 -68.46 30.07
N LYS C 205 41.67 -68.12 29.19
CA LYS C 205 41.30 -67.66 27.86
C LYS C 205 40.53 -68.77 27.17
N ARG C 206 41.02 -70.00 27.30
CA ARG C 206 40.39 -71.15 26.67
C ARG C 206 38.95 -71.33 27.18
N PHE C 207 38.76 -71.15 28.49
CA PHE C 207 37.44 -71.26 29.09
C PHE C 207 36.50 -70.25 28.40
N LEU C 208 36.99 -69.03 28.20
CA LEU C 208 36.21 -67.98 27.56
C LEU C 208 35.90 -68.33 26.11
N THR C 209 36.94 -68.73 25.38
CA THR C 209 36.78 -69.09 23.98
C THR C 209 35.82 -70.27 23.83
N ASP C 210 35.87 -71.24 24.74
CA ASP C 210 34.97 -72.40 24.64
C ASP C 210 33.52 -71.95 24.73
N TRP C 211 33.22 -71.04 25.66
CA TRP C 211 31.86 -70.57 25.84
C TRP C 211 31.43 -69.59 24.77
N ILE C 212 32.39 -68.87 24.19
CA ILE C 212 32.07 -67.94 23.13
C ILE C 212 31.62 -68.79 21.93
N GLU C 213 32.28 -69.93 21.75
CA GLU C 213 31.96 -70.84 20.66
C GLU C 213 30.60 -71.52 20.87
N ARG C 214 30.32 -71.91 22.11
CA ARG C 214 29.05 -72.57 22.42
C ARG C 214 27.84 -71.63 22.50
N MET C 215 28.08 -70.39 22.89
CA MET C 215 26.98 -69.41 23.02
C MET C 215 26.88 -68.39 21.90
N ASP C 216 27.99 -68.13 21.23
CA ASP C 216 28.04 -67.11 20.18
C ASP C 216 27.41 -65.83 20.75
N PRO C 217 27.91 -65.38 21.91
CA PRO C 217 27.44 -64.19 22.62
C PRO C 217 27.65 -62.88 21.88
N VAL C 218 26.73 -61.93 22.06
CA VAL C 218 26.88 -60.63 21.42
C VAL C 218 27.85 -59.78 22.23
N TYR C 219 28.07 -60.17 23.49
CA TYR C 219 29.02 -59.48 24.36
C TYR C 219 29.27 -60.25 25.65
N MET C 220 30.39 -59.97 26.31
CA MET C 220 30.71 -60.61 27.59
C MET C 220 30.36 -59.57 28.66
N ALA C 221 29.80 -60.02 29.79
CA ALA C 221 29.38 -59.07 30.82
C ALA C 221 29.71 -59.44 32.25
N VAL C 222 29.64 -58.43 33.10
CA VAL C 222 29.91 -58.57 34.53
C VAL C 222 29.32 -57.37 35.27
N SER C 223 28.89 -57.58 36.51
CA SER C 223 28.38 -56.48 37.29
C SER C 223 29.47 -56.28 38.33
N LEU C 224 29.80 -55.01 38.61
CA LEU C 224 30.88 -54.67 39.53
C LEU C 224 30.45 -53.80 40.71
N PRO C 225 31.21 -53.85 41.81
CA PRO C 225 30.90 -53.06 43.01
C PRO C 225 31.30 -51.59 42.84
N PRO C 226 30.83 -50.71 43.74
CA PRO C 226 31.15 -49.29 43.67
C PRO C 226 32.66 -49.07 43.81
N THR C 227 33.34 -50.04 44.42
CA THR C 227 34.78 -49.93 44.63
C THR C 227 35.63 -50.40 43.44
N PHE C 228 34.99 -50.75 42.33
CA PHE C 228 35.71 -51.23 41.16
C PHE C 228 36.84 -50.31 40.73
N SER C 229 38.03 -50.89 40.53
CA SER C 229 39.20 -50.14 40.10
C SER C 229 39.95 -50.93 39.04
N PHE C 230 40.72 -50.22 38.22
CA PHE C 230 41.53 -50.82 37.17
C PHE C 230 42.51 -49.78 36.63
N PRO C 231 43.80 -50.13 36.52
CA PRO C 231 44.44 -51.41 36.86
C PRO C 231 44.31 -51.78 38.33
N GLU C 232 44.57 -53.04 38.64
CA GLU C 232 44.49 -53.52 40.02
C GLU C 232 45.17 -54.88 40.15
N GLU C 233 46.03 -55.03 41.15
CA GLU C 233 46.69 -56.31 41.36
C GLU C 233 45.76 -57.21 42.16
N SER C 234 44.87 -57.87 41.45
CA SER C 234 43.90 -58.78 42.04
C SER C 234 43.55 -59.75 40.93
N ASN C 235 42.82 -60.81 41.27
CA ASN C 235 42.43 -61.76 40.25
C ASN C 235 41.60 -61.06 39.17
N ARG C 236 40.65 -60.22 39.59
CA ARG C 236 39.81 -59.51 38.62
C ARG C 236 40.64 -58.65 37.67
N GLY C 237 41.59 -57.90 38.23
CA GLY C 237 42.43 -57.04 37.42
C GLY C 237 43.30 -57.80 36.44
N ARG C 238 43.83 -58.93 36.87
CA ARG C 238 44.70 -59.74 36.02
C ARG C 238 43.91 -60.50 34.97
N ILE C 239 42.73 -61.00 35.33
CA ILE C 239 41.90 -61.75 34.38
C ILE C 239 41.38 -60.83 33.27
N ILE C 240 40.98 -59.62 33.65
CA ILE C 240 40.49 -58.65 32.68
C ILE C 240 41.60 -58.25 31.73
N ARG C 241 42.75 -57.90 32.29
CA ARG C 241 43.92 -57.48 31.51
C ARG C 241 44.53 -58.57 30.61
N ASP C 242 44.80 -59.74 31.17
CA ASP C 242 45.45 -60.80 30.40
C ASP C 242 44.56 -61.79 29.66
N CYS C 243 43.27 -61.86 30.02
CA CYS C 243 42.38 -62.82 29.37
C CYS C 243 41.16 -62.25 28.66
N LEU C 244 40.30 -61.57 29.41
CA LEU C 244 39.07 -61.01 28.87
C LEU C 244 39.27 -60.05 27.70
N LEU C 245 40.01 -58.97 27.92
CA LEU C 245 40.22 -57.98 26.86
C LEU C 245 40.86 -58.55 25.60
N PRO C 246 41.97 -59.29 25.74
CA PRO C 246 42.62 -59.87 24.55
C PRO C 246 41.66 -60.73 23.73
N VAL C 247 40.92 -61.61 24.40
CA VAL C 247 39.96 -62.49 23.74
C VAL C 247 38.84 -61.68 23.09
N ALA C 248 38.25 -60.75 23.85
CA ALA C 248 37.17 -59.91 23.34
C ALA C 248 37.63 -59.15 22.10
N GLU C 249 38.87 -58.68 22.10
CA GLU C 249 39.42 -57.93 20.97
C GLU C 249 39.57 -58.85 19.74
N LYS C 250 40.02 -60.07 19.99
CA LYS C 250 40.22 -61.05 18.93
C LYS C 250 38.91 -61.37 18.23
N HIS C 251 37.86 -61.60 19.01
CA HIS C 251 36.55 -61.92 18.46
C HIS C 251 35.72 -60.66 18.22
N ASN C 252 36.31 -59.50 18.45
CA ASN C 252 35.65 -58.22 18.27
C ASN C 252 34.32 -58.18 19.03
N ILE C 253 34.36 -58.65 20.28
CA ILE C 253 33.17 -58.68 21.10
C ILE C 253 33.26 -57.63 22.21
N PRO C 254 32.18 -56.86 22.42
CA PRO C 254 32.15 -55.83 23.46
C PRO C 254 32.16 -56.43 24.86
N PHE C 255 32.68 -55.66 25.81
CA PHE C 255 32.73 -56.05 27.21
C PHE C 255 31.75 -55.14 27.94
N ALA C 256 30.71 -55.72 28.52
CA ALA C 256 29.71 -54.92 29.23
C ALA C 256 30.00 -54.88 30.73
N MET C 257 30.03 -53.67 31.28
CA MET C 257 30.28 -53.49 32.70
C MET C 257 29.10 -52.75 33.33
N MET C 258 28.46 -53.37 34.31
CA MET C 258 27.33 -52.76 35.00
C MET C 258 27.87 -52.53 36.40
N ILE C 259 28.27 -51.29 36.63
CA ILE C 259 28.92 -50.85 37.85
C ILE C 259 28.10 -50.14 38.93
N GLY C 260 28.40 -50.47 40.19
CA GLY C 260 27.70 -49.79 41.29
C GLY C 260 26.87 -50.62 42.25
N VAL C 261 26.74 -51.92 41.98
CA VAL C 261 25.94 -52.75 42.85
C VAL C 261 26.71 -53.24 44.09
N LYS C 262 26.11 -53.09 45.26
CA LYS C 262 26.71 -53.57 46.50
C LYS C 262 25.83 -54.77 46.87
N LYS C 263 26.31 -55.97 46.56
CA LYS C 263 25.54 -57.18 46.80
C LYS C 263 25.32 -57.67 48.23
N ARG C 264 24.13 -58.22 48.43
CA ARG C 264 23.72 -58.80 49.71
C ARG C 264 23.87 -57.96 50.97
N VAL C 265 23.45 -56.70 50.95
CA VAL C 265 23.55 -55.90 52.16
C VAL C 265 22.52 -56.45 53.13
N HIS C 266 21.48 -57.09 52.58
CA HIS C 266 20.44 -57.71 53.38
C HIS C 266 20.23 -59.10 52.81
N PRO C 267 21.15 -60.04 53.10
CA PRO C 267 21.07 -61.42 52.59
C PRO C 267 19.72 -62.11 52.71
N ALA C 268 19.02 -61.93 53.82
CA ALA C 268 17.73 -62.59 54.00
C ALA C 268 16.74 -62.26 52.88
N LEU C 269 16.94 -61.13 52.20
CA LEU C 269 16.03 -60.72 51.12
C LEU C 269 16.33 -61.37 49.77
N GLY C 270 17.39 -62.17 49.70
CA GLY C 270 17.73 -62.82 48.46
C GLY C 270 18.08 -61.84 47.35
N ASP C 271 17.50 -62.04 46.17
CA ASP C 271 17.78 -61.15 45.05
C ASP C 271 17.32 -59.72 45.31
N ALA C 272 16.51 -59.53 46.35
CA ALA C 272 16.01 -58.21 46.70
C ALA C 272 16.92 -57.52 47.72
N GLY C 273 18.04 -58.15 48.02
CA GLY C 273 18.94 -57.58 49.02
C GLY C 273 20.16 -56.81 48.58
N ASP C 274 20.27 -56.47 47.30
CA ASP C 274 21.45 -55.73 46.85
C ASP C 274 21.24 -54.21 46.97
N PHE C 275 22.34 -53.52 47.24
CA PHE C 275 22.32 -52.08 47.46
C PHE C 275 23.11 -51.34 46.37
N VAL C 276 23.34 -50.04 46.54
CA VAL C 276 24.04 -49.24 45.54
C VAL C 276 25.08 -48.29 46.13
N GLY C 277 26.07 -47.93 45.31
CA GLY C 277 27.11 -47.02 45.74
C GLY C 277 27.73 -46.30 44.55
N LYS C 278 28.17 -45.06 44.75
CA LYS C 278 28.79 -44.29 43.69
C LYS C 278 30.19 -44.83 43.44
N ALA C 279 30.56 -44.96 42.17
CA ALA C 279 31.87 -45.48 41.82
C ALA C 279 32.78 -44.39 41.27
N SER C 280 34.08 -44.66 41.26
CA SER C 280 35.04 -43.73 40.70
C SER C 280 35.00 -44.02 39.20
N MET C 281 35.31 -43.02 38.38
CA MET C 281 35.30 -43.21 36.94
C MET C 281 36.70 -43.60 36.43
N ASP C 282 37.69 -43.52 37.31
CA ASP C 282 39.08 -43.81 36.92
C ASP C 282 39.28 -45.13 36.19
N GLY C 283 38.72 -46.21 36.74
CA GLY C 283 38.85 -47.52 36.13
C GLY C 283 38.29 -47.58 34.72
N VAL C 284 37.09 -47.02 34.54
CA VAL C 284 36.44 -47.02 33.23
C VAL C 284 37.26 -46.14 32.28
N GLU C 285 37.70 -45.00 32.79
CA GLU C 285 38.50 -44.07 32.01
C GLU C 285 39.78 -44.78 31.51
N HIS C 286 40.49 -45.41 32.44
CA HIS C 286 41.73 -46.11 32.09
C HIS C 286 41.48 -47.18 31.02
N LEU C 287 40.42 -47.96 31.19
CA LEU C 287 40.10 -49.00 30.24
C LEU C 287 39.84 -48.47 28.83
N LEU C 288 39.05 -47.40 28.74
CA LEU C 288 38.73 -46.81 27.44
C LEU C 288 39.96 -46.25 26.73
N ARG C 289 40.78 -45.49 27.46
CA ARG C 289 41.98 -44.91 26.88
C ARG C 289 43.08 -45.90 26.54
N GLU C 290 43.33 -46.85 27.43
CA GLU C 290 44.41 -47.82 27.22
C GLU C 290 44.07 -49.00 26.31
N TYR C 291 42.79 -49.21 26.04
CA TYR C 291 42.37 -50.31 25.19
C TYR C 291 41.44 -49.82 24.08
N PRO C 292 41.96 -48.96 23.20
CA PRO C 292 41.21 -48.38 22.08
C PRO C 292 40.64 -49.39 21.10
N ASN C 293 41.17 -50.61 21.10
CA ASN C 293 40.69 -51.64 20.20
C ASN C 293 39.61 -52.51 20.81
N ASN C 294 39.23 -52.22 22.05
CA ASN C 294 38.18 -52.98 22.73
C ASN C 294 36.92 -52.11 22.80
N LYS C 295 35.76 -52.75 22.72
CA LYS C 295 34.49 -52.03 22.81
C LYS C 295 33.95 -52.21 24.22
N PHE C 296 33.39 -51.15 24.77
CA PHE C 296 32.85 -51.22 26.13
C PHE C 296 31.41 -50.72 26.20
N LEU C 297 30.55 -51.55 26.77
CA LEU C 297 29.15 -51.21 26.97
C LEU C 297 29.05 -50.99 28.48
N VAL C 298 28.68 -49.79 28.89
CA VAL C 298 28.59 -49.50 30.32
C VAL C 298 27.27 -48.90 30.77
N THR C 299 26.84 -49.31 31.96
CA THR C 299 25.65 -48.78 32.60
C THR C 299 26.01 -48.75 34.07
N MET C 300 25.61 -47.69 34.78
CA MET C 300 25.93 -47.57 36.19
C MET C 300 24.69 -47.46 37.09
N LEU C 301 24.84 -47.91 38.32
CA LEU C 301 23.75 -47.94 39.28
C LEU C 301 23.46 -46.69 40.11
N SER C 302 24.48 -45.89 40.38
CA SER C 302 24.29 -44.70 41.21
C SER C 302 23.79 -43.49 40.42
N ARG C 303 22.83 -42.77 41.00
CA ARG C 303 22.30 -41.58 40.34
C ARG C 303 23.42 -40.59 40.09
N GLU C 304 24.31 -40.50 41.07
CA GLU C 304 25.44 -39.57 41.05
C GLU C 304 26.58 -39.86 40.05
N ASN C 305 26.47 -40.96 39.31
CA ASN C 305 27.49 -41.34 38.32
C ASN C 305 26.97 -41.03 36.91
N GLN C 306 25.67 -40.83 36.78
CA GLN C 306 25.06 -40.64 35.46
C GLN C 306 25.58 -39.52 34.58
N HIS C 307 25.80 -38.34 35.15
CA HIS C 307 26.27 -37.21 34.35
C HIS C 307 27.69 -37.41 33.87
N GLU C 308 28.61 -37.72 34.78
CA GLU C 308 30.00 -37.92 34.39
C GLU C 308 30.17 -39.09 33.42
N LEU C 309 29.26 -40.07 33.46
CA LEU C 309 29.34 -41.20 32.54
C LEU C 309 29.04 -40.66 31.14
N VAL C 310 28.10 -39.73 31.06
CA VAL C 310 27.76 -39.13 29.77
C VAL C 310 28.96 -38.36 29.24
N VAL C 311 29.65 -37.65 30.13
CA VAL C 311 30.82 -36.89 29.73
C VAL C 311 31.95 -37.81 29.28
N LEU C 312 32.09 -38.94 29.95
CA LEU C 312 33.14 -39.89 29.58
C LEU C 312 32.86 -40.44 28.20
N ALA C 313 31.57 -40.60 27.88
CA ALA C 313 31.14 -41.10 26.57
C ALA C 313 31.51 -40.09 25.48
N ARG C 314 31.55 -38.81 25.85
CA ARG C 314 31.93 -37.76 24.90
C ARG C 314 33.43 -37.87 24.59
N LYS C 315 34.20 -38.37 25.56
CA LYS C 315 35.65 -38.51 25.42
C LYS C 315 36.11 -39.72 24.63
N PHE C 316 35.34 -40.81 24.70
CA PHE C 316 35.74 -42.04 24.01
C PHE C 316 34.67 -42.69 23.16
N SER C 317 34.98 -42.91 21.89
CA SER C 317 34.04 -43.53 20.97
C SER C 317 33.94 -45.04 21.16
N ASN C 318 34.86 -45.62 21.91
CA ASN C 318 34.80 -47.05 22.15
C ASN C 318 33.92 -47.33 23.37
N LEU C 319 33.29 -46.28 23.87
CA LEU C 319 32.37 -46.39 25.01
C LEU C 319 30.95 -46.19 24.50
N MET C 320 30.09 -47.15 24.78
CA MET C 320 28.69 -47.08 24.40
C MET C 320 27.91 -47.23 25.70
N ILE C 321 27.22 -46.18 26.12
CA ILE C 321 26.46 -46.27 27.36
C ILE C 321 25.05 -46.75 27.06
N PHE C 322 24.48 -47.52 27.99
CA PHE C 322 23.14 -48.05 27.78
C PHE C 322 22.26 -48.12 29.00
N GLY C 323 20.96 -47.97 28.75
CA GLY C 323 19.92 -48.07 29.75
C GLY C 323 19.94 -47.26 31.03
N CYS C 324 18.84 -47.41 31.76
CA CYS C 324 18.64 -46.77 33.05
C CYS C 324 18.44 -48.00 33.91
N TRP C 325 19.54 -48.48 34.46
CA TRP C 325 19.61 -49.71 35.23
C TRP C 325 19.07 -49.78 36.66
N TRP C 326 18.21 -50.77 36.89
CA TRP C 326 17.71 -51.07 38.23
C TRP C 326 17.11 -49.89 38.99
N PHE C 327 17.86 -49.37 39.96
CA PHE C 327 17.40 -48.26 40.77
C PHE C 327 17.28 -46.96 39.96
N MET C 328 17.78 -47.00 38.73
CA MET C 328 17.70 -45.86 37.83
C MET C 328 16.43 -45.99 36.98
N ASN C 329 15.88 -47.20 36.93
CA ASN C 329 14.70 -47.46 36.11
C ASN C 329 13.39 -46.94 36.68
N ASN C 330 13.38 -45.67 37.03
CA ASN C 330 12.20 -45.01 37.59
C ASN C 330 12.00 -43.73 36.79
N PRO C 331 10.75 -43.42 36.43
CA PRO C 331 10.41 -42.23 35.64
C PRO C 331 11.21 -40.94 35.90
N GLU C 332 11.33 -40.51 37.14
CA GLU C 332 12.07 -39.28 37.44
C GLU C 332 13.55 -39.39 37.00
N ILE C 333 14.16 -40.55 37.22
CA ILE C 333 15.55 -40.77 36.82
C ILE C 333 15.70 -40.99 35.31
N ILE C 334 14.86 -41.85 34.75
CA ILE C 334 14.89 -42.12 33.31
C ILE C 334 14.83 -40.81 32.50
N ASN C 335 13.94 -39.92 32.92
CA ASN C 335 13.77 -38.65 32.24
C ASN C 335 15.04 -37.78 32.29
N GLU C 336 15.58 -37.58 33.48
CA GLU C 336 16.77 -36.74 33.60
C GLU C 336 17.98 -37.36 32.91
N MET C 337 18.09 -38.69 32.98
CA MET C 337 19.20 -39.39 32.35
C MET C 337 19.12 -39.29 30.83
N THR C 338 17.92 -39.55 30.30
CA THR C 338 17.73 -39.49 28.87
C THR C 338 17.95 -38.09 28.34
N ARG C 339 17.61 -37.07 29.12
CA ARG C 339 17.80 -35.69 28.68
C ARG C 339 19.28 -35.28 28.67
N MET C 340 20.01 -35.64 29.71
CA MET C 340 21.44 -35.31 29.76
C MET C 340 22.17 -36.03 28.63
N ARG C 341 21.87 -37.31 28.44
CA ARG C 341 22.50 -38.10 27.38
C ARG C 341 22.28 -37.48 26.00
N MET C 342 21.03 -37.23 25.63
CA MET C 342 20.73 -36.67 24.31
C MET C 342 21.32 -35.28 24.11
N GLU C 343 21.35 -34.48 25.17
CA GLU C 343 21.90 -33.14 25.08
C GLU C 343 23.41 -33.13 24.84
N MET C 344 24.12 -34.15 25.33
CA MET C 344 25.57 -34.20 25.15
C MET C 344 26.04 -35.25 24.12
N LEU C 345 25.16 -36.16 23.72
CA LEU C 345 25.55 -37.21 22.77
C LEU C 345 24.64 -37.33 21.55
N GLY C 346 23.68 -36.41 21.41
CA GLY C 346 22.78 -36.52 20.27
C GLY C 346 22.10 -37.87 20.36
N THR C 347 22.21 -38.69 19.31
CA THR C 347 21.57 -40.00 19.33
C THR C 347 22.56 -41.15 19.46
N SER C 348 23.81 -40.85 19.82
CA SER C 348 24.84 -41.89 19.92
C SER C 348 24.91 -42.64 21.26
N PHE C 349 23.78 -43.21 21.68
CA PHE C 349 23.72 -43.99 22.91
C PHE C 349 22.49 -44.89 22.85
N ILE C 350 22.40 -45.83 23.80
CA ILE C 350 21.27 -46.74 23.87
C ILE C 350 20.49 -46.33 25.12
N PRO C 351 19.36 -45.65 24.94
CA PRO C 351 18.56 -45.20 26.08
C PRO C 351 18.04 -46.21 27.10
N GLN C 352 17.66 -47.40 26.67
CA GLN C 352 17.07 -48.32 27.62
C GLN C 352 17.20 -49.81 27.33
N HIS C 353 16.99 -50.61 28.37
CA HIS C 353 16.96 -52.07 28.31
C HIS C 353 15.91 -52.41 29.38
N SER C 354 15.21 -53.54 29.25
CA SER C 354 14.19 -53.86 30.22
C SER C 354 14.66 -54.56 31.49
N ASP C 355 15.66 -55.42 31.37
CA ASP C 355 16.17 -56.17 32.52
C ASP C 355 15.06 -57.14 32.98
N ALA C 356 14.16 -57.49 32.08
CA ALA C 356 13.05 -58.37 32.40
C ALA C 356 13.47 -59.71 33.01
N ARG C 357 12.83 -60.07 34.13
CA ARG C 357 13.08 -61.33 34.81
C ARG C 357 11.85 -62.22 34.61
N VAL C 358 10.74 -61.57 34.24
CA VAL C 358 9.48 -62.25 33.98
C VAL C 358 9.06 -61.80 32.58
N LEU C 359 8.69 -62.77 31.75
CA LEU C 359 8.30 -62.51 30.36
C LEU C 359 7.42 -61.29 30.11
N GLU C 360 6.24 -61.25 30.73
CA GLU C 360 5.31 -60.15 30.54
C GLU C 360 5.86 -58.74 30.84
N GLN C 361 6.93 -58.64 31.64
CA GLN C 361 7.49 -57.32 31.98
C GLN C 361 7.90 -56.54 30.74
N LEU C 362 8.20 -57.23 29.64
CA LEU C 362 8.59 -56.56 28.40
C LEU C 362 7.51 -55.56 28.00
N ILE C 363 6.26 -55.86 28.36
CA ILE C 363 5.16 -54.98 28.02
C ILE C 363 5.27 -53.65 28.77
N TYR C 364 5.39 -53.69 30.10
CA TYR C 364 5.46 -52.45 30.86
C TYR C 364 6.79 -51.73 30.81
N LYS C 365 7.89 -52.48 30.80
CA LYS C 365 9.20 -51.86 30.75
C LYS C 365 9.32 -50.98 29.52
N TRP C 366 8.92 -51.51 28.37
CA TRP C 366 8.99 -50.75 27.13
C TRP C 366 7.89 -49.71 26.97
N HIS C 367 6.71 -49.98 27.52
CA HIS C 367 5.62 -49.02 27.42
C HIS C 367 5.92 -47.79 28.28
N HIS C 368 6.38 -48.02 29.51
CA HIS C 368 6.70 -46.90 30.41
C HIS C 368 7.88 -46.09 29.90
N SER C 369 8.91 -46.78 29.41
CA SER C 369 10.09 -46.09 28.90
C SER C 369 9.89 -45.39 27.58
N LYS C 370 9.20 -46.03 26.64
CA LYS C 370 8.98 -45.41 25.34
C LYS C 370 8.22 -44.09 25.47
N SER C 371 7.28 -44.01 26.40
CA SER C 371 6.53 -42.77 26.56
C SER C 371 7.42 -41.63 27.08
N ILE C 372 8.40 -41.96 27.92
CA ILE C 372 9.31 -40.93 28.44
C ILE C 372 10.29 -40.55 27.32
N ILE C 373 10.83 -41.55 26.65
CA ILE C 373 11.77 -41.31 25.56
C ILE C 373 11.11 -40.47 24.47
N ALA C 374 9.84 -40.75 24.17
CA ALA C 374 9.13 -40.00 23.15
C ALA C 374 9.01 -38.53 23.54
N GLU C 375 8.74 -38.26 24.81
CA GLU C 375 8.61 -36.89 25.30
C GLU C 375 9.92 -36.13 25.17
N VAL C 376 11.03 -36.81 25.41
CA VAL C 376 12.33 -36.18 25.29
C VAL C 376 12.60 -35.85 23.82
N LEU C 377 12.36 -36.83 22.94
CA LEU C 377 12.57 -36.60 21.51
C LEU C 377 11.71 -35.44 21.00
N ILE C 378 10.45 -35.41 21.42
CA ILE C 378 9.57 -34.33 20.98
C ILE C 378 10.16 -32.97 21.36
N ASP C 379 10.60 -32.80 22.61
CA ASP C 379 11.22 -31.53 23.02
C ASP C 379 12.45 -31.21 22.16
N LYS C 380 13.32 -32.21 21.96
CA LYS C 380 14.53 -31.99 21.17
C LYS C 380 14.26 -31.64 19.71
N TYR C 381 13.34 -32.35 19.07
CA TYR C 381 13.00 -32.04 17.69
C TYR C 381 12.30 -30.70 17.65
N ASP C 382 11.47 -30.41 18.66
CA ASP C 382 10.77 -29.13 18.67
C ASP C 382 11.79 -28.00 18.74
N ASP C 383 12.85 -28.21 19.52
CA ASP C 383 13.89 -27.21 19.65
C ASP C 383 14.59 -26.88 18.33
N ILE C 384 14.93 -27.89 17.55
CA ILE C 384 15.60 -27.57 16.29
C ILE C 384 14.59 -27.10 15.25
N LEU C 385 13.34 -27.49 15.40
CA LEU C 385 12.30 -27.03 14.49
C LEU C 385 12.21 -25.51 14.69
N GLN C 386 12.32 -25.08 15.95
CA GLN C 386 12.27 -23.67 16.30
C GLN C 386 13.48 -22.91 15.73
N ALA C 387 14.61 -23.60 15.59
CA ALA C 387 15.82 -22.99 15.06
C ALA C 387 15.84 -22.98 13.53
N GLY C 388 14.75 -23.40 12.91
CA GLY C 388 14.67 -23.39 11.45
C GLY C 388 14.89 -24.72 10.74
N TRP C 389 15.34 -25.73 11.47
CA TRP C 389 15.60 -27.03 10.88
C TRP C 389 14.30 -27.73 10.45
N GLU C 390 14.29 -28.28 9.24
CA GLU C 390 13.09 -28.97 8.78
C GLU C 390 13.30 -30.47 8.94
N VAL C 391 12.81 -31.01 10.06
CA VAL C 391 12.94 -32.43 10.34
C VAL C 391 11.85 -33.20 9.58
N THR C 392 12.21 -34.33 8.98
CA THR C 392 11.22 -35.12 8.26
C THR C 392 10.84 -36.35 9.06
N GLU C 393 9.65 -36.86 8.80
CA GLU C 393 9.15 -38.05 9.49
C GLU C 393 10.06 -39.26 9.25
N GLU C 394 10.69 -39.31 8.07
CA GLU C 394 11.58 -40.42 7.76
C GLU C 394 12.85 -40.30 8.62
N GLU C 395 13.33 -39.07 8.82
CA GLU C 395 14.53 -38.87 9.64
C GLU C 395 14.21 -39.22 11.09
N ILE C 396 12.97 -38.93 11.51
CA ILE C 396 12.56 -39.26 12.87
C ILE C 396 12.57 -40.78 13.04
N LYS C 397 12.00 -41.49 12.05
CA LYS C 397 11.94 -42.95 12.09
C LYS C 397 13.36 -43.53 12.10
N ARG C 398 14.27 -42.84 11.40
CA ARG C 398 15.65 -43.27 11.34
C ARG C 398 16.24 -43.19 12.74
N ASP C 399 16.21 -41.99 13.32
CA ASP C 399 16.75 -41.77 14.66
C ASP C 399 16.17 -42.75 15.67
N VAL C 400 14.86 -42.93 15.66
CA VAL C 400 14.20 -43.84 16.58
C VAL C 400 14.71 -45.27 16.42
N ALA C 401 14.99 -45.67 15.18
CA ALA C 401 15.50 -47.01 14.93
C ALA C 401 16.89 -47.19 15.54
N ASP C 402 17.69 -46.12 15.49
CA ASP C 402 19.04 -46.17 16.05
C ASP C 402 18.99 -46.37 17.56
N LEU C 403 18.22 -45.51 18.23
CA LEU C 403 18.09 -45.56 19.69
C LEU C 403 17.60 -46.91 20.24
N PHE C 404 16.56 -47.46 19.63
CA PHE C 404 15.97 -48.71 20.10
C PHE C 404 16.51 -50.03 19.52
N SER C 405 17.33 -49.96 18.47
CA SER C 405 17.83 -51.20 17.88
C SER C 405 19.17 -51.10 17.16
N ARG C 406 19.23 -50.25 16.14
CA ARG C 406 20.44 -50.09 15.33
C ARG C 406 21.75 -49.75 16.04
N ASN C 407 21.72 -48.86 17.02
CA ASN C 407 22.96 -48.51 17.72
C ASN C 407 23.60 -49.72 18.39
N PHE C 408 22.78 -50.60 18.96
CA PHE C 408 23.31 -51.79 19.61
C PHE C 408 23.98 -52.74 18.62
N TRP C 409 23.24 -53.15 17.60
CA TRP C 409 23.79 -54.07 16.61
C TRP C 409 25.00 -53.48 15.91
N ARG C 410 24.94 -52.17 15.66
CA ARG C 410 26.06 -51.48 15.03
C ARG C 410 27.28 -51.59 15.94
N PHE C 411 27.07 -51.42 17.25
CA PHE C 411 28.17 -51.48 18.20
C PHE C 411 28.76 -52.88 18.39
N VAL C 412 27.91 -53.88 18.58
CA VAL C 412 28.42 -55.23 18.77
C VAL C 412 29.07 -55.73 17.49
N GLY C 413 28.86 -54.99 16.40
CA GLY C 413 29.45 -55.36 15.12
C GLY C 413 28.69 -56.54 14.55
N ARG C 414 27.37 -56.41 14.52
CA ARG C 414 26.49 -57.47 13.99
C ARG C 414 25.69 -56.94 12.81
N SER D 2 -8.97 13.15 -21.54
CA SER D 2 -7.69 12.39 -21.43
C SER D 2 -6.53 13.23 -21.95
N ILE D 3 -5.32 12.83 -21.59
CA ILE D 3 -4.14 13.55 -22.02
C ILE D 3 -3.62 12.88 -23.29
N ASN D 4 -3.91 13.48 -24.45
CA ASN D 4 -3.49 12.90 -25.71
C ASN D 4 -2.73 13.82 -26.66
N SER D 5 -2.03 14.81 -26.12
CA SER D 5 -1.21 15.73 -26.93
C SER D 5 -0.21 16.47 -26.04
N ARG D 6 0.90 16.93 -26.63
CA ARG D 6 1.89 17.65 -25.86
C ARG D 6 1.22 18.88 -25.26
N GLU D 7 0.35 19.51 -26.04
CA GLU D 7 -0.35 20.70 -25.58
C GLU D 7 -1.16 20.44 -24.31
N VAL D 8 -1.94 19.35 -24.29
CA VAL D 8 -2.74 19.02 -23.10
C VAL D 8 -1.81 18.65 -21.96
N LEU D 9 -0.76 17.91 -22.31
CA LEU D 9 0.23 17.48 -21.34
C LEU D 9 0.91 18.67 -20.67
N ALA D 10 1.31 19.65 -21.47
CA ALA D 10 1.98 20.84 -20.92
C ALA D 10 1.13 21.49 -19.84
N GLU D 11 -0.15 21.65 -20.13
CA GLU D 11 -1.08 22.26 -19.19
C GLU D 11 -1.15 21.47 -17.88
N LYS D 12 -1.37 20.16 -17.98
CA LYS D 12 -1.48 19.30 -16.80
C LYS D 12 -0.19 19.31 -15.98
N VAL D 13 0.94 19.21 -16.68
CA VAL D 13 2.23 19.18 -15.98
C VAL D 13 2.47 20.50 -15.26
N LYS D 14 2.29 21.61 -15.98
CA LYS D 14 2.49 22.91 -15.37
C LYS D 14 1.59 23.09 -14.14
N ASN D 15 0.33 22.69 -14.27
CA ASN D 15 -0.63 22.79 -13.16
C ASN D 15 -0.20 21.94 -11.97
N ALA D 16 0.12 20.68 -12.23
CA ALA D 16 0.54 19.78 -11.16
C ALA D 16 1.81 20.32 -10.48
N VAL D 17 2.80 20.74 -11.28
CA VAL D 17 4.04 21.26 -10.70
C VAL D 17 3.77 22.50 -9.86
N ASN D 18 2.99 23.43 -10.41
CA ASN D 18 2.67 24.66 -9.69
C ASN D 18 1.93 24.38 -8.37
N ASN D 19 1.04 23.39 -8.38
CA ASN D 19 0.27 23.08 -7.18
C ASN D 19 0.92 22.14 -6.16
N GLN D 20 1.95 21.42 -6.54
CA GLN D 20 2.60 20.52 -5.61
C GLN D 20 3.31 21.24 -4.45
N PRO D 21 2.91 20.97 -3.20
CA PRO D 21 3.58 21.63 -2.08
C PRO D 21 5.03 21.11 -1.99
N VAL D 22 5.95 22.05 -1.84
CA VAL D 22 7.38 21.71 -1.79
C VAL D 22 8.01 21.47 -0.43
N THR D 23 8.87 20.45 -0.37
CA THR D 23 9.65 20.20 0.83
C THR D 23 11.03 20.66 0.35
N ASP D 24 11.54 21.72 0.97
CA ASP D 24 12.84 22.29 0.64
C ASP D 24 13.85 21.63 1.57
N MET D 25 14.55 20.58 1.09
CA MET D 25 15.46 19.86 1.96
C MET D 25 16.84 20.41 2.34
N HIS D 26 17.15 21.63 1.92
CA HIS D 26 18.40 22.28 2.32
C HIS D 26 18.27 23.77 2.15
N THR D 27 18.25 24.48 3.27
CA THR D 27 18.13 25.94 3.26
C THR D 27 18.93 26.47 4.43
N HIS D 28 19.06 27.79 4.48
CA HIS D 28 19.76 28.46 5.57
C HIS D 28 18.74 29.37 6.27
N LEU D 29 17.50 28.88 6.29
CA LEU D 29 16.40 29.59 6.94
C LEU D 29 16.17 28.93 8.30
N PHE D 30 15.58 29.69 9.22
CA PHE D 30 15.31 29.21 10.57
C PHE D 30 13.87 29.51 10.95
N SER D 31 13.26 28.61 11.72
CA SER D 31 11.89 28.80 12.20
C SER D 31 11.88 30.21 12.78
N PRO D 32 10.83 31.00 12.50
CA PRO D 32 10.74 32.37 13.02
C PRO D 32 10.97 32.59 14.52
N ASN D 33 10.61 31.61 15.34
CA ASN D 33 10.80 31.75 16.78
C ASN D 33 12.26 31.72 17.24
N PHE D 34 13.19 31.49 16.32
CA PHE D 34 14.61 31.47 16.67
C PHE D 34 15.15 32.90 16.69
N GLY D 35 14.34 33.85 16.24
CA GLY D 35 14.77 35.24 16.26
C GLY D 35 15.34 35.81 14.98
N GLU D 36 16.08 36.90 15.14
CA GLU D 36 16.69 37.61 14.02
C GLU D 36 17.62 36.79 13.14
N ILE D 37 17.98 35.59 13.59
CA ILE D 37 18.86 34.77 12.77
C ILE D 37 18.15 34.49 11.44
N LEU D 38 16.83 34.51 11.45
CA LEU D 38 16.04 34.32 10.22
C LEU D 38 16.04 35.66 9.49
N LEU D 39 16.72 35.71 8.35
CA LEU D 39 16.80 36.95 7.57
C LEU D 39 15.66 37.11 6.57
N TRP D 40 15.18 38.35 6.43
CA TRP D 40 14.11 38.65 5.48
C TRP D 40 14.02 40.14 5.16
N ASP D 41 13.39 40.42 4.03
CA ASP D 41 13.12 41.75 3.47
C ASP D 41 14.02 42.10 2.29
N ILE D 42 13.65 43.15 1.56
CA ILE D 42 14.39 43.57 0.38
C ILE D 42 15.86 43.90 0.59
N ASP D 43 16.21 44.49 1.73
CA ASP D 43 17.61 44.81 1.98
C ASP D 43 18.43 43.56 2.17
N GLU D 44 17.85 42.55 2.79
CA GLU D 44 18.55 41.28 2.99
C GLU D 44 18.70 40.60 1.62
N LEU D 45 17.67 40.68 0.79
CA LEU D 45 17.70 40.07 -0.53
C LEU D 45 18.83 40.66 -1.37
N LEU D 46 18.95 41.99 -1.32
CA LEU D 46 19.97 42.69 -2.08
C LEU D 46 21.39 42.47 -1.57
N THR D 47 21.53 42.05 -0.31
CA THR D 47 22.86 41.82 0.26
C THR D 47 23.25 40.35 0.34
N TYR D 48 22.45 39.49 -0.29
CA TYR D 48 22.71 38.05 -0.37
C TYR D 48 24.14 38.01 -0.88
N HIS D 49 24.96 37.07 -0.42
CA HIS D 49 26.35 37.09 -0.87
C HIS D 49 26.56 36.90 -2.36
N TYR D 50 25.56 36.33 -3.05
CA TYR D 50 25.68 36.17 -4.50
C TYR D 50 25.77 37.57 -5.13
N LEU D 51 25.03 38.52 -4.58
CA LEU D 51 25.04 39.87 -5.13
C LEU D 51 26.27 40.68 -4.69
N VAL D 52 26.86 40.29 -3.56
CA VAL D 52 28.06 40.96 -3.07
C VAL D 52 29.18 40.64 -4.07
N ALA D 53 29.28 39.37 -4.44
CA ALA D 53 30.30 38.94 -5.38
C ALA D 53 30.10 39.69 -6.69
N GLU D 54 28.86 39.75 -7.16
CA GLU D 54 28.58 40.43 -8.42
C GLU D 54 28.81 41.94 -8.43
N VAL D 55 28.43 42.62 -7.36
CA VAL D 55 28.62 44.07 -7.32
C VAL D 55 30.11 44.45 -7.33
N MET D 56 30.93 43.66 -6.67
CA MET D 56 32.36 43.92 -6.61
C MET D 56 33.05 43.84 -7.97
N ARG D 57 32.37 43.26 -8.95
CA ARG D 57 32.96 43.19 -10.28
C ARG D 57 32.72 44.50 -11.02
N TRP D 58 31.81 45.31 -10.48
CA TRP D 58 31.44 46.59 -11.08
C TRP D 58 31.79 47.86 -10.28
N THR D 59 31.52 47.85 -8.99
CA THR D 59 31.73 49.01 -8.13
C THR D 59 33.18 49.38 -7.84
N ASP D 60 33.44 50.68 -7.74
CA ASP D 60 34.78 51.15 -7.44
C ASP D 60 34.92 51.24 -5.92
N VAL D 61 33.83 50.92 -5.22
CA VAL D 61 33.82 50.93 -3.75
C VAL D 61 34.67 49.75 -3.26
N SER D 62 35.58 50.01 -2.32
CA SER D 62 36.45 48.96 -1.79
C SER D 62 35.65 47.95 -0.99
N ILE D 63 36.10 46.70 -1.02
CA ILE D 63 35.42 45.64 -0.28
C ILE D 63 35.43 45.95 1.21
N GLU D 64 36.49 46.61 1.68
CA GLU D 64 36.56 46.98 3.10
C GLU D 64 35.55 48.09 3.38
N ALA D 65 35.41 49.01 2.43
CA ALA D 65 34.46 50.10 2.59
C ALA D 65 33.04 49.53 2.55
N PHE D 66 32.84 48.50 1.72
CA PHE D 66 31.52 47.87 1.59
C PHE D 66 31.04 47.31 2.93
N TRP D 67 31.86 46.49 3.56
CA TRP D 67 31.51 45.88 4.84
C TRP D 67 31.29 46.91 5.93
N ALA D 68 31.88 48.08 5.76
CA ALA D 68 31.75 49.17 6.74
C ALA D 68 30.41 49.88 6.63
N MET D 69 29.81 49.86 5.44
CA MET D 69 28.52 50.52 5.24
C MET D 69 27.43 49.80 6.04
N SER D 70 26.30 50.47 6.23
CA SER D 70 25.18 49.89 6.93
C SER D 70 24.50 48.95 5.94
N LYS D 71 23.52 48.18 6.41
CA LYS D 71 22.80 47.26 5.55
C LYS D 71 22.09 48.01 4.42
N ARG D 72 21.41 49.10 4.77
CA ARG D 72 20.70 49.88 3.76
C ARG D 72 21.66 50.51 2.75
N GLU D 73 22.83 50.95 3.21
CA GLU D 73 23.81 51.55 2.31
C GLU D 73 24.32 50.49 1.32
N GLN D 74 24.51 49.28 1.84
CA GLN D 74 24.98 48.16 1.01
C GLN D 74 23.93 47.84 -0.05
N ALA D 75 22.67 47.79 0.38
CA ALA D 75 21.54 47.50 -0.50
C ALA D 75 21.38 48.59 -1.57
N ASP D 76 21.52 49.85 -1.17
CA ASP D 76 21.40 50.95 -2.11
C ASP D 76 22.49 50.88 -3.17
N LEU D 77 23.71 50.55 -2.75
CA LEU D 77 24.83 50.44 -3.68
C LEU D 77 24.61 49.31 -4.69
N ILE D 78 24.25 48.13 -4.21
CA ILE D 78 24.03 46.99 -5.09
C ILE D 78 22.89 47.25 -6.08
N TRP D 79 21.80 47.82 -5.58
CA TRP D 79 20.65 48.15 -6.41
C TRP D 79 21.10 49.09 -7.52
N GLU D 80 21.81 50.14 -7.12
CA GLU D 80 22.31 51.14 -8.05
C GLU D 80 23.29 50.55 -9.07
N GLU D 81 24.25 49.75 -8.59
CA GLU D 81 25.27 49.15 -9.44
C GLU D 81 24.81 47.99 -10.34
N LEU D 82 23.93 47.13 -9.82
CA LEU D 82 23.47 45.97 -10.57
C LEU D 82 22.09 46.04 -11.22
N PHE D 83 21.28 47.02 -10.85
CA PHE D 83 19.92 47.13 -11.41
C PHE D 83 19.72 48.41 -12.24
N ILE D 84 20.38 49.49 -11.85
CA ILE D 84 20.24 50.77 -12.54
C ILE D 84 21.36 51.04 -13.56
N LYS D 85 22.61 50.87 -13.13
CA LYS D 85 23.74 51.13 -14.00
C LYS D 85 23.93 50.04 -15.05
N ARG D 86 23.32 48.89 -14.80
CA ARG D 86 23.35 47.77 -15.74
C ARG D 86 22.04 47.02 -15.54
N SER D 87 21.49 46.48 -16.60
CA SER D 87 20.25 45.74 -16.47
C SER D 87 20.52 44.52 -15.59
N PRO D 88 19.60 44.23 -14.65
CA PRO D 88 19.73 43.09 -13.74
C PRO D 88 19.42 41.71 -14.36
N VAL D 89 20.17 41.35 -15.41
CA VAL D 89 19.94 40.08 -16.10
C VAL D 89 20.50 38.79 -15.49
N SER D 90 21.44 38.89 -14.55
CA SER D 90 22.01 37.68 -13.95
C SER D 90 20.92 36.92 -13.17
N GLU D 91 21.15 35.65 -12.90
CA GLU D 91 20.19 34.82 -12.17
C GLU D 91 19.85 35.35 -10.78
N ALA D 92 20.86 35.76 -10.01
CA ALA D 92 20.62 36.26 -8.67
C ALA D 92 19.87 37.59 -8.69
N CYS D 93 20.15 38.45 -9.66
CA CYS D 93 19.45 39.73 -9.74
C CYS D 93 18.00 39.52 -10.19
N ARG D 94 17.83 38.63 -11.16
CA ARG D 94 16.51 38.28 -11.68
C ARG D 94 15.68 37.78 -10.50
N GLY D 95 16.29 36.97 -9.65
CA GLY D 95 15.60 36.43 -8.50
C GLY D 95 15.01 37.47 -7.56
N VAL D 96 15.74 38.54 -7.31
CA VAL D 96 15.25 39.61 -6.44
C VAL D 96 13.95 40.13 -7.02
N LEU D 97 13.97 40.37 -8.33
CA LEU D 97 12.81 40.88 -9.05
C LEU D 97 11.59 39.95 -8.96
N THR D 98 11.83 38.65 -9.10
CA THR D 98 10.75 37.68 -9.01
C THR D 98 10.10 37.74 -7.63
N CYS D 99 10.92 37.89 -6.58
CA CYS D 99 10.38 37.95 -5.22
C CYS D 99 9.46 39.17 -5.06
N LEU D 100 9.96 40.35 -5.44
CA LEU D 100 9.19 41.57 -5.36
C LEU D 100 7.84 41.41 -6.04
N GLN D 101 7.86 40.99 -7.30
CA GLN D 101 6.62 40.80 -8.06
C GLN D 101 5.71 39.81 -7.34
N GLY D 102 6.29 38.72 -6.86
CA GLY D 102 5.51 37.71 -6.16
C GLY D 102 4.79 38.24 -4.92
N LEU D 103 5.37 39.26 -4.29
CA LEU D 103 4.78 39.85 -3.09
C LEU D 103 3.77 40.96 -3.42
N GLY D 104 3.57 41.22 -4.71
CA GLY D 104 2.64 42.25 -5.12
C GLY D 104 3.30 43.58 -5.41
N LEU D 105 4.63 43.61 -5.33
CA LEU D 105 5.38 44.83 -5.60
C LEU D 105 5.72 44.87 -7.10
N ASP D 106 5.73 46.06 -7.67
CA ASP D 106 5.99 46.20 -9.09
C ASP D 106 7.39 46.69 -9.47
N PRO D 107 8.24 45.78 -10.00
CA PRO D 107 9.61 46.09 -10.42
C PRO D 107 9.64 47.13 -11.55
N ALA D 108 8.53 47.27 -12.24
CA ALA D 108 8.44 48.23 -13.33
C ALA D 108 8.73 49.64 -12.83
N THR D 109 8.32 49.92 -11.60
CA THR D 109 8.51 51.24 -11.01
C THR D 109 9.94 51.49 -10.51
N ARG D 110 10.64 50.42 -10.13
CA ARG D 110 12.00 50.50 -9.61
C ARG D 110 12.01 51.40 -8.37
N ASP D 111 10.87 51.47 -7.69
CA ASP D 111 10.75 52.30 -6.49
C ASP D 111 11.15 51.54 -5.23
N LEU D 112 12.45 51.51 -4.97
CA LEU D 112 13.00 50.79 -3.82
C LEU D 112 12.46 51.27 -2.48
N GLN D 113 12.29 52.58 -2.32
CA GLN D 113 11.77 53.11 -1.07
C GLN D 113 10.38 52.53 -0.81
N VAL D 114 9.58 52.43 -1.86
CA VAL D 114 8.25 51.86 -1.71
C VAL D 114 8.31 50.37 -1.40
N TYR D 115 9.22 49.64 -2.03
CA TYR D 115 9.33 48.21 -1.75
C TYR D 115 9.62 48.01 -0.27
N ARG D 116 10.50 48.87 0.26
CA ARG D 116 10.89 48.80 1.67
C ARG D 116 9.72 48.99 2.63
N GLU D 117 8.84 49.95 2.33
CA GLU D 117 7.69 50.21 3.19
C GLU D 117 6.85 48.96 3.43
N TYR D 118 6.74 48.11 2.40
CA TYR D 118 5.98 46.87 2.50
C TYR D 118 6.45 46.01 3.68
N PHE D 119 7.76 45.84 3.79
CA PHE D 119 8.35 45.01 4.83
C PHE D 119 8.30 45.61 6.23
N ALA D 120 8.46 46.92 6.32
CA ALA D 120 8.45 47.61 7.61
C ALA D 120 7.15 47.41 8.39
N LYS D 121 6.03 47.35 7.69
CA LYS D 121 4.75 47.17 8.36
C LYS D 121 4.32 45.71 8.44
N LYS D 122 5.24 44.85 8.85
CA LYS D 122 4.95 43.43 8.95
C LYS D 122 5.95 42.74 9.88
N THR D 123 5.51 41.67 10.55
CA THR D 123 6.39 40.94 11.47
C THR D 123 7.00 39.72 10.79
N SER D 124 7.96 39.09 11.48
CA SER D 124 8.64 37.90 10.97
C SER D 124 7.66 36.75 10.79
N GLU D 125 6.80 36.55 11.79
CA GLU D 125 5.80 35.49 11.75
C GLU D 125 4.85 35.67 10.55
N GLU D 126 4.44 36.91 10.31
CA GLU D 126 3.53 37.20 9.21
C GLU D 126 4.19 37.02 7.85
N GLN D 127 5.44 37.43 7.71
CA GLN D 127 6.14 37.29 6.44
C GLN D 127 6.40 35.81 6.14
N VAL D 128 6.61 35.02 7.18
CA VAL D 128 6.83 33.59 6.98
C VAL D 128 5.55 32.99 6.39
N ASP D 129 4.41 33.33 6.99
CA ASP D 129 3.13 32.82 6.50
C ASP D 129 2.97 33.21 5.04
N THR D 130 3.16 34.49 4.77
CA THR D 130 3.03 35.02 3.41
C THR D 130 3.91 34.26 2.41
N VAL D 131 5.21 34.23 2.66
CA VAL D 131 6.16 33.57 1.77
C VAL D 131 5.94 32.09 1.57
N LEU D 132 5.64 31.35 2.64
CA LEU D 132 5.41 29.91 2.48
C LEU D 132 4.16 29.67 1.63
N GLN D 133 3.20 30.57 1.74
CA GLN D 133 1.97 30.45 0.97
C GLN D 133 2.26 30.75 -0.50
N LEU D 134 2.94 31.85 -0.76
CA LEU D 134 3.27 32.27 -2.11
C LEU D 134 4.20 31.31 -2.84
N ALA D 135 5.17 30.76 -2.13
CA ALA D 135 6.14 29.84 -2.72
C ALA D 135 5.62 28.41 -2.63
N ASN D 136 4.45 28.24 -2.02
CA ASN D 136 3.84 26.92 -1.87
C ASN D 136 4.84 25.91 -1.30
N VAL D 137 5.51 26.30 -0.22
CA VAL D 137 6.47 25.45 0.45
C VAL D 137 5.88 24.98 1.77
N SER D 138 5.69 23.67 1.91
CA SER D 138 5.12 23.12 3.13
C SER D 138 6.16 22.88 4.21
N ASP D 139 7.34 22.40 3.82
CA ASP D 139 8.40 22.08 4.77
C ASP D 139 9.76 22.64 4.39
N VAL D 140 10.44 23.21 5.39
CA VAL D 140 11.75 23.78 5.21
C VAL D 140 12.78 23.10 6.09
N VAL D 141 13.84 22.59 5.48
CA VAL D 141 14.90 21.96 6.25
C VAL D 141 15.98 23.01 6.48
N MET D 142 16.38 23.16 7.72
CA MET D 142 17.40 24.15 8.08
C MET D 142 18.80 23.54 8.08
N THR D 143 19.77 24.39 8.38
CA THR D 143 21.17 23.99 8.50
C THR D 143 21.51 24.45 9.93
N ASN D 144 21.61 23.50 10.84
CA ASN D 144 21.87 23.85 12.23
C ASN D 144 23.28 23.51 12.70
N ASP D 145 24.08 24.56 12.85
CA ASP D 145 25.48 24.44 13.25
C ASP D 145 25.68 24.64 14.76
N PRO D 146 25.85 23.54 15.52
CA PRO D 146 26.05 23.62 16.97
C PRO D 146 27.38 24.28 17.35
N PHE D 147 28.28 24.41 16.39
CA PHE D 147 29.57 25.03 16.66
C PHE D 147 29.46 26.54 16.58
N ASP D 148 28.36 27.03 16.02
CA ASP D 148 28.14 28.48 15.96
C ASP D 148 27.59 28.80 17.34
N ASP D 149 28.26 29.70 18.07
CA ASP D 149 27.82 30.07 19.41
C ASP D 149 26.38 30.56 19.48
N ASN D 150 26.00 31.43 18.55
CA ASN D 150 24.64 31.96 18.54
C ASN D 150 23.61 30.85 18.32
N GLU D 151 23.88 29.94 17.38
CA GLU D 151 22.95 28.85 17.13
C GLU D 151 22.92 27.84 18.28
N ARG D 152 24.09 27.52 18.82
CA ARG D 152 24.17 26.54 19.89
C ARG D 152 23.44 26.95 21.16
N ILE D 153 23.51 28.23 21.53
CA ILE D 153 22.84 28.71 22.73
C ILE D 153 21.32 28.56 22.59
N SER D 154 20.79 28.84 21.41
CA SER D 154 19.35 28.71 21.16
C SER D 154 18.85 27.29 21.43
N TRP D 155 19.55 26.29 20.89
CA TRP D 155 19.15 24.89 21.08
C TRP D 155 19.30 24.45 22.53
N LEU D 156 20.40 24.85 23.14
CA LEU D 156 20.65 24.49 24.53
C LEU D 156 19.63 25.13 25.45
N GLU D 157 19.16 26.33 25.09
CA GLU D 157 18.17 27.02 25.91
C GLU D 157 16.72 26.69 25.56
N GLY D 158 16.51 25.53 24.94
CA GLY D 158 15.16 25.09 24.61
C GLY D 158 14.49 25.50 23.31
N LYS D 159 15.12 26.35 22.51
CA LYS D 159 14.50 26.77 21.24
C LYS D 159 14.20 25.59 20.32
N GLN D 160 12.95 25.49 19.88
CA GLN D 160 12.53 24.40 18.98
C GLN D 160 11.67 24.97 17.86
N PRO D 161 11.91 24.52 16.61
CA PRO D 161 11.17 24.96 15.42
C PRO D 161 9.71 24.55 15.38
N ASP D 162 8.88 25.33 14.70
CA ASP D 162 7.47 24.96 14.59
C ASP D 162 7.40 23.81 13.58
N SER D 163 6.23 23.23 13.42
CA SER D 163 6.03 22.09 12.52
C SER D 163 6.53 22.23 11.08
N ARG D 164 6.58 23.45 10.57
CA ARG D 164 7.02 23.67 9.19
C ARG D 164 8.54 23.62 9.00
N PHE D 165 9.29 23.70 10.09
CA PHE D 165 10.74 23.70 10.01
C PHE D 165 11.41 22.46 10.59
N HIS D 166 12.36 21.90 9.87
CA HIS D 166 13.06 20.70 10.33
C HIS D 166 14.56 20.94 10.46
N ALA D 167 15.17 20.26 11.42
CA ALA D 167 16.60 20.42 11.68
C ALA D 167 17.48 19.45 10.92
N ALA D 168 18.70 19.89 10.65
CA ALA D 168 19.72 19.07 10.00
C ALA D 168 21.00 19.43 10.73
N LEU D 169 21.63 18.42 11.32
CA LEU D 169 22.87 18.62 12.10
C LEU D 169 24.09 18.81 11.21
N ARG D 170 24.53 20.06 11.08
CA ARG D 170 25.68 20.43 10.25
C ARG D 170 26.95 20.18 11.08
N LEU D 171 27.92 19.50 10.49
CA LEU D 171 29.15 19.13 11.21
C LEU D 171 30.50 19.52 10.61
N ASP D 172 30.54 20.52 9.73
CA ASP D 172 31.80 20.94 9.10
C ASP D 172 33.01 21.14 10.04
N PRO D 173 32.82 21.86 11.16
CA PRO D 173 33.95 22.07 12.08
C PRO D 173 34.51 20.79 12.67
N LEU D 174 33.63 19.84 13.00
CA LEU D 174 34.05 18.58 13.58
C LEU D 174 34.83 17.72 12.60
N LEU D 175 34.28 17.57 11.40
CA LEU D 175 34.89 16.74 10.38
C LEU D 175 36.05 17.35 9.61
N ASN D 176 36.01 18.67 9.38
CA ASN D 176 37.06 19.33 8.61
C ASN D 176 38.09 20.14 9.40
N GLU D 177 37.86 20.33 10.70
CA GLU D 177 38.79 21.11 11.52
C GLU D 177 38.91 20.49 12.91
N TYR D 178 38.92 19.17 12.98
CA TYR D 178 39.01 18.47 14.26
C TYR D 178 40.15 18.92 15.15
N GLU D 179 41.31 19.25 14.56
CA GLU D 179 42.46 19.68 15.35
C GLU D 179 42.16 20.91 16.20
N GLN D 180 41.32 21.81 15.68
CA GLN D 180 40.95 22.99 16.46
C GLN D 180 39.65 22.73 17.24
N THR D 181 38.73 22.01 16.60
CA THR D 181 37.43 21.70 17.18
C THR D 181 37.44 20.75 18.38
N LYS D 182 38.42 19.87 18.46
CA LYS D 182 38.48 18.92 19.57
C LYS D 182 38.59 19.64 20.93
N HIS D 183 39.24 20.80 20.94
CA HIS D 183 39.40 21.57 22.16
C HIS D 183 38.07 22.15 22.64
N ARG D 184 37.16 22.38 21.70
CA ARG D 184 35.86 22.92 22.05
C ARG D 184 34.98 21.79 22.59
N LEU D 185 35.18 20.59 22.08
CA LEU D 185 34.43 19.44 22.54
C LEU D 185 34.74 19.20 24.02
N ARG D 186 36.04 19.24 24.36
CA ARG D 186 36.44 19.03 25.75
C ARG D 186 35.93 20.17 26.63
N ASP D 187 35.77 21.36 26.05
CA ASP D 187 35.25 22.48 26.82
C ASP D 187 33.77 22.23 27.13
N TRP D 188 33.11 21.44 26.28
CA TRP D 188 31.71 21.12 26.47
C TRP D 188 31.50 19.78 27.19
N GLY D 189 32.56 19.24 27.75
CA GLY D 189 32.44 18.00 28.49
C GLY D 189 32.71 16.70 27.73
N TYR D 190 33.05 16.80 26.45
CA TYR D 190 33.34 15.61 25.65
C TYR D 190 34.84 15.34 25.73
N LYS D 191 35.19 14.35 26.56
CA LYS D 191 36.57 13.99 26.82
C LYS D 191 37.34 13.34 25.69
N VAL D 192 37.51 14.06 24.59
CA VAL D 192 38.29 13.53 23.47
C VAL D 192 39.75 13.64 23.87
N ASN D 193 40.52 12.59 23.63
CA ASN D 193 41.93 12.59 24.02
C ASN D 193 42.89 13.09 22.96
N ASP D 194 44.16 13.18 23.31
CA ASP D 194 45.20 13.63 22.40
C ASP D 194 45.29 12.65 21.24
N GLU D 195 45.16 11.37 21.54
CA GLU D 195 45.20 10.35 20.50
C GLU D 195 43.81 9.80 20.22
N TRP D 196 43.63 9.32 18.99
CA TRP D 196 42.35 8.76 18.59
C TRP D 196 42.22 7.35 19.16
N ASN D 197 41.72 7.27 20.39
CA ASN D 197 41.54 5.99 21.05
C ASN D 197 40.07 5.71 21.31
N GLU D 198 39.80 4.64 22.05
CA GLU D 198 38.44 4.25 22.37
C GLU D 198 37.70 5.41 23.03
N GLY D 199 38.36 6.07 23.99
CA GLY D 199 37.75 7.18 24.68
C GLY D 199 37.36 8.32 23.74
N SER D 200 38.25 8.66 22.82
CA SER D 200 37.97 9.72 21.86
C SER D 200 36.81 9.33 20.95
N ILE D 201 36.82 8.10 20.47
CA ILE D 201 35.76 7.60 19.58
C ILE D 201 34.40 7.63 20.27
N GLN D 202 34.35 7.20 21.53
CA GLN D 202 33.08 7.19 22.26
C GLN D 202 32.57 8.58 22.60
N GLU D 203 33.46 9.49 22.94
CA GLU D 203 33.03 10.84 23.26
C GLU D 203 32.50 11.57 22.02
N VAL D 204 33.14 11.34 20.86
CA VAL D 204 32.67 11.99 19.64
C VAL D 204 31.29 11.41 19.29
N LYS D 205 31.12 10.10 19.47
CA LYS D 205 29.83 9.46 19.21
C LYS D 205 28.77 10.04 20.15
N ARG D 206 29.15 10.27 21.41
CA ARG D 206 28.26 10.82 22.42
C ARG D 206 27.84 12.23 22.03
N PHE D 207 28.78 12.98 21.45
CA PHE D 207 28.50 14.35 21.02
C PHE D 207 27.42 14.33 19.94
N LEU D 208 27.56 13.41 18.99
CA LEU D 208 26.61 13.28 17.88
C LEU D 208 25.25 12.78 18.37
N THR D 209 25.27 11.84 19.31
CA THR D 209 24.03 11.31 19.84
C THR D 209 23.29 12.38 20.64
N ASP D 210 24.01 13.14 21.45
CA ASP D 210 23.36 14.20 22.24
C ASP D 210 22.71 15.22 21.31
N TRP D 211 23.38 15.56 20.21
CA TRP D 211 22.81 16.54 19.31
C TRP D 211 21.68 16.00 18.45
N ILE D 212 21.70 14.70 18.20
CA ILE D 212 20.64 14.07 17.42
C ILE D 212 19.36 14.09 18.25
N GLU D 213 19.50 13.79 19.54
CA GLU D 213 18.36 13.78 20.45
C GLU D 213 17.79 15.19 20.62
N ARG D 214 18.66 16.18 20.72
CA ARG D 214 18.22 17.55 20.91
C ARG D 214 17.61 18.19 19.65
N MET D 215 18.12 17.85 18.48
CA MET D 215 17.62 18.43 17.23
C MET D 215 16.64 17.57 16.45
N ASP D 216 16.68 16.27 16.67
CA ASP D 216 15.84 15.34 15.91
C ASP D 216 16.00 15.69 14.42
N PRO D 217 17.24 15.73 13.94
CA PRO D 217 17.58 16.05 12.56
C PRO D 217 17.12 15.03 11.52
N VAL D 218 16.79 15.51 10.32
CA VAL D 218 16.38 14.62 9.24
C VAL D 218 17.62 13.97 8.61
N TYR D 219 18.78 14.57 8.88
CA TYR D 219 20.05 14.04 8.41
C TYR D 219 21.22 14.84 8.99
N MET D 220 22.41 14.25 8.96
CA MET D 220 23.63 14.92 9.40
C MET D 220 24.33 15.34 8.11
N ALA D 221 24.87 16.55 8.09
CA ALA D 221 25.50 17.06 6.86
C ALA D 221 26.90 17.65 7.02
N VAL D 222 27.60 17.75 5.89
CA VAL D 222 28.94 18.32 5.85
C VAL D 222 29.23 18.74 4.42
N SER D 223 29.91 19.88 4.25
CA SER D 223 30.30 20.31 2.91
C SER D 223 31.77 19.89 2.90
N LEU D 224 32.23 19.41 1.75
CA LEU D 224 33.59 18.89 1.61
C LEU D 224 34.34 19.46 0.41
N PRO D 225 35.68 19.50 0.50
CA PRO D 225 36.51 20.04 -0.59
C PRO D 225 36.66 19.08 -1.77
N PRO D 226 37.16 19.60 -2.91
CA PRO D 226 37.38 18.83 -4.13
C PRO D 226 38.32 17.64 -3.89
N THR D 227 39.15 17.77 -2.85
CA THR D 227 40.13 16.74 -2.52
C THR D 227 39.63 15.65 -1.57
N PHE D 228 38.32 15.65 -1.27
CA PHE D 228 37.76 14.64 -0.38
C PHE D 228 38.08 13.21 -0.80
N SER D 229 38.47 12.40 0.16
CA SER D 229 38.79 11.01 -0.10
C SER D 229 38.31 10.15 1.05
N PHE D 230 38.04 8.89 0.73
CA PHE D 230 37.63 7.93 1.74
C PHE D 230 37.78 6.55 1.13
N PRO D 231 38.37 5.60 1.88
CA PRO D 231 38.88 5.76 3.25
C PRO D 231 40.05 6.75 3.30
N GLU D 232 40.37 7.23 4.48
CA GLU D 232 41.48 8.15 4.63
C GLU D 232 42.01 8.19 6.05
N GLU D 233 43.32 8.05 6.19
CA GLU D 233 43.94 8.12 7.51
C GLU D 233 44.12 9.61 7.81
N SER D 234 43.10 10.18 8.43
CA SER D 234 43.09 11.60 8.79
C SER D 234 41.99 11.72 9.84
N ASN D 235 41.88 12.89 10.47
CA ASN D 235 40.82 13.05 11.47
C ASN D 235 39.44 12.85 10.83
N ARG D 236 39.23 13.43 9.66
CA ARG D 236 37.94 13.29 8.98
C ARG D 236 37.63 11.83 8.63
N GLY D 237 38.62 11.14 8.07
CA GLY D 237 38.43 9.75 7.70
C GLY D 237 38.09 8.84 8.87
N ARG D 238 38.73 9.06 10.00
CA ARG D 238 38.48 8.21 11.17
C ARG D 238 37.19 8.60 11.89
N ILE D 239 36.85 9.88 11.86
CA ILE D 239 35.62 10.32 12.52
C ILE D 239 34.43 9.77 11.74
N ILE D 240 34.53 9.79 10.42
CA ILE D 240 33.46 9.28 9.58
C ILE D 240 33.35 7.76 9.75
N ARG D 241 34.47 7.07 9.75
CA ARG D 241 34.49 5.62 9.87
C ARG D 241 34.10 5.11 11.26
N ASP D 242 34.70 5.69 12.30
CA ASP D 242 34.40 5.22 13.66
C ASP D 242 33.24 5.89 14.38
N CYS D 243 32.84 7.08 13.94
CA CYS D 243 31.77 7.76 14.66
C CYS D 243 30.50 8.10 13.92
N LEU D 244 30.62 8.83 12.81
CA LEU D 244 29.46 9.25 12.03
C LEU D 244 28.67 8.10 11.43
N LEU D 245 29.34 7.22 10.71
CA LEU D 245 28.62 6.13 10.08
C LEU D 245 27.89 5.23 11.07
N PRO D 246 28.58 4.78 12.15
CA PRO D 246 27.92 3.92 13.12
C PRO D 246 26.68 4.56 13.74
N VAL D 247 26.81 5.83 14.14
CA VAL D 247 25.70 6.56 14.73
C VAL D 247 24.56 6.76 13.74
N ALA D 248 24.89 7.11 12.49
CA ALA D 248 23.87 7.33 11.47
C ALA D 248 23.06 6.07 11.17
N GLU D 249 23.75 4.93 11.08
CA GLU D 249 23.07 3.65 10.82
C GLU D 249 22.14 3.31 11.98
N LYS D 250 22.66 3.44 13.20
CA LYS D 250 21.92 3.14 14.41
C LYS D 250 20.58 3.89 14.45
N HIS D 251 20.62 5.19 14.15
CA HIS D 251 19.41 6.00 14.17
C HIS D 251 18.77 6.10 12.79
N ASN D 252 19.28 5.33 11.84
CA ASN D 252 18.76 5.34 10.47
C ASN D 252 18.65 6.75 9.92
N ILE D 253 19.67 7.56 10.19
CA ILE D 253 19.70 8.95 9.73
C ILE D 253 20.64 9.04 8.52
N PRO D 254 20.18 9.64 7.42
CA PRO D 254 21.07 9.73 6.26
C PRO D 254 22.22 10.71 6.48
N PHE D 255 23.29 10.52 5.73
CA PHE D 255 24.47 11.37 5.80
C PHE D 255 24.53 12.17 4.50
N ALA D 256 24.40 13.49 4.61
CA ALA D 256 24.42 14.36 3.43
C ALA D 256 25.81 14.93 3.20
N MET D 257 26.31 14.78 1.98
CA MET D 257 27.62 15.29 1.61
C MET D 257 27.49 16.27 0.46
N MET D 258 27.96 17.49 0.67
CA MET D 258 27.90 18.53 -0.36
C MET D 258 29.35 18.72 -0.72
N ILE D 259 29.74 18.08 -1.82
CA ILE D 259 31.14 18.05 -2.28
C ILE D 259 31.61 18.97 -3.40
N GLY D 260 32.81 19.52 -3.22
CA GLY D 260 33.38 20.38 -4.25
C GLY D 260 33.68 21.82 -3.91
N VAL D 261 33.37 22.24 -2.68
CA VAL D 261 33.61 23.63 -2.29
C VAL D 261 35.06 23.90 -1.82
N LYS D 262 35.69 24.92 -2.39
CA LYS D 262 37.04 25.28 -1.97
C LYS D 262 36.84 26.58 -1.17
N LYS D 263 36.77 26.43 0.15
CA LYS D 263 36.55 27.53 1.08
C LYS D 263 37.57 28.66 1.12
N ARG D 264 37.04 29.88 1.12
CA ARG D 264 37.84 31.09 1.24
C ARG D 264 39.03 31.34 0.31
N VAL D 265 38.82 31.24 -0.99
CA VAL D 265 39.93 31.52 -1.90
C VAL D 265 40.11 33.04 -1.94
N HIS D 266 39.11 33.76 -1.46
CA HIS D 266 39.16 35.22 -1.39
C HIS D 266 38.53 35.61 -0.05
N PRO D 267 39.32 35.50 1.03
CA PRO D 267 38.93 35.81 2.41
C PRO D 267 38.17 37.12 2.61
N ALA D 268 38.64 38.18 1.97
CA ALA D 268 38.01 39.49 2.13
C ALA D 268 36.53 39.52 1.74
N LEU D 269 36.11 38.60 0.87
CA LEU D 269 34.72 38.54 0.43
C LEU D 269 33.81 37.78 1.38
N GLY D 270 34.35 37.23 2.46
CA GLY D 270 33.51 36.50 3.39
C GLY D 270 32.72 35.37 2.74
N ASP D 271 31.43 35.26 3.07
CA ASP D 271 30.58 34.22 2.52
C ASP D 271 30.61 34.16 0.99
N ALA D 272 31.05 35.24 0.36
CA ALA D 272 31.13 35.30 -1.09
C ALA D 272 32.51 34.89 -1.61
N GLY D 273 33.39 34.47 -0.71
CA GLY D 273 34.73 34.10 -1.14
C GLY D 273 35.04 32.65 -1.38
N ASP D 274 34.02 31.81 -1.62
CA ASP D 274 34.28 30.38 -1.84
C ASP D 274 34.32 29.99 -3.33
N PHE D 275 35.22 29.07 -3.66
CA PHE D 275 35.39 28.64 -5.06
C PHE D 275 34.97 27.17 -5.19
N VAL D 276 35.19 26.61 -6.37
CA VAL D 276 34.79 25.23 -6.67
C VAL D 276 35.89 24.42 -7.35
N GLY D 277 35.79 23.09 -7.24
CA GLY D 277 36.76 22.20 -7.87
C GLY D 277 36.18 20.81 -8.08
N LYS D 278 36.54 20.16 -9.19
CA LYS D 278 36.03 18.83 -9.49
C LYS D 278 36.60 17.82 -8.52
N ALA D 279 35.76 16.91 -8.04
CA ALA D 279 36.21 15.90 -7.09
C ALA D 279 36.30 14.52 -7.73
N SER D 280 37.01 13.62 -7.06
CA SER D 280 37.12 12.23 -7.50
C SER D 280 35.87 11.58 -6.93
N MET D 281 35.33 10.57 -7.62
CA MET D 281 34.14 9.88 -7.15
C MET D 281 34.53 8.68 -6.29
N ASP D 282 35.83 8.41 -6.18
CA ASP D 282 36.33 7.27 -5.42
C ASP D 282 35.81 7.20 -3.99
N GLY D 283 35.83 8.33 -3.30
CA GLY D 283 35.38 8.35 -1.92
C GLY D 283 33.91 8.02 -1.77
N VAL D 284 33.08 8.64 -2.62
CA VAL D 284 31.65 8.40 -2.57
C VAL D 284 31.36 6.95 -2.93
N GLU D 285 32.01 6.48 -3.98
CA GLU D 285 31.86 5.10 -4.45
C GLU D 285 32.17 4.09 -3.34
N HIS D 286 33.27 4.31 -2.63
CA HIS D 286 33.67 3.41 -1.56
C HIS D 286 32.68 3.44 -0.41
N LEU D 287 32.24 4.64 -0.02
CA LEU D 287 31.29 4.77 1.07
C LEU D 287 30.00 4.01 0.78
N LEU D 288 29.48 4.17 -0.44
CA LEU D 288 28.23 3.51 -0.84
C LEU D 288 28.34 1.99 -0.89
N ARG D 289 29.44 1.50 -1.43
CA ARG D 289 29.66 0.07 -1.55
C ARG D 289 29.94 -0.60 -0.21
N GLU D 290 30.82 0.00 0.58
CA GLU D 290 31.20 -0.59 1.86
C GLU D 290 30.25 -0.38 3.04
N TYR D 291 29.27 0.51 2.89
CA TYR D 291 28.30 0.77 3.95
C TYR D 291 26.89 0.72 3.39
N PRO D 292 26.47 -0.46 2.89
CA PRO D 292 25.14 -0.67 2.30
C PRO D 292 23.97 -0.40 3.25
N ASN D 293 24.24 -0.36 4.55
CA ASN D 293 23.18 -0.09 5.53
C ASN D 293 23.12 1.38 5.93
N ASN D 294 23.95 2.21 5.30
CA ASN D 294 23.92 3.65 5.58
C ASN D 294 23.30 4.34 4.37
N LYS D 295 22.64 5.47 4.62
CA LYS D 295 22.00 6.22 3.54
C LYS D 295 22.78 7.48 3.27
N PHE D 296 22.95 7.80 1.99
CA PHE D 296 23.72 8.96 1.59
C PHE D 296 23.00 9.93 0.67
N LEU D 297 22.93 11.19 1.10
CA LEU D 297 22.33 12.25 0.30
C LEU D 297 23.54 12.99 -0.27
N VAL D 298 23.62 13.12 -1.59
CA VAL D 298 24.78 13.79 -2.17
C VAL D 298 24.45 14.83 -3.22
N THR D 299 25.20 15.93 -3.21
CA THR D 299 25.06 17.00 -4.20
C THR D 299 26.49 17.48 -4.42
N MET D 300 26.88 17.74 -5.66
CA MET D 300 28.24 18.18 -5.96
C MET D 300 28.27 19.58 -6.60
N LEU D 301 29.35 20.31 -6.36
CA LEU D 301 29.47 21.68 -6.87
C LEU D 301 30.04 21.87 -8.27
N SER D 302 30.89 20.95 -8.72
CA SER D 302 31.49 21.09 -10.06
C SER D 302 30.58 20.58 -11.18
N ARG D 303 30.45 21.36 -12.23
CA ARG D 303 29.63 20.97 -13.36
C ARG D 303 30.16 19.66 -13.94
N GLU D 304 31.47 19.49 -13.87
CA GLU D 304 32.13 18.30 -14.42
C GLU D 304 31.93 17.00 -13.61
N ASN D 305 31.30 17.10 -12.45
CA ASN D 305 31.05 15.92 -11.62
C ASN D 305 29.61 15.41 -11.81
N GLN D 306 28.74 16.26 -12.34
CA GLN D 306 27.33 15.94 -12.48
C GLN D 306 26.93 14.67 -13.23
N HIS D 307 27.46 14.44 -14.42
CA HIS D 307 27.09 13.24 -15.17
C HIS D 307 27.53 11.96 -14.49
N GLU D 308 28.76 11.91 -13.99
CA GLU D 308 29.24 10.69 -13.32
C GLU D 308 28.53 10.45 -11.98
N LEU D 309 28.01 11.50 -11.35
CA LEU D 309 27.27 11.33 -10.08
C LEU D 309 25.97 10.60 -10.38
N VAL D 310 25.34 10.96 -11.50
CA VAL D 310 24.10 10.32 -11.91
C VAL D 310 24.38 8.85 -12.17
N VAL D 311 25.47 8.55 -12.87
CA VAL D 311 25.81 7.16 -13.16
C VAL D 311 26.06 6.41 -11.86
N LEU D 312 26.62 7.08 -10.86
CA LEU D 312 26.89 6.43 -9.59
C LEU D 312 25.59 6.08 -8.87
N ALA D 313 24.57 6.91 -9.05
CA ALA D 313 23.27 6.66 -8.42
C ALA D 313 22.68 5.41 -9.07
N ARG D 314 22.95 5.21 -10.35
CA ARG D 314 22.46 4.02 -11.06
C ARG D 314 23.06 2.77 -10.40
N LYS D 315 24.27 2.90 -9.88
CA LYS D 315 24.97 1.79 -9.25
C LYS D 315 24.51 1.47 -7.83
N PHE D 316 24.21 2.49 -7.03
CA PHE D 316 23.83 2.27 -5.64
C PHE D 316 22.51 2.88 -5.19
N SER D 317 21.59 2.02 -4.75
CA SER D 317 20.29 2.47 -4.27
C SER D 317 20.39 3.25 -2.96
N ASN D 318 21.48 3.08 -2.22
CA ASN D 318 21.60 3.82 -0.98
C ASN D 318 22.13 5.24 -1.21
N LEU D 319 22.23 5.62 -2.49
CA LEU D 319 22.64 6.97 -2.87
C LEU D 319 21.43 7.73 -3.40
N MET D 320 21.13 8.87 -2.81
CA MET D 320 20.03 9.70 -3.28
C MET D 320 20.65 11.04 -3.61
N ILE D 321 20.70 11.40 -4.89
CA ILE D 321 21.28 12.67 -5.27
C ILE D 321 20.22 13.75 -5.18
N PHE D 322 20.65 14.97 -4.87
CA PHE D 322 19.72 16.06 -4.75
C PHE D 322 20.28 17.41 -5.17
N GLY D 323 19.36 18.26 -5.61
CA GLY D 323 19.64 19.63 -6.01
C GLY D 323 20.68 20.00 -7.05
N CYS D 324 20.62 21.29 -7.39
CA CYS D 324 21.53 21.93 -8.33
C CYS D 324 22.10 23.01 -7.41
N TRP D 325 23.18 22.62 -6.75
CA TRP D 325 23.84 23.43 -5.75
C TRP D 325 24.71 24.62 -6.12
N TRP D 326 24.38 25.77 -5.55
CA TRP D 326 25.19 26.97 -5.67
C TRP D 326 25.47 27.41 -7.10
N PHE D 327 26.72 27.17 -7.52
CA PHE D 327 27.14 27.56 -8.87
C PHE D 327 26.44 26.71 -9.92
N MET D 328 25.79 25.64 -9.49
CA MET D 328 25.02 24.77 -10.38
C MET D 328 23.59 25.32 -10.49
N ASN D 329 23.21 26.18 -9.53
CA ASN D 329 21.86 26.72 -9.50
C ASN D 329 21.58 27.83 -10.50
N ASN D 330 21.86 27.55 -11.77
CA ASN D 330 21.66 28.48 -12.86
C ASN D 330 20.88 27.76 -13.97
N PRO D 331 19.91 28.46 -14.59
CA PRO D 331 19.08 27.88 -15.66
C PRO D 331 19.80 26.93 -16.62
N GLU D 332 20.85 27.39 -17.27
CA GLU D 332 21.60 26.56 -18.21
C GLU D 332 22.02 25.21 -17.60
N ILE D 333 22.51 25.25 -16.37
CA ILE D 333 22.98 24.06 -15.67
C ILE D 333 21.83 23.25 -15.04
N ILE D 334 20.88 23.94 -14.44
CA ILE D 334 19.73 23.25 -13.86
C ILE D 334 19.07 22.37 -14.94
N ASN D 335 18.95 22.93 -16.14
CA ASN D 335 18.32 22.21 -17.25
C ASN D 335 19.09 20.94 -17.63
N GLU D 336 20.39 21.08 -17.89
CA GLU D 336 21.16 19.91 -18.30
C GLU D 336 21.23 18.86 -17.20
N MET D 337 21.39 19.28 -15.96
CA MET D 337 21.45 18.34 -14.85
C MET D 337 20.16 17.58 -14.67
N THR D 338 19.03 18.28 -14.74
CA THR D 338 17.74 17.66 -14.55
C THR D 338 17.40 16.68 -15.67
N ARG D 339 17.85 16.98 -16.89
CA ARG D 339 17.60 16.08 -18.01
C ARG D 339 18.46 14.81 -17.94
N MET D 340 19.74 14.97 -17.62
CA MET D 340 20.63 13.81 -17.51
C MET D 340 20.15 12.91 -16.40
N ARG D 341 19.71 13.53 -15.30
CA ARG D 341 19.21 12.80 -14.16
C ARG D 341 17.97 12.00 -14.53
N MET D 342 16.98 12.66 -15.11
CA MET D 342 15.75 11.95 -15.46
C MET D 342 15.97 10.84 -16.49
N GLU D 343 16.80 11.10 -17.49
CA GLU D 343 17.06 10.11 -18.53
C GLU D 343 17.65 8.81 -18.00
N MET D 344 18.53 8.93 -16.99
CA MET D 344 19.16 7.76 -16.39
C MET D 344 18.58 7.26 -15.07
N LEU D 345 17.76 8.08 -14.41
CA LEU D 345 17.18 7.69 -13.12
C LEU D 345 15.65 7.72 -13.05
N GLY D 346 15.00 8.16 -14.12
CA GLY D 346 13.56 8.25 -14.09
C GLY D 346 13.18 9.34 -13.09
N THR D 347 12.40 8.97 -12.08
CA THR D 347 11.99 9.92 -11.04
C THR D 347 12.66 9.63 -9.70
N SER D 348 13.66 8.75 -9.69
CA SER D 348 14.34 8.40 -8.43
C SER D 348 15.45 9.35 -7.99
N PHE D 349 15.12 10.62 -7.87
CA PHE D 349 16.08 11.62 -7.42
C PHE D 349 15.32 12.84 -6.93
N ILE D 350 16.02 13.76 -6.27
CA ILE D 350 15.44 14.98 -5.75
C ILE D 350 16.04 16.09 -6.60
N PRO D 351 15.29 16.56 -7.60
CA PRO D 351 15.77 17.62 -8.49
C PRO D 351 16.28 18.94 -7.93
N GLN D 352 15.73 19.41 -6.81
CA GLN D 352 16.16 20.72 -6.33
C GLN D 352 15.93 21.04 -4.86
N HIS D 353 16.64 22.08 -4.42
CA HIS D 353 16.53 22.64 -3.08
C HIS D 353 16.81 24.13 -3.28
N SER D 354 16.34 24.97 -2.37
CA SER D 354 16.53 26.41 -2.56
C SER D 354 17.84 26.96 -2.02
N ASP D 355 18.30 26.43 -0.89
CA ASP D 355 19.53 26.92 -0.26
C ASP D 355 19.27 28.35 0.19
N ALA D 356 17.99 28.70 0.35
CA ALA D 356 17.63 30.06 0.74
C ALA D 356 18.34 30.58 1.98
N ARG D 357 18.93 31.77 1.86
CA ARG D 357 19.61 32.40 2.98
C ARG D 357 18.71 33.53 3.50
N VAL D 358 17.80 33.97 2.63
CA VAL D 358 16.86 35.02 2.96
C VAL D 358 15.47 34.46 2.65
N LEU D 359 14.57 34.60 3.60
CA LEU D 359 13.20 34.11 3.50
C LEU D 359 12.50 34.24 2.14
N GLU D 360 12.43 35.45 1.61
CA GLU D 360 11.76 35.69 0.34
C GLU D 360 12.31 34.93 -0.86
N GLN D 361 13.55 34.45 -0.76
CA GLN D 361 14.16 33.72 -1.87
C GLN D 361 13.40 32.44 -2.20
N LEU D 362 12.62 31.94 -1.26
CA LEU D 362 11.85 30.73 -1.49
C LEU D 362 10.93 30.94 -2.70
N ILE D 363 10.54 32.19 -2.93
CA ILE D 363 9.66 32.51 -4.04
C ILE D 363 10.34 32.37 -5.40
N TYR D 364 11.49 33.01 -5.56
CA TYR D 364 12.19 32.93 -6.83
C TYR D 364 12.90 31.59 -7.07
N LYS D 365 13.50 31.03 -6.03
CA LYS D 365 14.21 29.77 -6.20
C LYS D 365 13.29 28.67 -6.74
N TRP D 366 12.10 28.56 -6.15
CA TRP D 366 11.14 27.54 -6.56
C TRP D 366 10.38 27.88 -7.84
N HIS D 367 10.15 29.16 -8.08
CA HIS D 367 9.46 29.55 -9.31
C HIS D 367 10.40 29.39 -10.52
N HIS D 368 11.66 29.79 -10.35
CA HIS D 368 12.63 29.67 -11.44
C HIS D 368 12.92 28.20 -11.73
N SER D 369 12.97 27.39 -10.68
CA SER D 369 13.26 25.98 -10.85
C SER D 369 12.10 25.17 -11.37
N LYS D 370 10.91 25.40 -10.82
CA LYS D 370 9.72 24.67 -11.25
C LYS D 370 9.44 24.84 -12.74
N SER D 371 9.67 26.02 -13.28
CA SER D 371 9.40 26.25 -14.70
C SER D 371 10.32 25.39 -15.58
N ILE D 372 11.56 25.22 -15.14
CA ILE D 372 12.52 24.40 -15.87
C ILE D 372 12.18 22.92 -15.67
N ILE D 373 11.89 22.54 -14.44
CA ILE D 373 11.56 21.14 -14.15
C ILE D 373 10.28 20.74 -14.89
N ALA D 374 9.33 21.65 -14.98
CA ALA D 374 8.08 21.39 -15.68
C ALA D 374 8.37 21.12 -17.16
N GLU D 375 9.21 21.95 -17.76
CA GLU D 375 9.55 21.78 -19.17
C GLU D 375 10.21 20.42 -19.44
N VAL D 376 11.09 19.98 -18.54
CA VAL D 376 11.75 18.69 -18.69
C VAL D 376 10.72 17.55 -18.62
N LEU D 377 9.84 17.62 -17.63
CA LEU D 377 8.79 16.62 -17.47
C LEU D 377 7.89 16.57 -18.70
N ILE D 378 7.54 17.73 -19.24
CA ILE D 378 6.70 17.78 -20.44
C ILE D 378 7.38 17.02 -21.58
N ASP D 379 8.67 17.28 -21.79
CA ASP D 379 9.40 16.58 -22.84
C ASP D 379 9.42 15.06 -22.57
N LYS D 380 9.68 14.68 -21.32
CA LYS D 380 9.76 13.27 -20.98
C LYS D 380 8.42 12.54 -21.03
N TYR D 381 7.36 13.20 -20.62
CA TYR D 381 6.03 12.59 -20.66
C TYR D 381 5.56 12.51 -22.11
N ASP D 382 5.84 13.54 -22.89
CA ASP D 382 5.42 13.54 -24.29
C ASP D 382 6.12 12.43 -25.09
N ASP D 383 7.38 12.17 -24.77
CA ASP D 383 8.11 11.12 -25.46
C ASP D 383 7.44 9.75 -25.26
N ILE D 384 6.97 9.46 -24.06
CA ILE D 384 6.32 8.17 -23.87
C ILE D 384 4.88 8.21 -24.37
N LEU D 385 4.24 9.37 -24.31
CA LEU D 385 2.86 9.50 -24.80
C LEU D 385 2.86 9.20 -26.30
N GLN D 386 3.79 9.81 -27.01
CA GLN D 386 3.88 9.60 -28.45
C GLN D 386 4.23 8.15 -28.76
N ALA D 387 4.82 7.46 -27.79
CA ALA D 387 5.21 6.06 -27.95
C ALA D 387 4.02 5.12 -27.68
N GLY D 388 2.86 5.71 -27.36
CA GLY D 388 1.66 4.91 -27.11
C GLY D 388 1.25 4.70 -25.67
N TRP D 389 2.01 5.27 -24.74
CA TRP D 389 1.72 5.11 -23.33
C TRP D 389 0.60 6.03 -22.84
N GLU D 390 -0.22 5.52 -21.93
CA GLU D 390 -1.29 6.32 -21.35
C GLU D 390 -0.73 7.03 -20.12
N VAL D 391 -0.79 8.36 -20.11
CA VAL D 391 -0.33 9.09 -18.95
C VAL D 391 -1.54 9.77 -18.36
N THR D 392 -1.85 9.47 -17.10
CA THR D 392 -3.00 10.08 -16.46
C THR D 392 -2.56 11.25 -15.61
N GLU D 393 -3.49 12.17 -15.37
CA GLU D 393 -3.21 13.33 -14.56
C GLU D 393 -2.85 12.89 -13.14
N GLU D 394 -3.42 11.76 -12.73
CA GLU D 394 -3.15 11.24 -11.40
C GLU D 394 -1.73 10.71 -11.27
N GLU D 395 -1.23 10.08 -12.33
CA GLU D 395 0.14 9.57 -12.30
C GLU D 395 1.12 10.74 -12.34
N ILE D 396 0.74 11.83 -13.02
CA ILE D 396 1.60 13.01 -13.08
C ILE D 396 1.73 13.62 -11.69
N LYS D 397 0.61 13.75 -10.98
CA LYS D 397 0.64 14.33 -9.64
C LYS D 397 1.50 13.46 -8.71
N ARG D 398 1.38 12.15 -8.86
CA ARG D 398 2.15 11.19 -8.08
C ARG D 398 3.65 11.39 -8.30
N ASP D 399 4.05 11.41 -9.57
CA ASP D 399 5.45 11.60 -9.92
C ASP D 399 5.96 12.96 -9.43
N VAL D 400 5.18 14.02 -9.67
CA VAL D 400 5.58 15.35 -9.25
C VAL D 400 5.73 15.42 -7.72
N ALA D 401 4.86 14.71 -7.00
CA ALA D 401 4.92 14.69 -5.55
C ALA D 401 6.21 14.00 -5.10
N ASP D 402 6.62 12.95 -5.81
CA ASP D 402 7.85 12.25 -5.47
C ASP D 402 9.02 13.22 -5.58
N LEU D 403 9.13 13.83 -6.76
CA LEU D 403 10.21 14.76 -7.06
C LEU D 403 10.36 15.94 -6.10
N PHE D 404 9.25 16.58 -5.78
CA PHE D 404 9.28 17.75 -4.91
C PHE D 404 9.07 17.51 -3.42
N SER D 405 8.77 16.28 -3.03
CA SER D 405 8.54 16.04 -1.60
C SER D 405 8.71 14.63 -1.07
N ARG D 406 7.94 13.69 -1.61
CA ARG D 406 7.96 12.30 -1.17
C ARG D 406 9.30 11.58 -1.22
N ASN D 407 10.04 11.76 -2.31
CA ASN D 407 11.34 11.08 -2.42
C ASN D 407 12.23 11.38 -1.21
N PHE D 408 12.28 12.64 -0.79
CA PHE D 408 13.08 13.03 0.36
C PHE D 408 12.62 12.34 1.64
N TRP D 409 11.35 12.53 1.98
CA TRP D 409 10.80 11.95 3.20
C TRP D 409 10.92 10.43 3.21
N ARG D 410 10.73 9.81 2.05
CA ARG D 410 10.84 8.36 1.96
C ARG D 410 12.29 7.97 2.26
N PHE D 411 13.24 8.74 1.73
CA PHE D 411 14.65 8.43 1.95
C PHE D 411 15.08 8.61 3.41
N VAL D 412 14.68 9.71 4.03
CA VAL D 412 15.06 9.97 5.41
C VAL D 412 14.40 9.00 6.37
N GLY D 413 13.29 8.39 5.95
CA GLY D 413 12.60 7.42 6.79
C GLY D 413 11.59 8.04 7.75
N ARG D 414 10.90 9.08 7.28
CA ARG D 414 9.88 9.75 8.09
C ARG D 414 8.62 10.04 7.28
N SER E 2 11.09 51.55 -21.74
CA SER E 2 9.92 50.93 -21.06
C SER E 2 9.19 50.00 -22.04
N ILE E 3 9.89 48.92 -22.41
CA ILE E 3 9.36 47.92 -23.32
C ILE E 3 8.56 46.88 -22.53
N ASN E 4 7.33 46.63 -22.93
CA ASN E 4 6.50 45.67 -22.20
C ASN E 4 6.11 44.41 -22.98
N SER E 5 6.35 44.42 -24.29
CA SER E 5 6.02 43.25 -25.11
C SER E 5 7.29 42.51 -25.53
N ARG E 6 7.20 41.20 -25.62
CA ARG E 6 8.35 40.39 -26.01
C ARG E 6 8.80 40.57 -27.44
N GLU E 7 7.86 40.84 -28.35
CA GLU E 7 8.22 41.02 -29.74
C GLU E 7 9.05 42.28 -29.97
N VAL E 8 8.69 43.36 -29.27
CA VAL E 8 9.41 44.63 -29.39
C VAL E 8 10.79 44.49 -28.77
N LEU E 9 10.86 43.77 -27.65
CA LEU E 9 12.11 43.55 -26.95
C LEU E 9 13.11 42.85 -27.87
N ALA E 10 12.67 41.77 -28.49
CA ALA E 10 13.52 41.02 -29.41
C ALA E 10 13.98 41.92 -30.55
N GLU E 11 13.06 42.77 -31.00
CA GLU E 11 13.35 43.70 -32.08
C GLU E 11 14.48 44.66 -31.71
N LYS E 12 14.33 45.31 -30.55
CA LYS E 12 15.33 46.28 -30.10
C LYS E 12 16.69 45.65 -29.77
N VAL E 13 16.65 44.46 -29.17
CA VAL E 13 17.89 43.78 -28.82
C VAL E 13 18.65 43.45 -30.10
N LYS E 14 18.02 42.75 -31.03
CA LYS E 14 18.71 42.40 -32.27
C LYS E 14 19.20 43.65 -33.00
N ASN E 15 18.45 44.74 -32.90
CA ASN E 15 18.87 45.98 -33.55
C ASN E 15 20.10 46.56 -32.87
N ALA E 16 20.09 46.61 -31.54
CA ALA E 16 21.23 47.13 -30.80
C ALA E 16 22.47 46.29 -31.09
N VAL E 17 22.32 44.97 -31.06
CA VAL E 17 23.43 44.06 -31.32
C VAL E 17 24.01 44.25 -32.73
N ASN E 18 23.15 44.36 -33.73
CA ASN E 18 23.62 44.54 -35.10
C ASN E 18 24.24 45.90 -35.37
N ASN E 19 23.78 46.94 -34.65
CA ASN E 19 24.30 48.29 -34.86
C ASN E 19 25.55 48.62 -34.05
N GLN E 20 25.77 47.88 -32.96
CA GLN E 20 26.91 48.12 -32.09
C GLN E 20 28.26 47.87 -32.72
N PRO E 21 29.07 48.94 -32.89
CA PRO E 21 30.40 48.84 -33.48
C PRO E 21 31.21 47.91 -32.58
N VAL E 22 31.87 46.93 -33.17
CA VAL E 22 32.64 45.95 -32.42
C VAL E 22 34.13 46.22 -32.23
N THR E 23 34.62 45.91 -31.04
CA THR E 23 36.04 46.00 -30.74
C THR E 23 36.40 44.52 -30.63
N ASP E 24 37.21 44.05 -31.57
CA ASP E 24 37.63 42.65 -31.61
C ASP E 24 38.96 42.59 -30.87
N MET E 25 38.91 42.25 -29.58
CA MET E 25 40.12 42.26 -28.76
C MET E 25 41.19 41.16 -28.86
N HIS E 26 41.11 40.33 -29.90
CA HIS E 26 42.12 39.31 -30.19
C HIS E 26 41.98 38.76 -31.59
N THR E 27 42.93 39.12 -32.44
CA THR E 27 42.94 38.66 -33.82
C THR E 27 44.38 38.41 -34.27
N HIS E 28 44.52 37.90 -35.48
CA HIS E 28 45.82 37.65 -36.08
C HIS E 28 45.87 38.44 -37.37
N LEU E 29 45.23 39.59 -37.34
CA LEU E 29 45.17 40.50 -38.47
C LEU E 29 46.18 41.61 -38.17
N PHE E 30 46.54 42.38 -39.18
CA PHE E 30 47.50 43.47 -39.04
C PHE E 30 47.02 44.67 -39.85
N SER E 31 47.39 45.86 -39.41
CA SER E 31 47.03 47.07 -40.14
C SER E 31 47.52 46.83 -41.58
N PRO E 32 46.73 47.21 -42.58
CA PRO E 32 47.11 47.00 -43.99
C PRO E 32 48.47 47.55 -44.43
N ASN E 33 48.91 48.64 -43.83
CA ASN E 33 50.19 49.23 -44.18
C ASN E 33 51.37 48.33 -43.80
N PHE E 34 51.12 47.32 -42.98
CA PHE E 34 52.18 46.40 -42.56
C PHE E 34 52.56 45.44 -43.67
N GLY E 35 51.81 45.46 -44.77
CA GLY E 35 52.12 44.61 -45.91
C GLY E 35 51.46 43.24 -46.02
N GLU E 36 52.10 42.38 -46.81
CA GLU E 36 51.65 41.02 -47.08
C GLU E 36 51.27 40.23 -45.83
N ILE E 37 51.78 40.67 -44.67
CA ILE E 37 51.52 40.01 -43.40
C ILE E 37 50.01 39.94 -43.12
N LEU E 38 49.24 40.82 -43.76
CA LEU E 38 47.79 40.83 -43.60
C LEU E 38 47.19 39.90 -44.66
N LEU E 39 46.62 38.78 -44.22
CA LEU E 39 46.06 37.81 -45.15
C LEU E 39 44.59 38.08 -45.51
N TRP E 40 44.26 37.98 -46.79
CA TRP E 40 42.88 38.17 -47.25
C TRP E 40 42.58 37.52 -48.60
N ASP E 41 41.28 37.27 -48.81
CA ASP E 41 40.67 36.68 -50.00
C ASP E 41 40.23 35.23 -49.83
N ILE E 42 39.35 34.79 -50.73
CA ILE E 42 38.79 33.44 -50.68
C ILE E 42 39.83 32.33 -50.61
N ASP E 43 40.98 32.51 -51.26
CA ASP E 43 42.02 31.50 -51.22
C ASP E 43 42.59 31.39 -49.81
N GLU E 44 42.69 32.53 -49.13
CA GLU E 44 43.19 32.56 -47.75
C GLU E 44 42.16 31.94 -46.80
N LEU E 45 40.89 32.28 -47.03
CA LEU E 45 39.79 31.75 -46.21
C LEU E 45 39.71 30.24 -46.31
N LEU E 46 39.83 29.71 -47.52
CA LEU E 46 39.77 28.28 -47.76
C LEU E 46 40.98 27.49 -47.23
N THR E 47 42.12 28.16 -47.08
CA THR E 47 43.33 27.49 -46.58
C THR E 47 43.62 27.77 -45.10
N TYR E 48 42.66 28.41 -44.44
CA TYR E 48 42.71 28.69 -43.00
C TYR E 48 43.05 27.32 -42.41
N HIS E 49 43.88 27.28 -41.36
CA HIS E 49 44.26 25.96 -40.85
C HIS E 49 43.10 25.11 -40.32
N TYR E 50 42.00 25.75 -39.96
CA TYR E 50 40.82 25.01 -39.49
C TYR E 50 40.36 24.09 -40.62
N LEU E 51 40.37 24.59 -41.85
CA LEU E 51 39.95 23.80 -42.99
C LEU E 51 41.03 22.80 -43.45
N VAL E 52 42.28 23.06 -43.06
CA VAL E 52 43.36 22.14 -43.40
C VAL E 52 43.12 20.87 -42.59
N ALA E 53 42.89 21.02 -41.29
CA ALA E 53 42.64 19.88 -40.43
C ALA E 53 41.44 19.08 -40.95
N GLU E 54 40.39 19.79 -41.36
CA GLU E 54 39.19 19.14 -41.84
C GLU E 54 39.32 18.42 -43.18
N VAL E 55 40.03 19.00 -44.14
CA VAL E 55 40.16 18.33 -45.43
C VAL E 55 41.00 17.05 -45.30
N MET E 56 41.97 17.05 -44.40
CA MET E 56 42.81 15.87 -44.22
C MET E 56 42.06 14.64 -43.73
N ARG E 57 40.89 14.84 -43.12
CA ARG E 57 40.10 13.70 -42.64
C ARG E 57 39.38 13.06 -43.82
N TRP E 58 39.34 13.77 -44.95
CA TRP E 58 38.66 13.28 -46.13
C TRP E 58 39.55 12.88 -47.31
N THR E 59 40.38 13.82 -47.76
CA THR E 59 41.24 13.63 -48.92
C THR E 59 42.32 12.55 -48.79
N ASP E 60 42.56 11.85 -49.90
CA ASP E 60 43.57 10.80 -49.93
C ASP E 60 44.91 11.41 -50.29
N VAL E 61 44.92 12.72 -50.51
CA VAL E 61 46.14 13.46 -50.81
C VAL E 61 46.92 13.55 -49.51
N SER E 62 48.18 13.15 -49.53
CA SER E 62 49.01 13.18 -48.32
C SER E 62 49.26 14.62 -47.88
N ILE E 63 49.50 14.82 -46.60
CA ILE E 63 49.75 16.15 -46.05
C ILE E 63 50.93 16.79 -46.75
N GLU E 64 51.99 16.03 -46.99
CA GLU E 64 53.17 16.56 -47.67
C GLU E 64 52.83 17.03 -49.08
N ALA E 65 51.98 16.27 -49.77
CA ALA E 65 51.57 16.65 -51.12
C ALA E 65 50.77 17.94 -51.01
N PHE E 66 49.97 18.05 -49.96
CA PHE E 66 49.15 19.24 -49.75
C PHE E 66 50.05 20.46 -49.63
N TRP E 67 51.01 20.38 -48.71
CA TRP E 67 51.93 21.49 -48.48
C TRP E 67 52.78 21.78 -49.73
N ALA E 68 52.92 20.78 -50.58
CA ALA E 68 53.70 20.91 -51.81
C ALA E 68 52.97 21.68 -52.89
N MET E 69 51.64 21.60 -52.91
CA MET E 69 50.89 22.31 -53.94
C MET E 69 50.72 23.79 -53.63
N SER E 70 50.45 24.57 -54.68
CA SER E 70 50.28 26.02 -54.54
C SER E 70 49.04 26.35 -53.70
N LYS E 71 48.96 27.60 -53.29
CA LYS E 71 47.82 28.04 -52.48
C LYS E 71 46.51 27.88 -53.23
N ARG E 72 46.48 28.26 -54.51
CA ARG E 72 45.25 28.11 -55.29
C ARG E 72 44.90 26.64 -55.47
N GLU E 73 45.91 25.78 -55.51
CA GLU E 73 45.70 24.35 -55.66
C GLU E 73 45.13 23.75 -54.37
N GLN E 74 45.57 24.30 -53.24
CA GLN E 74 45.09 23.82 -51.94
C GLN E 74 43.63 24.24 -51.78
N ALA E 75 43.33 25.49 -52.15
CA ALA E 75 41.99 26.03 -52.06
C ALA E 75 41.03 25.19 -52.91
N ASP E 76 41.49 24.79 -54.10
CA ASP E 76 40.66 23.99 -55.00
C ASP E 76 40.35 22.62 -54.40
N LEU E 77 41.34 22.01 -53.74
CA LEU E 77 41.14 20.70 -53.13
C LEU E 77 40.15 20.80 -51.97
N ILE E 78 40.36 21.79 -51.12
CA ILE E 78 39.49 21.98 -49.97
C ILE E 78 38.06 22.25 -50.40
N TRP E 79 37.89 23.15 -51.37
CA TRP E 79 36.56 23.48 -51.90
C TRP E 79 35.86 22.24 -52.40
N GLU E 80 36.59 21.42 -53.16
CA GLU E 80 36.04 20.19 -53.72
C GLU E 80 35.74 19.14 -52.65
N GLU E 81 36.70 18.92 -51.77
CA GLU E 81 36.56 17.92 -50.70
C GLU E 81 35.57 18.27 -49.59
N LEU E 82 35.52 19.53 -49.18
CA LEU E 82 34.62 19.90 -48.08
C LEU E 82 33.30 20.58 -48.45
N PHE E 83 33.21 21.10 -49.67
CA PHE E 83 31.99 21.79 -50.11
C PHE E 83 31.21 21.05 -51.19
N ILE E 84 31.92 20.40 -52.11
CA ILE E 84 31.27 19.69 -53.19
C ILE E 84 30.99 18.21 -52.93
N LYS E 85 31.99 17.49 -52.41
CA LYS E 85 31.83 16.06 -52.13
C LYS E 85 31.00 15.77 -50.88
N ARG E 86 30.96 16.75 -49.96
CA ARG E 86 30.17 16.63 -48.74
C ARG E 86 29.60 18.02 -48.49
N SER E 87 28.42 18.11 -47.89
CA SER E 87 27.84 19.41 -47.62
C SER E 87 28.72 20.15 -46.62
N PRO E 88 28.99 21.44 -46.89
CA PRO E 88 29.82 22.28 -46.01
C PRO E 88 29.09 22.68 -44.73
N VAL E 89 28.72 21.69 -43.93
CA VAL E 89 27.98 21.95 -42.69
C VAL E 89 28.82 22.28 -41.45
N SER E 90 30.14 22.06 -41.50
CA SER E 90 30.96 22.37 -40.33
C SER E 90 30.97 23.88 -40.12
N GLU E 91 31.25 24.31 -38.90
CA GLU E 91 31.27 25.74 -38.57
C GLU E 91 32.27 26.52 -39.43
N ALA E 92 33.45 25.95 -39.64
CA ALA E 92 34.46 26.61 -40.45
C ALA E 92 34.03 26.74 -41.91
N CYS E 93 33.41 25.69 -42.45
CA CYS E 93 32.96 25.74 -43.83
C CYS E 93 31.79 26.70 -43.95
N ARG E 94 30.89 26.67 -42.97
CA ARG E 94 29.74 27.59 -42.95
C ARG E 94 30.27 29.02 -42.97
N GLY E 95 31.37 29.24 -42.25
CA GLY E 95 31.96 30.57 -42.18
C GLY E 95 32.39 31.12 -43.52
N VAL E 96 33.09 30.32 -44.31
CA VAL E 96 33.53 30.77 -45.63
C VAL E 96 32.32 31.27 -46.42
N LEU E 97 31.23 30.51 -46.36
CA LEU E 97 30.01 30.86 -47.08
C LEU E 97 29.44 32.19 -46.60
N THR E 98 29.34 32.37 -45.29
CA THR E 98 28.84 33.61 -44.72
C THR E 98 29.67 34.80 -45.23
N CYS E 99 30.97 34.59 -45.35
CA CYS E 99 31.85 35.64 -45.85
C CYS E 99 31.51 36.03 -47.30
N LEU E 100 31.49 35.03 -48.18
CA LEU E 100 31.18 35.27 -49.59
C LEU E 100 29.85 35.98 -49.75
N GLN E 101 28.84 35.53 -49.00
CA GLN E 101 27.52 36.15 -49.07
C GLN E 101 27.56 37.60 -48.58
N GLY E 102 28.25 37.84 -47.48
CA GLY E 102 28.36 39.18 -46.93
C GLY E 102 28.99 40.19 -47.88
N LEU E 103 29.92 39.72 -48.71
CA LEU E 103 30.60 40.59 -49.66
C LEU E 103 29.75 40.86 -50.91
N GLY E 104 28.59 40.25 -50.99
CA GLY E 104 27.73 40.46 -52.14
C GLY E 104 27.88 39.35 -53.16
N LEU E 105 28.71 38.36 -52.85
CA LEU E 105 28.93 37.24 -53.74
C LEU E 105 27.79 36.24 -53.50
N ASP E 106 27.60 35.31 -54.43
CA ASP E 106 26.52 34.35 -54.30
C ASP E 106 26.90 32.86 -54.28
N PRO E 107 26.91 32.26 -53.08
CA PRO E 107 27.26 30.85 -52.87
C PRO E 107 26.39 29.86 -53.66
N ALA E 108 25.20 30.30 -54.06
CA ALA E 108 24.29 29.42 -54.80
C ALA E 108 24.90 28.91 -56.10
N THR E 109 25.69 29.74 -56.77
CA THR E 109 26.31 29.35 -58.03
C THR E 109 27.51 28.44 -57.84
N ARG E 110 28.12 28.49 -56.66
CA ARG E 110 29.31 27.68 -56.36
C ARG E 110 30.41 27.99 -57.37
N ASP E 111 30.39 29.20 -57.91
CA ASP E 111 31.38 29.64 -58.89
C ASP E 111 32.62 30.23 -58.21
N LEU E 112 33.54 29.35 -57.83
CA LEU E 112 34.76 29.76 -57.14
C LEU E 112 35.63 30.73 -57.96
N GLN E 113 35.68 30.53 -59.27
CA GLN E 113 36.47 31.39 -60.12
C GLN E 113 35.92 32.81 -60.12
N VAL E 114 34.59 32.93 -60.11
CA VAL E 114 33.99 34.26 -60.09
C VAL E 114 34.27 34.93 -58.75
N TYR E 115 34.22 34.14 -57.67
CA TYR E 115 34.50 34.70 -56.35
C TYR E 115 35.91 35.26 -56.33
N ARG E 116 36.86 34.48 -56.85
CA ARG E 116 38.25 34.89 -56.90
C ARG E 116 38.45 36.21 -57.64
N GLU E 117 37.68 36.41 -58.72
CA GLU E 117 37.79 37.64 -59.50
C GLU E 117 37.45 38.91 -58.71
N TYR E 118 36.58 38.77 -57.71
CA TYR E 118 36.19 39.90 -56.87
C TYR E 118 37.39 40.48 -56.11
N PHE E 119 38.20 39.59 -55.54
CA PHE E 119 39.36 39.99 -54.76
C PHE E 119 40.51 40.54 -55.61
N ALA E 120 40.65 40.00 -56.82
CA ALA E 120 41.71 40.42 -57.73
C ALA E 120 41.61 41.88 -58.17
N LYS E 121 40.42 42.48 -58.06
CA LYS E 121 40.25 43.87 -58.48
C LYS E 121 40.30 44.89 -57.34
N LYS E 122 40.74 44.45 -56.17
CA LYS E 122 40.80 45.35 -55.03
C LYS E 122 42.19 45.33 -54.40
N THR E 123 42.48 46.38 -53.63
CA THR E 123 43.76 46.48 -52.93
C THR E 123 43.51 46.01 -51.51
N SER E 124 44.57 45.94 -50.71
CA SER E 124 44.44 45.51 -49.32
C SER E 124 43.71 46.57 -48.52
N GLU E 125 44.07 47.83 -48.76
CA GLU E 125 43.46 48.95 -48.05
C GLU E 125 41.96 49.05 -48.34
N GLU E 126 41.57 48.72 -49.57
CA GLU E 126 40.17 48.78 -49.96
C GLU E 126 39.35 47.66 -49.31
N GLN E 127 39.92 46.46 -49.28
CA GLN E 127 39.22 45.32 -48.70
C GLN E 127 39.02 45.45 -47.19
N VAL E 128 39.97 46.09 -46.50
CA VAL E 128 39.81 46.26 -45.05
C VAL E 128 38.72 47.30 -44.82
N ASP E 129 38.60 48.26 -45.73
CA ASP E 129 37.55 49.27 -45.61
C ASP E 129 36.21 48.53 -45.77
N THR E 130 36.12 47.73 -46.83
CA THR E 130 34.92 46.97 -47.13
C THR E 130 34.54 46.03 -45.98
N VAL E 131 35.50 45.21 -45.53
CA VAL E 131 35.26 44.25 -44.46
C VAL E 131 34.94 44.88 -43.10
N LEU E 132 35.67 45.93 -42.73
CA LEU E 132 35.41 46.57 -41.44
C LEU E 132 34.02 47.19 -41.43
N GLN E 133 33.56 47.64 -42.58
CA GLN E 133 32.22 48.23 -42.67
C GLN E 133 31.14 47.15 -42.60
N LEU E 134 31.33 46.07 -43.35
CA LEU E 134 30.35 44.98 -43.36
C LEU E 134 30.22 44.31 -41.99
N ALA E 135 31.35 43.98 -41.37
CA ALA E 135 31.34 43.33 -40.06
C ALA E 135 31.12 44.33 -38.93
N ASN E 136 30.95 45.60 -39.30
CA ASN E 136 30.76 46.66 -38.32
C ASN E 136 31.74 46.56 -37.15
N VAL E 137 33.02 46.41 -37.49
CA VAL E 137 34.09 46.33 -36.50
C VAL E 137 34.81 47.68 -36.54
N SER E 138 34.92 48.34 -35.39
CA SER E 138 35.60 49.63 -35.33
C SER E 138 37.06 49.54 -34.88
N ASP E 139 37.38 48.54 -34.05
CA ASP E 139 38.74 48.36 -33.53
C ASP E 139 39.21 46.92 -33.54
N VAL E 140 40.39 46.70 -34.09
CA VAL E 140 40.99 45.37 -34.18
C VAL E 140 42.27 45.29 -33.37
N VAL E 141 42.35 44.31 -32.46
CA VAL E 141 43.55 44.14 -31.66
C VAL E 141 44.36 43.05 -32.33
N MET E 142 45.58 43.40 -32.73
CA MET E 142 46.48 42.47 -33.40
C MET E 142 47.21 41.62 -32.36
N THR E 143 48.02 40.69 -32.85
CA THR E 143 48.86 39.84 -32.02
C THR E 143 50.24 40.22 -32.56
N ASN E 144 51.01 40.97 -31.78
CA ASN E 144 52.33 41.40 -32.26
C ASN E 144 53.50 40.72 -31.56
N ASP E 145 54.19 39.87 -32.30
CA ASP E 145 55.31 39.10 -31.78
C ASP E 145 56.70 39.63 -32.18
N PRO E 146 57.39 40.31 -31.25
CA PRO E 146 58.72 40.89 -31.49
C PRO E 146 59.79 39.84 -31.79
N PHE E 147 59.48 38.58 -31.54
CA PHE E 147 60.43 37.50 -31.78
C PHE E 147 60.40 37.00 -33.22
N ASP E 148 59.37 37.40 -33.97
CA ASP E 148 59.27 37.00 -35.37
C ASP E 148 60.07 38.06 -36.14
N ASP E 149 61.08 37.62 -36.86
CA ASP E 149 61.91 38.54 -37.62
C ASP E 149 61.12 39.54 -38.46
N ASN E 150 60.26 39.03 -39.35
CA ASN E 150 59.47 39.89 -40.20
C ASN E 150 58.75 40.99 -39.41
N GLU E 151 57.99 40.59 -38.40
CA GLU E 151 57.24 41.57 -37.60
C GLU E 151 58.14 42.54 -36.85
N ARG E 152 59.23 42.03 -36.29
CA ARG E 152 60.15 42.88 -35.53
C ARG E 152 60.77 43.99 -36.37
N ILE E 153 61.24 43.65 -37.56
CA ILE E 153 61.86 44.64 -38.42
C ILE E 153 60.90 45.79 -38.70
N SER E 154 59.62 45.47 -38.92
CA SER E 154 58.60 46.48 -39.20
C SER E 154 58.44 47.48 -38.05
N TRP E 155 58.37 46.96 -36.82
CA TRP E 155 58.23 47.82 -35.65
C TRP E 155 59.48 48.66 -35.45
N LEU E 156 60.62 48.13 -35.90
CA LEU E 156 61.89 48.84 -35.77
C LEU E 156 62.05 49.82 -36.92
N GLU E 157 61.57 49.46 -38.10
CA GLU E 157 61.65 50.35 -39.25
C GLU E 157 60.52 51.38 -39.30
N GLY E 158 60.08 51.83 -38.13
CA GLY E 158 59.04 52.84 -38.05
C GLY E 158 57.56 52.47 -38.11
N LYS E 159 57.20 51.55 -39.01
CA LYS E 159 55.82 51.11 -39.19
C LYS E 159 54.90 51.28 -37.97
N GLN E 160 53.72 51.85 -38.22
CA GLN E 160 52.71 52.09 -37.19
C GLN E 160 51.34 51.77 -37.78
N PRO E 161 50.47 51.09 -37.02
CA PRO E 161 49.14 50.75 -37.52
C PRO E 161 48.24 51.98 -37.54
N ASP E 162 47.24 52.01 -38.41
CA ASP E 162 46.35 53.17 -38.41
C ASP E 162 45.50 53.08 -37.14
N SER E 163 44.78 54.15 -36.83
CA SER E 163 43.97 54.23 -35.61
C SER E 163 42.97 53.10 -35.35
N ARG E 164 42.63 52.32 -36.37
CA ARG E 164 41.67 51.23 -36.20
C ARG E 164 42.30 49.95 -35.64
N PHE E 165 43.61 49.81 -35.82
CA PHE E 165 44.32 48.62 -35.34
C PHE E 165 45.13 48.90 -34.09
N HIS E 166 45.10 47.97 -33.14
CA HIS E 166 45.83 48.12 -31.89
C HIS E 166 46.77 46.95 -31.65
N ALA E 167 47.88 47.24 -30.98
CA ALA E 167 48.88 46.22 -30.69
C ALA E 167 48.71 45.49 -29.38
N ALA E 168 49.17 44.24 -29.37
CA ALA E 168 49.14 43.40 -28.19
C ALA E 168 50.49 42.71 -28.26
N LEU E 169 51.27 42.87 -27.19
CA LEU E 169 52.62 42.30 -27.10
C LEU E 169 52.58 40.82 -26.70
N ARG E 170 52.77 39.95 -27.69
CA ARG E 170 52.74 38.49 -27.51
C ARG E 170 54.12 37.99 -27.07
N LEU E 171 54.17 37.30 -25.94
CA LEU E 171 55.43 36.84 -25.36
C LEU E 171 55.68 35.34 -25.21
N ASP E 172 55.07 34.52 -26.05
CA ASP E 172 55.25 33.08 -25.96
C ASP E 172 56.71 32.58 -25.90
N PRO E 173 57.57 33.05 -26.83
CA PRO E 173 58.97 32.59 -26.81
C PRO E 173 59.73 32.95 -25.54
N LEU E 174 59.46 34.13 -24.99
CA LEU E 174 60.10 34.60 -23.78
C LEU E 174 59.67 33.84 -22.53
N LEU E 175 58.37 33.62 -22.39
CA LEU E 175 57.84 32.93 -21.23
C LEU E 175 57.89 31.40 -21.32
N ASN E 176 57.72 30.87 -22.51
CA ASN E 176 57.71 29.43 -22.70
C ASN E 176 58.99 28.79 -23.23
N GLU E 177 59.87 29.60 -23.83
CA GLU E 177 61.13 29.06 -24.37
C GLU E 177 62.33 29.92 -23.98
N TYR E 178 62.31 30.46 -22.76
CA TYR E 178 63.38 31.32 -22.29
C TYR E 178 64.79 30.78 -22.53
N GLU E 179 65.03 29.52 -22.20
CA GLU E 179 66.35 28.93 -22.39
C GLU E 179 66.90 29.17 -23.79
N GLN E 180 66.06 29.02 -24.80
CA GLN E 180 66.49 29.24 -26.18
C GLN E 180 66.35 30.71 -26.58
N THR E 181 65.46 31.42 -25.91
CA THR E 181 65.22 32.83 -26.22
C THR E 181 66.19 33.82 -25.59
N LYS E 182 66.71 33.51 -24.41
CA LYS E 182 67.64 34.43 -23.77
C LYS E 182 68.89 34.70 -24.62
N HIS E 183 69.21 33.77 -25.52
CA HIS E 183 70.35 33.92 -26.40
C HIS E 183 70.07 35.01 -27.43
N ARG E 184 68.82 35.12 -27.86
CA ARG E 184 68.43 36.14 -28.82
C ARG E 184 68.34 37.49 -28.11
N LEU E 185 67.95 37.45 -26.84
CA LEU E 185 67.84 38.67 -26.07
C LEU E 185 69.24 39.29 -25.99
N ARG E 186 70.24 38.43 -25.81
CA ARG E 186 71.61 38.88 -25.73
C ARG E 186 72.06 39.48 -27.06
N ASP E 187 71.64 38.87 -28.16
CA ASP E 187 71.98 39.38 -29.48
C ASP E 187 71.35 40.75 -29.71
N TRP E 188 70.34 41.09 -28.90
CA TRP E 188 69.66 42.37 -29.01
C TRP E 188 70.07 43.38 -27.95
N GLY E 189 71.15 43.10 -27.23
CA GLY E 189 71.62 44.02 -26.22
C GLY E 189 71.05 43.81 -24.83
N TYR E 190 70.35 42.70 -24.63
CA TYR E 190 69.77 42.40 -23.33
C TYR E 190 70.61 41.29 -22.67
N LYS E 191 71.59 41.72 -21.89
CA LYS E 191 72.50 40.80 -21.20
C LYS E 191 71.96 40.08 -19.99
N VAL E 192 71.07 39.11 -20.21
CA VAL E 192 70.54 38.34 -19.11
C VAL E 192 71.69 37.45 -18.62
N ASN E 193 71.68 37.13 -17.33
CA ASN E 193 72.74 36.29 -16.77
C ASN E 193 72.39 34.81 -16.84
N ASP E 194 73.41 33.96 -16.76
CA ASP E 194 73.18 32.53 -16.83
C ASP E 194 72.17 32.11 -15.77
N GLU E 195 72.30 32.69 -14.58
CA GLU E 195 71.39 32.39 -13.48
C GLU E 195 70.37 33.52 -13.34
N TRP E 196 69.25 33.24 -12.67
CA TRP E 196 68.22 34.25 -12.50
C TRP E 196 68.50 35.12 -11.29
N ASN E 197 69.10 36.29 -11.53
CA ASN E 197 69.44 37.22 -10.47
C ASN E 197 68.98 38.64 -10.83
N GLU E 198 69.45 39.62 -10.06
CA GLU E 198 69.08 41.01 -10.28
C GLU E 198 69.35 41.49 -11.70
N GLY E 199 70.51 41.13 -12.24
CA GLY E 199 70.84 41.54 -13.59
C GLY E 199 69.88 41.00 -14.62
N SER E 200 69.53 39.72 -14.49
CA SER E 200 68.62 39.09 -15.43
C SER E 200 67.24 39.73 -15.35
N ILE E 201 66.77 39.97 -14.12
CA ILE E 201 65.47 40.57 -13.89
C ILE E 201 65.36 41.94 -14.56
N GLN E 202 66.42 42.75 -14.44
CA GLN E 202 66.38 44.09 -15.03
C GLN E 202 66.46 44.10 -16.55
N GLU E 203 67.23 43.19 -17.13
CA GLU E 203 67.35 43.14 -18.58
C GLU E 203 66.06 42.63 -19.23
N VAL E 204 65.36 41.72 -18.56
CA VAL E 204 64.10 41.21 -19.09
C VAL E 204 63.06 42.31 -18.96
N LYS E 205 63.05 43.01 -17.83
CA LYS E 205 62.12 44.11 -17.62
C LYS E 205 62.36 45.15 -18.72
N ARG E 206 63.62 45.50 -18.90
CA ARG E 206 64.02 46.49 -19.90
C ARG E 206 63.45 46.09 -21.26
N PHE E 207 63.56 44.80 -21.59
CA PHE E 207 63.04 44.29 -22.85
C PHE E 207 61.55 44.53 -22.98
N LEU E 208 60.80 44.23 -21.91
CA LEU E 208 59.36 44.43 -21.92
C LEU E 208 59.05 45.91 -22.06
N THR E 209 59.69 46.74 -21.25
CA THR E 209 59.48 48.18 -21.28
C THR E 209 59.84 48.80 -22.63
N ASP E 210 60.90 48.31 -23.26
CA ASP E 210 61.30 48.85 -24.57
C ASP E 210 60.19 48.57 -25.59
N TRP E 211 59.67 47.35 -25.58
CA TRP E 211 58.62 46.99 -26.52
C TRP E 211 57.29 47.64 -26.19
N ILE E 212 57.04 47.90 -24.91
CA ILE E 212 55.80 48.55 -24.53
C ILE E 212 55.79 49.98 -25.08
N GLU E 213 56.93 50.65 -25.02
CA GLU E 213 57.00 52.02 -25.53
C GLU E 213 56.96 52.05 -27.06
N ARG E 214 57.45 51.01 -27.70
CA ARG E 214 57.46 50.93 -29.15
C ARG E 214 56.10 50.55 -29.75
N MET E 215 55.43 49.59 -29.13
CA MET E 215 54.11 49.12 -29.61
C MET E 215 52.94 49.81 -28.94
N ASP E 216 53.14 50.27 -27.72
CA ASP E 216 52.07 50.89 -26.95
C ASP E 216 50.90 49.91 -26.97
N PRO E 217 51.15 48.65 -26.56
CA PRO E 217 50.13 47.61 -26.53
C PRO E 217 49.02 47.83 -25.50
N VAL E 218 47.85 47.28 -25.78
CA VAL E 218 46.72 47.39 -24.87
C VAL E 218 46.85 46.33 -23.79
N TYR E 219 47.67 45.33 -24.05
CA TYR E 219 47.94 44.26 -23.09
C TYR E 219 49.10 43.38 -23.52
N MET E 220 49.65 42.62 -22.57
CA MET E 220 50.73 41.68 -22.87
C MET E 220 50.07 40.32 -22.84
N ALA E 221 50.41 39.47 -23.81
CA ALA E 221 49.76 38.18 -23.89
C ALA E 221 50.67 36.97 -24.04
N VAL E 222 50.10 35.81 -23.73
CA VAL E 222 50.80 34.55 -23.84
C VAL E 222 49.78 33.42 -23.84
N SER E 223 50.05 32.36 -24.60
CA SER E 223 49.18 31.19 -24.63
C SER E 223 49.92 30.15 -23.81
N LEU E 224 49.19 29.46 -22.93
CA LEU E 224 49.79 28.48 -22.03
C LEU E 224 49.27 27.06 -22.17
N PRO E 225 50.10 26.07 -21.78
CA PRO E 225 49.69 24.67 -21.87
C PRO E 225 48.78 24.29 -20.70
N PRO E 226 48.08 23.14 -20.80
CA PRO E 226 47.19 22.66 -19.76
C PRO E 226 47.92 22.51 -18.42
N THR E 227 49.22 22.23 -18.50
CA THR E 227 50.04 22.03 -17.33
C THR E 227 50.49 23.31 -16.62
N PHE E 228 50.04 24.46 -17.13
CA PHE E 228 50.43 25.74 -16.53
C PHE E 228 50.21 25.79 -15.02
N SER E 229 51.26 26.19 -14.30
CA SER E 229 51.21 26.31 -12.85
C SER E 229 51.84 27.62 -12.42
N PHE E 230 51.43 28.09 -11.26
CA PHE E 230 51.98 29.30 -10.66
C PHE E 230 51.51 29.40 -9.22
N PRO E 231 52.42 29.68 -8.29
CA PRO E 231 53.86 29.93 -8.53
C PRO E 231 54.56 28.70 -9.11
N GLU E 232 55.74 28.90 -9.68
CA GLU E 232 56.52 27.78 -10.22
C GLU E 232 57.97 28.19 -10.33
N GLU E 233 58.86 27.33 -9.88
CA GLU E 233 60.30 27.62 -9.98
C GLU E 233 60.76 27.13 -11.34
N SER E 234 60.50 27.96 -12.34
CA SER E 234 60.86 27.69 -13.72
C SER E 234 61.13 29.06 -14.32
N ASN E 235 61.65 29.11 -15.53
CA ASN E 235 61.91 30.39 -16.16
C ASN E 235 60.60 31.16 -16.28
N ARG E 236 59.54 30.48 -16.72
CA ARG E 236 58.24 31.14 -16.88
C ARG E 236 57.74 31.68 -15.55
N GLY E 237 57.80 30.84 -14.51
CA GLY E 237 57.35 31.29 -13.20
C GLY E 237 58.10 32.49 -12.69
N ARG E 238 59.43 32.46 -12.81
CA ARG E 238 60.28 33.55 -12.35
C ARG E 238 60.12 34.84 -13.16
N ILE E 239 60.07 34.72 -14.48
CA ILE E 239 59.90 35.88 -15.36
C ILE E 239 58.57 36.57 -15.07
N ILE E 240 57.50 35.78 -15.00
CA ILE E 240 56.17 36.31 -14.71
C ILE E 240 56.14 37.03 -13.37
N ARG E 241 56.67 36.38 -12.34
CA ARG E 241 56.70 36.94 -10.99
C ARG E 241 57.58 38.19 -10.85
N ASP E 242 58.83 38.09 -11.29
CA ASP E 242 59.78 39.20 -11.15
C ASP E 242 59.79 40.27 -12.24
N CYS E 243 59.37 39.92 -13.44
CA CYS E 243 59.39 40.91 -14.52
C CYS E 243 58.02 41.35 -15.07
N LEU E 244 57.28 40.40 -15.63
CA LEU E 244 55.98 40.69 -16.23
C LEU E 244 54.99 41.43 -15.33
N LEU E 245 54.65 40.85 -14.19
CA LEU E 245 53.67 41.47 -13.30
C LEU E 245 54.05 42.89 -12.84
N PRO E 246 55.27 43.08 -12.33
CA PRO E 246 55.68 44.41 -11.88
C PRO E 246 55.59 45.45 -12.99
N VAL E 247 56.03 45.07 -14.20
CA VAL E 247 55.98 45.97 -15.34
C VAL E 247 54.52 46.24 -15.76
N ALA E 248 53.72 45.20 -15.76
CA ALA E 248 52.31 45.33 -16.13
C ALA E 248 51.60 46.30 -15.19
N GLU E 249 51.94 46.22 -13.90
CA GLU E 249 51.32 47.09 -12.92
C GLU E 249 51.75 48.56 -13.06
N LYS E 250 53.05 48.77 -13.25
CA LYS E 250 53.57 50.13 -13.40
C LYS E 250 52.92 50.83 -14.59
N HIS E 251 52.72 50.08 -15.67
CA HIS E 251 52.10 50.64 -16.87
C HIS E 251 50.59 50.40 -16.90
N ASN E 252 50.07 49.78 -15.84
CA ASN E 252 48.64 49.47 -15.74
C ASN E 252 48.17 48.74 -17.00
N ILE E 253 48.97 47.79 -17.46
CA ILE E 253 48.65 47.01 -18.65
C ILE E 253 48.20 45.61 -18.23
N PRO E 254 47.05 45.15 -18.74
CA PRO E 254 46.58 43.81 -18.38
C PRO E 254 47.47 42.71 -18.93
N PHE E 255 47.43 41.56 -18.26
CA PHE E 255 48.19 40.38 -18.68
C PHE E 255 47.13 39.40 -19.19
N ALA E 256 47.23 39.06 -20.47
CA ALA E 256 46.27 38.14 -21.07
C ALA E 256 46.85 36.74 -21.18
N MET E 257 46.17 35.77 -20.56
CA MET E 257 46.61 34.39 -20.60
C MET E 257 45.57 33.53 -21.34
N MET E 258 46.00 32.85 -22.39
CA MET E 258 45.10 31.97 -23.14
C MET E 258 45.62 30.57 -22.82
N ILE E 259 44.97 29.96 -21.84
CA ILE E 259 45.36 28.68 -21.30
C ILE E 259 44.68 27.42 -21.85
N GLY E 260 45.49 26.38 -22.06
CA GLY E 260 44.93 25.11 -22.51
C GLY E 260 45.44 24.48 -23.79
N VAL E 261 46.28 25.18 -24.55
CA VAL E 261 46.76 24.63 -25.80
C VAL E 261 47.94 23.65 -25.66
N LYS E 262 47.85 22.52 -26.35
CA LYS E 262 48.93 21.54 -26.33
C LYS E 262 49.55 21.66 -27.72
N LYS E 263 50.66 22.39 -27.78
CA LYS E 263 51.36 22.65 -29.03
C LYS E 263 51.91 21.47 -29.81
N ARG E 264 51.70 21.52 -31.12
CA ARG E 264 52.19 20.52 -32.07
C ARG E 264 52.13 19.04 -31.70
N VAL E 265 50.92 18.52 -31.43
CA VAL E 265 50.80 17.10 -31.13
C VAL E 265 50.88 16.37 -32.48
N HIS E 266 50.71 17.13 -33.55
CA HIS E 266 50.81 16.60 -34.90
C HIS E 266 51.56 17.66 -35.72
N PRO E 267 52.90 17.69 -35.61
CA PRO E 267 53.75 18.65 -36.31
C PRO E 267 53.55 18.83 -37.81
N ALA E 268 53.29 17.74 -38.54
CA ALA E 268 53.10 17.83 -39.98
C ALA E 268 51.91 18.70 -40.41
N LEU E 269 50.96 18.91 -39.52
CA LEU E 269 49.79 19.74 -39.83
C LEU E 269 50.08 21.22 -39.65
N GLY E 270 51.27 21.55 -39.17
CA GLY E 270 51.63 22.95 -38.98
C GLY E 270 50.71 23.62 -37.96
N ASP E 271 50.22 24.81 -38.29
CA ASP E 271 49.33 25.53 -37.38
C ASP E 271 48.06 24.74 -37.04
N ALA E 272 47.75 23.73 -37.83
CA ALA E 272 46.56 22.92 -37.59
C ALA E 272 46.91 21.67 -36.78
N GLY E 273 48.09 21.67 -36.16
CA GLY E 273 48.50 20.51 -35.38
C GLY E 273 48.46 20.65 -33.87
N ASP E 274 47.81 21.69 -33.35
CA ASP E 274 47.74 21.89 -31.91
C ASP E 274 46.50 21.22 -31.30
N PHE E 275 46.68 20.68 -30.10
CA PHE E 275 45.63 19.97 -29.39
C PHE E 275 45.18 20.75 -28.15
N VAL E 276 44.36 20.14 -27.31
CA VAL E 276 43.84 20.81 -26.11
C VAL E 276 43.84 19.93 -24.87
N GLY E 277 43.92 20.57 -23.70
CA GLY E 277 43.90 19.83 -22.45
C GLY E 277 43.32 20.68 -21.33
N LYS E 278 42.65 20.06 -20.37
CA LYS E 278 42.07 20.79 -19.25
C LYS E 278 43.19 21.27 -18.30
N ALA E 279 43.06 22.50 -17.80
CA ALA E 279 44.06 23.03 -16.90
C ALA E 279 43.55 23.12 -15.46
N SER E 280 44.49 23.25 -14.52
CA SER E 280 44.14 23.42 -13.11
C SER E 280 43.88 24.92 -13.02
N MET E 281 42.98 25.33 -12.13
CA MET E 281 42.68 26.74 -11.97
C MET E 281 43.58 27.32 -10.88
N ASP E 282 44.35 26.45 -10.24
CA ASP E 282 45.24 26.84 -9.14
C ASP E 282 46.16 28.02 -9.44
N GLY E 283 46.82 28.00 -10.59
CA GLY E 283 47.73 29.08 -10.95
C GLY E 283 47.03 30.40 -11.21
N VAL E 284 45.86 30.33 -11.83
CA VAL E 284 45.09 31.54 -12.12
C VAL E 284 44.51 32.12 -10.83
N GLU E 285 44.12 31.24 -9.92
CA GLU E 285 43.55 31.66 -8.64
C GLU E 285 44.61 32.39 -7.84
N HIS E 286 45.80 31.80 -7.78
CA HIS E 286 46.91 32.40 -7.03
C HIS E 286 47.28 33.78 -7.59
N LEU E 287 47.38 33.86 -8.92
CA LEU E 287 47.73 35.13 -9.57
C LEU E 287 46.75 36.24 -9.23
N LEU E 288 45.47 35.94 -9.31
CA LEU E 288 44.41 36.92 -9.03
C LEU E 288 44.42 37.35 -7.59
N ARG E 289 44.56 36.39 -6.69
CA ARG E 289 44.57 36.68 -5.26
C ARG E 289 45.82 37.42 -4.78
N GLU E 290 46.99 36.94 -5.19
CA GLU E 290 48.26 37.53 -4.76
C GLU E 290 48.69 38.82 -5.45
N TYR E 291 48.08 39.14 -6.58
CA TYR E 291 48.43 40.36 -7.31
C TYR E 291 47.17 41.17 -7.63
N PRO E 292 46.51 41.70 -6.59
CA PRO E 292 45.28 42.49 -6.73
C PRO E 292 45.44 43.81 -7.48
N ASN E 293 46.68 44.24 -7.71
CA ASN E 293 46.89 45.48 -8.44
C ASN E 293 47.19 45.22 -9.91
N ASN E 294 47.14 43.96 -10.31
CA ASN E 294 47.36 43.61 -11.71
C ASN E 294 46.03 43.21 -12.33
N LYS E 295 45.90 43.44 -13.64
CA LYS E 295 44.69 43.08 -14.35
C LYS E 295 44.99 41.88 -15.25
N PHE E 296 44.09 40.91 -15.24
CA PHE E 296 44.26 39.69 -16.04
C PHE E 296 43.10 39.43 -17.00
N LEU E 297 43.43 39.13 -18.25
CA LEU E 297 42.41 38.81 -19.25
C LEU E 297 42.60 37.32 -19.49
N VAL E 298 41.54 36.54 -19.29
CA VAL E 298 41.67 35.10 -19.46
C VAL E 298 40.62 34.44 -20.34
N THR E 299 41.08 33.46 -21.11
CA THR E 299 40.23 32.66 -21.97
C THR E 299 40.88 31.27 -21.88
N MET E 300 40.06 30.23 -21.88
CA MET E 300 40.59 28.88 -21.78
C MET E 300 40.15 27.98 -22.93
N LEU E 301 40.94 26.97 -23.23
CA LEU E 301 40.66 26.11 -24.37
C LEU E 301 39.81 24.88 -24.15
N SER E 302 39.78 24.38 -22.91
CA SER E 302 39.01 23.19 -22.60
C SER E 302 37.55 23.46 -22.26
N ARG E 303 36.65 22.69 -22.86
CA ARG E 303 35.22 22.85 -22.57
C ARG E 303 35.03 22.71 -21.06
N GLU E 304 35.75 21.77 -20.48
CA GLU E 304 35.67 21.48 -19.05
C GLU E 304 36.20 22.53 -18.05
N ASN E 305 36.83 23.60 -18.54
CA ASN E 305 37.37 24.66 -17.67
C ASN E 305 36.40 25.86 -17.62
N GLN E 306 35.53 25.96 -18.62
CA GLN E 306 34.62 27.08 -18.75
C GLN E 306 33.75 27.44 -17.55
N HIS E 307 33.07 26.46 -16.95
CA HIS E 307 32.24 26.78 -15.79
C HIS E 307 33.05 27.32 -14.60
N GLU E 308 34.10 26.60 -14.20
CA GLU E 308 34.88 27.05 -13.05
C GLU E 308 35.57 28.38 -13.30
N LEU E 309 35.89 28.68 -14.57
CA LEU E 309 36.53 29.95 -14.90
C LEU E 309 35.52 31.07 -14.63
N VAL E 310 34.25 30.81 -14.93
CA VAL E 310 33.21 31.79 -14.70
C VAL E 310 33.11 32.01 -13.21
N VAL E 311 33.13 30.93 -12.44
CA VAL E 311 33.04 31.05 -11.00
C VAL E 311 34.22 31.83 -10.40
N LEU E 312 35.41 31.67 -10.99
CA LEU E 312 36.59 32.37 -10.51
C LEU E 312 36.42 33.87 -10.74
N ALA E 313 35.74 34.23 -11.83
CA ALA E 313 35.47 35.62 -12.16
C ALA E 313 34.58 36.22 -11.08
N ARG E 314 33.69 35.41 -10.51
CA ARG E 314 32.82 35.88 -9.43
C ARG E 314 33.64 36.24 -8.20
N LYS E 315 34.78 35.57 -8.04
CA LYS E 315 35.64 35.79 -6.89
C LYS E 315 36.57 36.99 -7.00
N PHE E 316 37.10 37.24 -8.19
CA PHE E 316 38.06 38.35 -8.37
C PHE E 316 37.74 39.35 -9.48
N SER E 317 37.57 40.61 -9.08
CA SER E 317 37.26 41.67 -10.02
C SER E 317 38.45 42.03 -10.91
N ASN E 318 39.64 41.57 -10.53
CA ASN E 318 40.80 41.87 -11.35
C ASN E 318 40.91 40.84 -12.46
N LEU E 319 39.86 40.02 -12.60
CA LEU E 319 39.81 39.02 -13.65
C LEU E 319 38.70 39.39 -14.64
N MET E 320 39.05 39.43 -15.92
CA MET E 320 38.08 39.71 -16.97
C MET E 320 38.18 38.52 -17.91
N ILE E 321 37.10 37.75 -18.03
CA ILE E 321 37.14 36.59 -18.92
C ILE E 321 36.66 37.02 -20.29
N PHE E 322 37.23 36.43 -21.34
CA PHE E 322 36.82 36.82 -22.67
C PHE E 322 36.76 35.70 -23.69
N GLY E 323 35.87 35.90 -24.67
CA GLY E 323 35.70 35.00 -25.79
C GLY E 323 35.49 33.51 -25.63
N CYS E 324 35.24 32.90 -26.79
CA CYS E 324 35.03 31.47 -26.93
C CYS E 324 36.14 31.10 -27.90
N TRP E 325 37.30 30.81 -27.32
CA TRP E 325 38.51 30.51 -28.06
C TRP E 325 38.66 29.19 -28.81
N TRP E 326 39.06 29.31 -30.06
CA TRP E 326 39.40 28.16 -30.90
C TRP E 326 38.40 27.02 -30.94
N PHE E 327 38.70 25.94 -30.22
CA PHE E 327 37.84 24.77 -30.16
C PHE E 327 36.55 25.05 -29.37
N MET E 328 36.48 26.24 -28.79
CA MET E 328 35.30 26.67 -28.03
C MET E 328 34.42 27.52 -28.97
N ASN E 329 34.98 27.93 -30.10
CA ASN E 329 34.26 28.79 -31.03
C ASN E 329 33.30 28.05 -31.98
N ASN E 330 32.42 27.27 -31.40
CA ASN E 330 31.43 26.50 -32.13
C ASN E 330 30.09 26.81 -31.47
N PRO E 331 29.04 27.06 -32.27
CA PRO E 331 27.71 27.39 -31.74
C PRO E 331 27.26 26.69 -30.46
N GLU E 332 27.38 25.36 -30.40
CA GLU E 332 26.96 24.62 -29.20
C GLU E 332 27.70 25.10 -27.95
N ILE E 333 28.99 25.36 -28.10
CA ILE E 333 29.81 25.80 -26.98
C ILE E 333 29.63 27.29 -26.69
N ILE E 334 29.66 28.09 -27.73
CA ILE E 334 29.45 29.54 -27.57
C ILE E 334 28.17 29.80 -26.78
N ASN E 335 27.13 29.03 -27.10
CA ASN E 335 25.83 29.17 -26.44
C ASN E 335 25.87 28.84 -24.96
N GLU E 336 26.39 27.67 -24.61
CA GLU E 336 26.45 27.28 -23.20
C GLU E 336 27.39 28.18 -22.41
N MET E 337 28.48 28.60 -23.04
CA MET E 337 29.44 29.47 -22.37
C MET E 337 28.85 30.85 -22.07
N THR E 338 28.24 31.45 -23.09
CA THR E 338 27.65 32.78 -22.94
C THR E 338 26.52 32.78 -21.92
N ARG E 339 25.72 31.71 -21.89
CA ARG E 339 24.63 31.63 -20.93
C ARG E 339 25.15 31.46 -19.51
N MET E 340 26.10 30.55 -19.31
CA MET E 340 26.68 30.33 -17.98
C MET E 340 27.29 31.65 -17.48
N ARG E 341 27.97 32.35 -18.38
CA ARG E 341 28.59 33.61 -18.03
C ARG E 341 27.59 34.68 -17.64
N MET E 342 26.60 34.93 -18.50
CA MET E 342 25.60 35.96 -18.19
C MET E 342 24.80 35.62 -16.93
N GLU E 343 24.57 34.33 -16.72
CA GLU E 343 23.81 33.90 -15.55
C GLU E 343 24.54 34.15 -14.23
N MET E 344 25.86 34.00 -14.23
CA MET E 344 26.65 34.24 -13.01
C MET E 344 27.39 35.57 -12.99
N LEU E 345 27.52 36.24 -14.12
CA LEU E 345 28.24 37.51 -14.19
C LEU E 345 27.46 38.71 -14.74
N GLY E 346 26.20 38.51 -15.09
CA GLY E 346 25.42 39.61 -15.65
C GLY E 346 26.07 40.08 -16.95
N THR E 347 26.50 41.34 -17.01
CA THR E 347 27.16 41.84 -18.22
C THR E 347 28.64 42.14 -17.97
N SER E 348 29.19 41.65 -16.86
CA SER E 348 30.59 41.92 -16.55
C SER E 348 31.62 40.97 -17.18
N PHE E 349 31.52 40.79 -18.49
CA PHE E 349 32.47 39.95 -19.20
C PHE E 349 32.51 40.36 -20.66
N ILE E 350 33.43 39.76 -21.41
CA ILE E 350 33.59 40.05 -22.83
C ILE E 350 33.24 38.73 -23.50
N PRO E 351 32.02 38.64 -24.06
CA PRO E 351 31.57 37.42 -24.73
C PRO E 351 32.37 36.82 -25.87
N GLN E 352 32.98 37.65 -26.70
CA GLN E 352 33.68 37.09 -27.85
C GLN E 352 34.79 37.95 -28.46
N HIS E 353 35.62 37.29 -29.27
CA HIS E 353 36.70 37.89 -30.04
C HIS E 353 36.71 36.98 -31.26
N SER E 354 37.18 37.46 -32.42
CA SER E 354 37.15 36.63 -33.62
C SER E 354 38.33 35.72 -33.88
N ASP E 355 39.52 36.11 -33.43
CA ASP E 355 40.73 35.33 -33.67
C ASP E 355 41.00 35.25 -35.19
N ALA E 356 40.49 36.22 -35.93
CA ALA E 356 40.65 36.24 -37.38
C ALA E 356 42.10 36.15 -37.85
N ARG E 357 42.38 35.20 -38.74
CA ARG E 357 43.72 35.03 -39.30
C ARG E 357 43.65 35.56 -40.74
N VAL E 358 42.43 35.59 -41.27
CA VAL E 358 42.18 36.10 -42.61
C VAL E 358 41.18 37.25 -42.44
N LEU E 359 41.45 38.37 -43.08
CA LEU E 359 40.62 39.57 -43.01
C LEU E 359 39.11 39.37 -43.10
N GLU E 360 38.66 38.69 -44.14
CA GLU E 360 37.23 38.44 -44.37
C GLU E 360 36.50 37.67 -43.26
N GLN E 361 37.25 36.95 -42.43
CA GLN E 361 36.65 36.16 -41.35
C GLN E 361 35.89 37.03 -40.35
N LEU E 362 36.22 38.31 -40.29
CA LEU E 362 35.53 39.22 -39.38
C LEU E 362 34.03 39.22 -39.67
N ILE E 363 33.67 39.01 -40.94
CA ILE E 363 32.27 38.99 -41.33
C ILE E 363 31.55 37.82 -40.65
N TYR E 364 32.01 36.60 -40.91
CA TYR E 364 31.35 35.42 -40.34
C TYR E 364 31.52 35.26 -38.84
N LYS E 365 32.73 35.48 -38.34
CA LYS E 365 33.00 35.35 -36.92
C LYS E 365 31.99 36.17 -36.11
N TRP E 366 31.81 37.43 -36.50
CA TRP E 366 30.89 38.30 -35.80
C TRP E 366 29.43 38.08 -36.14
N HIS E 367 29.14 37.66 -37.36
CA HIS E 367 27.74 37.41 -37.69
C HIS E 367 27.24 36.16 -36.96
N HIS E 368 28.06 35.11 -36.91
CA HIS E 368 27.67 33.88 -36.23
C HIS E 368 27.53 34.06 -34.72
N SER E 369 28.46 34.80 -34.13
CA SER E 369 28.44 35.02 -32.69
C SER E 369 27.38 36.00 -32.25
N LYS E 370 27.23 37.09 -32.99
CA LYS E 370 26.21 38.08 -32.64
C LYS E 370 24.81 37.48 -32.58
N SER E 371 24.46 36.62 -33.52
CA SER E 371 23.13 36.03 -33.52
C SER E 371 22.91 35.21 -32.24
N ILE E 372 23.96 34.53 -31.78
CA ILE E 372 23.85 33.72 -30.57
C ILE E 372 23.79 34.58 -29.32
N ILE E 373 24.59 35.64 -29.28
CA ILE E 373 24.61 36.54 -28.13
C ILE E 373 23.28 37.29 -28.03
N ALA E 374 22.71 37.63 -29.18
CA ALA E 374 21.43 38.33 -29.21
C ALA E 374 20.35 37.39 -28.63
N GLU E 375 20.41 36.13 -29.02
CA GLU E 375 19.45 35.13 -28.52
C GLU E 375 19.49 35.04 -27.01
N VAL E 376 20.70 34.99 -26.45
CA VAL E 376 20.86 34.90 -25.00
C VAL E 376 20.32 36.16 -24.31
N LEU E 377 20.67 37.31 -24.85
CA LEU E 377 20.22 38.59 -24.30
C LEU E 377 18.70 38.64 -24.28
N ILE E 378 18.09 38.30 -25.41
CA ILE E 378 16.63 38.29 -25.52
C ILE E 378 16.01 37.43 -24.42
N ASP E 379 16.50 36.20 -24.27
CA ASP E 379 15.99 35.31 -23.24
C ASP E 379 16.14 35.90 -21.84
N LYS E 380 17.31 36.48 -21.57
CA LYS E 380 17.54 37.06 -20.25
C LYS E 380 16.72 38.32 -20.02
N TYR E 381 16.61 39.18 -21.03
CA TYR E 381 15.82 40.39 -20.88
C TYR E 381 14.36 39.98 -20.71
N ASP E 382 13.96 38.95 -21.45
CA ASP E 382 12.58 38.46 -21.38
C ASP E 382 12.28 37.91 -20.01
N ASP E 383 13.24 37.21 -19.42
CA ASP E 383 13.02 36.65 -18.09
C ASP E 383 12.74 37.72 -17.05
N ILE E 384 13.44 38.85 -17.12
CA ILE E 384 13.17 39.87 -16.11
C ILE E 384 11.91 40.65 -16.51
N LEU E 385 11.60 40.67 -17.81
CA LEU E 385 10.40 41.33 -18.26
C LEU E 385 9.22 40.58 -17.64
N GLN E 386 9.34 39.25 -17.57
CA GLN E 386 8.29 38.43 -16.99
C GLN E 386 8.12 38.72 -15.50
N ALA E 387 9.21 39.08 -14.84
CA ALA E 387 9.15 39.40 -13.42
C ALA E 387 8.57 40.80 -13.22
N GLY E 388 8.36 41.51 -14.33
CA GLY E 388 7.80 42.85 -14.23
C GLY E 388 8.76 44.00 -14.50
N TRP E 389 10.02 43.68 -14.74
CA TRP E 389 11.01 44.72 -15.02
C TRP E 389 10.94 45.13 -16.49
N GLU E 390 10.97 46.44 -16.74
CA GLU E 390 10.91 46.95 -18.10
C GLU E 390 12.15 47.78 -18.43
N VAL E 391 12.90 47.31 -19.43
CA VAL E 391 14.12 47.98 -19.86
C VAL E 391 13.77 49.00 -20.92
N THR E 392 14.66 49.97 -21.13
CA THR E 392 14.45 50.97 -22.16
C THR E 392 15.41 50.61 -23.28
N GLU E 393 15.14 51.12 -24.47
CA GLU E 393 16.01 50.82 -25.58
C GLU E 393 17.41 51.38 -25.32
N GLU E 394 17.49 52.44 -24.52
CA GLU E 394 18.77 53.07 -24.19
C GLU E 394 19.63 52.18 -23.28
N GLU E 395 18.99 51.49 -22.35
CA GLU E 395 19.72 50.61 -21.44
C GLU E 395 20.25 49.40 -22.21
N ILE E 396 19.47 48.93 -23.19
CA ILE E 396 19.88 47.80 -24.02
C ILE E 396 21.14 48.16 -24.81
N LYS E 397 21.16 49.35 -25.39
CA LYS E 397 22.31 49.80 -26.17
C LYS E 397 23.52 49.95 -25.26
N ARG E 398 23.27 50.37 -24.03
CA ARG E 398 24.31 50.55 -23.03
C ARG E 398 24.91 49.17 -22.71
N ASP E 399 24.04 48.20 -22.43
CA ASP E 399 24.48 46.85 -22.12
C ASP E 399 25.24 46.23 -23.29
N VAL E 400 24.68 46.37 -24.49
CA VAL E 400 25.30 45.80 -25.68
C VAL E 400 26.68 46.41 -25.92
N ALA E 401 26.79 47.72 -25.73
CA ALA E 401 28.05 48.41 -25.93
C ALA E 401 29.10 47.88 -24.96
N ASP E 402 28.70 47.59 -23.73
CA ASP E 402 29.61 47.07 -22.72
C ASP E 402 30.19 45.73 -23.15
N LEU E 403 29.30 44.84 -23.58
CA LEU E 403 29.70 43.51 -23.99
C LEU E 403 30.61 43.47 -25.21
N PHE E 404 30.30 44.30 -26.21
CA PHE E 404 31.07 44.31 -27.44
C PHE E 404 32.18 45.32 -27.57
N SER E 405 32.30 46.24 -26.61
CA SER E 405 33.35 47.24 -26.71
C SER E 405 33.80 47.91 -25.41
N ARG E 406 32.87 48.45 -24.63
CA ARG E 406 33.23 49.17 -23.40
C ARG E 406 33.88 48.37 -22.27
N ASN E 407 33.48 47.11 -22.08
CA ASN E 407 34.09 46.33 -21.02
C ASN E 407 35.58 46.19 -21.25
N PHE E 408 35.97 45.93 -22.50
CA PHE E 408 37.38 45.78 -22.82
C PHE E 408 38.17 47.07 -22.58
N TRP E 409 37.76 48.15 -23.24
CA TRP E 409 38.45 49.43 -23.08
C TRP E 409 38.47 49.93 -21.65
N ARG E 410 37.38 49.73 -20.92
CA ARG E 410 37.33 50.15 -19.53
C ARG E 410 38.31 49.31 -18.71
N PHE E 411 38.52 48.06 -19.11
CA PHE E 411 39.42 47.17 -18.36
C PHE E 411 40.89 47.51 -18.61
N VAL E 412 41.27 47.74 -19.86
CA VAL E 412 42.66 48.07 -20.17
C VAL E 412 42.99 49.50 -19.74
N GLY E 413 41.96 50.32 -19.56
CA GLY E 413 42.17 51.69 -19.13
C GLY E 413 42.63 52.60 -20.26
N ARG E 414 41.97 52.49 -21.42
CA ARG E 414 42.30 53.31 -22.59
C ARG E 414 41.02 53.92 -23.18
N SER F 2 14.96 24.09 -55.58
CA SER F 2 15.67 24.42 -54.31
C SER F 2 14.78 24.15 -53.10
N ILE F 3 15.34 24.33 -51.91
CA ILE F 3 14.60 24.12 -50.67
C ILE F 3 14.38 25.52 -50.10
N ASN F 4 13.18 26.04 -50.33
CA ASN F 4 12.80 27.39 -49.94
C ASN F 4 12.51 27.72 -48.48
N SER F 5 12.29 26.70 -47.65
CA SER F 5 12.00 26.97 -46.24
C SER F 5 12.51 25.87 -45.31
N ARG F 6 12.72 26.23 -44.05
CA ARG F 6 13.19 25.30 -43.05
C ARG F 6 12.18 24.17 -42.87
N GLU F 7 10.89 24.52 -42.96
CA GLU F 7 9.85 23.52 -42.81
C GLU F 7 9.98 22.40 -43.85
N VAL F 8 10.18 22.77 -45.10
CA VAL F 8 10.33 21.79 -46.16
C VAL F 8 11.64 21.03 -45.95
N LEU F 9 12.68 21.76 -45.55
CA LEU F 9 13.98 21.16 -45.28
C LEU F 9 13.85 20.06 -44.23
N ALA F 10 13.13 20.37 -43.15
CA ALA F 10 12.93 19.43 -42.06
C ALA F 10 12.31 18.16 -42.60
N GLU F 11 11.23 18.34 -43.35
CA GLU F 11 10.49 17.25 -43.98
C GLU F 11 11.44 16.37 -44.81
N LYS F 12 12.23 17.00 -45.67
CA LYS F 12 13.17 16.29 -46.52
C LYS F 12 14.31 15.61 -45.74
N VAL F 13 14.79 16.27 -44.70
CA VAL F 13 15.86 15.68 -43.90
C VAL F 13 15.35 14.47 -43.13
N LYS F 14 14.18 14.61 -42.52
CA LYS F 14 13.60 13.51 -41.77
C LYS F 14 13.35 12.30 -42.67
N ASN F 15 12.86 12.54 -43.88
CA ASN F 15 12.58 11.44 -44.81
C ASN F 15 13.87 10.72 -45.21
N ALA F 16 14.93 11.47 -45.46
CA ALA F 16 16.21 10.88 -45.85
C ALA F 16 16.76 10.06 -44.69
N VAL F 17 16.80 10.65 -43.50
CA VAL F 17 17.30 9.94 -42.33
C VAL F 17 16.49 8.66 -42.08
N ASN F 18 15.17 8.77 -42.08
CA ASN F 18 14.32 7.60 -41.84
C ASN F 18 14.45 6.51 -42.91
N ASN F 19 14.60 6.92 -44.17
CA ASN F 19 14.72 5.97 -45.28
C ASN F 19 16.10 5.34 -45.43
N GLN F 20 17.13 5.96 -44.86
CA GLN F 20 18.49 5.44 -44.96
C GLN F 20 18.73 4.15 -44.18
N PRO F 21 19.10 3.06 -44.88
CA PRO F 21 19.36 1.80 -44.17
C PRO F 21 20.57 1.98 -43.27
N VAL F 22 20.47 1.47 -42.05
CA VAL F 22 21.53 1.63 -41.07
C VAL F 22 22.52 0.47 -40.96
N THR F 23 23.78 0.82 -40.76
CA THR F 23 24.81 -0.17 -40.49
C THR F 23 25.13 0.11 -39.02
N ASP F 24 24.75 -0.83 -38.17
CA ASP F 24 24.94 -0.71 -36.73
C ASP F 24 26.30 -1.33 -36.45
N MET F 25 27.33 -0.49 -36.34
CA MET F 25 28.70 -1.00 -36.14
C MET F 25 29.17 -1.52 -34.77
N HIS F 26 28.25 -1.61 -33.80
CA HIS F 26 28.57 -2.19 -32.50
C HIS F 26 27.31 -2.58 -31.75
N THR F 27 27.10 -3.88 -31.60
CA THR F 27 25.95 -4.41 -30.89
C THR F 27 26.39 -5.67 -30.16
N HIS F 28 25.47 -6.25 -29.38
CA HIS F 28 25.73 -7.46 -28.65
C HIS F 28 24.72 -8.51 -29.13
N LEU F 29 24.37 -8.39 -30.39
CA LEU F 29 23.42 -9.31 -31.03
C LEU F 29 24.22 -10.37 -31.80
N PHE F 30 23.55 -11.44 -32.21
CA PHE F 30 24.19 -12.51 -32.96
C PHE F 30 23.29 -13.00 -34.09
N SER F 31 23.89 -13.48 -35.17
CA SER F 31 23.12 -14.01 -36.28
C SER F 31 22.20 -15.07 -35.67
N PRO F 32 20.93 -15.12 -36.09
CA PRO F 32 19.96 -16.08 -35.56
C PRO F 32 20.39 -17.55 -35.57
N ASN F 33 21.24 -17.94 -36.51
CA ASN F 33 21.69 -19.32 -36.60
C ASN F 33 22.60 -19.76 -35.44
N PHE F 34 23.08 -18.80 -34.64
CA PHE F 34 23.94 -19.15 -33.51
C PHE F 34 23.10 -19.65 -32.34
N GLY F 35 21.79 -19.46 -32.42
CA GLY F 35 20.91 -19.95 -31.38
C GLY F 35 20.51 -19.02 -30.24
N GLU F 36 20.24 -19.65 -29.10
CA GLU F 36 19.81 -18.97 -27.88
C GLU F 36 20.58 -17.72 -27.48
N ILE F 37 21.85 -17.65 -27.87
CA ILE F 37 22.68 -16.51 -27.53
C ILE F 37 22.06 -15.18 -28.03
N LEU F 38 21.28 -15.26 -29.10
CA LEU F 38 20.59 -14.08 -29.62
C LEU F 38 19.37 -13.88 -28.74
N LEU F 39 19.38 -12.82 -27.94
CA LEU F 39 18.27 -12.56 -27.02
C LEU F 39 17.17 -11.71 -27.68
N TRP F 40 15.92 -12.07 -27.42
CA TRP F 40 14.79 -11.31 -27.96
C TRP F 40 13.50 -11.56 -27.20
N ASP F 41 12.55 -10.65 -27.39
CA ASP F 41 11.22 -10.64 -26.80
C ASP F 41 11.06 -9.66 -25.63
N ILE F 42 9.80 -9.37 -25.29
CA ILE F 42 9.48 -8.43 -24.23
C ILE F 42 10.12 -8.72 -22.87
N ASP F 43 10.25 -9.99 -22.48
CA ASP F 43 10.87 -10.30 -21.19
C ASP F 43 12.37 -10.01 -21.20
N GLU F 44 13.00 -10.12 -22.36
CA GLU F 44 14.43 -9.83 -22.47
C GLU F 44 14.61 -8.31 -22.42
N LEU F 45 13.69 -7.60 -23.06
CA LEU F 45 13.72 -6.14 -23.09
C LEU F 45 13.60 -5.58 -21.67
N LEU F 46 12.65 -6.11 -20.90
CA LEU F 46 12.43 -5.65 -19.54
C LEU F 46 13.55 -6.03 -18.58
N THR F 47 14.33 -7.05 -18.90
CA THR F 47 15.42 -7.45 -18.02
C THR F 47 16.80 -6.99 -18.49
N TYR F 48 16.80 -6.11 -19.48
CA TYR F 48 18.04 -5.49 -20.00
C TYR F 48 18.68 -4.93 -18.71
N HIS F 49 19.98 -5.10 -18.53
CA HIS F 49 20.60 -4.64 -17.29
C HIS F 49 20.40 -3.15 -16.96
N TYR F 50 20.15 -2.33 -17.97
CA TYR F 50 19.90 -0.91 -17.71
C TYR F 50 18.71 -0.81 -16.77
N LEU F 51 17.69 -1.62 -17.01
CA LEU F 51 16.49 -1.60 -16.18
C LEU F 51 16.70 -2.29 -14.84
N VAL F 52 17.67 -3.19 -14.80
CA VAL F 52 18.00 -3.88 -13.56
C VAL F 52 18.57 -2.84 -12.60
N ALA F 53 19.47 -1.99 -13.10
CA ALA F 53 20.04 -0.94 -12.28
C ALA F 53 18.94 0.02 -11.81
N GLU F 54 18.10 0.45 -12.74
CA GLU F 54 17.02 1.38 -12.39
C GLU F 54 15.98 0.82 -11.41
N VAL F 55 15.64 -0.46 -11.54
CA VAL F 55 14.64 -1.02 -10.66
C VAL F 55 15.14 -1.17 -9.22
N MET F 56 16.44 -1.43 -9.06
CA MET F 56 16.99 -1.58 -7.71
C MET F 56 16.94 -0.27 -6.95
N ARG F 57 16.77 0.84 -7.67
CA ARG F 57 16.68 2.12 -7.01
C ARG F 57 15.32 2.31 -6.35
N TRP F 58 14.33 1.52 -6.76
CA TRP F 58 12.98 1.63 -6.22
C TRP F 58 12.46 0.44 -5.40
N THR F 59 12.66 -0.77 -5.91
CA THR F 59 12.16 -1.98 -5.27
C THR F 59 12.78 -2.34 -3.94
N ASP F 60 11.97 -2.92 -3.05
CA ASP F 60 12.48 -3.33 -1.76
C ASP F 60 13.00 -4.77 -1.87
N VAL F 61 12.79 -5.37 -3.04
CA VAL F 61 13.28 -6.72 -3.29
C VAL F 61 14.81 -6.64 -3.36
N SER F 62 15.50 -7.57 -2.70
CA SER F 62 16.97 -7.56 -2.70
C SER F 62 17.48 -8.02 -4.06
N ILE F 63 18.72 -7.64 -4.38
CA ILE F 63 19.33 -8.02 -5.64
C ILE F 63 19.54 -9.52 -5.73
N GLU F 64 19.79 -10.15 -4.59
CA GLU F 64 19.99 -11.59 -4.54
C GLU F 64 18.68 -12.27 -4.87
N ALA F 65 17.59 -11.75 -4.32
CA ALA F 65 16.27 -12.31 -4.56
C ALA F 65 15.93 -12.13 -6.05
N PHE F 66 16.25 -10.95 -6.58
CA PHE F 66 15.98 -10.64 -7.97
C PHE F 66 16.61 -11.70 -8.86
N TRP F 67 17.89 -11.98 -8.64
CA TRP F 67 18.60 -12.97 -9.45
C TRP F 67 18.00 -14.36 -9.27
N ALA F 68 17.45 -14.65 -8.10
CA ALA F 68 16.85 -15.94 -7.82
C ALA F 68 15.51 -16.10 -8.53
N MET F 69 14.92 -14.98 -8.97
CA MET F 69 13.64 -15.03 -9.68
C MET F 69 13.85 -15.52 -11.11
N SER F 70 12.77 -16.01 -11.72
CA SER F 70 12.83 -16.48 -13.10
C SER F 70 12.80 -15.24 -14.00
N LYS F 71 13.16 -15.43 -15.26
CA LYS F 71 13.17 -14.34 -16.22
C LYS F 71 11.81 -13.61 -16.24
N ARG F 72 10.72 -14.37 -16.25
CA ARG F 72 9.39 -13.76 -16.28
C ARG F 72 9.02 -13.02 -15.01
N GLU F 73 9.46 -13.51 -13.86
CA GLU F 73 9.17 -12.84 -12.60
C GLU F 73 9.96 -11.54 -12.50
N GLN F 74 11.15 -11.51 -13.08
CA GLN F 74 12.00 -10.33 -13.07
C GLN F 74 11.34 -9.27 -13.94
N ALA F 75 10.84 -9.70 -15.09
CA ALA F 75 10.17 -8.81 -16.03
C ALA F 75 8.95 -8.22 -15.36
N ASP F 76 8.16 -9.08 -14.72
CA ASP F 76 6.96 -8.64 -14.02
C ASP F 76 7.28 -7.61 -12.96
N LEU F 77 8.38 -7.80 -12.25
CA LEU F 77 8.80 -6.88 -11.20
C LEU F 77 9.17 -5.53 -11.79
N ILE F 78 10.03 -5.54 -12.80
CA ILE F 78 10.47 -4.30 -13.44
C ILE F 78 9.29 -3.55 -14.05
N TRP F 79 8.39 -4.29 -14.69
CA TRP F 79 7.21 -3.68 -15.28
C TRP F 79 6.40 -2.95 -14.21
N GLU F 80 6.12 -3.64 -13.11
CA GLU F 80 5.37 -3.06 -12.00
C GLU F 80 6.06 -1.86 -11.36
N GLU F 81 7.32 -2.03 -10.98
CA GLU F 81 8.08 -0.97 -10.32
C GLU F 81 8.45 0.23 -11.19
N LEU F 82 8.83 -0.02 -12.44
CA LEU F 82 9.25 1.08 -13.30
C LEU F 82 8.24 1.66 -14.28
N PHE F 83 7.16 0.92 -14.55
CA PHE F 83 6.15 1.38 -15.49
C PHE F 83 4.80 1.67 -14.84
N ILE F 84 4.42 0.90 -13.84
CA ILE F 84 3.13 1.10 -13.18
C ILE F 84 3.19 1.98 -11.93
N LYS F 85 4.16 1.72 -11.04
CA LYS F 85 4.28 2.49 -9.81
C LYS F 85 4.87 3.90 -9.98
N ARG F 86 5.53 4.13 -11.11
CA ARG F 86 6.10 5.43 -11.47
C ARG F 86 6.01 5.47 -12.99
N SER F 87 5.91 6.67 -13.57
CA SER F 87 5.83 6.77 -15.02
C SER F 87 7.16 6.36 -15.63
N PRO F 88 7.11 5.56 -16.72
CA PRO F 88 8.32 5.09 -17.40
C PRO F 88 9.01 6.16 -18.26
N VAL F 89 9.41 7.26 -17.63
CA VAL F 89 10.05 8.37 -18.35
C VAL F 89 11.55 8.28 -18.65
N SER F 90 12.27 7.39 -17.98
CA SER F 90 13.71 7.28 -18.26
C SER F 90 13.90 6.85 -19.70
N GLU F 91 15.11 7.04 -20.22
CA GLU F 91 15.40 6.68 -21.60
C GLU F 91 15.22 5.18 -21.85
N ALA F 92 15.72 4.34 -20.95
CA ALA F 92 15.60 2.89 -21.11
C ALA F 92 14.14 2.41 -21.11
N CYS F 93 13.35 2.91 -20.18
CA CYS F 93 11.94 2.51 -20.11
C CYS F 93 11.17 3.01 -21.33
N ARG F 94 11.48 4.23 -21.74
CA ARG F 94 10.84 4.83 -22.91
C ARG F 94 11.16 3.94 -24.13
N GLY F 95 12.39 3.45 -24.19
CA GLY F 95 12.80 2.60 -25.30
C GLY F 95 11.96 1.34 -25.40
N VAL F 96 11.62 0.75 -24.26
CA VAL F 96 10.80 -0.45 -24.25
C VAL F 96 9.45 -0.19 -24.93
N LEU F 97 8.85 0.96 -24.63
CA LEU F 97 7.57 1.32 -25.22
C LEU F 97 7.67 1.56 -26.72
N THR F 98 8.74 2.22 -27.14
CA THR F 98 8.95 2.49 -28.56
C THR F 98 9.00 1.17 -29.33
N CYS F 99 9.62 0.15 -28.71
CA CYS F 99 9.73 -1.16 -29.32
C CYS F 99 8.35 -1.78 -29.46
N LEU F 100 7.62 -1.83 -28.35
CA LEU F 100 6.27 -2.39 -28.35
C LEU F 100 5.42 -1.75 -29.43
N GLN F 101 5.43 -0.43 -29.47
CA GLN F 101 4.66 0.30 -30.46
C GLN F 101 5.11 -0.01 -31.89
N GLY F 102 6.43 -0.06 -32.09
CA GLY F 102 6.95 -0.33 -33.42
C GLY F 102 6.52 -1.69 -33.95
N LEU F 103 6.33 -2.63 -33.04
CA LEU F 103 5.93 -3.99 -33.40
C LEU F 103 4.43 -4.09 -33.63
N GLY F 104 3.74 -2.96 -33.54
CA GLY F 104 2.30 -2.95 -33.74
C GLY F 104 1.53 -3.26 -32.47
N LEU F 105 2.23 -3.33 -31.33
CA LEU F 105 1.58 -3.59 -30.06
C LEU F 105 1.04 -2.28 -29.47
N ASP F 106 0.17 -2.37 -28.48
CA ASP F 106 -0.44 -1.17 -27.90
C ASP F 106 -0.08 -0.91 -26.44
N PRO F 107 0.88 -0.01 -26.19
CA PRO F 107 1.33 0.35 -24.84
C PRO F 107 0.22 0.92 -23.97
N ALA F 108 -0.80 1.48 -24.60
CA ALA F 108 -1.93 2.07 -23.89
C ALA F 108 -2.66 1.07 -23.00
N THR F 109 -2.75 -0.19 -23.45
CA THR F 109 -3.45 -1.22 -22.68
C THR F 109 -2.68 -1.71 -21.47
N ARG F 110 -1.35 -1.67 -21.56
CA ARG F 110 -0.49 -2.15 -20.47
C ARG F 110 -0.72 -3.64 -20.23
N ASP F 111 -1.18 -4.33 -21.27
CA ASP F 111 -1.46 -5.76 -21.18
C ASP F 111 -0.19 -6.56 -21.48
N LEU F 112 0.67 -6.71 -20.49
CA LEU F 112 1.93 -7.43 -20.67
C LEU F 112 1.73 -8.87 -21.16
N GLN F 113 0.66 -9.51 -20.70
CA GLN F 113 0.41 -10.88 -21.14
C GLN F 113 0.13 -10.93 -22.63
N VAL F 114 -0.57 -9.92 -23.15
CA VAL F 114 -0.85 -9.89 -24.57
C VAL F 114 0.43 -9.63 -25.36
N TYR F 115 1.32 -8.80 -24.81
CA TYR F 115 2.58 -8.52 -25.50
C TYR F 115 3.41 -9.80 -25.59
N ARG F 116 3.40 -10.59 -24.53
CA ARG F 116 4.16 -11.84 -24.52
C ARG F 116 3.66 -12.83 -25.56
N GLU F 117 2.36 -12.78 -25.85
CA GLU F 117 1.75 -13.66 -26.85
C GLU F 117 2.30 -13.41 -28.24
N TYR F 118 2.58 -12.15 -28.57
CA TYR F 118 3.13 -11.78 -29.87
C TYR F 118 4.43 -12.53 -30.16
N PHE F 119 5.35 -12.52 -29.20
CA PHE F 119 6.64 -13.17 -29.36
C PHE F 119 6.57 -14.68 -29.31
N ALA F 120 5.68 -15.20 -28.47
CA ALA F 120 5.52 -16.64 -28.31
C ALA F 120 5.12 -17.36 -29.59
N LYS F 121 4.57 -16.63 -30.56
CA LYS F 121 4.14 -17.24 -31.81
C LYS F 121 5.07 -17.01 -32.99
N LYS F 122 6.34 -16.73 -32.72
CA LYS F 122 7.32 -16.48 -33.77
C LYS F 122 8.65 -17.18 -33.50
N THR F 123 9.42 -17.40 -34.56
CA THR F 123 10.74 -18.02 -34.44
C THR F 123 11.76 -16.89 -34.48
N SER F 124 12.98 -17.18 -34.05
CA SER F 124 14.05 -16.18 -34.04
C SER F 124 14.26 -15.59 -35.42
N GLU F 125 14.24 -16.44 -36.43
CA GLU F 125 14.43 -16.03 -37.81
C GLU F 125 13.35 -15.03 -38.21
N GLU F 126 12.11 -15.33 -37.87
CA GLU F 126 11.01 -14.44 -38.22
C GLU F 126 11.14 -13.09 -37.52
N GLN F 127 11.56 -13.10 -36.25
CA GLN F 127 11.69 -11.86 -35.49
C GLN F 127 12.85 -11.00 -35.99
N VAL F 128 13.96 -11.63 -36.37
CA VAL F 128 15.09 -10.85 -36.88
C VAL F 128 14.68 -10.18 -38.19
N ASP F 129 13.88 -10.89 -39.01
CA ASP F 129 13.40 -10.35 -40.28
C ASP F 129 12.46 -9.18 -40.01
N THR F 130 11.57 -9.35 -39.03
CA THR F 130 10.63 -8.31 -38.68
C THR F 130 11.36 -7.08 -38.14
N VAL F 131 12.21 -7.28 -37.14
CA VAL F 131 12.95 -6.18 -36.53
C VAL F 131 13.89 -5.41 -37.45
N LEU F 132 14.70 -6.12 -38.25
CA LEU F 132 15.61 -5.44 -39.17
C LEU F 132 14.84 -4.61 -40.19
N GLN F 133 13.63 -5.04 -40.51
CA GLN F 133 12.80 -4.33 -41.47
C GLN F 133 12.28 -3.07 -40.78
N LEU F 134 11.69 -3.25 -39.60
CA LEU F 134 11.15 -2.14 -38.81
C LEU F 134 12.20 -1.12 -38.40
N ALA F 135 13.40 -1.59 -38.05
CA ALA F 135 14.48 -0.68 -37.64
C ALA F 135 15.26 -0.18 -38.84
N ASN F 136 14.95 -0.73 -40.01
CA ASN F 136 15.62 -0.36 -41.25
C ASN F 136 17.13 -0.48 -41.06
N VAL F 137 17.55 -1.59 -40.46
CA VAL F 137 18.97 -1.87 -40.23
C VAL F 137 19.35 -2.94 -41.24
N SER F 138 20.29 -2.62 -42.12
CA SER F 138 20.72 -3.58 -43.14
C SER F 138 21.85 -4.47 -42.64
N ASP F 139 22.76 -3.88 -41.86
CA ASP F 139 23.91 -4.62 -41.35
C ASP F 139 24.15 -4.43 -39.87
N VAL F 140 24.40 -5.54 -39.18
CA VAL F 140 24.64 -5.54 -37.74
C VAL F 140 26.06 -6.06 -37.45
N VAL F 141 26.79 -5.34 -36.61
CA VAL F 141 28.13 -5.77 -36.24
C VAL F 141 28.03 -6.35 -34.84
N MET F 142 28.47 -7.59 -34.70
CA MET F 142 28.41 -8.30 -33.43
C MET F 142 29.65 -8.04 -32.59
N THR F 143 29.65 -8.63 -31.41
CA THR F 143 30.75 -8.57 -30.47
C THR F 143 31.02 -10.05 -30.24
N ASN F 144 32.10 -10.55 -30.84
CA ASN F 144 32.42 -11.96 -30.69
C ASN F 144 33.66 -12.19 -29.86
N ASP F 145 33.44 -12.75 -28.68
CA ASP F 145 34.50 -13.02 -27.72
C ASP F 145 34.89 -14.50 -27.69
N PRO F 146 36.02 -14.84 -28.32
CA PRO F 146 36.52 -16.23 -28.37
C PRO F 146 36.83 -16.81 -27.00
N PHE F 147 36.99 -15.94 -26.00
CA PHE F 147 37.28 -16.39 -24.65
C PHE F 147 36.03 -16.90 -23.92
N ASP F 148 34.86 -16.64 -24.49
CA ASP F 148 33.61 -17.11 -23.89
C ASP F 148 33.44 -18.54 -24.40
N ASP F 149 33.26 -19.49 -23.48
CA ASP F 149 33.10 -20.89 -23.87
C ASP F 149 31.92 -21.13 -24.81
N ASN F 150 30.76 -20.57 -24.48
CA ASN F 150 29.58 -20.75 -25.32
C ASN F 150 29.76 -20.15 -26.71
N GLU F 151 30.46 -19.03 -26.81
CA GLU F 151 30.68 -18.41 -28.12
C GLU F 151 31.75 -19.13 -28.92
N ARG F 152 32.87 -19.45 -28.28
CA ARG F 152 33.97 -20.14 -28.96
C ARG F 152 33.52 -21.46 -29.60
N ILE F 153 32.88 -22.31 -28.80
CA ILE F 153 32.42 -23.61 -29.29
C ILE F 153 31.59 -23.47 -30.56
N SER F 154 30.77 -22.42 -30.62
CA SER F 154 29.93 -22.20 -31.79
C SER F 154 30.76 -21.95 -33.05
N TRP F 155 31.77 -21.10 -32.94
CA TRP F 155 32.64 -20.79 -34.09
C TRP F 155 33.48 -21.98 -34.50
N LEU F 156 34.03 -22.68 -33.51
CA LEU F 156 34.88 -23.84 -33.79
C LEU F 156 34.08 -24.97 -34.42
N GLU F 157 32.76 -24.94 -34.22
CA GLU F 157 31.90 -25.98 -34.80
C GLU F 157 31.19 -25.54 -36.07
N GLY F 158 31.88 -24.71 -36.87
CA GLY F 158 31.34 -24.25 -38.14
C GLY F 158 30.36 -23.09 -38.22
N LYS F 159 29.84 -22.62 -37.08
CA LYS F 159 28.90 -21.51 -37.12
C LYS F 159 29.43 -20.26 -37.81
N GLN F 160 28.65 -19.75 -38.75
CA GLN F 160 28.98 -18.54 -39.49
C GLN F 160 27.73 -17.67 -39.59
N PRO F 161 27.87 -16.36 -39.39
CA PRO F 161 26.72 -15.45 -39.46
C PRO F 161 26.18 -15.30 -40.87
N ASP F 162 24.89 -14.99 -41.01
CA ASP F 162 24.36 -14.80 -42.35
C ASP F 162 24.85 -13.44 -42.84
N SER F 163 24.62 -13.17 -44.12
CA SER F 163 25.06 -11.94 -44.77
C SER F 163 24.75 -10.61 -44.07
N ARG F 164 23.75 -10.60 -43.20
CA ARG F 164 23.37 -9.35 -42.51
C ARG F 164 24.20 -9.07 -41.26
N PHE F 165 24.87 -10.10 -40.75
CA PHE F 165 25.67 -9.98 -39.54
C PHE F 165 27.18 -10.07 -39.76
N HIS F 166 27.94 -9.18 -39.12
CA HIS F 166 29.39 -9.16 -39.26
C HIS F 166 30.07 -9.32 -37.91
N ALA F 167 31.21 -10.00 -37.91
CA ALA F 167 31.96 -10.24 -36.68
C ALA F 167 32.94 -9.13 -36.34
N ALA F 168 33.22 -9.02 -35.05
CA ALA F 168 34.16 -8.06 -34.51
C ALA F 168 34.89 -8.84 -33.42
N LEU F 169 36.20 -8.95 -33.57
CA LEU F 169 37.02 -9.70 -32.63
C LEU F 169 37.27 -8.95 -31.33
N ARG F 170 36.52 -9.31 -30.29
CA ARG F 170 36.62 -8.69 -28.96
C ARG F 170 37.72 -9.38 -28.15
N LEU F 171 38.68 -8.59 -27.68
CA LEU F 171 39.85 -9.11 -26.95
C LEU F 171 40.10 -8.67 -25.51
N ASP F 172 39.06 -8.34 -24.77
CA ASP F 172 39.21 -7.89 -23.39
C ASP F 172 40.03 -8.82 -22.47
N PRO F 173 39.75 -10.13 -22.49
CA PRO F 173 40.49 -11.08 -21.65
C PRO F 173 42.01 -11.11 -21.93
N LEU F 174 42.35 -11.07 -23.21
CA LEU F 174 43.75 -11.11 -23.63
C LEU F 174 44.51 -9.84 -23.27
N LEU F 175 43.92 -8.69 -23.59
CA LEU F 175 44.55 -7.40 -23.34
C LEU F 175 44.52 -6.89 -21.90
N ASN F 176 43.45 -7.20 -21.17
CA ASN F 176 43.33 -6.73 -19.79
C ASN F 176 43.61 -7.75 -18.69
N GLU F 177 43.59 -9.04 -19.02
CA GLU F 177 43.84 -10.08 -18.03
C GLU F 177 44.79 -11.17 -18.54
N TYR F 178 45.87 -10.75 -19.20
CA TYR F 178 46.83 -11.69 -19.76
C TYR F 178 47.37 -12.70 -18.75
N GLU F 179 47.73 -12.25 -17.55
CA GLU F 179 48.27 -13.14 -16.54
C GLU F 179 47.43 -14.41 -16.37
N GLN F 180 46.12 -14.26 -16.43
CA GLN F 180 45.20 -15.40 -16.30
C GLN F 180 44.94 -16.03 -17.68
N THR F 181 44.67 -15.19 -18.66
CA THR F 181 44.35 -15.63 -20.00
C THR F 181 45.47 -16.41 -20.70
N LYS F 182 46.71 -16.12 -20.35
CA LYS F 182 47.84 -16.83 -20.97
C LYS F 182 47.76 -18.33 -20.74
N HIS F 183 47.19 -18.74 -19.61
CA HIS F 183 47.06 -20.17 -19.31
C HIS F 183 46.10 -20.81 -20.30
N ARG F 184 45.07 -20.07 -20.68
CA ARG F 184 44.10 -20.59 -21.63
C ARG F 184 44.75 -20.68 -23.01
N LEU F 185 45.57 -19.69 -23.33
CA LEU F 185 46.26 -19.68 -24.62
C LEU F 185 47.04 -20.98 -24.80
N ARG F 186 47.78 -21.39 -23.76
CA ARG F 186 48.56 -22.60 -23.84
C ARG F 186 47.64 -23.82 -23.81
N ASP F 187 46.50 -23.72 -23.15
CA ASP F 187 45.54 -24.82 -23.11
C ASP F 187 45.01 -25.04 -24.53
N TRP F 188 45.08 -24.00 -25.35
CA TRP F 188 44.60 -24.08 -26.73
C TRP F 188 45.68 -24.30 -27.78
N GLY F 189 46.90 -24.58 -27.34
CA GLY F 189 47.97 -24.83 -28.29
C GLY F 189 48.88 -23.65 -28.60
N TYR F 190 48.69 -22.54 -27.89
CA TYR F 190 49.51 -21.36 -28.11
C TYR F 190 50.65 -21.36 -27.09
N LYS F 191 51.85 -21.62 -27.61
CA LYS F 191 53.05 -21.73 -26.80
C LYS F 191 53.56 -20.41 -26.23
N VAL F 192 52.71 -19.71 -25.50
CA VAL F 192 53.12 -18.45 -24.90
C VAL F 192 54.01 -18.79 -23.72
N ASN F 193 55.15 -18.12 -23.61
CA ASN F 193 56.09 -18.40 -22.53
C ASN F 193 55.86 -17.53 -21.30
N ASP F 194 56.58 -17.83 -20.23
CA ASP F 194 56.45 -17.07 -18.99
C ASP F 194 56.94 -15.64 -19.18
N GLU F 195 58.06 -15.49 -19.88
CA GLU F 195 58.60 -14.16 -20.12
C GLU F 195 58.18 -13.68 -21.50
N TRP F 196 58.10 -12.37 -21.68
CA TRP F 196 57.70 -11.80 -22.96
C TRP F 196 58.86 -11.88 -23.95
N ASN F 197 58.99 -13.03 -24.61
CA ASN F 197 60.05 -13.23 -25.59
C ASN F 197 59.48 -13.29 -27.00
N GLU F 198 60.35 -13.47 -27.97
CA GLU F 198 59.92 -13.53 -29.36
C GLU F 198 58.94 -14.67 -29.62
N GLY F 199 59.03 -15.71 -28.79
CA GLY F 199 58.13 -16.85 -28.95
C GLY F 199 56.71 -16.51 -28.51
N SER F 200 56.60 -15.81 -27.39
CA SER F 200 55.30 -15.42 -26.86
C SER F 200 54.61 -14.50 -27.85
N ILE F 201 55.36 -13.51 -28.33
CA ILE F 201 54.86 -12.54 -29.29
C ILE F 201 54.29 -13.20 -30.53
N GLN F 202 55.05 -14.15 -31.09
CA GLN F 202 54.61 -14.85 -32.29
C GLN F 202 53.39 -15.71 -32.05
N GLU F 203 53.29 -16.35 -30.89
CA GLU F 203 52.15 -17.19 -30.57
C GLU F 203 50.90 -16.35 -30.31
N VAL F 204 51.07 -15.17 -29.74
CA VAL F 204 49.93 -14.29 -29.49
C VAL F 204 49.43 -13.84 -30.85
N LYS F 205 50.35 -13.55 -31.76
CA LYS F 205 49.98 -13.14 -33.11
C LYS F 205 49.22 -14.26 -33.80
N ARG F 206 49.69 -15.49 -33.64
CA ARG F 206 49.04 -16.65 -34.25
C ARG F 206 47.59 -16.71 -33.78
N PHE F 207 47.41 -16.55 -32.47
CA PHE F 207 46.08 -16.58 -31.88
C PHE F 207 45.17 -15.58 -32.59
N LEU F 208 45.66 -14.35 -32.72
CA LEU F 208 44.91 -13.29 -33.38
C LEU F 208 44.61 -13.62 -34.84
N THR F 209 45.66 -14.00 -35.57
CA THR F 209 45.52 -14.35 -36.97
C THR F 209 44.57 -15.54 -37.13
N ASP F 210 44.67 -16.54 -36.25
CA ASP F 210 43.78 -17.68 -36.33
C ASP F 210 42.33 -17.22 -36.27
N TRP F 211 42.00 -16.39 -35.28
CA TRP F 211 40.64 -15.91 -35.15
C TRP F 211 40.21 -14.92 -36.21
N ILE F 212 41.15 -14.18 -36.76
CA ILE F 212 40.84 -13.24 -37.83
C ILE F 212 40.37 -14.06 -39.02
N GLU F 213 41.04 -15.18 -39.26
CA GLU F 213 40.71 -16.06 -40.37
C GLU F 213 39.37 -16.77 -40.15
N ARG F 214 39.08 -17.14 -38.91
CA ARG F 214 37.83 -17.83 -38.62
C ARG F 214 36.63 -16.91 -38.56
N MET F 215 36.85 -15.66 -38.16
CA MET F 215 35.76 -14.69 -38.05
C MET F 215 35.67 -13.67 -39.18
N ASP F 216 36.81 -13.37 -39.79
CA ASP F 216 36.88 -12.35 -40.85
C ASP F 216 36.19 -11.10 -40.29
N PRO F 217 36.66 -10.63 -39.12
CA PRO F 217 36.15 -9.45 -38.42
C PRO F 217 36.35 -8.13 -39.15
N VAL F 218 35.43 -7.19 -38.95
CA VAL F 218 35.55 -5.89 -39.58
C VAL F 218 36.56 -5.06 -38.77
N TYR F 219 36.73 -5.42 -37.50
CA TYR F 219 37.70 -4.76 -36.64
C TYR F 219 37.93 -5.56 -35.36
N MET F 220 39.03 -5.23 -34.67
CA MET F 220 39.35 -5.86 -33.39
C MET F 220 39.00 -4.84 -32.33
N ALA F 221 38.41 -5.28 -31.23
CA ALA F 221 37.99 -4.34 -30.19
C ALA F 221 38.29 -4.74 -28.76
N VAL F 222 38.25 -3.73 -27.89
CA VAL F 222 38.49 -3.92 -26.47
C VAL F 222 37.90 -2.73 -25.71
N SER F 223 37.46 -2.96 -24.47
CA SER F 223 36.95 -1.86 -23.65
C SER F 223 38.07 -1.63 -22.63
N LEU F 224 38.37 -0.37 -22.36
CA LEU F 224 39.47 -0.01 -21.46
C LEU F 224 39.03 0.89 -20.31
N PRO F 225 39.77 0.87 -19.19
CA PRO F 225 39.45 1.68 -18.01
C PRO F 225 39.91 3.13 -18.17
N PRO F 226 39.38 4.04 -17.34
CA PRO F 226 39.78 5.45 -17.44
C PRO F 226 41.27 5.67 -17.19
N THR F 227 41.90 4.67 -16.58
CA THR F 227 43.34 4.75 -16.30
C THR F 227 44.18 4.29 -17.50
N PHE F 228 43.54 3.97 -18.61
CA PHE F 228 44.27 3.51 -19.80
C PHE F 228 45.42 4.42 -20.18
N SER F 229 46.58 3.83 -20.46
CA SER F 229 47.76 4.58 -20.84
C SER F 229 48.55 3.81 -21.89
N PHE F 230 49.31 4.54 -22.71
CA PHE F 230 50.14 3.92 -23.74
C PHE F 230 51.12 4.93 -24.33
N PRO F 231 52.40 4.54 -24.49
CA PRO F 231 52.96 3.22 -24.16
C PRO F 231 52.88 2.87 -22.68
N GLU F 232 53.11 1.60 -22.36
CA GLU F 232 53.07 1.16 -20.97
C GLU F 232 53.75 -0.19 -20.78
N GLU F 233 54.58 -0.29 -19.75
CA GLU F 233 55.26 -1.54 -19.44
C GLU F 233 54.33 -2.42 -18.64
N SER F 234 53.43 -3.08 -19.36
CA SER F 234 52.45 -3.98 -18.76
C SER F 234 52.16 -4.97 -19.87
N ASN F 235 51.40 -6.02 -19.57
CA ASN F 235 51.06 -6.99 -20.59
C ASN F 235 50.22 -6.32 -21.68
N ARG F 236 49.23 -5.52 -21.26
CA ARG F 236 48.37 -4.83 -22.22
C ARG F 236 49.20 -3.96 -23.16
N GLY F 237 50.14 -3.21 -22.59
CA GLY F 237 50.98 -2.34 -23.40
C GLY F 237 51.87 -3.08 -24.39
N ARG F 238 52.46 -4.18 -23.96
CA ARG F 238 53.33 -4.94 -24.84
C ARG F 238 52.54 -5.71 -25.91
N ILE F 239 51.37 -6.22 -25.54
CA ILE F 239 50.53 -6.97 -26.47
C ILE F 239 50.04 -6.08 -27.61
N ILE F 240 49.66 -4.85 -27.26
CA ILE F 240 49.17 -3.91 -28.26
C ILE F 240 50.31 -3.49 -29.18
N ARG F 241 51.45 -3.17 -28.60
CA ARG F 241 52.62 -2.74 -29.37
C ARG F 241 53.23 -3.83 -30.25
N ASP F 242 53.51 -4.98 -29.66
CA ASP F 242 54.16 -6.07 -30.40
C ASP F 242 53.27 -7.04 -31.17
N CYS F 243 52.00 -7.14 -30.81
CA CYS F 243 51.12 -8.09 -31.49
C CYS F 243 49.90 -7.51 -32.22
N LEU F 244 49.06 -6.81 -31.47
CA LEU F 244 47.84 -6.21 -32.00
C LEU F 244 48.06 -5.30 -33.19
N LEU F 245 48.77 -4.20 -32.98
CA LEU F 245 49.00 -3.23 -34.05
C LEU F 245 49.62 -3.82 -35.31
N PRO F 246 50.71 -4.59 -35.18
CA PRO F 246 51.34 -5.18 -36.37
C PRO F 246 50.36 -6.03 -37.18
N VAL F 247 49.64 -6.92 -36.48
CA VAL F 247 48.67 -7.78 -37.14
C VAL F 247 47.56 -6.95 -37.77
N ALA F 248 47.04 -5.99 -37.01
CA ALA F 248 45.98 -5.12 -37.50
C ALA F 248 46.43 -4.39 -38.76
N GLU F 249 47.67 -3.91 -38.75
CA GLU F 249 48.22 -3.19 -39.91
C GLU F 249 48.32 -4.13 -41.11
N LYS F 250 48.91 -5.30 -40.88
CA LYS F 250 49.10 -6.29 -41.92
C LYS F 250 47.79 -6.63 -42.63
N HIS F 251 46.74 -6.88 -41.86
CA HIS F 251 45.43 -7.19 -42.43
C HIS F 251 44.61 -5.93 -42.63
N ASN F 252 45.24 -4.79 -42.38
CA ASN F 252 44.59 -3.49 -42.51
C ASN F 252 43.21 -3.46 -41.85
N ILE F 253 43.13 -4.01 -40.65
CA ILE F 253 41.88 -4.04 -39.90
C ILE F 253 41.96 -3.01 -38.79
N PRO F 254 40.93 -2.17 -38.65
CA PRO F 254 40.98 -1.17 -37.58
C PRO F 254 40.89 -1.76 -36.16
N PHE F 255 41.40 -1.00 -35.20
CA PHE F 255 41.40 -1.38 -33.79
C PHE F 255 40.41 -0.46 -33.07
N ALA F 256 39.34 -1.04 -32.52
CA ALA F 256 38.35 -0.25 -31.82
C ALA F 256 38.62 -0.20 -30.32
N MET F 257 38.70 1.01 -29.77
CA MET F 257 38.94 1.19 -28.35
C MET F 257 37.75 1.90 -27.69
N MET F 258 37.13 1.23 -26.71
CA MET F 258 36.00 1.81 -25.99
C MET F 258 36.54 2.08 -24.59
N ILE F 259 36.90 3.34 -24.37
CA ILE F 259 37.53 3.78 -23.14
C ILE F 259 36.67 4.50 -22.11
N GLY F 260 36.96 4.26 -20.82
CA GLY F 260 36.24 4.93 -19.77
C GLY F 260 35.46 4.09 -18.77
N VAL F 261 35.33 2.81 -19.04
CA VAL F 261 34.56 1.94 -18.15
C VAL F 261 35.34 1.43 -16.93
N LYS F 262 34.71 1.52 -15.76
CA LYS F 262 35.34 1.02 -14.53
C LYS F 262 34.50 -0.21 -14.18
N LYS F 263 35.03 -1.38 -14.49
CA LYS F 263 34.32 -2.64 -14.26
C LYS F 263 34.03 -3.04 -12.83
N ARG F 264 32.82 -3.56 -12.65
CA ARG F 264 32.35 -4.09 -11.37
C ARG F 264 32.53 -3.27 -10.09
N VAL F 265 32.03 -2.04 -10.08
CA VAL F 265 32.13 -1.23 -8.85
C VAL F 265 31.07 -1.76 -7.90
N HIS F 266 30.07 -2.46 -8.47
CA HIS F 266 29.01 -3.08 -7.67
C HIS F 266 28.79 -4.46 -8.30
N PRO F 267 29.70 -5.41 -8.00
CA PRO F 267 29.62 -6.77 -8.54
C PRO F 267 28.28 -7.49 -8.38
N ALA F 268 27.59 -7.27 -7.27
CA ALA F 268 26.30 -7.93 -7.08
C ALA F 268 25.29 -7.60 -8.20
N LEU F 269 25.49 -6.47 -8.86
CA LEU F 269 24.59 -6.06 -9.95
C LEU F 269 24.93 -6.71 -11.29
N GLY F 270 26.00 -7.50 -11.32
CA GLY F 270 26.39 -8.16 -12.56
C GLY F 270 26.70 -7.19 -13.66
N ASP F 271 26.12 -7.40 -14.84
CA ASP F 271 26.39 -6.52 -15.97
C ASP F 271 25.92 -5.09 -15.71
N ALA F 272 25.18 -4.90 -14.62
CA ALA F 272 24.68 -3.58 -14.28
C ALA F 272 25.57 -2.89 -13.24
N GLY F 273 26.71 -3.50 -12.93
CA GLY F 273 27.58 -2.92 -11.93
C GLY F 273 28.79 -2.15 -12.39
N ASP F 274 28.85 -1.78 -13.67
CA ASP F 274 29.99 -1.03 -14.17
C ASP F 274 29.77 0.47 -14.04
N PHE F 275 30.87 1.19 -13.78
CA PHE F 275 30.86 2.63 -13.56
C PHE F 275 31.69 3.34 -14.64
N VAL F 276 31.92 4.63 -14.46
CA VAL F 276 32.64 5.41 -15.45
C VAL F 276 33.65 6.38 -14.84
N GLY F 277 34.63 6.77 -15.65
CA GLY F 277 35.66 7.71 -15.22
C GLY F 277 36.27 8.42 -16.42
N LYS F 278 36.75 9.64 -16.20
CA LYS F 278 37.38 10.41 -17.27
C LYS F 278 38.77 9.83 -17.51
N ALA F 279 39.16 9.72 -18.77
CA ALA F 279 40.46 9.19 -19.11
C ALA F 279 41.35 10.27 -19.67
N SER F 280 42.66 10.01 -19.64
CA SER F 280 43.65 10.94 -20.21
C SER F 280 43.60 10.66 -21.71
N MET F 281 43.91 11.67 -22.52
CA MET F 281 43.89 11.47 -23.97
C MET F 281 45.29 11.11 -24.49
N ASP F 282 46.29 11.19 -23.62
CA ASP F 282 47.67 10.92 -24.00
C ASP F 282 47.86 9.58 -24.72
N GLY F 283 47.26 8.53 -24.17
CA GLY F 283 47.39 7.21 -24.77
C GLY F 283 46.84 7.13 -26.18
N VAL F 284 45.68 7.75 -26.40
CA VAL F 284 45.06 7.73 -27.72
C VAL F 284 45.86 8.62 -28.67
N GLU F 285 46.36 9.72 -28.13
CA GLU F 285 47.15 10.67 -28.89
C GLU F 285 48.44 9.98 -29.37
N HIS F 286 49.12 9.29 -28.46
CA HIS F 286 50.35 8.60 -28.80
C HIS F 286 50.11 7.53 -29.87
N LEU F 287 49.05 6.74 -29.70
CA LEU F 287 48.74 5.69 -30.67
C LEU F 287 48.46 6.22 -32.06
N LEU F 288 47.70 7.31 -32.15
CA LEU F 288 47.38 7.90 -33.44
C LEU F 288 48.62 8.45 -34.14
N ARG F 289 49.45 9.17 -33.40
CA ARG F 289 50.65 9.77 -33.97
C ARG F 289 51.78 8.79 -34.32
N GLU F 290 52.07 7.85 -33.43
CA GLU F 290 53.15 6.91 -33.67
C GLU F 290 52.82 5.75 -34.59
N TYR F 291 51.54 5.55 -34.88
CA TYR F 291 51.12 4.46 -35.76
C TYR F 291 50.19 4.97 -36.85
N PRO F 292 50.71 5.84 -37.72
CA PRO F 292 49.96 6.44 -38.83
C PRO F 292 49.39 5.45 -39.84
N ASN F 293 49.88 4.20 -39.79
CA ASN F 293 49.41 3.17 -40.70
C ASN F 293 48.31 2.30 -40.10
N ASN F 294 48.02 2.52 -38.83
CA ASN F 294 46.95 1.77 -38.17
C ASN F 294 45.70 2.63 -38.13
N LYS F 295 44.54 1.99 -38.19
CA LYS F 295 43.25 2.69 -38.14
C LYS F 295 42.72 2.49 -36.72
N PHE F 296 42.08 3.53 -36.17
CA PHE F 296 41.55 3.46 -34.82
C PHE F 296 40.11 3.96 -34.75
N LEU F 297 39.23 3.15 -34.17
CA LEU F 297 37.84 3.50 -33.98
C LEU F 297 37.72 3.71 -32.47
N VAL F 298 37.32 4.91 -32.07
CA VAL F 298 37.21 5.20 -30.65
C VAL F 298 35.89 5.82 -30.22
N THR F 299 35.45 5.41 -29.03
CA THR F 299 34.26 5.93 -28.40
C THR F 299 34.62 5.95 -26.93
N MET F 300 34.22 7.01 -26.23
CA MET F 300 34.55 7.12 -24.81
C MET F 300 33.29 7.24 -23.95
N LEU F 301 33.40 6.75 -22.72
CA LEU F 301 32.29 6.72 -21.78
C LEU F 301 32.03 7.98 -20.96
N SER F 302 33.06 8.74 -20.64
CA SER F 302 32.88 9.94 -19.82
C SER F 302 32.36 11.14 -20.60
N ARG F 303 31.44 11.89 -20.00
CA ARG F 303 30.89 13.06 -20.65
C ARG F 303 31.98 14.08 -20.88
N GLU F 304 32.86 14.20 -19.89
CA GLU F 304 33.97 15.16 -19.90
C GLU F 304 35.09 14.87 -20.90
N ASN F 305 34.99 13.74 -21.61
CA ASN F 305 35.99 13.35 -22.61
C ASN F 305 35.54 13.64 -24.05
N GLN F 306 34.23 13.82 -24.23
CA GLN F 306 33.67 14.01 -25.57
C GLN F 306 34.21 15.13 -26.45
N HIS F 307 34.33 16.33 -25.88
CA HIS F 307 34.82 17.45 -26.67
C HIS F 307 36.25 17.29 -27.15
N GLU F 308 37.17 16.97 -26.23
CA GLU F 308 38.57 16.80 -26.60
C GLU F 308 38.75 15.61 -27.56
N LEU F 309 37.85 14.63 -27.50
CA LEU F 309 37.94 13.49 -28.41
C LEU F 309 37.68 14.03 -29.82
N VAL F 310 36.71 14.94 -29.94
CA VAL F 310 36.39 15.55 -31.22
C VAL F 310 37.60 16.31 -31.72
N VAL F 311 38.23 17.10 -30.84
CA VAL F 311 39.41 17.86 -31.23
C VAL F 311 40.53 16.93 -31.69
N LEU F 312 40.67 15.78 -31.03
CA LEU F 312 41.71 14.83 -31.40
C LEU F 312 41.44 14.28 -32.79
N ALA F 313 40.17 14.15 -33.13
CA ALA F 313 39.76 13.65 -34.45
C ALA F 313 40.12 14.66 -35.52
N ARG F 314 40.20 15.94 -35.14
CA ARG F 314 40.59 16.99 -36.07
C ARG F 314 42.09 16.85 -36.38
N LYS F 315 42.84 16.34 -35.41
CA LYS F 315 44.30 16.17 -35.53
C LYS F 315 44.76 14.95 -36.32
N PHE F 316 43.98 13.88 -36.30
CA PHE F 316 44.39 12.64 -36.96
C PHE F 316 43.31 11.98 -37.81
N SER F 317 43.63 11.79 -39.08
CA SER F 317 42.71 11.15 -40.02
C SER F 317 42.62 9.66 -39.78
N ASN F 318 43.59 9.10 -39.06
CA ASN F 318 43.53 7.67 -38.78
C ASN F 318 42.67 7.40 -37.53
N LEU F 319 41.96 8.43 -37.09
CA LEU F 319 41.06 8.29 -35.95
C LEU F 319 39.63 8.47 -36.45
N MET F 320 38.76 7.51 -36.17
CA MET F 320 37.37 7.59 -36.56
C MET F 320 36.55 7.45 -35.29
N ILE F 321 35.91 8.53 -34.84
CA ILE F 321 35.13 8.43 -33.62
C ILE F 321 33.73 7.96 -33.94
N PHE F 322 33.13 7.21 -33.01
CA PHE F 322 31.81 6.67 -33.24
C PHE F 322 30.91 6.57 -32.01
N GLY F 323 29.62 6.76 -32.27
CA GLY F 323 28.59 6.62 -31.26
C GLY F 323 28.58 7.42 -29.98
N CYS F 324 27.48 7.22 -29.25
CA CYS F 324 27.24 7.86 -27.97
C CYS F 324 27.00 6.63 -27.10
N TRP F 325 28.12 6.11 -26.59
CA TRP F 325 28.18 4.90 -25.81
C TRP F 325 27.65 4.86 -24.38
N TRP F 326 26.80 3.86 -24.12
CA TRP F 326 26.31 3.59 -22.78
C TRP F 326 25.67 4.75 -22.00
N PHE F 327 26.42 5.28 -21.04
CA PHE F 327 25.93 6.38 -20.22
C PHE F 327 25.85 7.68 -21.03
N MET F 328 26.34 7.62 -22.27
CA MET F 328 26.30 8.77 -23.18
C MET F 328 25.06 8.66 -24.06
N ASN F 329 24.48 7.46 -24.12
CA ASN F 329 23.33 7.19 -24.96
C ASN F 329 22.00 7.71 -24.39
N ASN F 330 21.99 8.98 -24.02
CA ASN F 330 20.82 9.64 -23.46
C ASN F 330 20.62 10.92 -24.28
N PRO F 331 19.36 11.23 -24.64
CA PRO F 331 19.03 12.42 -25.44
C PRO F 331 19.82 13.70 -25.19
N GLU F 332 19.90 14.13 -23.93
CA GLU F 332 20.64 15.35 -23.61
C GLU F 332 22.10 15.26 -24.04
N ILE F 333 22.70 14.08 -23.87
CA ILE F 333 24.09 13.89 -24.23
C ILE F 333 24.27 13.63 -25.73
N ILE F 334 23.42 12.79 -26.29
CA ILE F 334 23.51 12.51 -27.73
C ILE F 334 23.43 13.82 -28.49
N ASN F 335 22.55 14.72 -28.04
CA ASN F 335 22.40 16.00 -28.71
C ASN F 335 23.67 16.86 -28.69
N GLU F 336 24.22 17.10 -27.51
CA GLU F 336 25.41 17.93 -27.41
C GLU F 336 26.62 17.31 -28.11
N MET F 337 26.74 15.98 -28.05
CA MET F 337 27.86 15.31 -28.68
C MET F 337 27.78 15.41 -30.20
N THR F 338 26.60 15.13 -30.74
CA THR F 338 26.40 15.18 -32.18
C THR F 338 26.61 16.61 -32.71
N ARG F 339 26.25 17.62 -31.93
CA ARG F 339 26.44 19.01 -32.35
C ARG F 339 27.91 19.41 -32.33
N MET F 340 28.62 19.07 -31.27
CA MET F 340 30.04 19.39 -31.18
C MET F 340 30.80 18.66 -32.29
N ARG F 341 30.44 17.39 -32.51
CA ARG F 341 31.09 16.59 -33.55
C ARG F 341 30.92 17.18 -34.94
N MET F 342 29.67 17.46 -35.35
CA MET F 342 29.42 18.00 -36.68
C MET F 342 30.00 19.40 -36.87
N GLU F 343 30.04 20.17 -35.78
CA GLU F 343 30.56 21.52 -35.84
C GLU F 343 32.08 21.57 -36.09
N MET F 344 32.82 20.57 -35.62
CA MET F 344 34.27 20.54 -35.84
C MET F 344 34.71 19.46 -36.84
N LEU F 345 33.81 18.57 -37.23
CA LEU F 345 34.19 17.51 -38.17
C LEU F 345 33.32 17.41 -39.42
N GLY F 346 32.32 18.29 -39.55
CA GLY F 346 31.47 18.21 -40.71
C GLY F 346 30.77 16.87 -40.62
N THR F 347 30.90 16.04 -41.66
CA THR F 347 30.26 14.72 -41.65
C THR F 347 31.27 13.57 -41.54
N SER F 348 32.50 13.87 -41.14
CA SER F 348 33.52 12.83 -41.03
C SER F 348 33.56 12.08 -39.70
N PHE F 349 32.43 11.51 -39.30
CA PHE F 349 32.35 10.72 -38.08
C PHE F 349 31.15 9.80 -38.15
N ILE F 350 31.05 8.89 -37.19
CA ILE F 350 29.95 7.94 -37.12
C ILE F 350 29.17 8.33 -35.88
N PRO F 351 28.07 9.05 -36.06
CA PRO F 351 27.25 9.51 -34.93
C PRO F 351 26.74 8.51 -33.90
N GLN F 352 26.30 7.33 -34.35
CA GLN F 352 25.72 6.41 -33.41
C GLN F 352 25.86 4.91 -33.72
N HIS F 353 25.61 4.11 -32.68
CA HIS F 353 25.58 2.66 -32.75
C HIS F 353 24.53 2.30 -31.68
N SER F 354 23.88 1.15 -31.80
CA SER F 354 22.84 0.81 -30.82
C SER F 354 23.33 0.12 -29.55
N ASP F 355 24.32 -0.76 -29.68
CA ASP F 355 24.83 -1.50 -28.53
C ASP F 355 23.72 -2.43 -28.04
N ALA F 356 22.83 -2.80 -28.96
CA ALA F 356 21.71 -3.67 -28.62
C ALA F 356 22.12 -5.02 -28.05
N ARG F 357 21.51 -5.39 -26.93
CA ARG F 357 21.76 -6.67 -26.29
C ARG F 357 20.54 -7.55 -26.53
N VAL F 358 19.42 -6.90 -26.83
CA VAL F 358 18.16 -7.59 -27.13
C VAL F 358 17.74 -7.15 -28.53
N LEU F 359 17.40 -8.12 -29.37
CA LEU F 359 17.01 -7.85 -30.75
C LEU F 359 16.12 -6.63 -30.97
N GLU F 360 14.93 -6.63 -30.36
CA GLU F 360 13.99 -5.53 -30.52
C GLU F 360 14.52 -4.11 -30.26
N GLN F 361 15.59 -3.99 -29.47
CA GLN F 361 16.16 -2.68 -29.16
C GLN F 361 16.59 -1.90 -30.40
N LEU F 362 16.86 -2.61 -31.49
CA LEU F 362 17.25 -1.93 -32.72
C LEU F 362 16.16 -0.93 -33.11
N ILE F 363 14.92 -1.26 -32.76
CA ILE F 363 13.82 -0.38 -33.08
C ILE F 363 13.93 0.97 -32.34
N TYR F 364 14.06 0.92 -31.01
CA TYR F 364 14.13 2.17 -30.25
C TYR F 364 15.47 2.90 -30.30
N LYS F 365 16.57 2.16 -30.28
CA LYS F 365 17.89 2.79 -30.32
C LYS F 365 18.00 3.69 -31.55
N TRP F 366 17.58 3.18 -32.71
CA TRP F 366 17.66 3.95 -33.94
C TRP F 366 16.56 4.99 -34.11
N HIS F 367 15.38 4.71 -33.59
CA HIS F 367 14.28 5.66 -33.67
C HIS F 367 14.60 6.87 -32.80
N HIS F 368 15.06 6.62 -31.57
CA HIS F 368 15.40 7.70 -30.65
C HIS F 368 16.57 8.53 -31.16
N SER F 369 17.60 7.85 -31.68
CA SER F 369 18.78 8.56 -32.17
C SER F 369 18.56 9.25 -33.51
N LYS F 370 17.85 8.60 -34.42
CA LYS F 370 17.60 9.21 -35.72
C LYS F 370 16.86 10.54 -35.59
N SER F 371 15.90 10.62 -34.67
CA SER F 371 15.16 11.88 -34.53
C SER F 371 16.07 12.99 -34.04
N ILE F 372 17.00 12.68 -33.15
CA ILE F 372 17.93 13.68 -32.64
C ILE F 372 18.92 14.08 -33.71
N ILE F 373 19.48 13.09 -34.41
CA ILE F 373 20.42 13.35 -35.48
C ILE F 373 19.78 14.17 -36.58
N ALA F 374 18.50 13.90 -36.88
CA ALA F 374 17.79 14.63 -37.92
C ALA F 374 17.67 16.12 -37.56
N GLU F 375 17.36 16.41 -36.29
CA GLU F 375 17.23 17.80 -35.83
C GLU F 375 18.56 18.54 -35.93
N VAL F 376 19.65 17.85 -35.65
CA VAL F 376 20.96 18.48 -35.73
C VAL F 376 21.24 18.81 -37.20
N LEU F 377 21.01 17.85 -38.08
CA LEU F 377 21.22 18.07 -39.51
C LEU F 377 20.38 19.23 -40.02
N ILE F 378 19.12 19.29 -39.59
CA ILE F 378 18.23 20.36 -40.02
C ILE F 378 18.81 21.72 -39.62
N ASP F 379 19.28 21.86 -38.38
CA ASP F 379 19.87 23.12 -37.96
C ASP F 379 21.09 23.47 -38.82
N LYS F 380 21.98 22.51 -39.03
CA LYS F 380 23.18 22.76 -39.81
C LYS F 380 22.91 23.08 -41.26
N TYR F 381 21.96 22.40 -41.89
CA TYR F 381 21.63 22.70 -43.29
C TYR F 381 20.94 24.05 -43.35
N ASP F 382 20.11 24.34 -42.35
CA ASP F 382 19.40 25.63 -42.34
C ASP F 382 20.41 26.76 -42.25
N ASP F 383 21.47 26.53 -41.49
CA ASP F 383 22.50 27.56 -41.34
C ASP F 383 23.19 27.89 -42.64
N ILE F 384 23.58 26.89 -43.41
CA ILE F 384 24.27 27.19 -44.66
C ILE F 384 23.28 27.63 -45.74
N LEU F 385 22.01 27.25 -45.57
CA LEU F 385 20.98 27.67 -46.50
C LEU F 385 20.87 29.18 -46.29
N GLN F 386 20.91 29.59 -45.02
CA GLN F 386 20.84 31.02 -44.67
C GLN F 386 22.07 31.77 -45.17
N ALA F 387 23.19 31.07 -45.35
CA ALA F 387 24.41 31.68 -45.85
C ALA F 387 24.40 31.73 -47.37
N GLY F 388 23.29 31.32 -47.98
CA GLY F 388 23.18 31.35 -49.44
C GLY F 388 23.49 30.06 -50.17
N TRP F 389 23.90 29.02 -49.44
CA TRP F 389 24.22 27.75 -50.07
C TRP F 389 22.95 27.02 -50.50
N GLU F 390 22.96 26.48 -51.72
CA GLU F 390 21.81 25.77 -52.21
C GLU F 390 22.00 24.27 -52.02
N VAL F 391 21.52 23.75 -50.89
CA VAL F 391 21.66 22.32 -50.63
C VAL F 391 20.58 21.59 -51.43
N THR F 392 20.92 20.42 -51.96
CA THR F 392 19.94 19.65 -52.73
C THR F 392 19.55 18.42 -51.94
N GLU F 393 18.37 17.89 -52.24
CA GLU F 393 17.88 16.70 -51.56
C GLU F 393 18.79 15.51 -51.83
N GLU F 394 19.43 15.50 -52.99
CA GLU F 394 20.32 14.41 -53.34
C GLU F 394 21.60 14.49 -52.51
N GLU F 395 22.06 15.71 -52.21
CA GLU F 395 23.26 15.88 -51.40
C GLU F 395 22.95 15.48 -49.96
N ILE F 396 21.73 15.77 -49.53
CA ILE F 396 21.30 15.41 -48.17
C ILE F 396 21.29 13.91 -48.02
N LYS F 397 20.75 13.21 -49.02
CA LYS F 397 20.70 11.75 -49.00
C LYS F 397 22.11 11.21 -48.92
N ARG F 398 23.01 11.81 -49.68
CA ARG F 398 24.40 11.42 -49.70
C ARG F 398 24.99 11.51 -48.29
N ASP F 399 24.92 12.70 -47.69
CA ASP F 399 25.46 12.93 -46.35
C ASP F 399 24.91 11.95 -45.33
N VAL F 400 23.59 11.79 -45.34
CA VAL F 400 22.92 10.89 -44.41
C VAL F 400 23.42 9.46 -44.61
N ALA F 401 23.74 9.11 -45.86
CA ALA F 401 24.25 7.78 -46.15
C ALA F 401 25.63 7.60 -45.51
N ASP F 402 26.44 8.65 -45.55
CA ASP F 402 27.78 8.60 -44.97
C ASP F 402 27.71 8.38 -43.44
N LEU F 403 26.95 9.23 -42.77
CA LEU F 403 26.81 9.15 -41.32
C LEU F 403 26.29 7.82 -40.76
N PHE F 404 25.31 7.22 -41.43
CA PHE F 404 24.71 5.98 -40.95
C PHE F 404 25.23 4.67 -41.54
N SER F 405 26.11 4.74 -42.55
CA SER F 405 26.60 3.51 -43.14
C SER F 405 27.92 3.60 -43.90
N ARG F 406 27.99 4.50 -44.87
CA ARG F 406 29.19 4.64 -45.69
C ARG F 406 30.49 4.97 -44.97
N ASN F 407 30.45 5.87 -43.99
CA ASN F 407 31.67 6.22 -43.27
C ASN F 407 32.31 5.02 -42.59
N PHE F 408 31.49 4.12 -42.06
CA PHE F 408 32.03 2.93 -41.39
C PHE F 408 32.69 1.97 -42.37
N TRP F 409 31.96 1.56 -43.40
CA TRP F 409 32.52 0.63 -44.37
C TRP F 409 33.71 1.23 -45.08
N ARG F 410 33.65 2.53 -45.34
CA ARG F 410 34.74 3.23 -45.98
C ARG F 410 35.97 3.19 -45.07
N PHE F 411 35.76 3.32 -43.77
CA PHE F 411 36.88 3.31 -42.83
C PHE F 411 37.52 1.95 -42.64
N VAL F 412 36.71 0.91 -42.39
CA VAL F 412 37.25 -0.43 -42.18
C VAL F 412 37.89 -0.99 -43.45
N GLY F 413 37.55 -0.43 -44.59
CA GLY F 413 38.10 -0.90 -45.85
C GLY F 413 37.27 -2.04 -46.39
N ARG F 414 35.96 -1.84 -46.44
CA ARG F 414 35.02 -2.84 -46.94
C ARG F 414 33.96 -2.18 -47.83
N SER G 2 -3.27 38.66 -6.96
CA SER G 2 -3.86 38.60 -8.33
C SER G 2 -3.05 37.69 -9.24
N ILE G 3 -3.62 37.34 -10.38
CA ILE G 3 -2.97 36.44 -11.33
C ILE G 3 -2.21 37.17 -12.43
N ASN G 4 -0.93 36.88 -12.56
CA ASN G 4 -0.10 37.52 -13.59
C ASN G 4 0.50 36.50 -14.54
N SER G 5 0.11 35.24 -14.39
CA SER G 5 0.61 34.17 -15.23
C SER G 5 -0.52 33.65 -16.13
N ARG G 6 -0.22 33.48 -17.42
CA ARG G 6 -1.23 32.99 -18.34
C ARG G 6 -1.59 31.53 -18.06
N GLU G 7 -0.62 30.76 -17.57
CA GLU G 7 -0.88 29.36 -17.28
C GLU G 7 -1.74 29.22 -16.02
N VAL G 8 -1.51 30.08 -15.05
CA VAL G 8 -2.30 30.03 -13.82
C VAL G 8 -3.70 30.53 -14.14
N LEU G 9 -3.78 31.53 -15.00
CA LEU G 9 -5.06 32.10 -15.42
C LEU G 9 -5.93 31.00 -16.03
N ALA G 10 -5.38 30.33 -17.04
CA ALA G 10 -6.09 29.26 -17.71
C ALA G 10 -6.50 28.18 -16.71
N GLU G 11 -5.65 27.91 -15.74
CA GLU G 11 -5.93 26.91 -14.71
C GLU G 11 -7.14 27.32 -13.87
N LYS G 12 -7.10 28.56 -13.38
CA LYS G 12 -8.18 29.03 -12.54
C LYS G 12 -9.50 29.17 -13.30
N VAL G 13 -9.44 29.60 -14.56
CA VAL G 13 -10.66 29.74 -15.35
C VAL G 13 -11.30 28.38 -15.59
N LYS G 14 -10.54 27.40 -16.08
CA LYS G 14 -11.10 26.07 -16.34
C LYS G 14 -11.69 25.48 -15.06
N ASN G 15 -10.99 25.69 -13.95
CA ASN G 15 -11.45 25.19 -12.66
C ASN G 15 -12.78 25.83 -12.26
N ALA G 16 -12.85 27.15 -12.43
CA ALA G 16 -14.05 27.89 -12.09
C ALA G 16 -15.23 27.43 -12.95
N VAL G 17 -15.02 27.37 -14.27
CA VAL G 17 -16.04 26.95 -15.21
C VAL G 17 -16.54 25.56 -14.87
N ASN G 18 -15.62 24.62 -14.67
CA ASN G 18 -15.98 23.24 -14.34
C ASN G 18 -16.73 23.07 -13.02
N ASN G 19 -16.35 23.82 -12.00
CA ASN G 19 -17.00 23.70 -10.70
C ASN G 19 -18.29 24.49 -10.55
N GLN G 20 -18.49 25.48 -11.41
CA GLN G 20 -19.68 26.32 -11.33
C GLN G 20 -20.98 25.57 -11.59
N PRO G 21 -21.85 25.47 -10.57
CA PRO G 21 -23.12 24.77 -10.77
C PRO G 21 -23.93 25.52 -11.82
N VAL G 22 -24.51 24.78 -12.75
CA VAL G 22 -25.27 25.38 -13.83
C VAL G 22 -26.78 25.46 -13.65
N THR G 23 -27.34 26.60 -14.05
CA THR G 23 -28.78 26.79 -14.07
C THR G 23 -29.07 26.70 -15.57
N ASP G 24 -29.75 25.63 -15.96
CA ASP G 24 -30.09 25.39 -17.36
C ASP G 24 -31.45 26.06 -17.59
N MET G 25 -31.44 27.25 -18.19
CA MET G 25 -32.70 27.97 -18.34
C MET G 25 -33.66 27.61 -19.48
N HIS G 26 -33.33 26.58 -20.26
CA HIS G 26 -34.24 26.07 -21.28
C HIS G 26 -33.94 24.63 -21.65
N THR G 27 -34.88 23.75 -21.32
CA THR G 27 -34.76 22.33 -21.61
C THR G 27 -36.15 21.74 -21.89
N HIS G 28 -36.19 20.45 -22.20
CA HIS G 28 -37.43 19.74 -22.45
C HIS G 28 -37.49 18.58 -21.49
N LEU G 29 -36.88 18.77 -20.34
CA LEU G 29 -36.85 17.75 -19.30
C LEU G 29 -37.94 18.12 -18.30
N PHE G 30 -38.30 17.17 -17.44
CA PHE G 30 -39.33 17.37 -16.45
C PHE G 30 -38.90 16.75 -15.13
N SER G 31 -39.39 17.30 -14.02
CA SER G 31 -39.07 16.75 -12.71
C SER G 31 -39.46 15.26 -12.81
N PRO G 32 -38.66 14.35 -12.25
CA PRO G 32 -38.98 12.93 -12.32
C PRO G 32 -40.34 12.48 -11.78
N ASN G 33 -40.86 13.19 -10.79
CA ASN G 33 -42.15 12.83 -10.21
C ASN G 33 -43.27 12.99 -11.25
N PHE G 34 -42.97 13.61 -12.39
CA PHE G 34 -43.98 13.78 -13.43
C PHE G 34 -44.20 12.47 -14.20
N GLY G 35 -43.25 11.54 -14.08
CA GLY G 35 -43.39 10.26 -14.75
C GLY G 35 -42.62 10.05 -16.05
N GLU G 36 -43.20 9.24 -16.93
CA GLU G 36 -42.62 8.89 -18.22
C GLU G 36 -42.32 10.04 -19.17
N ILE G 37 -42.96 11.18 -18.95
CA ILE G 37 -42.74 12.33 -19.81
C ILE G 37 -41.25 12.70 -19.80
N LEU G 38 -40.56 12.30 -18.73
CA LEU G 38 -39.12 12.54 -18.61
C LEU G 38 -38.43 11.42 -19.37
N LEU G 39 -37.73 11.76 -20.45
CA LEU G 39 -37.05 10.74 -21.23
C LEU G 39 -35.59 10.54 -20.79
N TRP G 40 -35.13 9.29 -20.84
CA TRP G 40 -33.75 8.96 -20.46
C TRP G 40 -33.33 7.55 -20.89
N ASP G 41 -32.01 7.38 -20.98
CA ASP G 41 -31.29 6.15 -21.36
C ASP G 41 -30.74 6.18 -22.76
N ILE G 42 -29.79 5.28 -23.05
CA ILE G 42 -29.13 5.23 -24.35
C ILE G 42 -30.06 5.13 -25.56
N ASP G 43 -31.15 4.40 -25.43
CA ASP G 43 -32.06 4.29 -26.57
C ASP G 43 -32.68 5.66 -26.85
N GLU G 44 -33.08 6.36 -25.81
CA GLU G 44 -33.67 7.69 -25.98
C GLU G 44 -32.64 8.61 -26.61
N LEU G 45 -31.39 8.53 -26.14
CA LEU G 45 -30.32 9.37 -26.66
C LEU G 45 -30.14 9.14 -28.15
N LEU G 46 -30.12 7.88 -28.55
CA LEU G 46 -29.92 7.53 -29.95
C LEU G 46 -31.11 7.88 -30.85
N THR G 47 -32.28 8.11 -30.26
CA THR G 47 -33.44 8.45 -31.07
C THR G 47 -33.84 9.92 -30.97
N TYR G 48 -32.93 10.73 -30.43
CA TYR G 48 -33.09 12.18 -30.31
C TYR G 48 -33.36 12.59 -31.76
N HIS G 49 -34.29 13.50 -32.01
CA HIS G 49 -34.60 13.84 -33.40
C HIS G 49 -33.42 14.35 -34.23
N TYR G 50 -32.37 14.83 -33.56
CA TYR G 50 -31.19 15.30 -34.30
C TYR G 50 -30.59 14.11 -35.05
N LEU G 51 -30.58 12.95 -34.40
CA LEU G 51 -30.03 11.73 -35.00
C LEU G 51 -31.00 11.14 -36.02
N VAL G 52 -32.29 11.41 -35.86
CA VAL G 52 -33.28 10.90 -36.80
C VAL G 52 -33.03 11.60 -38.14
N ALA G 53 -32.88 12.93 -38.08
CA ALA G 53 -32.62 13.71 -39.28
C ALA G 53 -31.34 13.22 -39.94
N GLU G 54 -30.31 12.99 -39.12
CA GLU G 54 -29.04 12.55 -39.65
C GLU G 54 -29.03 11.15 -40.25
N VAL G 55 -29.61 10.18 -39.58
CA VAL G 55 -29.62 8.82 -40.10
C VAL G 55 -30.38 8.73 -41.44
N MET G 56 -31.42 9.54 -41.60
CA MET G 56 -32.21 9.52 -42.84
C MET G 56 -31.41 9.94 -44.08
N ARG G 57 -30.25 10.56 -43.87
CA ARG G 57 -29.41 10.97 -44.98
C ARG G 57 -28.55 9.80 -45.46
N TRP G 58 -28.55 8.71 -44.71
CA TRP G 58 -27.74 7.55 -45.05
C TRP G 58 -28.53 6.26 -45.34
N THR G 59 -29.36 5.86 -44.40
CA THR G 59 -30.13 4.63 -44.49
C THR G 59 -31.15 4.54 -45.62
N ASP G 60 -31.28 3.36 -46.20
CA ASP G 60 -32.25 3.18 -47.28
C ASP G 60 -33.61 2.78 -46.70
N VAL G 61 -33.71 2.79 -45.38
CA VAL G 61 -34.95 2.47 -44.67
C VAL G 61 -35.83 3.71 -44.83
N SER G 62 -37.06 3.52 -45.28
CA SER G 62 -37.99 4.64 -45.48
C SER G 62 -38.33 5.25 -44.13
N ILE G 63 -38.66 6.54 -44.13
CA ILE G 63 -39.01 7.21 -42.88
C ILE G 63 -40.25 6.55 -42.25
N GLU G 64 -41.12 6.00 -43.09
CA GLU G 64 -42.33 5.33 -42.61
C GLU G 64 -41.95 4.04 -41.89
N ALA G 65 -40.99 3.30 -42.46
CA ALA G 65 -40.54 2.05 -41.85
C ALA G 65 -39.80 2.34 -40.56
N PHE G 66 -39.17 3.51 -40.49
CA PHE G 66 -38.42 3.90 -39.28
C PHE G 66 -39.40 4.11 -38.13
N TRP G 67 -40.45 4.87 -38.40
CA TRP G 67 -41.45 5.16 -37.38
C TRP G 67 -42.18 3.90 -36.94
N ALA G 68 -42.19 2.89 -37.80
CA ALA G 68 -42.85 1.63 -37.50
C ALA G 68 -42.01 0.81 -36.53
N MET G 69 -40.68 0.90 -36.68
CA MET G 69 -39.77 0.16 -35.82
C MET G 69 -39.97 0.51 -34.36
N SER G 70 -39.53 -0.38 -33.48
CA SER G 70 -39.64 -0.15 -32.04
C SER G 70 -38.51 0.82 -31.68
N LYS G 71 -38.56 1.36 -30.48
CA LYS G 71 -37.54 2.29 -30.03
C LYS G 71 -36.17 1.60 -30.07
N ARG G 72 -36.15 0.35 -29.64
CA ARG G 72 -34.93 -0.45 -29.63
C ARG G 72 -34.36 -0.62 -31.04
N GLU G 73 -35.24 -0.93 -31.99
CA GLU G 73 -34.82 -1.12 -33.37
C GLU G 73 -34.34 0.18 -34.01
N GLN G 74 -34.98 1.29 -33.67
CA GLN G 74 -34.59 2.60 -34.22
C GLN G 74 -33.17 2.93 -33.72
N ALA G 75 -32.94 2.68 -32.43
CA ALA G 75 -31.64 2.94 -31.83
C ALA G 75 -30.57 2.06 -32.48
N ASP G 76 -30.90 0.80 -32.73
CA ASP G 76 -29.96 -0.12 -33.37
C ASP G 76 -29.58 0.37 -34.77
N LEU G 77 -30.56 0.89 -35.50
CA LEU G 77 -30.32 1.38 -36.85
C LEU G 77 -29.44 2.64 -36.83
N ILE G 78 -29.77 3.58 -35.96
CA ILE G 78 -28.99 4.82 -35.88
C ILE G 78 -27.54 4.55 -35.45
N TRP G 79 -27.36 3.62 -34.53
CA TRP G 79 -26.02 3.26 -34.05
C TRP G 79 -25.19 2.67 -35.18
N GLU G 80 -25.79 1.71 -35.89
CA GLU G 80 -25.13 1.04 -37.01
C GLU G 80 -24.84 2.00 -38.17
N GLU G 81 -25.81 2.84 -38.50
CA GLU G 81 -25.67 3.78 -39.60
C GLU G 81 -24.79 5.00 -39.34
N LEU G 82 -24.83 5.53 -38.13
CA LEU G 82 -24.05 6.73 -37.83
C LEU G 82 -22.78 6.54 -37.01
N PHE G 83 -22.65 5.40 -36.32
CA PHE G 83 -21.46 5.15 -35.50
C PHE G 83 -20.55 4.06 -36.04
N ILE G 84 -21.15 3.05 -36.69
CA ILE G 84 -20.36 1.93 -37.22
C ILE G 84 -20.05 2.08 -38.70
N LYS G 85 -21.06 2.39 -39.52
CA LYS G 85 -20.88 2.56 -40.97
C LYS G 85 -20.02 3.78 -41.32
N ARG G 86 -20.11 4.81 -40.49
CA ARG G 86 -19.34 6.05 -40.67
C ARG G 86 -18.96 6.53 -39.26
N SER G 87 -17.81 7.20 -39.15
CA SER G 87 -17.38 7.68 -37.85
C SER G 87 -18.40 8.67 -37.27
N PRO G 88 -18.69 8.57 -35.97
CA PRO G 88 -19.65 9.46 -35.32
C PRO G 88 -19.05 10.85 -35.04
N VAL G 89 -18.69 11.56 -36.10
CA VAL G 89 -18.08 12.88 -35.96
C VAL G 89 -19.00 14.09 -35.81
N SER G 90 -20.28 13.96 -36.15
CA SER G 90 -21.19 15.10 -36.01
C SER G 90 -21.32 15.47 -34.54
N GLU G 91 -21.69 16.72 -34.28
CA GLU G 91 -21.84 17.19 -32.90
C GLU G 91 -22.84 16.33 -32.12
N ALA G 92 -23.96 15.99 -32.76
CA ALA G 92 -24.97 15.17 -32.08
C ALA G 92 -24.45 13.77 -31.75
N CYS G 93 -23.76 13.12 -32.69
CA CYS G 93 -23.23 11.77 -32.42
C CYS G 93 -22.13 11.82 -31.35
N ARG G 94 -21.27 12.82 -31.44
CA ARG G 94 -20.18 13.02 -30.48
C ARG G 94 -20.81 13.16 -29.08
N GLY G 95 -21.95 13.85 -29.03
CA GLY G 95 -22.65 14.06 -27.77
C GLY G 95 -23.04 12.77 -27.10
N VAL G 96 -23.54 11.81 -27.87
CA VAL G 96 -23.95 10.52 -27.30
C VAL G 96 -22.75 9.83 -26.66
N LEU G 97 -21.60 9.89 -27.32
CA LEU G 97 -20.39 9.27 -26.78
C LEU G 97 -20.00 9.94 -25.47
N THR G 98 -19.98 11.27 -25.45
CA THR G 98 -19.64 12.02 -24.25
C THR G 98 -20.55 11.59 -23.09
N CYS G 99 -21.83 11.38 -23.38
CA CYS G 99 -22.77 10.94 -22.34
C CYS G 99 -22.37 9.59 -21.77
N LEU G 100 -22.12 8.63 -22.65
CA LEU G 100 -21.72 7.29 -22.25
C LEU G 100 -20.44 7.31 -21.41
N GLN G 101 -19.45 8.06 -21.87
CA GLN G 101 -18.18 8.15 -21.16
C GLN G 101 -18.39 8.78 -19.77
N GLY G 102 -19.15 9.86 -19.70
CA GLY G 102 -19.40 10.52 -18.43
C GLY G 102 -20.08 9.63 -17.39
N LEU G 103 -20.89 8.70 -17.86
CA LEU G 103 -21.60 7.78 -16.96
C LEU G 103 -20.70 6.65 -16.53
N GLY G 104 -19.48 6.61 -17.07
CA GLY G 104 -18.56 5.56 -16.69
C GLY G 104 -18.54 4.41 -17.67
N LEU G 105 -19.37 4.50 -18.70
CA LEU G 105 -19.42 3.45 -19.72
C LEU G 105 -18.25 3.70 -20.65
N ASP G 106 -17.82 2.65 -21.33
CA ASP G 106 -16.67 2.77 -22.22
C ASP G 106 -17.00 2.70 -23.71
N PRO G 107 -16.95 3.85 -24.39
CA PRO G 107 -17.24 3.94 -25.83
C PRO G 107 -16.31 3.09 -26.70
N ALA G 108 -15.13 2.79 -26.18
CA ALA G 108 -14.16 2.00 -26.93
C ALA G 108 -14.66 0.60 -27.30
N THR G 109 -15.47 -0.01 -26.44
CA THR G 109 -15.98 -1.35 -26.71
C THR G 109 -17.12 -1.36 -27.73
N ARG G 110 -17.79 -0.21 -27.87
CA ARG G 110 -18.92 -0.09 -28.80
C ARG G 110 -19.95 -1.17 -28.46
N ASP G 111 -19.94 -1.60 -27.19
CA ASP G 111 -20.85 -2.63 -26.73
C ASP G 111 -22.17 -1.98 -26.30
N LEU G 112 -23.07 -1.80 -27.26
CA LEU G 112 -24.37 -1.18 -26.99
C LEU G 112 -25.22 -2.00 -26.05
N GLN G 113 -25.10 -3.33 -26.12
CA GLN G 113 -25.89 -4.20 -25.25
C GLN G 113 -25.50 -3.94 -23.80
N VAL G 114 -24.20 -3.85 -23.55
CA VAL G 114 -23.71 -3.59 -22.20
C VAL G 114 -24.15 -2.20 -21.74
N TYR G 115 -24.14 -1.22 -22.64
CA TYR G 115 -24.55 0.13 -22.26
C TYR G 115 -25.99 0.12 -21.77
N ARG G 116 -26.85 -0.57 -22.50
CA ARG G 116 -28.26 -0.67 -22.14
C ARG G 116 -28.49 -1.27 -20.75
N GLU G 117 -27.66 -2.24 -20.38
CA GLU G 117 -27.77 -2.88 -19.08
C GLU G 117 -27.65 -1.88 -17.94
N TYR G 118 -26.75 -0.91 -18.10
CA TYR G 118 -26.54 0.12 -17.10
C TYR G 118 -27.84 0.85 -16.74
N PHE G 119 -28.62 1.18 -17.77
CA PHE G 119 -29.86 1.91 -17.60
C PHE G 119 -31.03 1.08 -17.07
N ALA G 120 -31.02 -0.22 -17.33
CA ALA G 120 -32.09 -1.09 -16.87
C ALA G 120 -32.02 -1.32 -15.36
N LYS G 121 -30.83 -1.12 -14.78
CA LYS G 121 -30.61 -1.31 -13.36
C LYS G 121 -31.02 -0.14 -12.48
N LYS G 122 -31.26 1.02 -13.07
CA LYS G 122 -31.61 2.20 -12.29
C LYS G 122 -33.02 2.71 -12.47
N THR G 123 -33.46 3.51 -11.50
CA THR G 123 -34.79 4.12 -11.54
C THR G 123 -34.59 5.53 -12.09
N SER G 124 -35.70 6.20 -12.41
CA SER G 124 -35.64 7.55 -12.95
C SER G 124 -35.05 8.53 -11.95
N GLU G 125 -35.43 8.36 -10.67
CA GLU G 125 -34.96 9.23 -9.61
C GLU G 125 -33.44 9.11 -9.42
N GLU G 126 -32.95 7.88 -9.42
CA GLU G 126 -31.52 7.64 -9.25
C GLU G 126 -30.72 8.21 -10.42
N GLN G 127 -31.28 8.13 -11.62
CA GLN G 127 -30.58 8.64 -12.78
C GLN G 127 -30.51 10.17 -12.83
N VAL G 128 -31.60 10.86 -12.48
CA VAL G 128 -31.50 12.32 -12.51
C VAL G 128 -30.50 12.74 -11.43
N ASP G 129 -30.45 11.99 -10.32
CA ASP G 129 -29.49 12.28 -9.26
C ASP G 129 -28.09 12.16 -9.89
N THR G 130 -27.84 11.01 -10.51
CA THR G 130 -26.57 10.73 -11.16
C THR G 130 -26.20 11.77 -12.22
N VAL G 131 -27.15 12.04 -13.12
CA VAL G 131 -26.91 13.00 -14.19
C VAL G 131 -26.70 14.44 -13.74
N LEU G 132 -27.54 14.95 -12.83
CA LEU G 132 -27.36 16.33 -12.37
C LEU G 132 -26.03 16.47 -11.62
N GLN G 133 -25.60 15.38 -10.98
CA GLN G 133 -24.34 15.40 -10.26
C GLN G 133 -23.19 15.48 -11.29
N LEU G 134 -23.21 14.58 -12.27
CA LEU G 134 -22.18 14.54 -13.29
C LEU G 134 -22.06 15.84 -14.10
N ALA G 135 -23.20 16.42 -14.45
CA ALA G 135 -23.22 17.65 -15.25
C ALA G 135 -23.16 18.91 -14.40
N ASN G 136 -23.10 18.72 -13.09
CA ASN G 136 -23.03 19.85 -12.17
C ASN G 136 -24.13 20.87 -12.52
N VAL G 137 -25.35 20.39 -12.67
CA VAL G 137 -26.49 21.25 -12.97
C VAL G 137 -27.33 21.32 -11.71
N SER G 138 -27.46 22.50 -11.15
CA SER G 138 -28.23 22.69 -9.92
C SER G 138 -29.70 22.96 -10.22
N ASP G 139 -29.97 23.67 -11.30
CA ASP G 139 -31.35 24.01 -11.65
C ASP G 139 -31.65 23.80 -13.12
N VAL G 140 -32.82 23.21 -13.38
CA VAL G 140 -33.28 22.93 -14.73
C VAL G 140 -34.61 23.63 -14.97
N VAL G 141 -34.71 24.36 -16.07
CA VAL G 141 -35.96 25.01 -16.38
C VAL G 141 -36.64 24.16 -17.46
N MET G 142 -37.88 23.77 -17.19
CA MET G 142 -38.64 22.94 -18.12
C MET G 142 -39.36 23.82 -19.13
N THR G 143 -40.07 23.16 -20.04
CA THR G 143 -40.87 23.83 -21.05
C THR G 143 -42.21 23.20 -20.72
N ASN G 144 -43.14 23.99 -20.16
CA ASN G 144 -44.43 23.45 -19.78
C ASN G 144 -45.58 23.98 -20.61
N ASP G 145 -46.08 23.09 -21.46
CA ASP G 145 -47.15 23.41 -22.38
C ASP G 145 -48.51 22.94 -21.85
N PRO G 146 -49.34 23.87 -21.37
CA PRO G 146 -50.66 23.51 -20.84
C PRO G 146 -51.56 22.91 -21.89
N PHE G 147 -51.26 23.20 -23.16
CA PHE G 147 -52.07 22.69 -24.26
C PHE G 147 -51.83 21.22 -24.57
N ASP G 148 -50.76 20.65 -24.02
CA ASP G 148 -50.50 19.23 -24.25
C ASP G 148 -51.26 18.41 -23.23
N ASP G 149 -52.27 17.69 -23.70
CA ASP G 149 -53.12 16.87 -22.85
C ASP G 149 -52.37 16.11 -21.77
N ASN G 150 -51.29 15.44 -22.16
CA ASN G 150 -50.51 14.64 -21.21
C ASN G 150 -49.82 15.45 -20.11
N GLU G 151 -49.40 16.67 -20.42
CA GLU G 151 -48.74 17.50 -19.41
C GLU G 151 -49.76 18.14 -18.49
N ARG G 152 -50.84 18.66 -19.08
CA ARG G 152 -51.88 19.33 -18.31
C ARG G 152 -52.42 18.45 -17.19
N ILE G 153 -52.59 17.17 -17.48
CA ILE G 153 -53.11 16.24 -16.48
C ILE G 153 -52.29 16.31 -15.21
N SER G 154 -50.97 16.17 -15.34
CA SER G 154 -50.07 16.21 -14.19
C SER G 154 -50.27 17.46 -13.37
N TRP G 155 -50.30 18.61 -14.03
CA TRP G 155 -50.48 19.88 -13.32
C TRP G 155 -51.86 19.91 -12.65
N LEU G 156 -52.90 19.63 -13.44
CA LEU G 156 -54.24 19.65 -12.90
C LEU G 156 -54.38 18.70 -11.71
N GLU G 157 -53.60 17.61 -11.71
CA GLU G 157 -53.68 16.65 -10.63
C GLU G 157 -52.74 16.92 -9.46
N GLY G 158 -52.31 18.17 -9.32
CA GLY G 158 -51.45 18.54 -8.20
C GLY G 158 -49.96 18.23 -8.27
N LYS G 159 -49.49 17.73 -9.39
CA LYS G 159 -48.07 17.42 -9.53
C LYS G 159 -47.22 18.69 -9.45
N GLN G 160 -46.20 18.66 -8.61
CA GLN G 160 -45.29 19.79 -8.45
C GLN G 160 -43.86 19.31 -8.63
N PRO G 161 -43.04 20.07 -9.39
CA PRO G 161 -41.65 19.64 -9.59
C PRO G 161 -40.83 19.84 -8.32
N ASP G 162 -39.80 19.02 -8.13
CA ASP G 162 -38.98 19.19 -6.93
C ASP G 162 -38.18 20.47 -7.11
N SER G 163 -37.54 20.93 -6.03
CA SER G 163 -36.77 22.17 -6.02
C SER G 163 -35.74 22.36 -7.13
N ARG G 164 -35.32 21.28 -7.77
CA ARG G 164 -34.32 21.34 -8.83
C ARG G 164 -34.89 21.73 -10.20
N PHE G 165 -36.21 21.62 -10.34
CA PHE G 165 -36.85 21.94 -11.62
C PHE G 165 -37.79 23.14 -11.52
N HIS G 166 -37.72 24.04 -12.50
CA HIS G 166 -38.58 25.20 -12.49
C HIS G 166 -39.40 25.20 -13.78
N ALA G 167 -40.59 25.78 -13.72
CA ALA G 167 -41.48 25.80 -14.87
C ALA G 167 -41.38 27.02 -15.75
N ALA G 168 -41.72 26.84 -17.02
CA ALA G 168 -41.75 27.91 -18.00
C ALA G 168 -43.04 27.68 -18.80
N LEU G 169 -43.96 28.62 -18.71
CA LEU G 169 -45.26 28.53 -19.40
C LEU G 169 -45.12 28.74 -20.90
N ARG G 170 -45.14 27.63 -21.65
CA ARG G 170 -45.03 27.67 -23.11
C ARG G 170 -46.39 27.94 -23.73
N LEU G 171 -46.44 28.92 -24.62
CA LEU G 171 -47.70 29.35 -25.23
C LEU G 171 -47.86 29.29 -26.75
N ASP G 172 -47.05 28.48 -27.44
CA ASP G 172 -47.12 28.39 -28.89
C ASP G 172 -48.53 28.26 -29.50
N PRO G 173 -49.35 27.31 -29.01
CA PRO G 173 -50.71 27.12 -29.53
C PRO G 173 -51.59 28.38 -29.43
N LEU G 174 -51.50 29.06 -28.29
CA LEU G 174 -52.29 30.27 -28.06
C LEU G 174 -51.91 31.45 -28.96
N LEU G 175 -50.60 31.72 -29.03
CA LEU G 175 -50.09 32.84 -29.82
C LEU G 175 -49.97 32.58 -31.32
N ASN G 176 -49.69 31.34 -31.70
CA ASN G 176 -49.52 31.01 -33.12
C ASN G 176 -50.68 30.30 -33.80
N GLU G 177 -51.63 29.78 -33.02
CA GLU G 177 -52.78 29.07 -33.60
C GLU G 177 -54.06 29.44 -32.86
N TYR G 178 -54.24 30.72 -32.58
CA TYR G 178 -55.42 31.16 -31.84
C TYR G 178 -56.74 30.67 -32.48
N GLU G 179 -56.85 30.80 -33.80
CA GLU G 179 -58.06 30.37 -34.49
C GLU G 179 -58.51 28.96 -34.12
N GLN G 180 -57.55 28.05 -33.92
CA GLN G 180 -57.89 26.69 -33.55
C GLN G 180 -57.89 26.48 -32.05
N THR G 181 -57.02 27.21 -31.36
CA THR G 181 -56.89 27.08 -29.91
C THR G 181 -58.00 27.76 -29.09
N LYS G 182 -58.59 28.82 -29.63
CA LYS G 182 -59.66 29.52 -28.91
C LYS G 182 -60.82 28.58 -28.55
N HIS G 183 -61.06 27.59 -29.40
CA HIS G 183 -62.15 26.64 -29.17
C HIS G 183 -61.86 25.74 -27.96
N ARG G 184 -60.59 25.64 -27.61
CA ARG G 184 -60.19 24.83 -26.45
C ARG G 184 -60.30 25.64 -25.19
N LEU G 185 -60.10 26.96 -25.31
CA LEU G 185 -60.20 27.86 -24.17
C LEU G 185 -61.63 27.90 -23.65
N ARG G 186 -62.58 28.15 -24.56
CA ARG G 186 -63.99 28.20 -24.18
C ARG G 186 -64.37 26.82 -23.64
N ASP G 187 -63.69 25.79 -24.15
CA ASP G 187 -63.93 24.42 -23.74
C ASP G 187 -63.48 24.19 -22.28
N TRP G 188 -62.58 25.05 -21.80
CA TRP G 188 -62.11 24.94 -20.43
C TRP G 188 -62.71 26.05 -19.57
N GLY G 189 -63.71 26.74 -20.13
CA GLY G 189 -64.37 27.80 -19.40
C GLY G 189 -63.92 29.22 -19.70
N TYR G 190 -62.94 29.37 -20.58
CA TYR G 190 -62.46 30.70 -20.94
C TYR G 190 -63.33 31.22 -22.05
N LYS G 191 -64.33 32.00 -21.66
CA LYS G 191 -65.30 32.56 -22.57
C LYS G 191 -64.80 33.66 -23.50
N VAL G 192 -63.97 33.26 -24.46
CA VAL G 192 -63.46 34.20 -25.44
C VAL G 192 -64.49 34.24 -26.58
N ASN G 193 -64.79 35.44 -27.06
CA ASN G 193 -65.77 35.60 -28.12
C ASN G 193 -65.10 35.56 -29.48
N ASP G 194 -65.92 35.49 -30.52
CA ASP G 194 -65.39 35.44 -31.89
C ASP G 194 -64.66 36.74 -32.19
N GLU G 195 -65.21 37.85 -31.71
CA GLU G 195 -64.61 39.15 -31.93
C GLU G 195 -63.62 39.45 -30.81
N TRP G 196 -62.57 40.19 -31.13
CA TRP G 196 -61.56 40.55 -30.13
C TRP G 196 -62.06 41.73 -29.33
N ASN G 197 -62.90 41.46 -28.35
CA ASN G 197 -63.46 42.49 -27.49
C ASN G 197 -62.86 42.37 -26.11
N GLU G 198 -63.24 43.27 -25.21
CA GLU G 198 -62.72 43.26 -23.85
C GLU G 198 -62.93 41.90 -23.21
N GLY G 199 -64.09 41.31 -23.47
CA GLY G 199 -64.39 40.00 -22.90
C GLY G 199 -63.37 38.94 -23.25
N SER G 200 -62.92 38.93 -24.50
CA SER G 200 -61.93 37.95 -24.95
C SER G 200 -60.58 38.26 -24.32
N ILE G 201 -60.22 39.53 -24.35
CA ILE G 201 -58.95 39.99 -23.78
C ILE G 201 -58.89 39.60 -22.30
N GLN G 202 -60.00 39.78 -21.59
CA GLN G 202 -60.04 39.44 -20.17
C GLN G 202 -59.96 37.94 -19.93
N GLU G 203 -60.61 37.15 -20.76
CA GLU G 203 -60.59 35.71 -20.58
C GLU G 203 -59.22 35.12 -20.92
N VAL G 204 -58.54 35.71 -21.91
CA VAL G 204 -57.20 35.23 -22.27
C VAL G 204 -56.24 35.56 -21.13
N LYS G 205 -56.31 36.78 -20.63
CA LYS G 205 -55.47 37.19 -19.51
C LYS G 205 -55.74 36.24 -18.35
N ARG G 206 -57.00 35.87 -18.17
CA ARG G 206 -57.42 34.96 -17.11
C ARG G 206 -56.79 33.58 -17.27
N PHE G 207 -56.67 33.15 -18.54
CA PHE G 207 -56.07 31.86 -18.84
C PHE G 207 -54.60 31.87 -18.41
N LEU G 208 -53.89 32.93 -18.80
CA LEU G 208 -52.48 33.08 -18.48
C LEU G 208 -52.28 33.22 -16.97
N THR G 209 -53.16 33.99 -16.34
CA THR G 209 -53.08 34.22 -14.90
C THR G 209 -53.27 32.94 -14.11
N ASP G 210 -54.29 32.15 -14.46
CA ASP G 210 -54.52 30.90 -13.76
C ASP G 210 -53.29 30.00 -13.87
N TRP G 211 -52.75 29.87 -15.08
CA TRP G 211 -51.59 29.01 -15.27
C TRP G 211 -50.31 29.53 -14.62
N ILE G 212 -50.18 30.84 -14.52
CA ILE G 212 -49.01 31.41 -13.85
C ILE G 212 -49.13 31.04 -12.38
N GLU G 213 -50.36 31.02 -11.87
CA GLU G 213 -50.62 30.68 -10.48
C GLU G 213 -50.33 29.20 -10.21
N ARG G 214 -50.67 28.36 -11.18
CA ARG G 214 -50.48 26.92 -11.04
C ARG G 214 -49.03 26.43 -11.19
N MET G 215 -48.29 27.01 -12.14
CA MET G 215 -46.90 26.60 -12.36
C MET G 215 -45.85 27.48 -11.69
N ASP G 216 -46.19 28.75 -11.44
CA ASP G 216 -45.26 29.69 -10.84
C ASP G 216 -44.01 29.65 -11.74
N PRO G 217 -44.19 29.92 -13.04
CA PRO G 217 -43.13 29.91 -14.05
C PRO G 217 -42.14 31.06 -13.93
N VAL G 218 -40.88 30.81 -14.33
CA VAL G 218 -39.85 31.83 -14.28
C VAL G 218 -40.03 32.80 -15.44
N TYR G 219 -40.75 32.37 -16.46
CA TYR G 219 -41.05 33.20 -17.62
C TYR G 219 -42.07 32.54 -18.54
N MET G 220 -42.66 33.34 -19.42
CA MET G 220 -43.61 32.82 -20.42
C MET G 220 -42.79 32.75 -21.70
N ALA G 221 -42.99 31.68 -22.47
CA ALA G 221 -42.21 31.49 -23.69
C ALA G 221 -43.02 31.17 -24.94
N VAL G 222 -42.37 31.32 -26.08
CA VAL G 222 -42.97 31.03 -27.39
C VAL G 222 -41.88 30.97 -28.45
N SER G 223 -42.06 30.13 -29.45
CA SER G 223 -41.11 30.04 -30.55
C SER G 223 -41.89 30.69 -31.69
N LEU G 224 -41.20 31.50 -32.49
CA LEU G 224 -41.82 32.22 -33.59
C LEU G 224 -41.10 31.96 -34.91
N PRO G 225 -41.79 32.18 -36.04
CA PRO G 225 -41.23 31.97 -37.38
C PRO G 225 -40.37 33.15 -37.85
N PRO G 226 -39.60 32.97 -38.93
CA PRO G 226 -38.77 34.06 -39.41
C PRO G 226 -39.55 35.30 -39.86
N THR G 227 -40.83 35.12 -40.13
CA THR G 227 -41.68 36.23 -40.56
C THR G 227 -42.31 36.99 -39.38
N PHE G 228 -41.90 36.66 -38.15
CA PHE G 228 -42.45 37.34 -36.98
C PHE G 228 -42.38 38.86 -37.10
N SER G 229 -43.49 39.53 -36.82
CA SER G 229 -43.56 40.98 -36.90
C SER G 229 -44.36 41.54 -35.72
N PHE G 230 -44.10 42.78 -35.35
CA PHE G 230 -44.82 43.43 -34.25
C PHE G 230 -44.52 44.92 -34.21
N PRO G 231 -45.58 45.75 -34.04
CA PRO G 231 -46.98 45.31 -33.91
C PRO G 231 -47.52 44.61 -35.15
N GLU G 232 -48.68 43.99 -35.01
CA GLU G 232 -49.30 43.28 -36.13
C GLU G 232 -50.78 43.02 -35.85
N GLU G 233 -51.62 43.31 -36.83
CA GLU G 233 -53.06 43.09 -36.68
C GLU G 233 -53.41 41.64 -37.02
N SER G 234 -53.10 40.75 -36.08
CA SER G 234 -53.37 39.33 -36.22
C SER G 234 -53.65 38.90 -34.79
N ASN G 235 -53.99 37.63 -34.59
CA ASN G 235 -54.28 37.16 -33.24
C ASN G 235 -53.04 37.24 -32.35
N ARG G 236 -51.89 36.85 -32.90
CA ARG G 236 -50.63 36.90 -32.16
C ARG G 236 -50.31 38.33 -31.72
N GLY G 237 -50.30 39.25 -32.67
CA GLY G 237 -50.01 40.63 -32.33
C GLY G 237 -50.96 41.19 -31.28
N ARG G 238 -52.24 40.87 -31.42
CA ARG G 238 -53.25 41.33 -30.48
C ARG G 238 -53.13 40.72 -29.08
N ILE G 239 -52.88 39.41 -29.02
CA ILE G 239 -52.75 38.71 -27.75
C ILE G 239 -51.52 39.20 -26.98
N ILE G 240 -50.43 39.41 -27.70
CA ILE G 240 -49.20 39.88 -27.09
C ILE G 240 -49.41 41.31 -26.59
N ARG G 241 -49.95 42.16 -27.45
CA ARG G 241 -50.19 43.56 -27.10
C ARG G 241 -51.18 43.75 -25.94
N ASP G 242 -52.31 43.04 -25.96
CA ASP G 242 -53.32 43.22 -24.92
C ASP G 242 -53.34 42.26 -23.75
N CYS G 243 -52.81 41.05 -23.91
CA CYS G 243 -52.83 40.10 -22.81
C CYS G 243 -51.47 39.71 -22.23
N LEU G 244 -50.59 39.17 -23.08
CA LEU G 244 -49.27 38.73 -22.64
C LEU G 244 -48.44 39.82 -21.93
N LEU G 245 -48.13 40.89 -22.65
CA LEU G 245 -47.32 41.94 -22.06
C LEU G 245 -47.89 42.49 -20.75
N PRO G 246 -49.18 42.88 -20.74
CA PRO G 246 -49.76 43.41 -19.50
C PRO G 246 -49.59 42.44 -18.33
N VAL G 247 -49.91 41.16 -18.55
CA VAL G 247 -49.79 40.18 -17.48
C VAL G 247 -48.33 39.98 -17.07
N ALA G 248 -47.44 39.90 -18.04
CA ALA G 248 -46.02 39.71 -17.79
C ALA G 248 -45.50 40.82 -16.89
N GLU G 249 -45.91 42.05 -17.19
CA GLU G 249 -45.49 43.22 -16.43
C GLU G 249 -45.98 43.15 -14.98
N LYS G 250 -47.29 43.00 -14.80
CA LYS G 250 -47.87 42.93 -13.46
C LYS G 250 -47.14 41.92 -12.56
N HIS G 251 -46.92 40.71 -13.08
CA HIS G 251 -46.24 39.68 -12.33
C HIS G 251 -44.73 39.81 -12.47
N ASN G 252 -44.31 40.76 -13.30
CA ASN G 252 -42.90 40.99 -13.54
C ASN G 252 -42.22 39.69 -13.97
N ILE G 253 -42.80 39.07 -14.98
CA ILE G 253 -42.30 37.83 -15.52
C ILE G 253 -41.74 38.12 -16.89
N PRO G 254 -40.52 37.65 -17.18
CA PRO G 254 -39.92 37.89 -18.50
C PRO G 254 -40.67 37.14 -19.59
N PHE G 255 -40.59 37.63 -20.81
CA PHE G 255 -41.23 37.01 -21.95
C PHE G 255 -40.11 36.45 -22.83
N ALA G 256 -40.04 35.13 -22.95
CA ALA G 256 -39.02 34.48 -23.76
C ALA G 256 -39.49 34.27 -25.20
N MET G 257 -38.74 34.81 -26.14
CA MET G 257 -39.05 34.67 -27.56
C MET G 257 -37.91 33.95 -28.27
N MET G 258 -38.21 32.77 -28.83
CA MET G 258 -37.23 32.01 -29.57
C MET G 258 -37.67 32.14 -31.03
N ILE G 259 -36.97 33.02 -31.73
CA ILE G 259 -37.30 33.38 -33.11
C ILE G 259 -36.51 32.74 -34.26
N GLY G 260 -37.20 32.46 -35.36
CA GLY G 260 -36.55 31.93 -36.54
C GLY G 260 -36.87 30.53 -37.02
N VAL G 261 -37.74 29.81 -36.30
CA VAL G 261 -38.08 28.45 -36.70
C VAL G 261 -39.20 28.38 -37.75
N LYS G 262 -38.96 27.60 -38.81
CA LYS G 262 -39.96 27.40 -39.86
C LYS G 262 -40.45 25.97 -39.65
N LYS G 263 -41.60 25.84 -38.99
CA LYS G 263 -42.18 24.54 -38.65
C LYS G 263 -42.63 23.60 -39.77
N ARG G 264 -42.33 22.33 -39.58
CA ARG G 264 -42.73 21.27 -40.51
C ARG G 264 -42.50 21.46 -42.00
N VAL G 265 -41.28 21.79 -42.42
CA VAL G 265 -41.03 21.92 -43.86
C VAL G 265 -40.97 20.50 -44.44
N HIS G 266 -40.84 19.51 -43.56
CA HIS G 266 -40.81 18.10 -43.95
C HIS G 266 -41.59 17.35 -42.87
N PRO G 267 -42.93 17.41 -42.94
CA PRO G 267 -43.88 16.77 -42.02
C PRO G 267 -43.56 15.33 -41.59
N ALA G 268 -43.10 14.51 -42.51
CA ALA G 268 -42.81 13.11 -42.21
C ALA G 268 -41.72 12.92 -41.15
N LEU G 269 -40.84 13.90 -40.98
CA LEU G 269 -39.76 13.80 -39.99
C LEU G 269 -40.20 14.15 -38.59
N GLY G 270 -41.44 14.59 -38.42
CA GLY G 270 -41.93 14.94 -37.11
C GLY G 270 -41.13 16.06 -36.48
N ASP G 271 -40.65 15.85 -35.26
CA ASP G 271 -39.85 16.86 -34.58
C ASP G 271 -38.56 17.20 -35.32
N ALA G 272 -38.14 16.32 -36.21
CA ALA G 272 -36.91 16.55 -36.98
C ALA G 272 -37.20 17.26 -38.30
N GLY G 273 -38.42 17.75 -38.48
CA GLY G 273 -38.78 18.41 -39.73
C GLY G 273 -38.86 19.92 -39.76
N ASP G 274 -38.32 20.59 -38.75
CA ASP G 274 -38.35 22.05 -38.69
C ASP G 274 -37.11 22.68 -39.35
N PHE G 275 -37.31 23.82 -40.00
CA PHE G 275 -36.23 24.51 -40.71
C PHE G 275 -35.99 25.90 -40.10
N VAL G 276 -35.12 26.68 -40.72
CA VAL G 276 -34.76 28.00 -40.22
C VAL G 276 -34.81 29.09 -41.29
N GLY G 277 -34.94 30.34 -40.82
CA GLY G 277 -34.95 31.47 -41.71
C GLY G 277 -34.56 32.71 -40.91
N LYS G 278 -33.94 33.67 -41.58
CA LYS G 278 -33.51 34.90 -40.92
C LYS G 278 -34.73 35.80 -40.73
N ALA G 279 -34.86 36.38 -39.55
CA ALA G 279 -35.98 37.25 -39.27
C ALA G 279 -35.58 38.72 -39.25
N SER G 280 -36.58 39.59 -39.30
CA SER G 280 -36.34 41.04 -39.23
C SER G 280 -36.17 41.30 -37.73
N MET G 281 -35.39 42.33 -37.37
CA MET G 281 -35.20 42.65 -35.96
C MET G 281 -36.24 43.68 -35.52
N ASP G 282 -36.91 44.29 -36.49
CA ASP G 282 -37.93 45.33 -36.23
C ASP G 282 -38.93 45.01 -35.13
N GLY G 283 -39.45 43.78 -35.11
CA GLY G 283 -40.41 43.41 -34.09
C GLY G 283 -39.83 43.41 -32.68
N VAL G 284 -38.61 42.88 -32.55
CA VAL G 284 -37.95 42.82 -31.26
C VAL G 284 -37.56 44.23 -30.82
N GLU G 285 -37.12 45.03 -31.78
CA GLU G 285 -36.73 46.41 -31.53
C GLU G 285 -37.92 47.17 -30.94
N HIS G 286 -39.06 47.07 -31.60
CA HIS G 286 -40.27 47.76 -31.16
C HIS G 286 -40.70 47.32 -29.76
N LEU G 287 -40.70 46.01 -29.52
CA LEU G 287 -41.10 45.48 -28.23
C LEU G 287 -40.22 46.02 -27.09
N LEU G 288 -38.91 46.04 -27.30
CA LEU G 288 -37.97 46.53 -26.30
C LEU G 288 -38.14 48.03 -26.06
N ARG G 289 -38.22 48.81 -27.12
CA ARG G 289 -38.36 50.25 -26.99
C ARG G 289 -39.70 50.70 -26.42
N GLU G 290 -40.79 50.12 -26.92
CA GLU G 290 -42.13 50.51 -26.49
C GLU G 290 -42.61 49.90 -25.18
N TYR G 291 -41.94 48.85 -24.72
CA TYR G 291 -42.32 48.21 -23.47
C TYR G 291 -41.14 48.13 -22.51
N PRO G 292 -40.62 49.29 -22.08
CA PRO G 292 -39.48 49.39 -21.17
C PRO G 292 -39.70 48.73 -19.81
N ASN G 293 -40.95 48.50 -19.46
CA ASN G 293 -41.27 47.89 -18.17
C ASN G 293 -41.50 46.39 -18.28
N ASN G 294 -41.19 45.83 -19.46
CA ASN G 294 -41.32 44.40 -19.69
C ASN G 294 -39.92 43.87 -19.92
N LYS G 295 -39.67 42.64 -19.48
CA LYS G 295 -38.38 42.01 -19.68
C LYS G 295 -38.50 40.96 -20.78
N PHE G 296 -37.50 40.88 -21.63
CA PHE G 296 -37.52 39.95 -22.75
C PHE G 296 -36.27 39.09 -22.83
N LEU G 297 -36.48 37.78 -22.95
CA LEU G 297 -35.40 36.81 -23.10
C LEU G 297 -35.44 36.38 -24.57
N VAL G 298 -34.35 36.61 -25.30
CA VAL G 298 -34.34 36.25 -26.71
C VAL G 298 -33.16 35.38 -27.16
N THR G 299 -33.49 34.46 -28.06
CA THR G 299 -32.50 33.59 -28.69
C THR G 299 -33.06 33.45 -30.10
N MET G 300 -32.18 33.46 -31.11
CA MET G 300 -32.61 33.36 -32.48
C MET G 300 -31.94 32.19 -33.20
N LEU G 301 -32.66 31.62 -34.16
CA LEU G 301 -32.21 30.44 -34.87
C LEU G 301 -31.28 30.64 -36.06
N SER G 302 -31.43 31.76 -36.77
CA SER G 302 -30.59 32.00 -37.93
C SER G 302 -29.19 32.48 -37.56
N ARG G 303 -28.18 31.97 -38.27
CA ARG G 303 -26.81 32.36 -38.01
C ARG G 303 -26.63 33.84 -38.38
N GLU G 304 -27.37 34.27 -39.39
CA GLU G 304 -27.31 35.64 -39.87
C GLU G 304 -28.00 36.70 -38.99
N ASN G 305 -28.61 36.27 -37.88
CA ASN G 305 -29.30 37.18 -36.95
C ASN G 305 -28.46 37.41 -35.70
N GLN G 306 -27.48 36.55 -35.46
CA GLN G 306 -26.67 36.63 -34.25
C GLN G 306 -25.97 37.94 -33.97
N HIS G 307 -25.19 38.44 -34.92
CA HIS G 307 -24.49 39.70 -34.68
C HIS G 307 -25.43 40.87 -34.38
N GLU G 308 -26.43 41.08 -35.23
CA GLU G 308 -27.35 42.21 -34.99
C GLU G 308 -28.13 42.07 -33.70
N LEU G 309 -28.32 40.85 -33.22
CA LEU G 309 -29.05 40.62 -31.96
C LEU G 309 -28.18 41.12 -30.81
N VAL G 310 -26.88 40.86 -30.91
CA VAL G 310 -25.94 41.30 -29.90
C VAL G 310 -25.95 42.83 -29.88
N VAL G 311 -25.97 43.45 -31.06
CA VAL G 311 -25.99 44.91 -31.11
C VAL G 311 -27.29 45.46 -30.52
N LEU G 312 -28.38 44.72 -30.68
CA LEU G 312 -29.66 45.18 -30.15
C LEU G 312 -29.60 45.16 -28.62
N ALA G 313 -28.90 44.16 -28.09
CA ALA G 313 -28.75 44.03 -26.65
C ALA G 313 -27.96 45.22 -26.09
N ARG G 314 -27.08 45.79 -26.91
CA ARG G 314 -26.29 46.96 -26.50
C ARG G 314 -27.21 48.16 -26.35
N LYS G 315 -28.30 48.19 -27.12
CA LYS G 315 -29.26 49.30 -27.09
C LYS G 315 -30.27 49.24 -25.95
N PHE G 316 -30.74 48.05 -25.61
CA PHE G 316 -31.76 47.90 -24.57
C PHE G 316 -31.43 46.97 -23.41
N SER G 317 -31.46 47.53 -22.21
CA SER G 317 -31.17 46.77 -21.00
C SER G 317 -32.29 45.80 -20.62
N ASN G 318 -33.48 45.95 -21.19
CA ASN G 318 -34.55 45.02 -20.86
C ASN G 318 -34.53 43.81 -21.80
N LEU G 319 -33.44 43.68 -22.56
CA LEU G 319 -33.23 42.54 -23.45
C LEU G 319 -32.10 41.69 -22.89
N MET G 320 -32.37 40.40 -22.68
CA MET G 320 -31.35 39.49 -22.19
C MET G 320 -31.23 38.39 -23.24
N ILE G 321 -30.14 38.39 -23.99
CA ILE G 321 -29.98 37.36 -25.01
C ILE G 321 -29.38 36.13 -24.36
N PHE G 322 -29.87 34.96 -24.77
CA PHE G 322 -29.39 33.72 -24.19
C PHE G 322 -29.16 32.61 -25.21
N GLY G 323 -28.26 31.70 -24.83
CA GLY G 323 -27.92 30.52 -25.60
C GLY G 323 -27.59 30.52 -27.08
N CYS G 324 -27.20 29.32 -27.53
CA CYS G 324 -26.87 29.05 -28.92
C CYS G 324 -27.89 27.97 -29.22
N TRP G 325 -29.01 28.42 -29.77
CA TRP G 325 -30.14 27.57 -30.05
C TRP G 325 -30.14 26.64 -31.26
N TRP G 326 -30.39 25.36 -30.98
CA TRP G 326 -30.60 24.36 -32.03
C TRP G 326 -29.48 24.25 -33.07
N PHE G 327 -29.76 24.78 -34.26
CA PHE G 327 -28.80 24.74 -35.35
C PHE G 327 -27.59 25.65 -35.07
N MET G 328 -27.67 26.43 -33.99
CA MET G 328 -26.57 27.30 -33.58
C MET G 328 -25.74 26.53 -32.56
N ASN G 329 -26.31 25.44 -32.05
CA ASN G 329 -25.63 24.66 -31.03
C ASN G 329 -24.55 23.72 -31.56
N ASN G 330 -23.62 24.29 -32.32
CA ASN G 330 -22.51 23.57 -32.92
C ASN G 330 -21.24 24.40 -32.65
N PRO G 331 -20.15 23.73 -32.24
CA PRO G 331 -18.86 24.35 -31.91
C PRO G 331 -18.42 25.58 -32.72
N GLU G 332 -18.43 25.47 -34.05
CA GLU G 332 -18.05 26.58 -34.92
C GLU G 332 -18.93 27.81 -34.67
N ILE G 333 -20.23 27.58 -34.46
CA ILE G 333 -21.15 28.69 -34.24
C ILE G 333 -21.11 29.17 -32.79
N ILE G 334 -21.07 28.22 -31.85
CA ILE G 334 -21.03 28.55 -30.43
C ILE G 334 -19.82 29.45 -30.17
N ASN G 335 -18.71 29.12 -30.81
CA ASN G 335 -17.50 29.90 -30.63
C ASN G 335 -17.66 31.32 -31.15
N GLU G 336 -18.11 31.47 -32.38
CA GLU G 336 -18.26 32.79 -32.95
C GLU G 336 -19.31 33.63 -32.23
N MET G 337 -20.39 33.00 -31.79
CA MET G 337 -21.43 33.73 -31.07
C MET G 337 -20.94 34.19 -29.69
N THR G 338 -20.34 33.28 -28.94
CA THR G 338 -19.86 33.60 -27.60
C THR G 338 -18.80 34.73 -27.64
N ARG G 339 -17.96 34.72 -28.66
CA ARG G 339 -16.95 35.75 -28.79
C ARG G 339 -17.56 37.10 -29.19
N MET G 340 -18.48 37.10 -30.16
CA MET G 340 -19.13 38.34 -30.55
C MET G 340 -19.88 38.92 -29.36
N ARG G 341 -20.53 38.05 -28.61
CA ARG G 341 -21.29 38.49 -27.44
C ARG G 341 -20.41 39.11 -26.34
N MET G 342 -19.33 38.43 -25.97
CA MET G 342 -18.45 38.96 -24.92
C MET G 342 -17.73 40.24 -25.33
N GLU G 343 -17.32 40.33 -26.58
CA GLU G 343 -16.61 41.51 -27.04
C GLU G 343 -17.48 42.76 -27.04
N MET G 344 -18.79 42.59 -27.26
CA MET G 344 -19.71 43.72 -27.28
C MET G 344 -20.57 43.87 -26.02
N LEU G 345 -20.64 42.84 -25.19
CA LEU G 345 -21.48 42.89 -23.99
C LEU G 345 -20.77 42.55 -22.69
N GLY G 346 -19.50 42.21 -22.76
CA GLY G 346 -18.78 41.85 -21.55
C GLY G 346 -19.39 40.57 -21.02
N THR G 347 -19.84 40.58 -19.77
CA THR G 347 -20.44 39.40 -19.19
C THR G 347 -21.96 39.52 -19.02
N SER G 348 -22.58 40.51 -19.66
CA SER G 348 -24.02 40.70 -19.49
C SER G 348 -24.92 39.95 -20.47
N PHE G 349 -24.78 38.63 -20.52
CA PHE G 349 -25.61 37.79 -21.38
C PHE G 349 -25.56 36.39 -20.79
N ILE G 350 -26.36 35.49 -21.34
CA ILE G 350 -26.41 34.10 -20.87
C ILE G 350 -25.91 33.32 -22.08
N PRO G 351 -24.65 32.86 -22.03
CA PRO G 351 -24.06 32.11 -23.15
C PRO G 351 -24.71 30.83 -23.63
N GLN G 352 -25.30 30.04 -22.74
CA GLN G 352 -25.85 28.76 -23.20
C GLN G 352 -26.97 28.13 -22.36
N HIS G 353 -27.68 27.19 -23.01
CA HIS G 353 -28.72 26.39 -22.38
C HIS G 353 -28.59 25.07 -23.14
N SER G 354 -28.97 23.95 -22.54
CA SER G 354 -28.83 22.64 -23.19
C SER G 354 -29.94 22.25 -24.17
N ASP G 355 -31.17 22.67 -23.86
CA ASP G 355 -32.32 22.32 -24.70
C ASP G 355 -32.49 20.81 -24.66
N ALA G 356 -32.05 20.20 -23.58
CA ALA G 356 -32.13 18.76 -23.41
C ALA G 356 -33.55 18.19 -23.48
N ARG G 357 -33.70 17.14 -24.30
CA ARG G 357 -34.97 16.44 -24.46
C ARG G 357 -34.84 15.09 -23.77
N VAL G 358 -33.59 14.65 -23.61
CA VAL G 358 -33.26 13.39 -22.96
C VAL G 358 -32.34 13.72 -21.78
N LEU G 359 -32.67 13.17 -20.60
CA LEU G 359 -31.92 13.43 -19.38
C LEU G 359 -30.40 13.49 -19.52
N GLU G 360 -29.80 12.40 -19.95
CA GLU G 360 -28.35 12.32 -20.08
C GLU G 360 -27.69 13.40 -20.94
N GLN G 361 -28.46 14.05 -21.79
CA GLN G 361 -27.90 15.08 -22.67
C GLN G 361 -27.27 16.23 -21.89
N LEU G 362 -27.69 16.41 -20.63
CA LEU G 362 -27.12 17.47 -19.80
C LEU G 362 -25.61 17.29 -19.70
N ILE G 363 -25.17 16.04 -19.72
CA ILE G 363 -23.75 15.76 -19.61
C ILE G 363 -22.95 16.29 -20.80
N TYR G 364 -23.38 15.98 -22.03
CA TYR G 364 -22.62 16.45 -23.17
C TYR G 364 -22.86 17.90 -23.56
N LYS G 365 -24.12 18.35 -23.51
CA LYS G 365 -24.40 19.74 -23.87
C LYS G 365 -23.53 20.66 -23.03
N TRP G 366 -23.50 20.43 -21.72
CA TRP G 366 -22.71 21.27 -20.84
C TRP G 366 -21.21 21.03 -20.91
N HIS G 367 -20.79 19.79 -21.14
CA HIS G 367 -19.36 19.53 -21.25
C HIS G 367 -18.78 20.21 -22.51
N HIS G 368 -19.40 19.97 -23.66
CA HIS G 368 -18.97 20.56 -24.94
C HIS G 368 -19.03 22.09 -24.90
N SER G 369 -20.08 22.64 -24.30
CA SER G 369 -20.22 24.09 -24.23
C SER G 369 -19.28 24.74 -23.22
N LYS G 370 -19.13 24.16 -22.03
CA LYS G 370 -18.22 24.75 -21.04
C LYS G 370 -16.80 24.81 -21.61
N SER G 371 -16.42 23.74 -22.30
CA SER G 371 -15.09 23.67 -22.92
C SER G 371 -14.83 24.92 -23.76
N ILE G 372 -15.79 25.25 -24.61
CA ILE G 372 -15.67 26.42 -25.48
C ILE G 372 -15.77 27.76 -24.73
N ILE G 373 -16.73 27.87 -23.83
CA ILE G 373 -16.88 29.10 -23.06
C ILE G 373 -15.58 29.37 -22.26
N ALA G 374 -14.97 28.30 -21.76
CA ALA G 374 -13.73 28.45 -21.00
C ALA G 374 -12.60 28.99 -21.87
N GLU G 375 -12.52 28.53 -23.11
CA GLU G 375 -11.48 28.99 -24.02
C GLU G 375 -11.66 30.48 -24.30
N VAL G 376 -12.91 30.90 -24.49
CA VAL G 376 -13.20 32.30 -24.76
C VAL G 376 -12.85 33.16 -23.56
N LEU G 377 -13.28 32.73 -22.37
CA LEU G 377 -12.97 33.48 -21.15
C LEU G 377 -11.46 33.61 -21.00
N ILE G 378 -10.75 32.50 -21.16
CA ILE G 378 -9.30 32.51 -21.06
C ILE G 378 -8.69 33.56 -21.99
N ASP G 379 -9.10 33.55 -23.27
CA ASP G 379 -8.56 34.53 -24.22
C ASP G 379 -8.85 35.96 -23.78
N LYS G 380 -10.09 36.22 -23.38
CA LYS G 380 -10.47 37.56 -22.97
C LYS G 380 -9.76 38.02 -21.69
N TYR G 381 -9.59 37.13 -20.73
CA TYR G 381 -8.89 37.49 -19.51
C TYR G 381 -7.41 37.68 -19.83
N ASP G 382 -6.90 36.83 -20.73
CA ASP G 382 -5.49 36.94 -21.11
C ASP G 382 -5.22 38.27 -21.78
N ASP G 383 -6.16 38.76 -22.58
CA ASP G 383 -5.96 40.04 -23.26
C ASP G 383 -5.87 41.22 -22.32
N ILE G 384 -6.67 41.23 -21.25
CA ILE G 384 -6.59 42.35 -20.34
C ILE G 384 -5.36 42.20 -19.46
N LEU G 385 -4.96 40.95 -19.21
CA LEU G 385 -3.77 40.67 -18.41
C LEU G 385 -2.57 41.28 -19.14
N GLN G 386 -2.56 41.16 -20.47
CA GLN G 386 -1.48 41.71 -21.29
C GLN G 386 -1.50 43.23 -21.21
N ALA G 387 -2.68 43.79 -20.96
CA ALA G 387 -2.82 45.23 -20.85
C ALA G 387 -2.50 45.67 -19.42
N GLY G 388 -2.09 44.71 -18.59
CA GLY G 388 -1.72 45.05 -17.23
C GLY G 388 -2.74 44.79 -16.13
N TRP G 389 -3.95 44.42 -16.50
CA TRP G 389 -4.99 44.17 -15.51
C TRP G 389 -4.82 42.76 -14.94
N GLU G 390 -4.83 42.66 -13.62
CA GLU G 390 -4.70 41.36 -12.99
C GLU G 390 -5.97 41.02 -12.25
N VAL G 391 -6.53 39.86 -12.56
CA VAL G 391 -7.77 39.43 -11.94
C VAL G 391 -7.51 38.49 -10.78
N THR G 392 -8.50 38.36 -9.91
CA THR G 392 -8.37 37.46 -8.77
C THR G 392 -9.25 36.26 -9.06
N GLU G 393 -8.95 35.14 -8.42
CA GLU G 393 -9.75 33.94 -8.63
C GLU G 393 -11.19 34.21 -8.20
N GLU G 394 -11.37 35.08 -7.20
CA GLU G 394 -12.73 35.38 -6.74
C GLU G 394 -13.53 36.12 -7.81
N GLU G 395 -12.86 36.98 -8.56
CA GLU G 395 -13.53 37.73 -9.62
C GLU G 395 -13.88 36.78 -10.77
N ILE G 396 -13.02 35.78 -11.01
CA ILE G 396 -13.28 34.81 -12.06
C ILE G 396 -14.52 33.99 -11.66
N LYS G 397 -14.56 33.54 -10.42
CA LYS G 397 -15.69 32.77 -9.92
C LYS G 397 -16.98 33.58 -10.01
N ARG G 398 -16.86 34.88 -9.77
CA ARG G 398 -18.00 35.78 -9.84
C ARG G 398 -18.51 35.86 -11.27
N ASP G 399 -17.61 36.20 -12.19
CA ASP G 399 -17.97 36.32 -13.59
C ASP G 399 -18.55 35.02 -14.13
N VAL G 400 -17.91 33.90 -13.78
CA VAL G 400 -18.37 32.59 -14.21
C VAL G 400 -19.75 32.30 -13.65
N ALA G 401 -19.96 32.61 -12.38
CA ALA G 401 -21.26 32.39 -11.75
C ALA G 401 -22.33 33.23 -12.45
N ASP G 402 -21.97 34.43 -12.89
CA ASP G 402 -22.91 35.30 -13.57
C ASP G 402 -23.38 34.69 -14.90
N LEU G 403 -22.42 34.23 -15.68
CA LEU G 403 -22.70 33.64 -16.99
C LEU G 403 -23.54 32.38 -16.97
N PHE G 404 -23.21 31.47 -16.05
CA PHE G 404 -23.91 30.19 -15.97
C PHE G 404 -25.10 30.09 -15.04
N SER G 405 -25.34 31.11 -14.23
CA SER G 405 -26.46 31.02 -13.29
C SER G 405 -27.08 32.33 -12.79
N ARG G 406 -26.24 33.23 -12.27
CA ARG G 406 -26.73 34.49 -11.72
C ARG G 406 -27.39 35.48 -12.69
N ASN G 407 -26.85 35.65 -13.89
CA ASN G 407 -27.47 36.57 -14.82
C ASN G 407 -28.93 36.20 -15.09
N PHE G 408 -29.22 34.90 -15.17
CA PHE G 408 -30.58 34.45 -15.41
C PHE G 408 -31.52 34.75 -14.24
N TRP G 409 -31.18 34.27 -13.06
CA TRP G 409 -32.01 34.48 -11.87
C TRP G 409 -32.21 35.96 -11.56
N ARG G 410 -31.15 36.73 -11.74
CA ARG G 410 -31.20 38.16 -11.49
C ARG G 410 -32.19 38.79 -12.46
N PHE G 411 -32.14 38.35 -13.71
CA PHE G 411 -33.03 38.88 -14.74
C PHE G 411 -34.50 38.52 -14.53
N VAL G 412 -34.76 37.26 -14.17
CA VAL G 412 -36.13 36.80 -13.95
C VAL G 412 -36.75 37.40 -12.70
N GLY G 413 -35.91 37.79 -11.74
CA GLY G 413 -36.42 38.36 -10.51
C GLY G 413 -36.73 37.27 -9.50
N ARG G 414 -35.94 36.19 -9.54
CA ARG G 414 -36.09 35.06 -8.63
C ARG G 414 -34.80 34.82 -7.87
N SER H 2 -4.32 1.35 -31.54
CA SER H 2 -5.05 2.60 -31.18
C SER H 2 -4.22 3.84 -31.51
N ILE H 3 -4.89 4.98 -31.57
CA ILE H 3 -4.24 6.24 -31.86
C ILE H 3 -4.33 7.03 -30.56
N ASN H 4 -3.28 6.99 -29.74
CA ASN H 4 -3.35 7.69 -28.45
C ASN H 4 -2.78 9.10 -28.36
N SER H 5 -2.59 9.76 -29.50
CA SER H 5 -2.11 11.14 -29.49
C SER H 5 -2.61 11.90 -30.70
N ARG H 6 -2.95 13.16 -30.50
CA ARG H 6 -3.43 14.02 -31.57
C ARG H 6 -2.34 14.17 -32.61
N GLU H 7 -1.07 14.12 -32.18
CA GLU H 7 0.02 14.25 -33.14
C GLU H 7 0.06 13.09 -34.13
N VAL H 8 -0.19 11.87 -33.65
CA VAL H 8 -0.20 10.72 -34.54
C VAL H 8 -1.47 10.74 -35.39
N LEU H 9 -2.58 11.13 -34.76
CA LEU H 9 -3.85 11.23 -35.47
C LEU H 9 -3.69 12.14 -36.67
N ALA H 10 -3.07 13.30 -36.44
CA ALA H 10 -2.87 14.28 -37.49
C ALA H 10 -2.08 13.69 -38.66
N GLU H 11 -1.02 12.96 -38.33
CA GLU H 11 -0.21 12.35 -39.35
C GLU H 11 -1.05 11.36 -40.16
N LYS H 12 -1.83 10.52 -39.48
CA LYS H 12 -2.65 9.53 -40.16
C LYS H 12 -3.77 10.17 -40.98
N VAL H 13 -4.36 11.24 -40.48
CA VAL H 13 -5.42 11.89 -41.24
C VAL H 13 -4.84 12.54 -42.50
N LYS H 14 -3.73 13.24 -42.35
CA LYS H 14 -3.10 13.91 -43.49
C LYS H 14 -2.69 12.91 -44.59
N ASN H 15 -2.14 11.76 -44.19
CA ASN H 15 -1.74 10.75 -45.14
C ASN H 15 -2.95 10.19 -45.88
N ALA H 16 -4.02 9.90 -45.14
CA ALA H 16 -5.24 9.37 -45.73
C ALA H 16 -5.82 10.39 -46.72
N VAL H 17 -5.96 11.64 -46.28
CA VAL H 17 -6.48 12.69 -47.13
C VAL H 17 -5.61 12.91 -48.38
N ASN H 18 -4.30 12.94 -48.20
CA ASN H 18 -3.37 13.15 -49.32
C ASN H 18 -3.34 11.97 -50.29
N ASN H 19 -3.43 10.75 -49.76
CA ASN H 19 -3.39 9.55 -50.60
C ASN H 19 -4.70 9.20 -51.30
N GLN H 20 -5.82 9.73 -50.80
CA GLN H 20 -7.12 9.42 -51.39
C GLN H 20 -7.35 10.02 -52.78
N PRO H 21 -7.58 9.15 -53.79
CA PRO H 21 -7.82 9.61 -55.15
C PRO H 21 -9.08 10.48 -55.15
N VAL H 22 -9.03 11.58 -55.89
CA VAL H 22 -10.14 12.52 -55.93
C VAL H 22 -11.09 12.47 -57.13
N THR H 23 -12.37 12.58 -56.85
CA THR H 23 -13.38 12.67 -57.89
C THR H 23 -13.79 14.13 -57.76
N ASP H 24 -13.41 14.91 -58.76
CA ASP H 24 -13.69 16.34 -58.82
C ASP H 24 -15.02 16.50 -59.57
N MET H 25 -16.12 16.59 -58.83
CA MET H 25 -17.45 16.66 -59.45
C MET H 25 -17.92 17.93 -60.15
N HIS H 26 -17.03 18.91 -60.32
CA HIS H 26 -17.36 20.11 -61.07
C HIS H 26 -16.14 20.92 -61.46
N THR H 27 -15.89 20.99 -62.76
CA THR H 27 -14.75 21.72 -63.30
C THR H 27 -15.11 22.25 -64.68
N HIS H 28 -14.19 23.00 -65.25
CA HIS H 28 -14.38 23.51 -66.60
C HIS H 28 -13.23 23.00 -67.46
N LEU H 29 -12.88 21.74 -67.21
CA LEU H 29 -11.82 21.07 -67.95
C LEU H 29 -12.49 20.13 -68.95
N PHE H 30 -11.73 19.67 -69.94
CA PHE H 30 -12.23 18.76 -70.95
C PHE H 30 -11.22 17.64 -71.20
N SER H 31 -11.72 16.48 -71.60
CA SER H 31 -10.85 15.34 -71.92
C SER H 31 -9.89 15.86 -72.98
N PRO H 32 -8.62 15.43 -72.94
CA PRO H 32 -7.61 15.88 -73.91
C PRO H 32 -8.00 15.73 -75.39
N ASN H 33 -8.66 14.64 -75.74
CA ASN H 33 -9.04 14.42 -77.13
C ASN H 33 -10.01 15.48 -77.69
N PHE H 34 -10.60 16.30 -76.82
CA PHE H 34 -11.53 17.33 -77.26
C PHE H 34 -10.83 18.54 -77.91
N GLY H 35 -9.51 18.62 -77.76
CA GLY H 35 -8.77 19.70 -78.38
C GLY H 35 -8.41 20.92 -77.56
N GLU H 36 -8.21 22.03 -78.26
CA GLU H 36 -7.84 23.31 -77.67
C GLU H 36 -8.76 23.80 -76.58
N ILE H 37 -9.99 23.27 -76.54
CA ILE H 37 -10.96 23.71 -75.54
C ILE H 37 -10.41 23.47 -74.13
N LEU H 38 -9.52 22.49 -74.00
CA LEU H 38 -8.89 22.20 -72.70
C LEU H 38 -7.76 23.21 -72.54
N LEU H 39 -7.88 24.11 -71.57
CA LEU H 39 -6.85 25.13 -71.36
C LEU H 39 -5.78 24.67 -70.38
N TRP H 40 -4.52 25.02 -70.66
CA TRP H 40 -3.42 24.66 -69.77
C TRP H 40 -2.17 25.46 -70.08
N ASP H 41 -1.28 25.54 -69.08
CA ASP H 41 0.02 26.22 -69.13
C ASP H 41 0.05 27.46 -68.21
N ILE H 42 1.25 27.93 -67.90
CA ILE H 42 1.41 29.09 -67.01
C ILE H 42 0.79 30.39 -67.50
N ASP H 43 0.69 30.59 -68.81
CA ASP H 43 0.08 31.82 -69.31
C ASP H 43 -1.43 31.75 -69.09
N GLU H 44 -1.98 30.55 -69.19
CA GLU H 44 -3.42 30.34 -68.97
C GLU H 44 -3.70 30.49 -67.48
N LEU H 45 -2.77 29.99 -66.65
CA LEU H 45 -2.92 30.11 -65.21
C LEU H 45 -2.99 31.57 -64.80
N LEU H 46 -2.09 32.38 -65.36
CA LEU H 46 -2.02 33.79 -65.04
C LEU H 46 -3.15 34.62 -65.63
N THR H 47 -3.85 34.09 -66.63
CA THR H 47 -4.94 34.84 -67.23
C THR H 47 -6.31 34.32 -66.79
N TYR H 48 -6.30 33.52 -65.73
CA TYR H 48 -7.52 32.97 -65.11
C TYR H 48 -8.34 34.22 -64.82
N HIS H 49 -9.65 34.21 -64.99
CA HIS H 49 -10.37 35.46 -64.75
C HIS H 49 -10.30 35.99 -63.32
N TYR H 50 -9.96 35.14 -62.36
CA TYR H 50 -9.84 35.61 -60.98
C TYR H 50 -8.71 36.65 -60.93
N LEU H 51 -7.64 36.39 -61.68
CA LEU H 51 -6.49 37.30 -61.71
C LEU H 51 -6.74 38.53 -62.58
N VAL H 52 -7.66 38.41 -63.53
CA VAL H 52 -8.00 39.55 -64.38
C VAL H 52 -8.69 40.58 -63.49
N ALA H 53 -9.62 40.11 -62.67
CA ALA H 53 -10.34 41.01 -61.77
C ALA H 53 -9.37 41.66 -60.78
N GLU H 54 -8.43 40.88 -60.26
CA GLU H 54 -7.48 41.41 -59.28
C GLU H 54 -6.48 42.39 -59.86
N VAL H 55 -5.99 42.11 -61.07
CA VAL H 55 -5.02 43.01 -61.67
C VAL H 55 -5.65 44.37 -61.99
N MET H 56 -6.93 44.36 -62.37
CA MET H 56 -7.61 45.62 -62.69
C MET H 56 -7.76 46.54 -61.49
N ARG H 57 -7.61 46.02 -60.28
CA ARG H 57 -7.71 46.87 -59.09
C ARG H 57 -6.41 47.65 -58.89
N TRP H 58 -5.35 47.21 -59.56
CA TRP H 58 -4.02 47.84 -59.43
C TRP H 58 -3.50 48.53 -60.68
N THR H 59 -3.56 47.82 -61.81
CA THR H 59 -3.04 48.33 -63.08
C THR H 59 -3.72 49.58 -63.63
N ASP H 60 -2.96 50.41 -64.33
CA ASP H 60 -3.54 51.60 -64.92
C ASP H 60 -3.82 51.34 -66.39
N VAL H 61 -3.57 50.11 -66.83
CA VAL H 61 -3.83 49.69 -68.21
C VAL H 61 -5.34 49.48 -68.29
N SER H 62 -6.01 50.15 -69.23
CA SER H 62 -7.45 50.01 -69.36
C SER H 62 -7.85 48.58 -69.69
N ILE H 63 -9.07 48.21 -69.31
CA ILE H 63 -9.55 46.87 -69.57
C ILE H 63 -9.59 46.61 -71.07
N GLU H 64 -9.94 47.64 -71.85
CA GLU H 64 -9.99 47.51 -73.31
C GLU H 64 -8.60 47.20 -73.85
N ALA H 65 -7.59 47.88 -73.32
CA ALA H 65 -6.22 47.65 -73.75
C ALA H 65 -5.79 46.24 -73.33
N PHE H 66 -6.21 45.83 -72.13
CA PHE H 66 -5.87 44.50 -71.64
C PHE H 66 -6.34 43.44 -72.62
N TRP H 67 -7.62 43.50 -72.97
CA TRP H 67 -8.21 42.54 -73.90
C TRP H 67 -7.55 42.60 -75.28
N ALA H 68 -7.00 43.77 -75.60
CA ALA H 68 -6.33 43.99 -76.88
C ALA H 68 -4.99 43.28 -76.99
N MET H 69 -4.24 43.20 -75.90
CA MET H 69 -2.94 42.54 -75.96
C MET H 69 -3.06 41.02 -76.04
N SER H 70 -1.95 40.38 -76.42
CA SER H 70 -1.92 38.93 -76.56
C SER H 70 -1.96 38.22 -75.20
N LYS H 71 -2.19 36.91 -75.26
CA LYS H 71 -2.26 36.08 -74.07
C LYS H 71 -0.97 36.24 -73.26
N ARG H 72 0.17 36.14 -73.96
CA ARG H 72 1.46 36.28 -73.31
C ARG H 72 1.62 37.64 -72.65
N GLU H 73 1.18 38.69 -73.34
CA GLU H 73 1.28 40.06 -72.81
C GLU H 73 0.41 40.27 -71.58
N GLN H 74 -0.78 39.66 -71.58
CA GLN H 74 -1.68 39.81 -70.45
C GLN H 74 -1.07 39.10 -69.24
N ALA H 75 -0.44 37.97 -69.50
CA ALA H 75 0.20 37.19 -68.45
C ALA H 75 1.38 37.97 -67.84
N ASP H 76 2.13 38.67 -68.70
CA ASP H 76 3.27 39.45 -68.23
C ASP H 76 2.84 40.60 -67.32
N LEU H 77 1.73 41.24 -67.69
CA LEU H 77 1.20 42.35 -66.92
C LEU H 77 0.74 41.87 -65.55
N ILE H 78 -0.08 40.83 -65.54
CA ILE H 78 -0.60 40.27 -64.30
C ILE H 78 0.53 39.80 -63.38
N TRP H 79 1.53 39.14 -63.96
CA TRP H 79 2.66 38.67 -63.17
C TRP H 79 3.36 39.87 -62.50
N GLU H 80 3.67 40.88 -63.30
CA GLU H 80 4.33 42.09 -62.81
C GLU H 80 3.51 42.88 -61.78
N GLU H 81 2.21 43.00 -62.03
CA GLU H 81 1.31 43.76 -61.16
C GLU H 81 0.89 43.06 -59.87
N LEU H 82 0.66 41.77 -59.93
CA LEU H 82 0.20 41.04 -58.75
C LEU H 82 1.26 40.24 -58.00
N PHE H 83 2.37 39.93 -58.67
CA PHE H 83 3.43 39.14 -58.05
C PHE H 83 4.70 39.91 -57.72
N ILE H 84 5.07 40.85 -58.57
CA ILE H 84 6.28 41.65 -58.39
C ILE H 84 6.08 42.98 -57.68
N LYS H 85 5.11 43.76 -58.14
CA LYS H 85 4.82 45.07 -57.53
C LYS H 85 4.19 44.98 -56.13
N ARG H 86 3.53 43.85 -55.87
CA ARG H 86 2.89 43.59 -54.59
C ARG H 86 3.11 42.11 -54.37
N SER H 87 3.12 41.66 -53.12
CA SER H 87 3.32 40.24 -52.87
C SER H 87 2.07 39.47 -53.27
N PRO H 88 2.25 38.32 -53.94
CA PRO H 88 1.13 37.50 -54.39
C PRO H 88 0.45 36.77 -53.23
N VAL H 89 -0.13 37.52 -52.29
CA VAL H 89 -0.77 36.89 -51.14
C VAL H 89 -2.22 36.44 -51.30
N SER H 90 -2.92 36.91 -52.33
CA SER H 90 -4.30 36.49 -52.52
C SER H 90 -4.36 34.99 -52.79
N GLU H 91 -5.54 34.40 -52.56
CA GLU H 91 -5.72 32.96 -52.77
C GLU H 91 -5.43 32.54 -54.20
N ALA H 92 -5.93 33.30 -55.17
CA ALA H 92 -5.71 32.98 -56.58
C ALA H 92 -4.24 33.07 -56.97
N CYS H 93 -3.54 34.10 -56.50
CA CYS H 93 -2.12 34.24 -56.83
C CYS H 93 -1.33 33.11 -56.16
N ARG H 94 -1.62 32.86 -54.89
CA ARG H 94 -0.97 31.80 -54.14
C ARG H 94 -1.12 30.48 -54.89
N GLY H 95 -2.30 30.30 -55.47
CA GLY H 95 -2.58 29.08 -56.21
C GLY H 95 -1.65 28.87 -57.39
N VAL H 96 -1.33 29.95 -58.10
CA VAL H 96 -0.44 29.88 -59.24
C VAL H 96 0.92 29.37 -58.81
N LEU H 97 1.38 29.82 -57.65
CA LEU H 97 2.68 29.40 -57.12
C LEU H 97 2.65 27.94 -56.70
N THR H 98 1.56 27.51 -56.08
CA THR H 98 1.45 26.11 -55.65
C THR H 98 1.54 25.21 -56.88
N CYS H 99 0.93 25.63 -57.99
CA CYS H 99 0.98 24.85 -59.23
C CYS H 99 2.41 24.71 -59.73
N LEU H 100 3.12 25.84 -59.81
CA LEU H 100 4.50 25.86 -60.27
C LEU H 100 5.39 24.94 -59.45
N GLN H 101 5.29 25.05 -58.12
CA GLN H 101 6.09 24.21 -57.24
C GLN H 101 5.76 22.74 -57.46
N GLY H 102 4.47 22.42 -57.49
CA GLY H 102 4.05 21.04 -57.69
C GLY H 102 4.59 20.43 -58.98
N LEU H 103 4.74 21.25 -60.01
CA LEU H 103 5.26 20.79 -61.29
C LEU H 103 6.78 20.62 -61.26
N GLY H 104 7.40 21.00 -60.15
CA GLY H 104 8.84 20.87 -60.04
C GLY H 104 9.59 22.14 -60.42
N LEU H 105 8.86 23.23 -60.67
CA LEU H 105 9.48 24.49 -61.03
C LEU H 105 9.80 25.28 -59.76
N ASP H 106 10.72 26.23 -59.88
CA ASP H 106 11.15 27.02 -58.73
C ASP H 106 10.61 28.45 -58.69
N PRO H 107 9.59 28.71 -57.87
CA PRO H 107 8.97 30.04 -57.74
C PRO H 107 9.94 31.09 -57.20
N ALA H 108 10.97 30.64 -56.49
CA ALA H 108 11.94 31.54 -55.90
C ALA H 108 12.73 32.34 -56.95
N THR H 109 12.87 31.79 -58.15
CA THR H 109 13.63 32.48 -59.20
C THR H 109 12.81 33.54 -59.92
N ARG H 110 11.48 33.43 -59.88
CA ARG H 110 10.60 34.39 -60.55
C ARG H 110 10.94 34.46 -62.04
N ASP H 111 11.51 33.38 -62.57
CA ASP H 111 11.90 33.32 -63.98
C ASP H 111 10.73 32.77 -64.80
N LEU H 112 9.84 33.68 -65.20
CA LEU H 112 8.65 33.30 -65.97
C LEU H 112 8.98 32.60 -67.30
N GLN H 113 10.07 33.00 -67.95
CA GLN H 113 10.43 32.38 -69.22
C GLN H 113 10.89 30.93 -69.06
N VAL H 114 11.52 30.62 -67.94
CA VAL H 114 11.95 29.25 -67.69
C VAL H 114 10.69 28.42 -67.41
N TYR H 115 9.71 29.03 -66.72
CA TYR H 115 8.47 28.33 -66.41
C TYR H 115 7.75 28.01 -67.72
N ARG H 116 7.66 28.99 -68.61
CA ARG H 116 6.99 28.81 -69.90
C ARG H 116 7.67 27.72 -70.73
N GLU H 117 8.97 27.57 -70.55
CA GLU H 117 9.75 26.56 -71.28
C GLU H 117 9.34 25.14 -70.89
N TYR H 118 8.91 24.97 -69.65
CA TYR H 118 8.49 23.66 -69.17
C TYR H 118 7.30 23.15 -69.96
N PHE H 119 6.33 24.04 -70.18
CA PHE H 119 5.10 23.71 -70.88
C PHE H 119 5.23 23.54 -72.39
N ALA H 120 6.09 24.34 -73.00
CA ALA H 120 6.30 24.29 -74.45
C ALA H 120 6.78 22.94 -74.95
N LYS H 121 7.53 22.23 -74.12
CA LYS H 121 8.07 20.94 -74.51
C LYS H 121 7.20 19.76 -74.09
N LYS H 122 5.88 19.96 -74.03
CA LYS H 122 4.96 18.90 -73.64
C LYS H 122 3.65 18.96 -74.42
N THR H 123 2.98 17.82 -74.52
CA THR H 123 1.70 17.76 -75.22
C THR H 123 0.56 17.76 -74.19
N SER H 124 -0.64 18.12 -74.64
CA SER H 124 -1.81 18.14 -73.79
C SER H 124 -1.98 16.81 -73.08
N GLU H 125 -1.87 15.72 -73.84
CA GLU H 125 -2.01 14.39 -73.29
C GLU H 125 -1.02 14.14 -72.15
N GLU H 126 0.23 14.54 -72.37
CA GLU H 126 1.27 14.36 -71.36
C GLU H 126 1.06 15.21 -70.11
N GLN H 127 0.56 16.43 -70.29
CA GLN H 127 0.33 17.33 -69.17
C GLN H 127 -0.83 16.86 -68.30
N VAL H 128 -1.88 16.31 -68.91
CA VAL H 128 -2.99 15.81 -68.11
C VAL H 128 -2.54 14.60 -67.30
N ASP H 129 -1.68 13.77 -67.88
CA ASP H 129 -1.17 12.60 -67.16
C ASP H 129 -0.42 13.09 -65.93
N THR H 130 0.46 14.06 -66.14
CA THR H 130 1.28 14.63 -65.07
C THR H 130 0.44 15.29 -63.98
N VAL H 131 -0.44 16.21 -64.38
CA VAL H 131 -1.30 16.91 -63.43
C VAL H 131 -2.21 15.97 -62.65
N LEU H 132 -2.91 15.06 -63.34
CA LEU H 132 -3.79 14.15 -62.63
C LEU H 132 -3.00 13.35 -61.59
N GLN H 133 -1.75 13.02 -61.91
CA GLN H 133 -0.89 12.28 -60.99
C GLN H 133 -0.51 13.15 -59.79
N LEU H 134 -0.04 14.36 -60.05
CA LEU H 134 0.35 15.27 -58.98
C LEU H 134 -0.80 15.68 -58.06
N ALA H 135 -1.97 15.94 -58.63
CA ALA H 135 -3.14 16.35 -57.86
C ALA H 135 -3.95 15.16 -57.33
N ASN H 136 -3.45 13.95 -57.62
CA ASN H 136 -4.12 12.71 -57.21
C ASN H 136 -5.62 12.76 -57.49
N VAL H 137 -5.98 13.14 -58.72
CA VAL H 137 -7.37 13.21 -59.15
C VAL H 137 -7.60 12.02 -60.09
N SER H 138 -8.58 11.19 -59.76
CA SER H 138 -8.88 10.02 -60.57
C SER H 138 -9.99 10.29 -61.57
N ASP H 139 -10.96 11.12 -61.18
CA ASP H 139 -12.10 11.43 -62.05
C ASP H 139 -12.44 12.91 -62.12
N VAL H 140 -12.67 13.39 -63.33
CA VAL H 140 -13.00 14.79 -63.56
C VAL H 140 -14.37 14.91 -64.23
N VAL H 141 -15.23 15.73 -63.65
CA VAL H 141 -16.55 15.96 -64.23
C VAL H 141 -16.44 17.31 -64.95
N MET H 142 -16.75 17.29 -66.24
CA MET H 142 -16.68 18.49 -67.07
C MET H 142 -18.00 19.24 -66.97
N THR H 143 -18.06 20.36 -67.70
CA THR H 143 -19.26 21.18 -67.81
C THR H 143 -19.51 21.14 -69.32
N ASN H 144 -20.46 20.33 -69.75
CA ASN H 144 -20.73 20.20 -71.18
C ASN H 144 -21.97 20.92 -71.66
N ASP H 145 -21.74 22.04 -72.36
CA ASP H 145 -22.79 22.88 -72.90
C ASP H 145 -22.99 22.71 -74.41
N PRO H 146 -24.12 22.07 -74.81
CA PRO H 146 -24.45 21.83 -76.22
C PRO H 146 -24.71 23.11 -77.00
N PHE H 147 -24.93 24.21 -76.29
CA PHE H 147 -25.20 25.50 -76.92
C PHE H 147 -23.94 26.21 -77.40
N ASP H 148 -22.77 25.71 -76.98
CA ASP H 148 -21.51 26.28 -77.41
C ASP H 148 -21.08 25.56 -78.68
N ASP H 149 -21.09 26.27 -79.81
CA ASP H 149 -20.74 25.69 -81.11
C ASP H 149 -19.49 24.83 -81.12
N ASN H 150 -18.40 25.35 -80.56
CA ASN H 150 -17.15 24.61 -80.53
C ASN H 150 -17.32 23.25 -79.86
N GLU H 151 -17.61 23.26 -78.56
CA GLU H 151 -17.78 22.03 -77.82
C GLU H 151 -18.79 21.11 -78.48
N ARG H 152 -19.88 21.68 -78.98
CA ARG H 152 -20.93 20.90 -79.61
C ARG H 152 -20.41 20.11 -80.81
N ILE H 153 -19.51 20.72 -81.59
CA ILE H 153 -18.97 20.04 -82.76
C ILE H 153 -18.28 18.75 -82.34
N SER H 154 -17.53 18.80 -81.25
CA SER H 154 -16.82 17.63 -80.75
C SER H 154 -17.75 16.47 -80.46
N TRP H 155 -18.90 16.75 -79.85
CA TRP H 155 -19.84 15.68 -79.56
C TRP H 155 -20.50 15.20 -80.85
N LEU H 156 -20.81 16.13 -81.74
CA LEU H 156 -21.41 15.80 -83.03
C LEU H 156 -20.47 14.92 -83.86
N GLU H 157 -19.16 15.13 -83.67
CA GLU H 157 -18.14 14.37 -84.40
C GLU H 157 -18.03 12.94 -83.90
N GLY H 158 -18.62 12.66 -82.74
CA GLY H 158 -18.55 11.32 -82.18
C GLY H 158 -17.42 11.18 -81.17
N LYS H 159 -16.81 12.29 -80.79
CA LYS H 159 -15.73 12.24 -79.81
C LYS H 159 -16.28 11.79 -78.46
N GLN H 160 -15.49 11.00 -77.75
CA GLN H 160 -15.87 10.50 -76.44
C GLN H 160 -14.73 10.80 -75.48
N PRO H 161 -15.06 11.26 -74.25
CA PRO H 161 -14.01 11.56 -73.26
C PRO H 161 -13.42 10.25 -72.78
N ASP H 162 -12.15 10.25 -72.38
CA ASP H 162 -11.56 9.02 -71.89
C ASP H 162 -12.17 8.70 -70.53
N SER H 163 -11.91 7.50 -70.03
CA SER H 163 -12.46 7.02 -68.76
C SER H 163 -12.30 7.92 -67.53
N ARG H 164 -11.35 8.85 -67.59
CA ARG H 164 -11.11 9.75 -66.46
C ARG H 164 -12.02 10.97 -66.46
N PHE H 165 -12.68 11.23 -67.58
CA PHE H 165 -13.57 12.38 -67.69
C PHE H 165 -15.04 12.02 -67.84
N HIS H 166 -15.89 12.73 -67.11
CA HIS H 166 -17.32 12.48 -67.14
C HIS H 166 -18.03 13.74 -67.56
N ALA H 167 -19.15 13.56 -68.25
CA ALA H 167 -19.90 14.68 -68.74
C ALA H 167 -21.00 15.14 -67.78
N ALA H 168 -21.35 16.40 -67.90
CA ALA H 168 -22.41 16.99 -67.10
C ALA H 168 -23.13 17.92 -68.07
N LEU H 169 -24.40 17.65 -68.31
CA LEU H 169 -25.17 18.46 -69.24
C LEU H 169 -25.55 19.82 -68.64
N ARG H 170 -24.85 20.86 -69.09
CA ARG H 170 -25.09 22.22 -68.61
C ARG H 170 -26.19 22.88 -69.46
N LEU H 171 -27.21 23.42 -68.81
CA LEU H 171 -28.35 23.99 -69.51
C LEU H 171 -28.72 25.46 -69.28
N ASP H 172 -27.76 26.29 -68.87
CA ASP H 172 -28.07 27.70 -68.63
C ASP H 172 -28.89 28.36 -69.76
N PRO H 173 -28.43 28.24 -71.01
CA PRO H 173 -29.15 28.85 -72.14
C PRO H 173 -30.63 28.45 -72.26
N LEU H 174 -30.88 27.16 -72.13
CA LEU H 174 -32.24 26.64 -72.22
C LEU H 174 -33.13 27.14 -71.09
N LEU H 175 -32.66 26.97 -69.85
CA LEU H 175 -33.43 27.38 -68.69
C LEU H 175 -33.42 28.86 -68.35
N ASN H 176 -32.38 29.59 -68.75
CA ASN H 176 -32.32 31.01 -68.41
C ASN H 176 -32.56 31.98 -69.56
N GLU H 177 -32.41 31.50 -70.80
CA GLU H 177 -32.61 32.37 -71.95
C GLU H 177 -33.49 31.67 -72.99
N TYR H 178 -34.53 30.99 -72.53
CA TYR H 178 -35.41 30.26 -73.44
C TYR H 178 -35.92 31.08 -74.60
N GLU H 179 -36.35 32.31 -74.32
CA GLU H 179 -36.88 33.19 -75.37
C GLU H 179 -35.92 33.33 -76.55
N GLN H 180 -34.62 33.40 -76.27
CA GLN H 180 -33.64 33.55 -77.32
C GLN H 180 -33.13 32.19 -77.80
N THR H 181 -33.14 31.22 -76.89
CA THR H 181 -32.66 29.89 -77.19
C THR H 181 -33.63 29.01 -77.98
N LYS H 182 -34.92 29.19 -77.73
CA LYS H 182 -35.93 28.40 -78.42
C LYS H 182 -35.77 28.48 -79.93
N HIS H 183 -35.16 29.55 -80.42
CA HIS H 183 -34.97 29.72 -81.86
C HIS H 183 -33.86 28.82 -82.37
N ARG H 184 -32.92 28.46 -81.50
CA ARG H 184 -31.83 27.58 -81.89
C ARG H 184 -32.29 26.12 -81.85
N LEU H 185 -33.14 25.80 -80.90
CA LEU H 185 -33.67 24.45 -80.78
C LEU H 185 -34.36 24.06 -82.09
N ARG H 186 -35.21 24.94 -82.61
CA ARG H 186 -35.91 24.68 -83.86
C ARG H 186 -34.93 24.53 -85.02
N ASP H 187 -33.84 25.30 -85.03
CA ASP H 187 -32.85 25.19 -86.08
C ASP H 187 -32.25 23.78 -86.05
N TRP H 188 -32.36 23.13 -84.89
CA TRP H 188 -31.81 21.79 -84.73
C TRP H 188 -32.85 20.69 -84.91
N GLY H 189 -34.10 21.08 -85.21
CA GLY H 189 -35.14 20.09 -85.42
C GLY H 189 -36.12 19.92 -84.27
N TYR H 190 -36.02 20.79 -83.27
CA TYR H 190 -36.92 20.70 -82.13
C TYR H 190 -38.09 21.64 -82.34
N LYS H 191 -39.23 21.05 -82.66
CA LYS H 191 -40.46 21.77 -82.93
C LYS H 191 -41.07 22.44 -81.70
N VAL H 192 -40.39 23.46 -81.17
CA VAL H 192 -40.91 24.17 -80.01
C VAL H 192 -41.82 25.29 -80.53
N ASN H 193 -43.00 25.42 -79.93
CA ASN H 193 -43.98 26.42 -80.36
C ASN H 193 -43.88 27.73 -79.59
N ASP H 194 -44.53 28.76 -80.12
CA ASP H 194 -44.55 30.06 -79.49
C ASP H 194 -45.19 29.95 -78.12
N GLU H 195 -46.19 29.09 -78.01
CA GLU H 195 -46.89 28.88 -76.74
C GLU H 195 -46.44 27.58 -76.09
N TRP H 196 -46.46 27.55 -74.77
CA TRP H 196 -46.02 26.37 -74.02
C TRP H 196 -47.11 25.30 -73.94
N ASN H 197 -47.22 24.50 -74.99
CA ASN H 197 -48.22 23.44 -75.04
C ASN H 197 -47.55 22.08 -74.97
N GLU H 198 -48.33 21.02 -75.15
CA GLU H 198 -47.80 19.66 -75.09
C GLU H 198 -46.69 19.44 -76.11
N GLY H 199 -46.82 20.07 -77.27
CA GLY H 199 -45.81 19.93 -78.32
C GLY H 199 -44.47 20.55 -77.95
N SER H 200 -44.52 21.69 -77.27
CA SER H 200 -43.30 22.37 -76.87
C SER H 200 -42.60 21.56 -75.77
N ILE H 201 -43.39 21.06 -74.83
CA ILE H 201 -42.88 20.27 -73.71
C ILE H 201 -42.20 18.99 -74.18
N GLN H 202 -42.83 18.29 -75.13
CA GLN H 202 -42.28 17.05 -75.66
C GLN H 202 -40.98 17.26 -76.43
N GLU H 203 -40.89 18.37 -77.14
CA GLU H 203 -39.69 18.65 -77.91
C GLU H 203 -38.52 19.05 -77.02
N VAL H 204 -38.82 19.75 -75.93
CA VAL H 204 -37.77 20.14 -75.00
C VAL H 204 -37.24 18.85 -74.38
N LYS H 205 -38.15 18.02 -73.88
CA LYS H 205 -37.74 16.75 -73.27
C LYS H 205 -36.95 15.92 -74.26
N ARG H 206 -37.37 15.95 -75.54
CA ARG H 206 -36.67 15.20 -76.57
C ARG H 206 -35.25 15.73 -76.67
N PHE H 207 -35.12 17.06 -76.59
CA PHE H 207 -33.81 17.71 -76.64
C PHE H 207 -32.98 17.20 -75.47
N LEU H 208 -33.53 17.29 -74.27
CA LEU H 208 -32.82 16.83 -73.08
C LEU H 208 -32.44 15.36 -73.22
N THR H 209 -33.39 14.55 -73.66
CA THR H 209 -33.16 13.12 -73.83
C THR H 209 -32.08 12.82 -74.87
N ASP H 210 -32.08 13.54 -75.98
CA ASP H 210 -31.08 13.29 -77.01
C ASP H 210 -29.68 13.47 -76.45
N TRP H 211 -29.45 14.61 -75.80
CA TRP H 211 -28.15 14.90 -75.23
C TRP H 211 -27.76 13.99 -74.08
N ILE H 212 -28.75 13.52 -73.33
CA ILE H 212 -28.49 12.61 -72.22
C ILE H 212 -27.92 11.32 -72.80
N GLU H 213 -28.51 10.88 -73.91
CA GLU H 213 -28.07 9.66 -74.57
C GLU H 213 -26.68 9.84 -75.17
N ARG H 214 -26.40 11.05 -75.65
CA ARG H 214 -25.11 11.32 -76.28
C ARG H 214 -23.94 11.51 -75.31
N MET H 215 -24.15 12.24 -74.22
CA MET H 215 -23.08 12.48 -73.25
C MET H 215 -23.03 11.49 -72.10
N ASP H 216 -24.19 10.91 -71.78
CA ASP H 216 -24.30 9.99 -70.65
C ASP H 216 -23.79 10.75 -69.41
N PRO H 217 -24.29 11.98 -69.21
CA PRO H 217 -23.92 12.86 -68.10
C PRO H 217 -24.19 12.29 -66.71
N VAL H 218 -23.39 12.69 -65.74
CA VAL H 218 -23.56 12.24 -64.37
C VAL H 218 -24.68 13.06 -63.71
N TYR H 219 -24.99 14.21 -64.29
CA TYR H 219 -26.06 15.06 -63.80
C TYR H 219 -26.30 16.21 -64.77
N MET H 220 -27.45 16.87 -64.63
CA MET H 220 -27.76 18.03 -65.46
C MET H 220 -27.54 19.22 -64.53
N ALA H 221 -27.01 20.32 -65.06
CA ALA H 221 -26.72 21.48 -64.21
C ALA H 221 -27.18 22.82 -64.75
N VAL H 222 -27.18 23.82 -63.86
CA VAL H 222 -27.57 25.19 -64.19
C VAL H 222 -27.13 26.15 -63.09
N SER H 223 -26.73 27.36 -63.46
CA SER H 223 -26.34 28.36 -62.46
C SER H 223 -27.51 29.34 -62.44
N LEU H 224 -28.01 29.63 -61.25
CA LEU H 224 -29.17 30.50 -61.10
C LEU H 224 -28.90 31.80 -60.37
N PRO H 225 -29.73 32.82 -60.60
CA PRO H 225 -29.55 34.13 -59.95
C PRO H 225 -30.01 34.12 -58.49
N PRO H 226 -29.65 35.15 -57.72
CA PRO H 226 -30.06 35.23 -56.32
C PRO H 226 -31.58 35.33 -56.19
N THR H 227 -32.24 35.73 -57.26
CA THR H 227 -33.70 35.87 -57.26
C THR H 227 -34.42 34.60 -57.71
N PHE H 228 -33.69 33.49 -57.79
CA PHE H 228 -34.26 32.22 -58.21
C PHE H 228 -35.47 31.79 -57.37
N SER H 229 -36.57 31.48 -58.05
CA SER H 229 -37.79 31.06 -57.37
C SER H 229 -38.42 29.82 -58.02
N PHE H 230 -39.19 29.08 -57.25
CA PHE H 230 -39.88 27.90 -57.75
C PHE H 230 -40.92 27.42 -56.76
N PRO H 231 -42.14 27.14 -57.24
CA PRO H 231 -42.58 27.25 -58.64
C PRO H 231 -42.58 28.70 -59.13
N GLU H 232 -42.60 28.87 -60.44
CA GLU H 232 -42.61 30.20 -61.04
C GLU H 232 -43.17 30.14 -62.45
N GLU H 233 -44.10 31.05 -62.74
CA GLU H 233 -44.68 31.09 -64.08
C GLU H 233 -43.77 31.84 -65.02
N SER H 234 -42.70 31.17 -65.43
CA SER H 234 -41.72 31.72 -66.34
C SER H 234 -41.26 30.54 -67.19
N ASN H 235 -40.45 30.81 -68.20
CA ASN H 235 -39.96 29.74 -69.04
C ASN H 235 -39.17 28.78 -68.17
N ARG H 236 -38.31 29.32 -67.32
CA ARG H 236 -37.50 28.48 -66.44
C ARG H 236 -38.37 27.60 -65.55
N GLY H 237 -39.32 28.23 -64.86
CA GLY H 237 -40.19 27.48 -63.97
C GLY H 237 -40.94 26.37 -64.67
N ARG H 238 -41.43 26.68 -65.87
CA ARG H 238 -42.19 25.69 -66.65
C ARG H 238 -41.29 24.62 -67.23
N ILE H 239 -40.11 25.00 -67.72
CA ILE H 239 -39.20 24.00 -68.28
C ILE H 239 -38.79 23.02 -67.20
N ILE H 240 -38.48 23.52 -66.00
CA ILE H 240 -38.07 22.66 -64.91
C ILE H 240 -39.21 21.74 -64.46
N ARG H 241 -40.41 22.32 -64.31
CA ARG H 241 -41.57 21.56 -63.89
C ARG H 241 -41.99 20.49 -64.90
N ASP H 242 -42.24 20.91 -66.13
CA ASP H 242 -42.69 19.99 -67.16
C ASP H 242 -41.66 19.14 -67.91
N CYS H 243 -40.41 19.59 -67.98
CA CYS H 243 -39.42 18.83 -68.72
C CYS H 243 -38.23 18.25 -67.95
N LEU H 244 -37.42 19.12 -67.39
CA LEU H 244 -36.23 18.70 -66.66
C LEU H 244 -36.44 17.67 -65.55
N LEU H 245 -37.32 17.97 -64.60
CA LEU H 245 -37.57 17.03 -63.49
C LEU H 245 -38.12 15.69 -63.95
N PRO H 246 -39.16 15.70 -64.80
CA PRO H 246 -39.69 14.41 -65.25
C PRO H 246 -38.60 13.56 -65.93
N VAL H 247 -37.81 14.20 -66.78
CA VAL H 247 -36.72 13.50 -67.47
C VAL H 247 -35.67 13.03 -66.45
N ALA H 248 -35.27 13.92 -65.57
CA ALA H 248 -34.26 13.60 -64.55
C ALA H 248 -34.68 12.36 -63.76
N GLU H 249 -35.95 12.31 -63.37
CA GLU H 249 -36.47 11.18 -62.61
C GLU H 249 -36.38 9.88 -63.41
N LYS H 250 -36.90 9.92 -64.63
CA LYS H 250 -36.91 8.74 -65.49
C LYS H 250 -35.51 8.13 -65.67
N HIS H 251 -34.50 8.98 -65.82
CA HIS H 251 -33.14 8.50 -65.99
C HIS H 251 -32.36 8.44 -64.68
N ASN H 252 -33.05 8.78 -63.59
CA ASN H 252 -32.45 8.79 -62.26
C ASN H 252 -31.12 9.53 -62.23
N ILE H 253 -31.11 10.75 -62.74
CA ILE H 253 -29.92 11.58 -62.75
C ILE H 253 -30.23 12.85 -61.97
N PRO H 254 -29.32 13.24 -61.07
CA PRO H 254 -29.46 14.44 -60.24
C PRO H 254 -29.51 15.73 -61.03
N PHE H 255 -30.12 16.75 -60.44
CA PHE H 255 -30.20 18.07 -61.03
C PHE H 255 -29.31 18.96 -60.16
N ALA H 256 -28.22 19.46 -60.75
CA ALA H 256 -27.29 20.32 -60.02
C ALA H 256 -27.69 21.78 -60.16
N MET H 257 -27.89 22.46 -59.05
CA MET H 257 -28.25 23.88 -59.08
C MET H 257 -27.19 24.68 -58.34
N MET H 258 -26.58 25.64 -59.03
CA MET H 258 -25.56 26.49 -58.42
C MET H 258 -26.17 27.88 -58.36
N ILE H 259 -26.71 28.20 -57.19
CA ILE H 259 -27.43 29.45 -56.95
C ILE H 259 -26.67 30.62 -56.34
N GLY H 260 -27.04 31.83 -56.77
CA GLY H 260 -26.43 33.03 -56.22
C GLY H 260 -25.71 34.00 -57.13
N VAL H 261 -25.40 33.58 -58.36
CA VAL H 261 -24.67 34.44 -59.27
C VAL H 261 -25.48 35.51 -60.00
N LYS H 262 -24.97 36.74 -59.97
CA LYS H 262 -25.59 37.88 -60.65
C LYS H 262 -24.67 38.20 -61.82
N LYS H 263 -24.98 37.62 -62.97
CA LYS H 263 -24.18 37.75 -64.18
C LYS H 263 -23.96 39.17 -64.72
N ARG H 264 -22.74 39.39 -65.22
CA ARG H 264 -22.31 40.66 -65.82
C ARG H 264 -22.68 41.96 -65.12
N VAL H 265 -22.32 42.14 -63.86
CA VAL H 265 -22.63 43.41 -63.22
C VAL H 265 -21.61 44.43 -63.75
N HIS H 266 -20.58 43.89 -64.41
CA HIS H 266 -19.52 44.69 -65.03
C HIS H 266 -19.16 43.96 -66.31
N PRO H 267 -20.00 44.08 -67.35
CA PRO H 267 -19.85 43.45 -68.66
C PRO H 267 -18.48 43.54 -69.33
N ALA H 268 -17.82 44.68 -69.19
CA ALA H 268 -16.51 44.89 -69.78
C ALA H 268 -15.47 43.90 -69.27
N LEU H 269 -15.67 43.36 -68.06
CA LEU H 269 -14.71 42.42 -67.51
C LEU H 269 -14.90 40.99 -68.00
N GLY H 270 -15.89 40.76 -68.85
CA GLY H 270 -16.14 39.42 -69.35
C GLY H 270 -16.42 38.42 -68.24
N ASP H 271 -15.75 37.27 -68.29
CA ASP H 271 -15.94 36.23 -67.28
C ASP H 271 -15.65 36.68 -65.85
N ALA H 272 -14.92 37.78 -65.71
CA ALA H 272 -14.56 38.32 -64.41
C ALA H 272 -15.57 39.37 -63.93
N GLY H 273 -16.69 39.52 -64.64
CA GLY H 273 -17.66 40.52 -64.26
C GLY H 273 -18.92 40.06 -63.55
N ASP H 274 -18.92 38.85 -62.99
CA ASP H 274 -20.10 38.34 -62.29
C ASP H 274 -20.06 38.63 -60.79
N PHE H 275 -21.22 38.93 -60.21
CA PHE H 275 -21.35 39.26 -58.80
C PHE H 275 -22.12 38.18 -58.04
N VAL H 276 -22.51 38.49 -56.81
CA VAL H 276 -23.22 37.54 -55.97
C VAL H 276 -24.32 38.22 -55.14
N GLY H 277 -25.30 37.42 -54.71
CA GLY H 277 -26.39 37.92 -53.89
C GLY H 277 -26.98 36.76 -53.10
N LYS H 278 -27.50 37.02 -51.91
CA LYS H 278 -28.09 35.97 -51.10
C LYS H 278 -29.41 35.55 -51.71
N ALA H 279 -29.69 34.26 -51.71
CA ALA H 279 -30.94 33.77 -52.29
C ALA H 279 -31.92 33.28 -51.24
N SER H 280 -33.18 33.16 -51.65
CA SER H 280 -34.23 32.64 -50.78
C SER H 280 -34.06 31.12 -50.85
N MET H 281 -34.37 30.41 -49.78
CA MET H 281 -34.25 28.95 -49.78
C MET H 281 -35.59 28.31 -50.19
N ASP H 282 -36.62 29.15 -50.29
CA ASP H 282 -37.97 28.68 -50.64
C ASP H 282 -38.04 27.76 -51.85
N GLY H 283 -37.49 28.20 -52.97
CA GLY H 283 -37.52 27.38 -54.17
C GLY H 283 -36.84 26.03 -54.01
N VAL H 284 -35.71 25.98 -53.33
CA VAL H 284 -35.00 24.72 -53.14
C VAL H 284 -35.80 23.87 -52.16
N GLU H 285 -36.34 24.52 -51.13
CA GLU H 285 -37.15 23.81 -50.13
C GLU H 285 -38.32 23.13 -50.83
N HIS H 286 -39.02 23.88 -51.66
CA HIS H 286 -40.18 23.35 -52.39
C HIS H 286 -39.79 22.21 -53.35
N LEU H 287 -38.73 22.41 -54.12
CA LEU H 287 -38.28 21.39 -55.06
C LEU H 287 -38.00 20.08 -54.33
N LEU H 288 -37.25 20.16 -53.24
CA LEU H 288 -36.89 19.00 -52.44
C LEU H 288 -38.10 18.29 -51.86
N ARG H 289 -39.06 19.06 -51.36
CA ARG H 289 -40.23 18.46 -50.76
C ARG H 289 -41.21 17.89 -51.76
N GLU H 290 -41.56 18.66 -52.78
CA GLU H 290 -42.54 18.21 -53.78
C GLU H 290 -42.02 17.20 -54.80
N TYR H 291 -40.71 17.04 -54.91
CA TYR H 291 -40.14 16.09 -55.85
C TYR H 291 -39.17 15.15 -55.14
N PRO H 292 -39.69 14.29 -54.25
CA PRO H 292 -38.90 13.33 -53.47
C PRO H 292 -38.22 12.23 -54.28
N ASN H 293 -38.66 12.05 -55.52
CA ASN H 293 -38.05 11.02 -56.36
C ASN H 293 -36.94 11.60 -57.22
N ASN H 294 -36.70 12.90 -57.07
CA ASN H 294 -35.63 13.55 -57.81
C ASN H 294 -34.46 13.79 -56.87
N LYS H 295 -33.25 13.83 -57.43
CA LYS H 295 -32.05 14.07 -56.67
C LYS H 295 -31.49 15.44 -57.01
N PHE H 296 -31.12 16.20 -55.98
CA PHE H 296 -30.59 17.54 -56.20
C PHE H 296 -29.20 17.73 -55.61
N LEU H 297 -28.32 18.34 -56.41
CA LEU H 297 -26.96 18.65 -56.00
C LEU H 297 -27.00 20.17 -55.89
N VAL H 298 -26.67 20.71 -54.72
CA VAL H 298 -26.71 22.16 -54.57
C VAL H 298 -25.48 22.79 -53.94
N THR H 299 -25.10 23.95 -54.46
CA THR H 299 -23.99 24.74 -53.95
C THR H 299 -24.48 26.18 -54.12
N MET H 300 -24.20 27.04 -53.15
CA MET H 300 -24.65 28.42 -53.24
C MET H 300 -23.47 29.39 -53.16
N LEU H 301 -23.64 30.56 -53.77
CA LEU H 301 -22.57 31.55 -53.84
C LEU H 301 -22.43 32.49 -52.67
N SER H 302 -23.53 32.85 -52.03
CA SER H 302 -23.49 33.78 -50.91
C SER H 302 -23.04 33.16 -49.60
N ARG H 303 -22.14 33.85 -48.90
CA ARG H 303 -21.67 33.35 -47.62
C ARG H 303 -22.86 33.21 -46.65
N GLU H 304 -23.79 34.13 -46.78
CA GLU H 304 -24.98 34.18 -45.93
C GLU H 304 -26.01 33.07 -46.15
N ASN H 305 -25.84 32.29 -47.22
CA ASN H 305 -26.75 31.17 -47.52
C ASN H 305 -26.19 29.84 -47.01
N GLN H 306 -24.90 29.80 -46.70
CA GLN H 306 -24.24 28.56 -46.29
C GLN H 306 -24.80 27.75 -45.13
N HIS H 307 -25.08 28.41 -44.01
CA HIS H 307 -25.58 27.69 -42.85
C HIS H 307 -26.97 27.12 -43.05
N GLU H 308 -27.88 27.93 -43.60
CA GLU H 308 -29.24 27.45 -43.81
C GLU H 308 -29.28 26.36 -44.88
N LEU H 309 -28.29 26.34 -45.76
CA LEU H 309 -28.25 25.30 -46.80
C LEU H 309 -27.91 23.99 -46.09
N VAL H 310 -27.04 24.06 -45.09
CA VAL H 310 -26.68 22.88 -44.33
C VAL H 310 -27.90 22.37 -43.56
N VAL H 311 -28.67 23.28 -42.98
CA VAL H 311 -29.86 22.87 -42.23
C VAL H 311 -30.89 22.24 -43.18
N LEU H 312 -30.96 22.76 -44.41
CA LEU H 312 -31.91 22.23 -45.37
C LEU H 312 -31.52 20.80 -45.71
N ALA H 313 -30.22 20.51 -45.69
CA ALA H 313 -29.72 19.16 -45.98
C ALA H 313 -30.12 18.21 -44.85
N ARG H 314 -30.22 18.74 -43.63
CA ARG H 314 -30.63 17.92 -42.50
C ARG H 314 -32.08 17.48 -42.69
N LYS H 315 -32.85 18.30 -43.40
CA LYS H 315 -34.26 18.04 -43.65
C LYS H 315 -34.55 17.06 -44.78
N PHE H 316 -33.76 17.12 -45.85
CA PHE H 316 -33.99 16.28 -47.02
C PHE H 316 -32.82 15.43 -47.51
N SER H 317 -33.05 14.13 -47.59
CA SER H 317 -32.03 13.20 -48.02
C SER H 317 -31.82 13.24 -49.53
N ASN H 318 -32.78 13.82 -50.27
CA ASN H 318 -32.62 13.90 -51.71
C ASN H 318 -31.80 15.14 -52.06
N LEU H 319 -31.23 15.77 -51.04
CA LEU H 319 -30.39 16.94 -51.24
C LEU H 319 -28.95 16.58 -50.89
N MET H 320 -28.05 16.81 -51.83
CA MET H 320 -26.63 16.58 -51.61
C MET H 320 -25.96 17.93 -51.87
N ILE H 321 -25.36 18.50 -50.83
CA ILE H 321 -24.70 19.78 -50.98
C ILE H 321 -23.23 19.52 -51.29
N PHE H 322 -22.63 20.38 -52.10
CA PHE H 322 -21.24 20.19 -52.47
C PHE H 322 -20.44 21.48 -52.63
N GLY H 323 -19.13 21.34 -52.44
CA GLY H 323 -18.18 22.41 -52.60
C GLY H 323 -18.32 23.79 -51.98
N CYS H 324 -17.24 24.55 -52.13
CA CYS H 324 -17.14 25.92 -51.65
C CYS H 324 -16.93 26.66 -52.95
N TRP H 325 -18.05 27.06 -53.54
CA TRP H 325 -18.10 27.70 -54.83
C TRP H 325 -17.65 29.15 -55.03
N TRP H 326 -16.73 29.32 -55.97
CA TRP H 326 -16.29 30.64 -56.40
C TRP H 326 -15.80 31.61 -55.30
N PHE H 327 -16.68 32.52 -54.90
CA PHE H 327 -16.33 33.50 -53.87
C PHE H 327 -16.30 32.86 -52.49
N MET H 328 -16.69 31.59 -52.45
CA MET H 328 -16.69 30.81 -51.21
C MET H 328 -15.38 30.03 -51.12
N ASN H 329 -14.69 29.89 -52.25
CA ASN H 329 -13.44 29.12 -52.33
C ASN H 329 -12.19 29.83 -51.82
N ASN H 330 -12.30 30.36 -50.60
CA ASN H 330 -11.20 31.05 -49.93
C ASN H 330 -11.07 30.41 -48.55
N PRO H 331 -9.83 30.18 -48.09
CA PRO H 331 -9.56 29.54 -46.79
C PRO H 331 -10.47 29.88 -45.61
N GLU H 332 -10.68 31.16 -45.33
CA GLU H 332 -11.55 31.54 -44.21
C GLU H 332 -12.96 30.99 -44.43
N ILE H 333 -13.44 31.00 -45.66
CA ILE H 333 -14.79 30.51 -45.94
C ILE H 333 -14.84 28.98 -46.01
N ILE H 334 -13.87 28.37 -46.69
CA ILE H 334 -13.82 26.91 -46.78
C ILE H 334 -13.79 26.32 -45.38
N ASN H 335 -12.99 26.91 -44.51
CA ASN H 335 -12.88 26.42 -43.15
C ASN H 335 -14.23 26.47 -42.39
N GLU H 336 -14.89 27.63 -42.37
CA GLU H 336 -16.16 27.71 -41.65
C GLU H 336 -17.27 26.86 -42.29
N MET H 337 -17.29 26.77 -43.63
CA MET H 337 -18.30 25.97 -44.31
C MET H 337 -18.15 24.49 -44.00
N THR H 338 -16.92 23.99 -44.12
CA THR H 338 -16.65 22.58 -43.85
C THR H 338 -16.95 22.19 -42.41
N ARG H 339 -16.64 23.07 -41.46
CA ARG H 339 -16.92 22.78 -40.05
C ARG H 339 -18.43 22.77 -39.75
N MET H 340 -19.17 23.73 -40.29
CA MET H 340 -20.63 23.77 -40.07
C MET H 340 -21.26 22.52 -40.68
N ARG H 341 -20.78 22.16 -41.86
CA ARG H 341 -21.29 21.00 -42.58
C ARG H 341 -21.02 19.70 -41.85
N MET H 342 -19.80 19.51 -41.37
CA MET H 342 -19.49 18.28 -40.68
C MET H 342 -20.18 18.19 -39.33
N GLU H 343 -20.34 19.33 -38.66
CA GLU H 343 -20.99 19.35 -37.35
C GLU H 343 -22.47 18.98 -37.41
N MET H 344 -23.15 19.37 -38.49
CA MET H 344 -24.58 19.07 -38.66
C MET H 344 -24.90 17.89 -39.58
N LEU H 345 -23.92 17.46 -40.39
CA LEU H 345 -24.16 16.36 -41.32
C LEU H 345 -23.18 15.19 -41.21
N GLY H 346 -22.26 15.25 -40.24
CA GLY H 346 -21.28 14.18 -40.13
C GLY H 346 -20.52 14.14 -41.45
N THR H 347 -20.50 12.99 -42.12
CA THR H 347 -19.79 12.89 -43.41
C THR H 347 -20.73 12.77 -44.62
N SER H 348 -22.01 13.09 -44.45
CA SER H 348 -22.94 12.98 -45.57
C SER H 348 -23.01 14.20 -46.48
N PHE H 349 -21.87 14.63 -47.01
CA PHE H 349 -21.81 15.77 -47.90
C PHE H 349 -20.53 15.70 -48.74
N ILE H 350 -20.45 16.54 -49.75
CA ILE H 350 -19.28 16.60 -50.63
C ILE H 350 -18.62 17.93 -50.29
N PRO H 351 -17.51 17.90 -49.55
CA PRO H 351 -16.84 19.14 -49.17
C PRO H 351 -16.30 20.06 -50.26
N GLN H 352 -15.75 19.49 -51.33
CA GLN H 352 -15.17 20.36 -52.34
C GLN H 352 -15.13 19.88 -53.80
N HIS H 353 -14.88 20.84 -54.68
CA HIS H 353 -14.71 20.64 -56.13
C HIS H 353 -13.75 21.76 -56.52
N SER H 354 -12.97 21.57 -57.58
CA SER H 354 -11.99 22.56 -57.99
C SER H 354 -12.52 23.69 -58.86
N ASP H 355 -13.45 23.38 -59.75
CA ASP H 355 -14.01 24.41 -60.63
C ASP H 355 -12.89 24.87 -61.55
N ALA H 356 -11.88 24.02 -61.73
CA ALA H 356 -10.73 24.37 -62.56
C ALA H 356 -11.12 24.74 -63.99
N ARG H 357 -10.54 25.83 -64.48
CA ARG H 357 -10.77 26.29 -65.84
C ARG H 357 -9.48 26.03 -66.61
N VAL H 358 -8.40 25.86 -65.86
CA VAL H 358 -7.07 25.59 -66.40
C VAL H 358 -6.56 24.31 -65.73
N LEU H 359 -6.20 23.33 -66.55
CA LEU H 359 -5.70 22.04 -66.08
C LEU H 359 -4.87 22.04 -64.80
N GLU H 360 -3.77 22.79 -64.82
CA GLU H 360 -2.86 22.85 -63.67
C GLU H 360 -3.49 23.24 -62.34
N GLN H 361 -4.62 23.94 -62.38
CA GLN H 361 -5.25 24.38 -61.14
C GLN H 361 -5.67 23.24 -60.25
N LEU H 362 -5.76 22.03 -60.81
CA LEU H 362 -6.14 20.86 -60.03
C LEU H 362 -5.12 20.68 -58.91
N ILE H 363 -3.88 21.04 -59.19
CA ILE H 363 -2.83 20.91 -58.20
C ILE H 363 -3.10 21.79 -56.97
N TYR H 364 -3.24 23.10 -57.19
CA TYR H 364 -3.48 24.00 -56.06
C TYR H 364 -4.87 23.91 -55.45
N LYS H 365 -5.91 23.84 -56.28
CA LYS H 365 -7.26 23.75 -55.74
C LYS H 365 -7.36 22.60 -54.74
N TRP H 366 -6.86 21.42 -55.11
CA TRP H 366 -6.91 20.28 -54.20
C TRP H 366 -5.88 20.34 -53.08
N HIS H 367 -4.73 20.92 -53.35
CA HIS H 367 -3.73 21.03 -52.30
C HIS H 367 -4.24 21.96 -51.18
N HIS H 368 -4.60 23.19 -51.53
CA HIS H 368 -5.10 24.15 -50.55
C HIS H 368 -6.33 23.65 -49.80
N SER H 369 -7.24 22.97 -50.51
CA SER H 369 -8.46 22.46 -49.91
C SER H 369 -8.28 21.22 -49.04
N LYS H 370 -7.41 20.32 -49.47
CA LYS H 370 -7.18 19.12 -48.67
C LYS H 370 -6.56 19.45 -47.32
N SER H 371 -5.66 20.45 -47.27
CA SER H 371 -5.03 20.75 -45.99
C SER H 371 -6.05 21.33 -45.01
N ILE H 372 -7.01 22.10 -45.52
CA ILE H 372 -8.04 22.67 -44.65
C ILE H 372 -8.96 21.56 -44.19
N ILE H 373 -9.40 20.73 -45.13
CA ILE H 373 -10.29 19.62 -44.81
C ILE H 373 -9.62 18.65 -43.84
N ALA H 374 -8.32 18.46 -43.98
CA ALA H 374 -7.58 17.58 -43.07
C ALA H 374 -7.65 18.14 -41.64
N GLU H 375 -7.40 19.45 -41.50
CA GLU H 375 -7.43 20.06 -40.18
C GLU H 375 -8.79 19.89 -39.51
N VAL H 376 -9.87 20.03 -40.28
CA VAL H 376 -11.20 19.86 -39.73
C VAL H 376 -11.40 18.42 -39.25
N LEU H 377 -11.03 17.46 -40.08
CA LEU H 377 -11.18 16.05 -39.71
C LEU H 377 -10.39 15.74 -38.44
N ILE H 378 -9.18 16.29 -38.35
CA ILE H 378 -8.34 16.06 -37.19
C ILE H 378 -9.05 16.55 -35.93
N ASP H 379 -9.63 17.74 -35.99
CA ASP H 379 -10.36 18.25 -34.82
C ASP H 379 -11.54 17.33 -34.48
N LYS H 380 -12.37 17.02 -35.47
CA LYS H 380 -13.53 16.16 -35.21
C LYS H 380 -13.16 14.78 -34.68
N TYR H 381 -12.11 14.17 -35.23
CA TYR H 381 -11.67 12.86 -34.75
C TYR H 381 -11.10 12.95 -33.34
N ASP H 382 -10.41 14.06 -33.07
CA ASP H 382 -9.82 14.25 -31.75
C ASP H 382 -10.93 14.36 -30.72
N ASP H 383 -12.00 15.06 -31.06
CA ASP H 383 -13.10 15.23 -30.13
C ASP H 383 -13.78 13.90 -29.75
N ILE H 384 -13.93 12.96 -30.70
CA ILE H 384 -14.54 11.69 -30.33
C ILE H 384 -13.53 10.75 -29.67
N LEU H 385 -12.25 10.93 -29.97
CA LEU H 385 -11.22 10.12 -29.34
C LEU H 385 -11.24 10.55 -27.85
N GLN H 386 -11.46 11.84 -27.65
CA GLN H 386 -11.54 12.43 -26.31
C GLN H 386 -12.75 11.87 -25.56
N ALA H 387 -13.81 11.57 -26.31
CA ALA H 387 -15.03 11.02 -25.71
C ALA H 387 -14.91 9.50 -25.50
N GLY H 388 -13.71 8.97 -25.69
CA GLY H 388 -13.50 7.54 -25.48
C GLY H 388 -13.64 6.65 -26.70
N TRP H 389 -14.03 7.22 -27.84
CA TRP H 389 -14.19 6.43 -29.05
C TRP H 389 -12.82 6.05 -29.60
N GLU H 390 -12.73 4.83 -30.13
CA GLU H 390 -11.48 4.36 -30.68
C GLU H 390 -11.55 4.34 -32.20
N VAL H 391 -11.14 5.43 -32.84
CA VAL H 391 -11.16 5.52 -34.30
C VAL H 391 -9.99 4.70 -34.85
N THR H 392 -10.24 3.90 -35.89
CA THR H 392 -9.15 3.11 -36.48
C THR H 392 -8.70 3.82 -37.74
N GLU H 393 -7.45 3.58 -38.14
CA GLU H 393 -6.92 4.22 -39.34
C GLU H 393 -7.75 3.80 -40.56
N GLU H 394 -8.27 2.59 -40.53
CA GLU H 394 -9.06 2.08 -41.63
C GLU H 394 -10.41 2.82 -41.73
N GLU H 395 -10.99 3.20 -40.61
CA GLU H 395 -12.26 3.92 -40.62
C GLU H 395 -11.99 5.34 -41.15
N ILE H 396 -10.84 5.90 -40.80
CA ILE H 396 -10.47 7.23 -41.26
C ILE H 396 -10.34 7.22 -42.77
N LYS H 397 -9.72 6.17 -43.31
CA LYS H 397 -9.56 6.08 -44.76
C LYS H 397 -10.91 5.95 -45.44
N ARG H 398 -11.82 5.22 -44.81
CA ARG H 398 -13.17 5.04 -45.34
C ARG H 398 -13.89 6.39 -45.39
N ASP H 399 -13.89 7.11 -44.27
CA ASP H 399 -14.53 8.41 -44.19
C ASP H 399 -13.98 9.35 -45.26
N VAL H 400 -12.66 9.36 -45.40
CA VAL H 400 -12.00 10.21 -46.39
C VAL H 400 -12.40 9.82 -47.81
N ALA H 401 -12.58 8.52 -48.06
CA ALA H 401 -12.99 8.07 -49.39
C ALA H 401 -14.40 8.59 -49.67
N ASP H 402 -15.27 8.57 -48.67
CA ASP H 402 -16.65 9.06 -48.84
C ASP H 402 -16.68 10.53 -49.25
N LEU H 403 -15.92 11.34 -48.51
CA LEU H 403 -15.87 12.78 -48.75
C LEU H 403 -15.28 13.20 -50.09
N PHE H 404 -14.15 12.59 -50.46
CA PHE H 404 -13.49 12.95 -51.70
C PHE H 404 -13.92 12.18 -52.96
N SER H 405 -14.71 11.12 -52.79
CA SER H 405 -15.13 10.34 -53.95
C SER H 405 -16.44 9.55 -53.87
N ARG H 406 -16.53 8.63 -52.92
CA ARG H 406 -17.70 7.77 -52.80
C ARG H 406 -19.06 8.44 -52.62
N ASN H 407 -19.13 9.52 -51.85
CA ASN H 407 -20.40 10.19 -51.65
C ASN H 407 -21.00 10.67 -52.96
N PHE H 408 -20.15 11.13 -53.87
CA PHE H 408 -20.63 11.60 -55.16
C PHE H 408 -21.18 10.48 -56.03
N TRP H 409 -20.40 9.41 -56.20
CA TRP H 409 -20.84 8.29 -57.04
C TRP H 409 -22.06 7.59 -56.45
N ARG H 410 -22.11 7.51 -55.13
CA ARG H 410 -23.23 6.88 -54.45
C ARG H 410 -24.48 7.71 -54.70
N PHE H 411 -24.35 9.02 -54.69
CA PHE H 411 -25.50 9.90 -54.90
C PHE H 411 -25.97 9.92 -56.36
N VAL H 412 -25.04 10.01 -57.31
CA VAL H 412 -25.41 10.03 -58.72
C VAL H 412 -25.86 8.66 -59.19
N GLY H 413 -25.52 7.63 -58.42
CA GLY H 413 -25.91 6.28 -58.78
C GLY H 413 -25.01 5.69 -59.85
N ARG H 414 -23.70 5.89 -59.68
CA ARG H 414 -22.70 5.39 -60.61
C ARG H 414 -21.53 4.76 -59.87
N SER I 2 18.10 35.61 -44.49
CA SER I 2 16.84 35.67 -45.31
C SER I 2 15.65 35.15 -44.52
N ILE I 3 14.48 35.23 -45.13
CA ILE I 3 13.25 34.78 -44.50
C ILE I 3 12.89 33.42 -45.06
N ASN I 4 13.17 32.36 -44.29
CA ASN I 4 12.87 31.02 -44.77
C ASN I 4 12.06 30.13 -43.81
N SER I 5 11.33 30.75 -42.89
CA SER I 5 10.49 29.99 -41.97
C SER I 5 9.36 30.85 -41.44
N ARG I 6 8.28 30.21 -40.99
CA ARG I 6 7.16 30.97 -40.45
C ARG I 6 7.65 31.79 -39.25
N GLU I 7 8.56 31.22 -38.48
CA GLU I 7 9.11 31.90 -37.30
C GLU I 7 9.88 33.18 -37.65
N VAL I 8 10.69 33.14 -38.70
CA VAL I 8 11.45 34.32 -39.09
C VAL I 8 10.46 35.33 -39.62
N LEU I 9 9.53 34.83 -40.42
CA LEU I 9 8.50 35.65 -41.01
C LEU I 9 7.69 36.38 -39.94
N ALA I 10 7.25 35.64 -38.91
CA ALA I 10 6.46 36.22 -37.83
C ALA I 10 7.19 37.43 -37.25
N GLU I 11 8.48 37.28 -37.05
CA GLU I 11 9.29 38.34 -36.51
C GLU I 11 9.31 39.57 -37.43
N LYS I 12 9.64 39.35 -38.70
CA LYS I 12 9.72 40.43 -39.68
C LYS I 12 8.39 41.14 -39.89
N VAL I 13 7.31 40.36 -39.97
CA VAL I 13 5.99 40.95 -40.16
C VAL I 13 5.60 41.81 -38.95
N LYS I 14 5.71 41.25 -37.75
CA LYS I 14 5.35 42.00 -36.55
C LYS I 14 6.15 43.31 -36.47
N ASN I 15 7.46 43.23 -36.73
CA ASN I 15 8.30 44.42 -36.67
C ASN I 15 7.85 45.47 -37.68
N ALA I 16 7.60 45.05 -38.91
CA ALA I 16 7.17 45.96 -39.97
C ALA I 16 5.84 46.64 -39.62
N VAL I 17 4.86 45.82 -39.22
CA VAL I 17 3.56 46.33 -38.85
C VAL I 17 3.69 47.32 -37.67
N ASN I 18 4.45 46.92 -36.65
CA ASN I 18 4.68 47.76 -35.48
C ASN I 18 5.38 49.08 -35.84
N ASN I 19 6.32 49.02 -36.77
CA ASN I 19 7.05 50.23 -37.14
C ASN I 19 6.42 51.12 -38.20
N GLN I 20 5.45 50.58 -38.94
CA GLN I 20 4.81 51.36 -39.99
C GLN I 20 3.96 52.52 -39.48
N PRO I 21 4.30 53.76 -39.89
CA PRO I 21 3.55 54.94 -39.46
C PRO I 21 2.14 54.79 -40.04
N VAL I 22 1.13 55.04 -39.22
CA VAL I 22 -0.26 54.88 -39.66
C VAL I 22 -0.99 56.15 -40.09
N THR I 23 -1.77 56.02 -41.15
CA THR I 23 -2.63 57.11 -41.59
C THR I 23 -4.00 56.59 -41.18
N ASP I 24 -4.65 57.27 -40.25
CA ASP I 24 -5.97 56.90 -39.74
C ASP I 24 -7.00 57.68 -40.56
N MET I 25 -7.53 57.07 -41.62
CA MET I 25 -8.44 57.78 -42.50
C MET I 25 -9.88 58.11 -42.09
N HIS I 26 -10.23 57.86 -40.83
CA HIS I 26 -11.55 58.22 -40.31
C HIS I 26 -11.56 58.23 -38.80
N THR I 27 -11.64 59.42 -38.22
CA THR I 27 -11.69 59.56 -36.77
C THR I 27 -12.63 60.70 -36.43
N HIS I 28 -12.84 60.92 -35.14
CA HIS I 28 -13.69 62.00 -34.65
C HIS I 28 -12.81 62.85 -33.73
N LEU I 29 -11.56 63.02 -34.14
CA LEU I 29 -10.58 63.81 -33.41
C LEU I 29 -10.43 65.11 -34.19
N PHE I 30 -9.78 66.09 -33.58
CA PHE I 30 -9.58 67.39 -34.23
C PHE I 30 -8.18 67.92 -33.90
N SER I 31 -7.63 68.74 -34.80
CA SER I 31 -6.32 69.34 -34.55
C SER I 31 -6.46 70.02 -33.19
N PRO I 32 -5.44 69.92 -32.34
CA PRO I 32 -5.48 70.54 -31.00
C PRO I 32 -5.85 72.02 -30.95
N ASN I 33 -5.45 72.78 -31.96
CA ASN I 33 -5.73 74.21 -31.98
C ASN I 33 -7.21 74.54 -32.19
N PHE I 34 -8.04 73.52 -32.41
CA PHE I 34 -9.47 73.74 -32.61
C PHE I 34 -10.19 73.87 -31.28
N GLY I 35 -9.45 73.70 -30.19
CA GLY I 35 -10.04 73.84 -28.87
C GLY I 35 -10.49 72.56 -28.18
N GLU I 36 -11.35 72.74 -27.18
CA GLU I 36 -11.88 71.65 -26.38
C GLU I 36 -12.67 70.60 -27.14
N ILE I 37 -13.00 70.90 -28.39
CA ILE I 37 -13.75 69.97 -29.21
C ILE I 37 -12.95 68.66 -29.30
N LEU I 38 -11.66 68.74 -29.05
CA LEU I 38 -10.77 67.58 -29.06
C LEU I 38 -10.85 66.97 -27.67
N LEU I 39 -11.41 65.77 -27.59
CA LEU I 39 -11.54 65.12 -26.30
C LEU I 39 -10.32 64.28 -25.97
N TRP I 40 -9.97 64.22 -24.69
CA TRP I 40 -8.86 63.43 -24.20
C TRP I 40 -8.87 63.34 -22.68
N ASP I 41 -8.18 62.30 -22.18
CA ASP I 41 -8.01 61.97 -20.76
C ASP I 41 -8.84 60.76 -20.33
N ILE I 42 -8.50 60.19 -19.18
CA ILE I 42 -9.18 59.02 -18.67
C ILE I 42 -10.70 59.15 -18.49
N ASP I 43 -11.17 60.34 -18.12
CA ASP I 43 -12.61 60.53 -17.95
C ASP I 43 -13.32 60.48 -19.30
N GLU I 44 -12.70 61.03 -20.33
CA GLU I 44 -13.29 60.99 -21.66
C GLU I 44 -13.34 59.55 -22.14
N LEU I 45 -12.23 58.83 -21.97
CA LEU I 45 -12.16 57.43 -22.38
C LEU I 45 -13.26 56.60 -21.71
N LEU I 46 -13.41 56.78 -20.41
CA LEU I 46 -14.41 56.04 -19.65
C LEU I 46 -15.85 56.39 -20.01
N THR I 47 -16.08 57.57 -20.59
CA THR I 47 -17.42 57.99 -20.96
C THR I 47 -17.70 57.95 -22.46
N TYR I 48 -16.86 57.21 -23.18
CA TYR I 48 -17.00 56.99 -24.63
C TYR I 48 -18.38 56.33 -24.73
N HIS I 49 -19.19 56.68 -25.73
CA HIS I 49 -20.54 56.11 -25.77
C HIS I 49 -20.61 54.59 -25.79
N TYR I 50 -19.55 53.92 -26.26
CA TYR I 50 -19.54 52.46 -26.26
C TYR I 50 -19.73 51.98 -24.82
N LEU I 51 -19.03 52.62 -23.88
CA LEU I 51 -19.15 52.22 -22.47
C LEU I 51 -20.46 52.68 -21.84
N VAL I 52 -21.08 53.71 -22.40
CA VAL I 52 -22.36 54.18 -21.88
C VAL I 52 -23.39 53.10 -22.13
N ALA I 53 -23.40 52.58 -23.35
CA ALA I 53 -24.33 51.51 -23.72
C ALA I 53 -24.09 50.31 -22.82
N GLU I 54 -22.82 49.96 -22.62
CA GLU I 54 -22.49 48.81 -21.80
C GLU I 54 -22.81 48.98 -20.32
N VAL I 55 -22.52 50.15 -19.76
CA VAL I 55 -22.79 50.36 -18.34
C VAL I 55 -24.29 50.29 -18.07
N MET I 56 -25.10 50.70 -19.04
CA MET I 56 -26.55 50.69 -18.88
C MET I 56 -27.19 49.31 -18.80
N ARG I 57 -26.45 48.28 -19.21
CA ARG I 57 -26.99 46.92 -19.14
C ARG I 57 -26.79 46.37 -17.74
N TRP I 58 -25.98 47.06 -16.93
CA TRP I 58 -25.68 46.63 -15.58
C TRP I 58 -26.22 47.50 -14.44
N THR I 59 -25.95 48.80 -14.51
CA THR I 59 -26.34 49.75 -13.46
C THR I 59 -27.84 49.98 -13.36
N ASP I 60 -28.32 50.22 -12.14
CA ASP I 60 -29.75 50.48 -11.98
C ASP I 60 -29.94 51.99 -11.86
N VAL I 61 -28.89 52.72 -12.23
CA VAL I 61 -28.93 54.18 -12.25
C VAL I 61 -29.64 54.47 -13.56
N SER I 62 -30.71 55.27 -13.52
CA SER I 62 -31.46 55.59 -14.72
C SER I 62 -30.60 56.34 -15.72
N ILE I 63 -30.96 56.26 -16.99
CA ILE I 63 -30.22 56.94 -18.04
C ILE I 63 -30.35 58.45 -17.88
N GLU I 64 -31.52 58.90 -17.43
CA GLU I 64 -31.73 60.32 -17.22
C GLU I 64 -30.78 60.78 -16.12
N ALA I 65 -30.69 59.98 -15.06
CA ALA I 65 -29.81 60.29 -13.94
C ALA I 65 -28.37 60.34 -14.41
N PHE I 66 -27.97 59.36 -15.23
CA PHE I 66 -26.61 59.29 -15.73
C PHE I 66 -26.23 60.59 -16.46
N TRP I 67 -27.09 61.03 -17.38
CA TRP I 67 -26.84 62.24 -18.13
C TRP I 67 -26.76 63.46 -17.22
N ALA I 68 -27.44 63.38 -16.08
CA ALA I 68 -27.47 64.47 -15.11
C ALA I 68 -26.19 64.52 -14.27
N MET I 69 -25.42 63.43 -14.28
CA MET I 69 -24.18 63.37 -13.51
C MET I 69 -23.10 64.18 -14.21
N SER I 70 -22.05 64.55 -13.46
CA SER I 70 -20.95 65.29 -14.04
C SER I 70 -20.07 64.29 -14.78
N LYS I 71 -19.18 64.79 -15.62
CA LYS I 71 -18.29 63.92 -16.38
C LYS I 71 -17.52 62.99 -15.46
N ARG I 72 -17.02 63.51 -14.36
CA ARG I 72 -16.26 62.71 -13.42
C ARG I 72 -17.15 61.69 -12.71
N GLU I 73 -18.40 62.07 -12.45
CA GLU I 73 -19.32 61.16 -11.78
C GLU I 73 -19.67 59.98 -12.69
N GLN I 74 -19.79 60.26 -13.99
CA GLN I 74 -20.12 59.22 -14.95
C GLN I 74 -18.96 58.24 -15.05
N ALA I 75 -17.74 58.79 -15.13
CA ALA I 75 -16.53 57.98 -15.24
C ALA I 75 -16.39 57.08 -14.01
N ASP I 76 -16.70 57.62 -12.82
CA ASP I 76 -16.62 56.83 -11.61
C ASP I 76 -17.64 55.71 -11.66
N LEU I 77 -18.83 56.00 -12.17
CA LEU I 77 -19.88 55.00 -12.26
C LEU I 77 -19.48 53.88 -13.24
N ILE I 78 -19.09 54.27 -14.43
CA ILE I 78 -18.70 53.29 -15.44
C ILE I 78 -17.53 52.43 -14.96
N TRP I 79 -16.53 53.06 -14.33
CA TRP I 79 -15.36 52.35 -13.81
C TRP I 79 -15.78 51.34 -12.76
N GLU I 80 -16.73 51.74 -11.90
CA GLU I 80 -17.22 50.87 -10.84
C GLU I 80 -18.07 49.72 -11.37
N GLU I 81 -18.96 50.03 -12.29
CA GLU I 81 -19.86 49.02 -12.87
C GLU I 81 -19.20 48.04 -13.84
N LEU I 82 -18.36 48.55 -14.74
CA LEU I 82 -17.72 47.71 -15.76
C LEU I 82 -16.32 47.16 -15.50
N PHE I 83 -15.62 47.68 -14.49
CA PHE I 83 -14.25 47.23 -14.21
C PHE I 83 -14.10 46.56 -12.85
N ILE I 84 -14.81 47.09 -11.85
CA ILE I 84 -14.73 46.55 -10.50
C ILE I 84 -15.78 45.49 -10.19
N LYS I 85 -17.04 45.76 -10.51
CA LYS I 85 -18.13 44.81 -10.23
C LYS I 85 -18.14 43.57 -11.14
N ARG I 86 -17.55 43.72 -12.32
CA ARG I 86 -17.44 42.64 -13.32
C ARG I 86 -16.11 42.91 -14.01
N SER I 87 -15.41 41.85 -14.41
CA SER I 87 -14.13 42.03 -15.07
C SER I 87 -14.30 42.76 -16.39
N PRO I 88 -13.39 43.71 -16.69
CA PRO I 88 -13.43 44.51 -17.91
C PRO I 88 -12.98 43.73 -19.16
N VAL I 89 -13.71 42.67 -19.50
CA VAL I 89 -13.36 41.84 -20.64
C VAL I 89 -13.85 42.28 -22.02
N SER I 90 -14.83 43.17 -22.08
CA SER I 90 -15.34 43.62 -23.37
C SER I 90 -14.22 44.33 -24.14
N GLU I 91 -14.37 44.43 -25.45
CA GLU I 91 -13.35 45.09 -26.26
C GLU I 91 -13.17 46.56 -25.89
N ALA I 92 -14.29 47.26 -25.69
CA ALA I 92 -14.24 48.67 -25.32
C ALA I 92 -13.51 48.89 -23.99
N CYS I 93 -13.82 48.07 -22.99
CA CYS I 93 -13.19 48.17 -21.67
C CYS I 93 -11.70 47.80 -21.72
N ARG I 94 -11.38 46.75 -22.48
CA ARG I 94 -10.02 46.29 -22.65
C ARG I 94 -9.26 47.46 -23.26
N GLY I 95 -9.92 48.16 -24.16
CA GLY I 95 -9.33 49.31 -24.82
C GLY I 95 -8.81 50.35 -23.85
N VAL I 96 -9.67 50.76 -22.91
CA VAL I 96 -9.25 51.76 -21.93
C VAL I 96 -7.98 51.31 -21.23
N LEU I 97 -7.93 50.04 -20.84
CA LEU I 97 -6.77 49.50 -20.16
C LEU I 97 -5.51 49.61 -21.02
N THR I 98 -5.64 49.21 -22.29
CA THR I 98 -4.51 49.28 -23.21
C THR I 98 -3.99 50.72 -23.31
N CYS I 99 -4.91 51.69 -23.29
CA CYS I 99 -4.52 53.09 -23.36
C CYS I 99 -3.71 53.47 -22.13
N LEU I 100 -4.22 53.13 -20.95
CA LEU I 100 -3.54 53.43 -19.71
C LEU I 100 -2.13 52.84 -19.70
N GLN I 101 -2.03 51.54 -19.95
CA GLN I 101 -0.75 50.87 -19.97
C GLN I 101 0.24 51.58 -20.89
N GLY I 102 -0.19 51.88 -22.11
CA GLY I 102 0.68 52.54 -23.07
C GLY I 102 1.22 53.87 -22.57
N LEU I 103 0.46 54.54 -21.71
CA LEU I 103 0.88 55.83 -21.19
C LEU I 103 1.81 55.71 -19.98
N GLY I 104 2.13 54.47 -19.61
CA GLY I 104 3.00 54.26 -18.47
C GLY I 104 2.24 54.09 -17.17
N LEU I 105 0.91 54.16 -17.26
CA LEU I 105 0.06 53.99 -16.09
C LEU I 105 -0.20 52.49 -15.92
N ASP I 106 -0.27 52.03 -14.68
CA ASP I 106 -0.48 50.61 -14.42
C ASP I 106 -1.90 50.21 -14.00
N PRO I 107 -2.62 49.51 -14.87
CA PRO I 107 -3.99 49.05 -14.60
C PRO I 107 -4.04 48.08 -13.42
N ALA I 108 -2.90 47.44 -13.16
CA ALA I 108 -2.78 46.48 -12.06
C ALA I 108 -3.19 47.08 -10.72
N THR I 109 -2.86 48.35 -10.50
CA THR I 109 -3.20 49.02 -9.25
C THR I 109 -4.66 49.43 -9.21
N ARG I 110 -5.26 49.66 -10.38
CA ARG I 110 -6.65 50.08 -10.47
C ARG I 110 -6.80 51.41 -9.73
N ASP I 111 -5.73 52.21 -9.74
CA ASP I 111 -5.74 53.50 -9.05
C ASP I 111 -6.22 54.61 -9.97
N LEU I 112 -7.54 54.73 -10.10
CA LEU I 112 -8.13 55.74 -10.98
C LEU I 112 -7.75 57.18 -10.67
N GLN I 113 -7.64 57.53 -9.40
CA GLN I 113 -7.27 58.90 -9.04
C GLN I 113 -5.85 59.18 -9.53
N VAL I 114 -4.96 58.20 -9.35
CA VAL I 114 -3.58 58.36 -9.80
C VAL I 114 -3.54 58.52 -11.32
N TYR I 115 -4.38 57.77 -12.04
CA TYR I 115 -4.40 57.86 -13.50
C TYR I 115 -4.81 59.27 -13.90
N ARG I 116 -5.76 59.82 -13.15
CA ARG I 116 -6.27 61.17 -13.43
C ARG I 116 -5.20 62.25 -13.24
N GLU I 117 -4.32 62.07 -12.27
CA GLU I 117 -3.27 63.04 -12.01
C GLU I 117 -2.35 63.19 -13.22
N TYR I 118 -2.16 62.09 -13.96
CA TYR I 118 -1.31 62.10 -15.15
C TYR I 118 -1.75 63.16 -16.16
N PHE I 119 -3.01 63.07 -16.58
CA PHE I 119 -3.57 63.99 -17.57
C PHE I 119 -3.69 65.43 -17.09
N ALA I 120 -4.14 65.59 -15.84
CA ALA I 120 -4.32 66.91 -15.25
C ALA I 120 -3.10 67.82 -15.43
N LYS I 121 -1.91 67.25 -15.37
CA LYS I 121 -0.69 68.05 -15.48
C LYS I 121 -0.11 68.13 -16.90
N LYS I 122 -0.98 68.13 -17.90
CA LYS I 122 -0.54 68.21 -19.29
C LYS I 122 -1.48 69.09 -20.11
N THR I 123 -1.00 69.53 -21.27
CA THR I 123 -1.81 70.35 -22.15
C THR I 123 -2.28 69.45 -23.30
N SER I 124 -3.13 69.99 -24.16
CA SER I 124 -3.65 69.22 -25.29
C SER I 124 -2.57 68.94 -26.32
N GLU I 125 -1.80 69.96 -26.66
CA GLU I 125 -0.73 69.82 -27.64
C GLU I 125 0.30 68.80 -27.17
N GLU I 126 0.53 68.75 -25.86
CA GLU I 126 1.50 67.82 -25.31
C GLU I 126 0.97 66.39 -25.38
N GLN I 127 -0.31 66.22 -25.09
CA GLN I 127 -0.90 64.88 -25.12
C GLN I 127 -0.97 64.32 -26.53
N VAL I 128 -1.20 65.19 -27.52
CA VAL I 128 -1.28 64.72 -28.90
C VAL I 128 0.09 64.25 -29.37
N ASP I 129 1.14 65.00 -29.04
CA ASP I 129 2.48 64.61 -29.44
C ASP I 129 2.79 63.25 -28.83
N THR I 130 2.46 63.10 -27.56
CA THR I 130 2.68 61.86 -26.83
C THR I 130 1.88 60.72 -27.44
N VAL I 131 0.58 60.92 -27.61
CA VAL I 131 -0.28 59.89 -28.16
C VAL I 131 0.06 59.48 -29.59
N LEU I 132 0.19 60.45 -30.49
CA LEU I 132 0.51 60.10 -31.87
C LEU I 132 1.85 59.37 -31.93
N GLN I 133 2.72 59.66 -30.98
CA GLN I 133 4.04 59.05 -30.93
C GLN I 133 3.92 57.61 -30.44
N LEU I 134 3.14 57.42 -29.38
CA LEU I 134 2.92 56.10 -28.83
C LEU I 134 2.16 55.18 -29.77
N ALA I 135 1.16 55.71 -30.46
CA ALA I 135 0.36 54.90 -31.38
C ALA I 135 0.95 54.86 -32.77
N ASN I 136 2.06 55.57 -32.96
CA ASN I 136 2.74 55.62 -34.25
C ASN I 136 1.77 56.01 -35.37
N VAL I 137 1.02 57.08 -35.15
CA VAL I 137 0.08 57.59 -36.14
C VAL I 137 0.67 58.87 -36.72
N SER I 138 0.96 58.88 -38.02
CA SER I 138 1.53 60.08 -38.63
C SER I 138 0.48 61.03 -39.17
N ASP I 139 -0.68 60.49 -39.52
CA ASP I 139 -1.74 61.30 -40.08
C ASP I 139 -3.12 60.92 -39.56
N VAL I 140 -3.90 61.93 -39.21
CA VAL I 140 -5.26 61.72 -38.71
C VAL I 140 -6.25 62.46 -39.60
N VAL I 141 -7.26 61.73 -40.06
CA VAL I 141 -8.32 62.33 -40.88
C VAL I 141 -9.49 62.59 -39.95
N MET I 142 -9.94 63.84 -39.91
CA MET I 142 -11.05 64.25 -39.05
C MET I 142 -12.38 64.10 -39.78
N THR I 143 -13.45 64.34 -39.03
CA THR I 143 -14.81 64.31 -39.57
C THR I 143 -15.27 65.75 -39.29
N ASN I 144 -15.28 66.59 -40.32
CA ASN I 144 -15.65 67.98 -40.14
C ASN I 144 -17.06 68.30 -40.63
N ASP I 145 -17.92 68.63 -39.68
CA ASP I 145 -19.32 68.92 -39.94
C ASP I 145 -19.65 70.41 -39.99
N PRO I 146 -19.74 70.96 -41.21
CA PRO I 146 -20.04 72.38 -41.43
C PRO I 146 -21.41 72.79 -40.91
N PHE I 147 -22.21 71.80 -40.53
CA PHE I 147 -23.55 72.05 -40.00
C PHE I 147 -23.55 72.19 -38.48
N ASP I 148 -22.41 71.92 -37.85
CA ASP I 148 -22.30 72.08 -36.41
C ASP I 148 -21.82 73.51 -36.20
N ASP I 149 -22.63 74.33 -35.53
CA ASP I 149 -22.29 75.72 -35.30
C ASP I 149 -20.89 75.93 -34.73
N ASN I 150 -20.53 75.14 -33.73
CA ASN I 150 -19.23 75.24 -33.10
C ASN I 150 -18.06 74.89 -34.02
N GLU I 151 -18.27 73.97 -34.95
CA GLU I 151 -17.21 73.59 -35.87
C GLU I 151 -17.10 74.60 -37.00
N ARG I 152 -18.24 74.98 -37.57
CA ARG I 152 -18.27 75.93 -38.67
C ARG I 152 -17.60 77.26 -38.31
N ILE I 153 -17.77 77.70 -37.07
CA ILE I 153 -17.19 78.96 -36.65
C ILE I 153 -15.66 78.92 -36.67
N SER I 154 -15.07 77.80 -36.24
CA SER I 154 -13.61 77.69 -36.24
C SER I 154 -13.07 77.84 -37.65
N TRP I 155 -13.73 77.20 -38.61
CA TRP I 155 -13.29 77.28 -40.00
C TRP I 155 -13.48 78.68 -40.56
N LEU I 156 -14.62 79.29 -40.25
CA LEU I 156 -14.92 80.63 -40.73
C LEU I 156 -13.91 81.63 -40.19
N GLU I 157 -13.46 81.41 -38.95
CA GLU I 157 -12.50 82.32 -38.35
C GLU I 157 -11.09 82.08 -38.88
N GLY I 158 -10.97 81.17 -39.84
CA GLY I 158 -9.68 80.89 -40.43
C GLY I 158 -8.83 79.85 -39.73
N LYS I 159 -9.43 79.08 -38.82
CA LYS I 159 -8.68 78.04 -38.12
C LYS I 159 -8.19 76.98 -39.09
N GLN I 160 -6.93 76.61 -38.97
CA GLN I 160 -6.31 75.61 -39.84
C GLN I 160 -5.76 74.46 -39.01
N PRO I 161 -5.88 73.22 -39.52
CA PRO I 161 -5.38 72.04 -38.82
C PRO I 161 -3.87 71.97 -38.99
N ASP I 162 -3.14 71.48 -37.98
CA ASP I 162 -1.70 71.38 -38.19
C ASP I 162 -1.46 70.26 -39.20
N SER I 163 -0.24 70.20 -39.72
CA SER I 163 0.18 69.25 -40.74
C SER I 163 -0.20 67.77 -40.51
N ARG I 164 -0.47 67.40 -39.27
CA ARG I 164 -0.80 66.02 -38.96
C ARG I 164 -2.28 65.67 -39.11
N PHE I 165 -3.14 66.68 -39.09
CA PHE I 165 -4.58 66.46 -39.19
C PHE I 165 -5.19 66.89 -40.52
N HIS I 166 -5.95 66.00 -41.13
CA HIS I 166 -6.58 66.28 -42.41
C HIS I 166 -8.10 66.33 -42.30
N ALA I 167 -8.70 67.14 -43.15
CA ALA I 167 -10.13 67.34 -43.13
C ALA I 167 -10.91 66.43 -44.07
N ALA I 168 -12.14 66.14 -43.66
CA ALA I 168 -13.05 65.33 -44.45
C ALA I 168 -14.39 66.04 -44.28
N LEU I 169 -14.97 66.45 -45.40
CA LEU I 169 -16.24 67.16 -45.42
C LEU I 169 -17.44 66.21 -45.21
N ARG I 170 -17.99 66.21 -43.99
CA ARG I 170 -19.14 65.37 -43.62
C ARG I 170 -20.44 66.07 -44.02
N LEU I 171 -21.31 65.35 -44.74
CA LEU I 171 -22.55 65.95 -45.24
C LEU I 171 -23.90 65.33 -44.85
N ASP I 172 -23.93 64.57 -43.75
CA ASP I 172 -25.17 63.93 -43.31
C ASP I 172 -26.42 64.82 -43.29
N PRO I 173 -26.35 66.00 -42.64
CA PRO I 173 -27.52 66.88 -42.58
C PRO I 173 -28.01 67.29 -43.96
N LEU I 174 -27.08 67.49 -44.88
CA LEU I 174 -27.41 67.89 -46.25
C LEU I 174 -28.08 66.77 -47.07
N LEU I 175 -27.49 65.57 -47.03
CA LEU I 175 -28.01 64.44 -47.80
C LEU I 175 -29.19 63.68 -47.18
N ASN I 176 -29.23 63.60 -45.86
CA ASN I 176 -30.30 62.85 -45.18
C ASN I 176 -31.40 63.70 -44.54
N GLU I 177 -31.22 65.01 -44.50
CA GLU I 177 -32.22 65.88 -43.87
C GLU I 177 -32.35 67.20 -44.62
N TYR I 178 -32.35 67.11 -45.95
CA TYR I 178 -32.43 68.29 -46.80
C TYR I 178 -33.65 69.16 -46.51
N GLU I 179 -34.81 68.54 -46.31
CA GLU I 179 -36.05 69.27 -46.03
C GLU I 179 -35.90 70.25 -44.88
N GLN I 180 -35.13 69.87 -43.87
CA GLN I 180 -34.92 70.72 -42.70
C GLN I 180 -33.65 71.55 -42.85
N THR I 181 -32.71 71.04 -43.62
CA THR I 181 -31.43 71.70 -43.82
C THR I 181 -31.42 72.78 -44.91
N LYS I 182 -32.17 72.55 -45.98
CA LYS I 182 -32.22 73.51 -47.09
C LYS I 182 -32.48 74.93 -46.62
N HIS I 183 -33.13 75.07 -45.47
CA HIS I 183 -33.44 76.38 -44.93
C HIS I 183 -32.21 77.00 -44.29
N ARG I 184 -31.31 76.17 -43.79
CA ARG I 184 -30.08 76.68 -43.19
C ARG I 184 -29.21 77.20 -44.32
N LEU I 185 -29.27 76.52 -45.47
CA LEU I 185 -28.52 76.92 -46.64
C LEU I 185 -28.96 78.32 -47.05
N ARG I 186 -30.28 78.54 -47.08
CA ARG I 186 -30.83 79.84 -47.45
C ARG I 186 -30.23 80.90 -46.54
N ASP I 187 -30.39 80.68 -45.23
CA ASP I 187 -29.87 81.59 -44.22
C ASP I 187 -28.38 81.87 -44.34
N TRP I 188 -27.65 80.98 -44.99
CA TRP I 188 -26.20 81.18 -45.16
C TRP I 188 -25.86 81.86 -46.49
N GLY I 189 -26.84 81.98 -47.37
CA GLY I 189 -26.59 82.64 -48.64
C GLY I 189 -26.76 81.78 -49.89
N TYR I 190 -27.09 80.51 -49.70
CA TYR I 190 -27.27 79.60 -50.84
C TYR I 190 -28.73 79.60 -51.26
N LYS I 191 -28.97 80.11 -52.47
CA LYS I 191 -30.29 80.25 -53.05
C LYS I 191 -31.01 78.97 -53.49
N VAL I 192 -31.13 78.01 -52.59
CA VAL I 192 -31.83 76.77 -52.93
C VAL I 192 -33.31 77.10 -53.03
N ASN I 193 -33.92 76.77 -54.15
CA ASN I 193 -35.33 77.04 -54.38
C ASN I 193 -36.23 75.96 -53.79
N ASP I 194 -37.50 76.30 -53.56
CA ASP I 194 -38.44 75.35 -53.00
C ASP I 194 -38.52 74.08 -53.85
N GLU I 195 -38.41 74.24 -55.16
CA GLU I 195 -38.43 73.10 -56.06
C GLU I 195 -37.00 72.74 -56.46
N TRP I 196 -36.80 71.55 -57.00
CA TRP I 196 -35.47 71.12 -57.41
C TRP I 196 -35.20 71.50 -58.85
N ASN I 197 -34.90 72.77 -59.08
CA ASN I 197 -34.60 73.27 -60.41
C ASN I 197 -33.10 73.52 -60.56
N GLU I 198 -32.70 74.05 -61.72
CA GLU I 198 -31.30 74.32 -62.00
C GLU I 198 -30.68 75.22 -60.95
N GLY I 199 -31.44 76.19 -60.47
CA GLY I 199 -30.94 77.12 -59.47
C GLY I 199 -30.55 76.41 -58.18
N SER I 200 -31.44 75.54 -57.70
CA SER I 200 -31.20 74.78 -56.48
C SER I 200 -29.96 73.88 -56.64
N ILE I 201 -29.84 73.27 -57.82
CA ILE I 201 -28.72 72.38 -58.11
C ILE I 201 -27.38 73.12 -58.05
N GLN I 202 -27.32 74.27 -58.71
CA GLN I 202 -26.10 75.06 -58.73
C GLN I 202 -25.73 75.60 -57.35
N GLU I 203 -26.73 76.00 -56.57
CA GLU I 203 -26.46 76.54 -55.24
C GLU I 203 -25.98 75.47 -54.27
N VAL I 204 -26.42 74.24 -54.45
CA VAL I 204 -25.97 73.16 -53.59
C VAL I 204 -24.51 72.87 -53.95
N LYS I 205 -24.21 72.90 -55.25
CA LYS I 205 -22.86 72.67 -55.72
C LYS I 205 -21.93 73.78 -55.23
N ARG I 206 -22.44 75.01 -55.16
CA ARG I 206 -21.67 76.15 -54.68
C ARG I 206 -21.30 75.90 -53.22
N PHE I 207 -22.28 75.43 -52.45
CA PHE I 207 -22.06 75.11 -51.05
C PHE I 207 -20.92 74.10 -50.88
N LEU I 208 -20.98 73.02 -51.66
CA LEU I 208 -19.94 71.99 -51.60
C LEU I 208 -18.59 72.58 -52.00
N THR I 209 -18.58 73.30 -53.13
CA THR I 209 -17.36 73.91 -53.63
C THR I 209 -16.77 74.90 -52.62
N ASP I 210 -17.64 75.67 -51.96
CA ASP I 210 -17.17 76.63 -50.97
C ASP I 210 -16.45 75.91 -49.84
N TRP I 211 -17.05 74.83 -49.33
CA TRP I 211 -16.42 74.11 -48.24
C TRP I 211 -15.22 73.30 -48.68
N ILE I 212 -15.21 72.86 -49.93
CA ILE I 212 -14.07 72.11 -50.44
C ILE I 212 -12.87 73.06 -50.40
N GLU I 213 -13.06 74.28 -50.89
CA GLU I 213 -11.98 75.26 -50.89
C GLU I 213 -11.56 75.66 -49.48
N ARG I 214 -12.51 75.69 -48.56
CA ARG I 214 -12.21 76.07 -47.19
C ARG I 214 -11.55 74.97 -46.36
N MET I 215 -11.92 73.72 -46.60
CA MET I 215 -11.36 72.60 -45.84
C MET I 215 -10.29 71.80 -46.56
N ASP I 216 -10.29 71.85 -47.89
CA ASP I 216 -9.35 71.07 -48.69
C ASP I 216 -9.45 69.65 -48.13
N PRO I 217 -10.65 69.06 -48.15
CA PRO I 217 -10.93 67.72 -47.63
C PRO I 217 -10.32 66.59 -48.46
N VAL I 218 -9.94 65.51 -47.79
CA VAL I 218 -9.38 64.35 -48.48
C VAL I 218 -10.51 63.61 -49.19
N TYR I 219 -11.73 63.78 -48.67
CA TYR I 219 -12.93 63.18 -49.26
C TYR I 219 -14.20 63.73 -48.64
N MET I 220 -15.32 63.58 -49.35
CA MET I 220 -16.62 64.01 -48.86
C MET I 220 -17.22 62.71 -48.32
N ALA I 221 -18.00 62.80 -47.26
CA ALA I 221 -18.53 61.59 -46.65
C ALA I 221 -19.96 61.69 -46.13
N VAL I 222 -20.55 60.52 -45.89
CA VAL I 222 -21.90 60.44 -45.36
C VAL I 222 -22.14 59.05 -44.77
N SER I 223 -22.92 58.98 -43.70
CA SER I 223 -23.25 57.67 -43.15
C SER I 223 -24.69 57.46 -43.63
N LEU I 224 -25.02 56.25 -44.06
CA LEU I 224 -26.33 55.93 -44.60
C LEU I 224 -27.07 54.78 -43.90
N PRO I 225 -28.41 54.77 -44.00
CA PRO I 225 -29.23 53.72 -43.38
C PRO I 225 -29.21 52.42 -44.16
N PRO I 226 -29.63 51.30 -43.53
CA PRO I 226 -29.67 50.00 -44.18
C PRO I 226 -30.53 50.01 -45.43
N THR I 227 -31.51 50.93 -45.46
CA THR I 227 -32.41 51.05 -46.60
C THR I 227 -31.87 51.91 -47.74
N PHE I 228 -30.62 52.33 -47.62
CA PHE I 228 -30.03 53.17 -48.67
C PHE I 228 -30.28 52.59 -50.06
N SER I 229 -30.65 53.45 -50.99
CA SER I 229 -30.93 53.00 -52.35
C SER I 229 -30.54 54.09 -53.34
N PHE I 230 -30.17 53.69 -54.55
CA PHE I 230 -29.78 54.64 -55.59
C PHE I 230 -29.71 53.92 -56.94
N PRO I 231 -30.25 54.53 -58.01
CA PRO I 231 -30.94 55.83 -58.05
C PRO I 231 -32.16 55.90 -57.14
N GLU I 232 -32.63 57.11 -56.86
CA GLU I 232 -33.80 57.28 -56.01
C GLU I 232 -34.34 58.69 -56.11
N GLU I 233 -35.64 58.80 -56.40
CA GLU I 233 -36.26 60.11 -56.49
C GLU I 233 -36.59 60.62 -55.09
N SER I 234 -35.55 61.13 -54.44
CA SER I 234 -35.62 61.70 -53.10
C SER I 234 -34.60 62.84 -53.12
N ASN I 235 -34.55 63.62 -52.05
CA ASN I 235 -33.59 64.71 -52.01
C ASN I 235 -32.17 64.13 -52.00
N ARG I 236 -32.00 63.02 -51.30
CA ARG I 236 -30.68 62.39 -51.21
C ARG I 236 -30.22 61.89 -52.57
N GLY I 237 -31.11 61.17 -53.26
CA GLY I 237 -30.76 60.65 -54.57
C GLY I 237 -30.52 61.75 -55.58
N ARG I 238 -31.31 62.82 -55.49
CA ARG I 238 -31.16 63.94 -56.42
C ARG I 238 -29.89 64.75 -56.13
N ILE I 239 -29.62 65.01 -54.85
CA ILE I 239 -28.45 65.77 -54.47
C ILE I 239 -27.16 65.02 -54.87
N ILE I 240 -27.13 63.72 -54.64
CA ILE I 240 -25.97 62.90 -54.98
C ILE I 240 -25.77 62.85 -56.50
N ARG I 241 -26.85 62.63 -57.24
CA ARG I 241 -26.79 62.56 -58.69
C ARG I 241 -26.41 63.89 -59.36
N ASP I 242 -27.14 64.96 -59.04
CA ASP I 242 -26.90 66.25 -59.67
C ASP I 242 -25.84 67.16 -59.04
N CYS I 243 -25.45 66.91 -57.79
CA CYS I 243 -24.49 67.78 -57.14
C CYS I 243 -23.21 67.12 -56.64
N LEU I 244 -23.35 66.23 -55.66
CA LEU I 244 -22.23 65.53 -55.06
C LEU I 244 -21.28 64.91 -56.07
N LEU I 245 -21.80 63.98 -56.88
CA LEU I 245 -20.99 63.28 -57.88
C LEU I 245 -20.23 64.16 -58.88
N PRO I 246 -20.91 65.11 -59.52
CA PRO I 246 -20.19 65.96 -60.49
C PRO I 246 -19.07 66.75 -59.80
N VAL I 247 -19.38 67.33 -58.65
CA VAL I 247 -18.41 68.10 -57.88
C VAL I 247 -17.24 67.23 -57.43
N ALA I 248 -17.54 66.03 -56.95
CA ALA I 248 -16.52 65.09 -56.50
C ALA I 248 -15.59 64.75 -57.66
N GLU I 249 -16.17 64.51 -58.83
CA GLU I 249 -15.37 64.17 -60.00
C GLU I 249 -14.51 65.36 -60.44
N LYS I 250 -15.11 66.54 -60.48
CA LYS I 250 -14.38 67.75 -60.90
C LYS I 250 -13.09 67.93 -60.11
N HIS I 251 -13.18 67.83 -58.80
CA HIS I 251 -12.02 67.98 -57.93
C HIS I 251 -11.32 66.65 -57.68
N ASN I 252 -11.80 65.59 -58.35
CA ASN I 252 -11.22 64.25 -58.20
C ASN I 252 -11.11 63.89 -56.72
N ILE I 253 -12.17 64.15 -55.98
CA ILE I 253 -12.23 63.83 -54.56
C ILE I 253 -13.13 62.62 -54.37
N PRO I 254 -12.66 61.60 -53.65
CA PRO I 254 -13.51 60.42 -53.46
C PRO I 254 -14.73 60.67 -52.57
N PHE I 255 -15.75 59.85 -52.78
CA PHE I 255 -16.98 59.95 -51.98
C PHE I 255 -17.00 58.75 -51.03
N ALA I 256 -17.06 59.04 -49.73
CA ALA I 256 -17.07 58.00 -48.73
C ALA I 256 -18.48 57.75 -48.20
N MET I 257 -18.91 56.50 -48.28
CA MET I 257 -20.23 56.10 -47.81
C MET I 257 -20.07 55.06 -46.71
N MET I 258 -20.65 55.34 -45.55
CA MET I 258 -20.59 54.42 -44.43
C MET I 258 -22.04 53.98 -44.24
N ILE I 259 -22.34 52.82 -44.79
CA ILE I 259 -23.67 52.24 -44.85
C ILE I 259 -24.12 51.22 -43.81
N GLY I 260 -25.37 51.36 -43.36
CA GLY I 260 -25.94 50.41 -42.41
C GLY I 260 -26.37 50.87 -41.02
N VAL I 261 -26.18 52.13 -40.68
CA VAL I 261 -26.58 52.60 -39.36
C VAL I 261 -28.05 52.99 -39.27
N LYS I 262 -28.75 52.50 -38.25
CA LYS I 262 -30.14 52.86 -38.05
C LYS I 262 -30.11 53.83 -36.88
N LYS I 263 -30.24 55.12 -37.19
CA LYS I 263 -30.18 56.17 -36.19
C LYS I 263 -31.24 56.20 -35.09
N ARG I 264 -30.78 56.57 -33.90
CA ARG I 264 -31.61 56.70 -32.72
C ARG I 264 -32.78 55.74 -32.52
N VAL I 265 -32.48 54.45 -32.38
CA VAL I 265 -33.53 53.47 -32.13
C VAL I 265 -33.84 53.53 -30.65
N HIS I 266 -32.92 54.11 -29.89
CA HIS I 266 -33.10 54.31 -28.45
C HIS I 266 -32.61 55.73 -28.19
N PRO I 267 -33.44 56.72 -28.54
CA PRO I 267 -33.16 58.15 -28.39
C PRO I 267 -32.49 58.59 -27.08
N ALA I 268 -32.93 58.05 -25.95
CA ALA I 268 -32.37 58.44 -24.66
C ALA I 268 -30.88 58.13 -24.43
N LEU I 269 -30.32 57.24 -25.24
CA LEU I 269 -28.92 56.87 -25.09
C LEU I 269 -27.98 57.80 -25.86
N GLY I 270 -28.56 58.75 -26.59
CA GLY I 270 -27.75 59.68 -27.36
C GLY I 270 -26.94 59.02 -28.46
N ASP I 271 -25.64 59.32 -28.50
CA ASP I 271 -24.76 58.75 -29.50
C ASP I 271 -24.64 57.24 -29.37
N ALA I 272 -25.09 56.71 -28.23
CA ALA I 272 -25.03 55.27 -27.98
C ALA I 272 -26.35 54.58 -28.34
N GLY I 273 -27.24 55.32 -29.00
CA GLY I 273 -28.53 54.75 -29.35
C GLY I 273 -28.73 54.34 -30.80
N ASP I 274 -27.64 54.15 -31.53
CA ASP I 274 -27.75 53.75 -32.94
C ASP I 274 -27.68 52.23 -33.09
N PHE I 275 -28.49 51.70 -34.01
CA PHE I 275 -28.57 50.26 -34.28
C PHE I 275 -28.00 49.96 -35.67
N VAL I 276 -28.11 48.72 -36.12
CA VAL I 276 -27.57 48.31 -37.41
C VAL I 276 -28.54 47.47 -38.22
N GLY I 277 -28.31 47.37 -39.52
CA GLY I 277 -29.15 46.57 -40.39
C GLY I 277 -28.44 46.31 -41.71
N LYS I 278 -28.68 45.14 -42.31
CA LYS I 278 -28.06 44.78 -43.58
C LYS I 278 -28.66 45.60 -44.71
N ALA I 279 -27.83 46.04 -45.64
CA ALA I 279 -28.32 46.84 -46.75
C ALA I 279 -28.21 46.07 -48.06
N SER I 280 -28.92 46.55 -49.07
CA SER I 280 -28.87 45.95 -50.40
C SER I 280 -27.59 46.52 -51.01
N MET I 281 -26.98 45.76 -51.93
CA MET I 281 -25.76 46.23 -52.56
C MET I 281 -26.05 46.96 -53.87
N ASP I 282 -27.31 46.88 -54.33
CA ASP I 282 -27.74 47.50 -55.58
C ASP I 282 -27.30 48.95 -55.77
N GLY I 283 -27.51 49.78 -54.75
CA GLY I 283 -27.12 51.17 -54.84
C GLY I 283 -25.62 51.37 -55.05
N VAL I 284 -24.81 50.66 -54.29
CA VAL I 284 -23.37 50.78 -54.43
C VAL I 284 -22.96 50.27 -55.81
N GLU I 285 -23.48 49.10 -56.17
CA GLU I 285 -23.19 48.51 -57.48
C GLU I 285 -23.49 49.50 -58.60
N HIS I 286 -24.66 50.15 -58.52
CA HIS I 286 -25.07 51.12 -59.52
C HIS I 286 -24.13 52.32 -59.58
N LEU I 287 -23.82 52.90 -58.42
CA LEU I 287 -22.94 54.06 -58.37
C LEU I 287 -21.59 53.73 -59.02
N LEU I 288 -21.01 52.59 -58.65
CA LEU I 288 -19.72 52.18 -59.18
C LEU I 288 -19.72 51.98 -60.69
N ARG I 289 -20.74 51.31 -61.20
CA ARG I 289 -20.80 51.05 -62.63
C ARG I 289 -21.14 52.28 -63.46
N GLU I 290 -22.13 53.03 -63.03
CA GLU I 290 -22.55 54.21 -63.78
C GLU I 290 -21.69 55.47 -63.63
N TYR I 291 -20.78 55.46 -62.66
CA TYR I 291 -19.91 56.62 -62.45
C TYR I 291 -18.45 56.18 -62.36
N PRO I 292 -17.93 55.59 -63.45
CA PRO I 292 -16.54 55.11 -63.54
C PRO I 292 -15.46 56.16 -63.32
N ASN I 293 -15.82 57.44 -63.40
CA ASN I 293 -14.85 58.51 -63.19
C ASN I 293 -14.90 59.06 -61.77
N ASN I 294 -15.69 58.44 -60.91
CA ASN I 294 -15.77 58.85 -59.52
C ASN I 294 -15.16 57.76 -58.67
N LYS I 295 -14.54 58.16 -57.56
CA LYS I 295 -13.91 57.22 -56.65
C LYS I 295 -14.79 57.09 -55.42
N PHE I 296 -14.95 55.85 -54.96
CA PHE I 296 -15.80 55.58 -53.80
C PHE I 296 -15.08 54.83 -52.70
N LEU I 297 -15.19 55.37 -51.47
CA LEU I 297 -14.61 54.75 -50.28
C LEU I 297 -15.82 54.19 -49.55
N VAL I 298 -15.83 52.89 -49.29
CA VAL I 298 -16.98 52.31 -48.61
C VAL I 298 -16.68 51.39 -47.44
N THR I 299 -17.48 51.54 -46.39
CA THR I 299 -17.38 50.69 -45.21
C THR I 299 -18.83 50.43 -44.83
N MET I 300 -19.13 49.21 -44.38
CA MET I 300 -20.49 48.87 -44.02
C MET I 300 -20.58 48.37 -42.59
N LEU I 301 -21.73 48.61 -41.96
CA LEU I 301 -21.93 48.26 -40.56
C LEU I 301 -22.42 46.85 -40.24
N SER I 302 -23.08 46.21 -41.20
CA SER I 302 -23.61 44.87 -40.98
C SER I 302 -22.61 43.75 -41.25
N ARG I 303 -22.49 42.83 -40.31
CA ARG I 303 -21.59 41.70 -40.49
C ARG I 303 -21.96 40.97 -41.78
N GLU I 304 -23.26 40.89 -42.07
CA GLU I 304 -23.74 40.18 -43.24
C GLU I 304 -23.53 40.81 -44.62
N ASN I 305 -22.94 42.02 -44.65
CA ASN I 305 -22.64 42.73 -45.90
C ASN I 305 -21.14 42.60 -46.25
N GLN I 306 -20.33 42.23 -45.28
CA GLN I 306 -18.89 42.18 -45.50
C GLN I 306 -18.36 41.37 -46.67
N HIS I 307 -18.79 40.12 -46.79
CA HIS I 307 -18.32 39.28 -47.88
C HIS I 307 -18.71 39.82 -49.24
N GLU I 308 -19.99 40.12 -49.45
CA GLU I 308 -20.41 40.65 -50.74
C GLU I 308 -19.77 42.00 -51.07
N LEU I 309 -19.38 42.77 -50.05
CA LEU I 309 -18.72 44.06 -50.29
C LEU I 309 -17.34 43.78 -50.92
N VAL I 310 -16.66 42.75 -50.40
CA VAL I 310 -15.35 42.39 -50.93
C VAL I 310 -15.50 41.96 -52.39
N VAL I 311 -16.50 41.13 -52.68
CA VAL I 311 -16.71 40.69 -54.06
C VAL I 311 -17.02 41.88 -54.96
N LEU I 312 -17.73 42.87 -54.43
CA LEU I 312 -18.04 44.05 -55.25
C LEU I 312 -16.75 44.81 -55.58
N ALA I 313 -15.81 44.79 -54.64
CA ALA I 313 -14.51 45.45 -54.84
C ALA I 313 -13.76 44.70 -55.95
N ARG I 314 -13.98 43.39 -56.06
CA ARG I 314 -13.35 42.60 -57.11
C ARG I 314 -13.86 43.06 -58.47
N LYS I 315 -15.10 43.55 -58.48
CA LYS I 315 -15.73 44.01 -59.72
C LYS I 315 -15.34 45.42 -60.19
N PHE I 316 -15.21 46.34 -59.25
CA PHE I 316 -14.91 47.73 -59.61
C PHE I 316 -13.67 48.33 -58.96
N SER I 317 -12.73 48.77 -59.80
CA SER I 317 -11.50 49.35 -59.30
C SER I 317 -11.72 50.75 -58.71
N ASN I 318 -12.90 51.33 -58.92
CA ASN I 318 -13.18 52.66 -58.39
C ASN I 318 -13.83 52.55 -57.01
N LEU I 319 -13.77 51.34 -56.46
CA LEU I 319 -14.27 51.08 -55.11
C LEU I 319 -13.07 50.73 -54.26
N MET I 320 -12.93 51.43 -53.14
CA MET I 320 -11.86 51.14 -52.20
C MET I 320 -12.56 50.87 -50.87
N ILE I 321 -12.50 49.64 -50.40
CA ILE I 321 -13.15 49.31 -49.14
C ILE I 321 -12.23 49.69 -47.98
N PHE I 322 -12.79 50.04 -46.85
CA PHE I 322 -11.96 50.41 -45.71
C PHE I 322 -12.55 50.07 -44.36
N GLY I 323 -11.65 49.76 -43.44
CA GLY I 323 -11.99 49.46 -42.06
C GLY I 323 -13.04 48.45 -41.62
N CYS I 324 -13.07 48.27 -40.30
CA CYS I 324 -14.00 47.39 -39.61
C CYS I 324 -14.70 48.39 -38.70
N TRP I 325 -15.75 48.97 -39.24
CA TRP I 325 -16.51 50.01 -38.61
C TRP I 325 -17.49 49.68 -37.48
N TRP I 326 -17.32 50.40 -36.37
CA TRP I 326 -18.24 50.32 -35.24
C TRP I 326 -18.49 48.93 -34.67
N PHE I 327 -19.67 48.39 -34.96
CA PHE I 327 -20.04 47.07 -34.46
C PHE I 327 -19.20 45.98 -35.10
N MET I 328 -18.43 46.36 -36.12
CA MET I 328 -17.54 45.42 -36.82
C MET I 328 -16.15 45.45 -36.16
N ASN I 329 -15.89 46.50 -35.40
CA ASN I 329 -14.58 46.71 -34.75
C ASN I 329 -14.36 45.83 -33.53
N ASN I 330 -14.57 44.54 -33.69
CA ASN I 330 -14.39 43.56 -32.62
C ASN I 330 -13.48 42.45 -33.14
N PRO I 331 -12.48 42.04 -32.36
CA PRO I 331 -11.53 40.99 -32.74
C PRO I 331 -12.07 39.87 -33.62
N GLU I 332 -13.14 39.22 -33.17
CA GLU I 332 -13.71 38.12 -33.96
C GLU I 332 -14.08 38.58 -35.36
N ILE I 333 -14.65 39.77 -35.47
CA ILE I 333 -15.05 40.31 -36.77
C ILE I 333 -13.88 40.86 -37.56
N ILE I 334 -13.03 41.63 -36.90
CA ILE I 334 -11.86 42.19 -37.57
C ILE I 334 -11.07 41.05 -38.21
N ASN I 335 -10.98 39.92 -37.52
CA ASN I 335 -10.24 38.79 -38.05
C ASN I 335 -10.86 38.21 -39.33
N GLU I 336 -12.15 37.86 -39.30
CA GLU I 336 -12.78 37.29 -40.48
C GLU I 336 -12.83 38.28 -41.65
N MET I 337 -13.10 39.54 -41.36
CA MET I 337 -13.16 40.55 -42.41
C MET I 337 -11.81 40.70 -43.11
N THR I 338 -10.75 40.89 -42.33
CA THR I 338 -9.42 41.08 -42.90
C THR I 338 -8.96 39.87 -43.70
N ARG I 339 -9.32 38.67 -43.24
CA ARG I 339 -8.94 37.46 -43.95
C ARG I 339 -9.70 37.32 -45.27
N MET I 340 -11.01 37.56 -45.26
CA MET I 340 -11.79 37.46 -46.49
C MET I 340 -11.29 38.50 -47.49
N ARG I 341 -11.04 39.71 -46.99
CA ARG I 341 -10.55 40.79 -47.85
C ARG I 341 -9.21 40.49 -48.49
N MET I 342 -8.25 39.98 -47.72
CA MET I 342 -6.94 39.69 -48.30
C MET I 342 -6.99 38.51 -49.26
N GLU I 343 -7.78 37.51 -48.94
CA GLU I 343 -7.89 36.34 -49.80
C GLU I 343 -8.43 36.68 -51.19
N MET I 344 -9.36 37.63 -51.27
CA MET I 344 -9.94 38.02 -52.55
C MET I 344 -9.39 39.30 -53.17
N LEU I 345 -8.68 40.10 -52.38
CA LEU I 345 -8.15 41.36 -52.89
C LEU I 345 -6.64 41.52 -52.74
N GLY I 346 -6.01 40.54 -52.09
CA GLY I 346 -4.57 40.66 -51.88
C GLY I 346 -4.36 41.84 -50.96
N THR I 347 -3.62 42.85 -51.40
CA THR I 347 -3.38 44.01 -50.56
C THR I 347 -4.09 45.26 -51.06
N SER I 348 -5.03 45.11 -51.99
CA SER I 348 -5.73 46.27 -52.53
C SER I 348 -6.94 46.75 -51.72
N PHE I 349 -6.72 47.05 -50.44
CA PHE I 349 -7.78 47.55 -49.58
C PHE I 349 -7.14 48.22 -48.36
N ILE I 350 -7.96 48.90 -47.57
CA ILE I 350 -7.51 49.58 -46.37
C ILE I 350 -8.15 48.81 -45.23
N PRO I 351 -7.37 47.98 -44.52
CA PRO I 351 -7.90 47.19 -43.41
C PRO I 351 -8.56 47.84 -42.21
N GLN I 352 -8.07 49.01 -41.78
CA GLN I 352 -8.65 49.59 -40.58
C GLN I 352 -8.53 51.11 -40.44
N HIS I 353 -9.39 51.65 -39.58
CA HIS I 353 -9.40 53.08 -39.21
C HIS I 353 -9.83 53.00 -37.75
N SER I 354 -9.44 53.98 -36.93
CA SER I 354 -9.76 53.94 -35.51
C SER I 354 -11.12 54.49 -35.10
N ASP I 355 -11.61 55.49 -35.81
CA ASP I 355 -12.90 56.09 -35.47
C ASP I 355 -12.81 56.72 -34.07
N ALA I 356 -11.58 57.03 -33.65
CA ALA I 356 -11.33 57.61 -32.34
C ALA I 356 -12.13 58.88 -32.02
N ARG I 357 -12.83 58.87 -30.90
CA ARG I 357 -13.60 60.01 -30.44
C ARG I 357 -12.85 60.67 -29.30
N VAL I 358 -11.94 59.91 -28.70
CA VAL I 358 -11.11 60.40 -27.61
C VAL I 358 -9.66 60.14 -28.02
N LEU I 359 -8.86 61.21 -28.01
CA LEU I 359 -7.46 61.14 -28.41
C LEU I 359 -6.68 59.88 -28.05
N GLU I 360 -6.70 59.49 -26.79
CA GLU I 360 -5.96 58.32 -26.31
C GLU I 360 -6.35 57.01 -26.98
N GLN I 361 -7.56 56.94 -27.55
CA GLN I 361 -8.02 55.72 -28.19
C GLN I 361 -7.12 55.27 -29.34
N LEU I 362 -6.39 56.21 -29.94
CA LEU I 362 -5.51 55.86 -31.04
C LEU I 362 -4.52 54.77 -30.62
N ILE I 363 -4.23 54.71 -29.32
CA ILE I 363 -3.31 53.71 -28.80
C ILE I 363 -3.89 52.29 -28.85
N TYR I 364 -5.09 52.10 -28.33
CA TYR I 364 -5.68 50.76 -28.32
C TYR I 364 -6.29 50.31 -29.64
N LYS I 365 -6.90 51.23 -30.37
CA LYS I 365 -7.52 50.90 -31.64
C LYS I 365 -6.46 50.30 -32.57
N TRP I 366 -5.30 50.96 -32.64
CA TRP I 366 -4.22 50.49 -33.50
C TRP I 366 -3.45 49.30 -32.96
N HIS I 367 -3.24 49.27 -31.64
CA HIS I 367 -2.52 48.14 -31.06
C HIS I 367 -3.36 46.87 -31.19
N HIS I 368 -4.65 46.96 -30.86
CA HIS I 368 -5.54 45.80 -30.95
C HIS I 368 -5.68 45.32 -32.40
N SER I 369 -5.77 46.26 -33.33
CA SER I 369 -5.93 45.91 -34.73
C SER I 369 -4.65 45.44 -35.41
N LYS I 370 -3.53 46.06 -35.09
CA LYS I 370 -2.26 45.66 -35.70
C LYS I 370 -1.87 44.24 -35.34
N SER I 371 -2.14 43.82 -34.12
CA SER I 371 -1.78 42.46 -33.73
C SER I 371 -2.56 41.44 -34.56
N ILE I 372 -3.82 41.76 -34.87
CA ILE I 372 -4.67 40.88 -35.66
C ILE I 372 -4.24 40.88 -37.13
N ILE I 373 -4.05 42.06 -37.67
CA ILE I 373 -3.64 42.20 -39.06
C ILE I 373 -2.27 41.56 -39.31
N ALA I 374 -1.38 41.65 -38.32
CA ALA I 374 -0.06 41.06 -38.42
C ALA I 374 -0.16 39.54 -38.49
N GLU I 375 -1.02 38.95 -37.65
CA GLU I 375 -1.19 37.52 -37.65
C GLU I 375 -1.75 37.06 -39.00
N VAL I 376 -2.65 37.86 -39.58
CA VAL I 376 -3.21 37.52 -40.89
C VAL I 376 -2.10 37.56 -41.95
N LEU I 377 -1.25 38.58 -41.89
CA LEU I 377 -0.16 38.72 -42.84
C LEU I 377 0.81 37.55 -42.68
N ILE I 378 1.07 37.15 -41.46
CA ILE I 378 1.99 36.04 -41.25
C ILE I 378 1.45 34.80 -41.96
N ASP I 379 0.17 34.50 -41.77
CA ASP I 379 -0.42 33.33 -42.42
C ASP I 379 -0.33 33.41 -43.95
N LYS I 380 -0.70 34.55 -44.51
CA LYS I 380 -0.69 34.71 -45.96
C LYS I 380 0.70 34.68 -46.58
N TYR I 381 1.69 35.23 -45.87
CA TYR I 381 3.07 35.22 -46.38
C TYR I 381 3.63 33.83 -46.25
N ASP I 382 3.28 33.14 -45.16
CA ASP I 382 3.81 31.79 -44.98
C ASP I 382 3.28 30.86 -46.05
N ASP I 383 2.01 31.06 -46.42
CA ASP I 383 1.44 30.19 -47.45
C ASP I 383 2.22 30.30 -48.75
N ILE I 384 2.61 31.51 -49.15
CA ILE I 384 3.38 31.62 -50.39
C ILE I 384 4.83 31.23 -50.17
N LEU I 385 5.36 31.50 -48.97
CA LEU I 385 6.75 31.13 -48.66
C LEU I 385 6.89 29.61 -48.82
N GLN I 386 5.97 28.87 -48.22
CA GLN I 386 5.99 27.41 -48.29
C GLN I 386 5.79 26.94 -49.72
N ALA I 387 5.09 27.73 -50.52
CA ALA I 387 4.84 27.37 -51.91
C ALA I 387 6.08 27.63 -52.75
N GLY I 388 7.15 28.12 -52.12
CA GLY I 388 8.38 28.35 -52.86
C GLY I 388 8.72 29.80 -53.22
N TRP I 389 7.89 30.73 -52.79
CA TRP I 389 8.12 32.14 -53.10
C TRP I 389 9.11 32.79 -52.16
N GLU I 390 9.91 33.72 -52.69
CA GLU I 390 10.88 34.42 -51.88
C GLU I 390 10.22 35.70 -51.38
N VAL I 391 10.12 35.86 -50.07
CA VAL I 391 9.53 37.08 -49.53
C VAL I 391 10.67 37.86 -48.88
N THR I 392 10.88 39.08 -49.34
CA THR I 392 11.95 39.91 -48.78
C THR I 392 11.37 40.84 -47.73
N GLU I 393 12.22 41.25 -46.80
CA GLU I 393 11.79 42.15 -45.76
C GLU I 393 11.36 43.47 -46.39
N GLU I 394 12.03 43.83 -47.48
CA GLU I 394 11.70 45.08 -48.17
C GLU I 394 10.30 45.02 -48.81
N GLU I 395 9.92 43.85 -49.33
CA GLU I 395 8.60 43.71 -49.95
C GLU I 395 7.51 43.73 -48.87
N ILE I 396 7.83 43.16 -47.70
CA ILE I 396 6.88 43.16 -46.59
C ILE I 396 6.67 44.59 -46.13
N LYS I 397 7.74 45.36 -46.02
CA LYS I 397 7.62 46.74 -45.57
C LYS I 397 6.80 47.54 -46.56
N ARG I 398 6.96 47.22 -47.85
CA ARG I 398 6.23 47.89 -48.92
C ARG I 398 4.74 47.54 -48.85
N ASP I 399 4.43 46.26 -48.67
CA ASP I 399 3.04 45.83 -48.57
C ASP I 399 2.36 46.42 -47.33
N VAL I 400 3.06 46.39 -46.20
CA VAL I 400 2.51 46.92 -44.96
C VAL I 400 2.27 48.42 -45.10
N ALA I 401 3.17 49.11 -45.79
CA ALA I 401 3.03 50.55 -46.00
C ALA I 401 1.74 50.80 -46.81
N ASP I 402 1.50 49.95 -47.81
CA ASP I 402 0.30 50.09 -48.62
C ASP I 402 -0.96 50.00 -47.78
N LEU I 403 -1.07 48.92 -47.01
CA LEU I 403 -2.22 48.67 -46.16
C LEU I 403 -2.55 49.73 -45.10
N PHE I 404 -1.53 50.22 -44.41
CA PHE I 404 -1.74 51.20 -43.36
C PHE I 404 -1.62 52.67 -43.75
N SER I 405 -1.19 52.96 -44.97
CA SER I 405 -1.02 54.37 -45.34
C SER I 405 -1.09 54.73 -46.82
N ARG I 406 -0.29 54.05 -47.65
CA ARG I 406 -0.24 54.38 -49.07
C ARG I 406 -1.47 54.08 -49.91
N ASN I 407 -2.22 53.03 -49.56
CA ASN I 407 -3.41 52.74 -50.36
C ASN I 407 -4.36 53.92 -50.24
N PHE I 408 -4.47 54.49 -49.05
CA PHE I 408 -5.35 55.62 -48.86
C PHE I 408 -4.93 56.86 -49.67
N TRP I 409 -3.72 57.36 -49.40
CA TRP I 409 -3.23 58.54 -50.12
C TRP I 409 -3.23 58.34 -51.62
N ARG I 410 -2.89 57.14 -52.06
CA ARG I 410 -2.87 56.81 -53.48
C ARG I 410 -4.28 56.92 -54.07
N PHE I 411 -5.28 56.45 -53.32
CA PHE I 411 -6.65 56.50 -53.81
C PHE I 411 -7.22 57.93 -53.82
N VAL I 412 -6.99 58.69 -52.76
CA VAL I 412 -7.50 60.05 -52.70
C VAL I 412 -6.76 61.00 -53.65
N GLY I 413 -5.71 60.50 -54.28
CA GLY I 413 -4.95 61.31 -55.23
C GLY I 413 -4.13 62.42 -54.62
N ARG I 414 -3.44 62.12 -53.51
CA ARG I 414 -2.61 63.11 -52.82
C ARG I 414 -1.19 62.61 -52.64
N SER J 2 -13.37 -16.68 53.82
CA SER J 2 -12.66 -16.04 52.68
C SER J 2 -11.87 -17.05 51.87
N ILE J 3 -12.34 -17.32 50.66
CA ILE J 3 -11.70 -18.28 49.77
C ILE J 3 -10.95 -17.54 48.67
N ASN J 4 -9.65 -17.84 48.53
CA ASN J 4 -8.83 -17.18 47.51
C ASN J 4 -8.26 -18.18 46.52
N SER J 5 -8.61 -19.45 46.71
CA SER J 5 -8.14 -20.52 45.84
C SER J 5 -9.29 -21.02 44.96
N ARG J 6 -9.04 -21.15 43.66
CA ARG J 6 -10.07 -21.63 42.74
C ARG J 6 -10.39 -23.09 43.03
N GLU J 7 -9.40 -23.86 43.43
CA GLU J 7 -9.63 -25.28 43.71
C GLU J 7 -10.48 -25.47 44.97
N VAL J 8 -10.24 -24.63 45.98
CA VAL J 8 -11.00 -24.71 47.22
C VAL J 8 -12.40 -24.19 46.94
N LEU J 9 -12.50 -23.21 46.04
CA LEU J 9 -13.78 -22.65 45.66
C LEU J 9 -14.64 -23.75 45.03
N ALA J 10 -14.10 -24.38 44.00
CA ALA J 10 -14.81 -25.47 43.31
C ALA J 10 -15.23 -26.53 44.31
N GLU J 11 -14.37 -26.80 45.29
CA GLU J 11 -14.65 -27.80 46.32
C GLU J 11 -15.88 -27.41 47.15
N LYS J 12 -15.85 -26.20 47.71
CA LYS J 12 -16.95 -25.74 48.55
C LYS J 12 -18.26 -25.60 47.77
N VAL J 13 -18.17 -25.10 46.54
CA VAL J 13 -19.37 -24.94 45.72
C VAL J 13 -20.04 -26.30 45.49
N LYS J 14 -19.29 -27.27 44.97
CA LYS J 14 -19.86 -28.60 44.72
C LYS J 14 -20.41 -29.21 46.00
N ASN J 15 -19.78 -28.92 47.12
CA ASN J 15 -20.24 -29.45 48.40
C ASN J 15 -21.57 -28.81 48.77
N ALA J 16 -21.63 -27.49 48.66
CA ALA J 16 -22.83 -26.75 49.01
C ALA J 16 -24.01 -27.18 48.13
N VAL J 17 -23.78 -27.24 46.82
CA VAL J 17 -24.79 -27.64 45.86
C VAL J 17 -25.31 -29.05 46.15
N ASN J 18 -24.40 -29.97 46.43
CA ASN J 18 -24.80 -31.35 46.69
C ASN J 18 -25.53 -31.55 48.03
N ASN J 19 -25.15 -30.80 49.05
CA ASN J 19 -25.78 -30.93 50.35
C ASN J 19 -27.05 -30.10 50.52
N GLN J 20 -27.30 -29.20 49.58
CA GLN J 20 -28.49 -28.35 49.69
C GLN J 20 -29.81 -29.08 49.45
N PRO J 21 -30.69 -29.11 50.46
CA PRO J 21 -31.98 -29.79 50.29
C PRO J 21 -32.74 -29.05 49.20
N VAL J 22 -33.34 -29.80 48.27
CA VAL J 22 -34.06 -29.19 47.18
C VAL J 22 -35.57 -29.14 47.30
N THR J 23 -36.12 -28.00 46.88
CA THR J 23 -37.56 -27.83 46.83
C THR J 23 -37.83 -27.89 45.32
N ASP J 24 -38.50 -28.94 44.89
CA ASP J 24 -38.83 -29.17 43.49
C ASP J 24 -40.20 -28.52 43.28
N MET J 25 -40.21 -27.29 42.77
CA MET J 25 -41.48 -26.57 42.62
C MET J 25 -42.42 -26.94 41.48
N HIS J 26 -42.09 -28.00 40.75
CA HIS J 26 -42.98 -28.51 39.70
C HIS J 26 -42.66 -29.95 39.29
N THR J 27 -43.57 -30.86 39.66
CA THR J 27 -43.42 -32.27 39.32
C THR J 27 -44.81 -32.86 39.06
N HIS J 28 -44.84 -34.14 38.70
CA HIS J 28 -46.10 -34.83 38.46
C HIS J 28 -46.16 -36.00 39.43
N LEU J 29 -45.58 -35.79 40.60
CA LEU J 29 -45.58 -36.82 41.64
C LEU J 29 -46.67 -36.48 42.63
N PHE J 30 -47.03 -37.44 43.47
CA PHE J 30 -48.08 -37.28 44.46
C PHE J 30 -47.67 -37.88 45.80
N SER J 31 -48.23 -37.37 46.89
CA SER J 31 -47.95 -37.89 48.22
C SER J 31 -48.32 -39.37 48.14
N PRO J 32 -47.47 -40.27 48.67
CA PRO J 32 -47.77 -41.71 48.61
C PRO J 32 -49.15 -42.14 49.12
N ASN J 33 -49.70 -41.40 50.08
CA ASN J 33 -51.01 -41.76 50.62
C ASN J 33 -52.11 -41.58 49.56
N PHE J 34 -51.79 -40.94 48.44
CA PHE J 34 -52.79 -40.76 47.40
C PHE J 34 -53.03 -42.03 46.60
N GLY J 35 -52.13 -43.00 46.75
CA GLY J 35 -52.27 -44.26 46.06
C GLY J 35 -51.40 -44.46 44.84
N GLU J 36 -51.85 -45.35 43.95
CA GLU J 36 -51.12 -45.69 42.72
C GLU J 36 -50.99 -44.58 41.69
N ILE J 37 -51.62 -43.44 41.94
CA ILE J 37 -51.49 -42.33 41.01
C ILE J 37 -50.01 -41.94 41.01
N LEU J 38 -49.31 -42.29 42.09
CA LEU J 38 -47.87 -42.04 42.22
C LEU J 38 -47.16 -43.18 41.50
N LEU J 39 -46.48 -42.87 40.41
CA LEU J 39 -45.77 -43.90 39.65
C LEU J 39 -44.33 -44.09 40.11
N TRP J 40 -43.86 -45.33 40.11
CA TRP J 40 -42.49 -45.63 40.48
C TRP J 40 -42.06 -47.04 40.07
N ASP J 41 -40.74 -47.20 39.95
CA ASP J 41 -40.01 -48.42 39.59
C ASP J 41 -39.43 -48.39 38.17
N ILE J 42 -38.52 -49.31 37.90
CA ILE J 42 -37.83 -49.38 36.60
C ILE J 42 -38.75 -49.49 35.38
N ASP J 43 -39.86 -50.21 35.51
CA ASP J 43 -40.75 -50.30 34.35
C ASP J 43 -41.38 -48.95 34.08
N GLU J 44 -41.74 -48.22 35.15
CA GLU J 44 -42.35 -46.90 34.99
C GLU J 44 -41.31 -45.99 34.36
N LEU J 45 -40.08 -46.06 34.84
CA LEU J 45 -38.98 -45.24 34.32
C LEU J 45 -38.80 -45.46 32.83
N LEU J 46 -38.77 -46.71 32.43
CA LEU J 46 -38.56 -47.07 31.03
C LEU J 46 -39.71 -46.75 30.09
N THR J 47 -40.90 -46.52 30.63
CA THR J 47 -42.06 -46.20 29.80
C THR J 47 -42.48 -44.74 29.89
N TYR J 48 -41.60 -43.92 30.47
CA TYR J 48 -41.78 -42.46 30.59
C TYR J 48 -42.05 -42.04 29.14
N HIS J 49 -42.95 -41.09 28.90
CA HIS J 49 -43.25 -40.74 27.52
C HIS J 49 -42.07 -40.23 26.68
N TYR J 50 -41.02 -39.76 27.34
CA TYR J 50 -39.84 -39.30 26.60
C TYR J 50 -39.23 -40.50 25.87
N LEU J 51 -39.24 -41.66 26.51
CA LEU J 51 -38.69 -42.88 25.92
C LEU J 51 -39.62 -43.51 24.89
N VAL J 52 -40.92 -43.29 25.06
CA VAL J 52 -41.89 -43.82 24.09
C VAL J 52 -41.64 -43.10 22.77
N ALA J 53 -41.49 -41.78 22.83
CA ALA J 53 -41.23 -40.98 21.64
C ALA J 53 -39.94 -41.44 20.97
N GLU J 54 -38.91 -41.68 21.78
CA GLU J 54 -37.61 -42.09 21.25
C GLU J 54 -37.60 -43.50 20.66
N VAL J 55 -38.23 -44.44 21.35
CA VAL J 55 -38.24 -45.81 20.84
C VAL J 55 -38.99 -45.90 19.51
N MET J 56 -40.01 -45.06 19.33
CA MET J 56 -40.78 -45.07 18.10
C MET J 56 -39.96 -44.67 16.87
N ARG J 57 -38.81 -44.04 17.09
CA ARG J 57 -37.95 -43.65 15.97
C ARG J 57 -37.09 -44.84 15.52
N TRP J 58 -37.10 -45.91 16.29
CA TRP J 58 -36.29 -47.09 15.98
C TRP J 58 -37.05 -48.38 15.66
N THR J 59 -37.86 -48.84 16.60
CA THR J 59 -38.62 -50.09 16.48
C THR J 59 -39.62 -50.12 15.32
N ASP J 60 -39.82 -51.29 14.73
CA ASP J 60 -40.79 -51.38 13.66
C ASP J 60 -42.17 -51.80 14.21
N VAL J 61 -42.26 -51.79 15.54
CA VAL J 61 -43.51 -52.10 16.23
C VAL J 61 -44.42 -50.89 16.06
N SER J 62 -45.67 -51.09 15.65
CA SER J 62 -46.58 -49.98 15.46
C SER J 62 -46.93 -49.37 16.81
N ILE J 63 -47.26 -48.08 16.82
CA ILE J 63 -47.59 -47.42 18.08
C ILE J 63 -48.83 -48.07 18.70
N GLU J 64 -49.73 -48.58 17.86
CA GLU J 64 -50.95 -49.23 18.35
C GLU J 64 -50.57 -50.52 19.08
N ALA J 65 -49.62 -51.26 18.50
CA ALA J 65 -49.18 -52.50 19.11
C ALA J 65 -48.44 -52.20 20.41
N PHE J 66 -47.76 -51.07 20.45
CA PHE J 66 -47.04 -50.69 21.66
C PHE J 66 -48.01 -50.48 22.81
N TRP J 67 -49.08 -49.74 22.56
CA TRP J 67 -50.07 -49.48 23.58
C TRP J 67 -50.78 -50.77 23.96
N ALA J 68 -50.79 -51.73 23.03
CA ALA J 68 -51.44 -53.01 23.25
C ALA J 68 -50.69 -53.89 24.26
N MET J 69 -49.37 -53.97 24.14
CA MET J 69 -48.60 -54.80 25.06
C MET J 69 -48.63 -54.26 26.48
N SER J 70 -48.33 -55.14 27.45
CA SER J 70 -48.34 -54.77 28.86
C SER J 70 -47.20 -53.81 29.20
N LYS J 71 -47.23 -53.26 30.41
CA LYS J 71 -46.20 -52.33 30.86
C LYS J 71 -44.83 -53.01 30.82
N ARG J 72 -44.75 -54.22 31.34
CA ARG J 72 -43.49 -54.95 31.34
C ARG J 72 -42.97 -55.16 29.93
N GLU J 73 -43.87 -55.48 29.00
CA GLU J 73 -43.47 -55.71 27.61
C GLU J 73 -42.97 -54.40 26.97
N GLN J 74 -43.64 -53.30 27.26
CA GLN J 74 -43.23 -51.99 26.72
C GLN J 74 -41.83 -51.68 27.24
N ALA J 75 -41.61 -51.93 28.53
CA ALA J 75 -40.30 -51.70 29.15
C ALA J 75 -39.22 -52.55 28.49
N ASP J 76 -39.55 -53.81 28.22
CA ASP J 76 -38.60 -54.72 27.58
C ASP J 76 -38.19 -54.24 26.19
N LEU J 77 -39.16 -53.77 25.42
CA LEU J 77 -38.91 -53.28 24.07
C LEU J 77 -38.03 -52.02 24.10
N ILE J 78 -38.36 -51.08 24.97
CA ILE J 78 -37.61 -49.84 25.07
C ILE J 78 -36.17 -50.10 25.50
N TRP J 79 -35.98 -51.07 26.40
CA TRP J 79 -34.65 -51.42 26.88
C TRP J 79 -33.81 -51.99 25.74
N GLU J 80 -34.40 -52.94 25.01
CA GLU J 80 -33.73 -53.58 23.88
C GLU J 80 -33.44 -52.60 22.76
N GLU J 81 -34.43 -51.80 22.40
CA GLU J 81 -34.27 -50.83 21.33
C GLU J 81 -33.37 -49.64 21.64
N LEU J 82 -33.50 -49.05 22.83
CA LEU J 82 -32.71 -47.87 23.15
C LEU J 82 -31.44 -48.05 23.99
N PHE J 83 -31.28 -49.21 24.61
CA PHE J 83 -30.09 -49.44 25.42
C PHE J 83 -29.19 -50.55 24.86
N ILE J 84 -29.81 -51.61 24.36
CA ILE J 84 -29.05 -52.74 23.81
C ILE J 84 -28.64 -52.59 22.35
N LYS J 85 -29.58 -52.24 21.49
CA LYS J 85 -29.29 -52.09 20.06
C LYS J 85 -28.54 -50.82 19.67
N ARG J 86 -28.61 -49.82 20.54
CA ARG J 86 -27.91 -48.55 20.31
C ARG J 86 -27.52 -48.08 21.71
N SER J 87 -26.42 -47.35 21.82
CA SER J 87 -26.01 -46.88 23.14
C SER J 87 -27.04 -45.89 23.67
N PRO J 88 -27.34 -45.98 24.98
CA PRO J 88 -28.31 -45.10 25.63
C PRO J 88 -27.70 -43.73 25.93
N VAL J 89 -27.33 -43.01 24.88
CA VAL J 89 -26.71 -41.71 25.04
C VAL J 89 -27.64 -40.51 25.16
N SER J 90 -28.94 -40.68 24.88
CA SER J 90 -29.85 -39.54 24.99
C SER J 90 -29.96 -39.17 26.47
N GLU J 91 -30.38 -37.93 26.75
CA GLU J 91 -30.51 -37.47 28.12
C GLU J 91 -31.49 -38.31 28.96
N ALA J 92 -32.61 -38.69 28.35
CA ALA J 92 -33.61 -39.49 29.07
C ALA J 92 -33.13 -40.92 29.33
N CYS J 93 -32.40 -41.50 28.38
CA CYS J 93 -31.87 -42.86 28.56
C CYS J 93 -30.75 -42.83 29.60
N ARG J 94 -29.95 -41.77 29.55
CA ARG J 94 -28.86 -41.58 30.50
C ARG J 94 -29.47 -41.46 31.90
N GLY J 95 -30.61 -40.77 31.97
CA GLY J 95 -31.29 -40.58 33.24
C GLY J 95 -31.71 -41.87 33.90
N VAL J 96 -32.23 -42.80 33.11
CA VAL J 96 -32.65 -44.09 33.63
C VAL J 96 -31.46 -44.76 34.33
N LEU J 97 -30.31 -44.76 33.66
CA LEU J 97 -29.10 -45.34 34.21
C LEU J 97 -28.69 -44.68 35.52
N THR J 98 -28.71 -43.35 35.54
CA THR J 98 -28.36 -42.59 36.74
C THR J 98 -29.26 -43.03 37.91
N CYS J 99 -30.54 -43.22 37.64
CA CYS J 99 -31.47 -43.65 38.69
C CYS J 99 -31.05 -45.00 39.24
N LEU J 100 -30.78 -45.95 38.35
CA LEU J 100 -30.37 -47.30 38.75
C LEU J 100 -29.13 -47.25 39.62
N GLN J 101 -28.11 -46.55 39.14
CA GLN J 101 -26.86 -46.44 39.89
C GLN J 101 -27.13 -45.84 41.27
N GLY J 102 -27.81 -44.70 41.30
CA GLY J 102 -28.11 -44.04 42.55
C GLY J 102 -28.82 -44.91 43.58
N LEU J 103 -29.58 -45.89 43.11
CA LEU J 103 -30.32 -46.78 44.01
C LEU J 103 -29.42 -47.92 44.49
N GLY J 104 -28.20 -47.98 43.96
CA GLY J 104 -27.30 -49.04 44.35
C GLY J 104 -27.25 -50.20 43.36
N LEU J 105 -28.09 -50.15 42.33
CA LEU J 105 -28.10 -51.20 41.32
C LEU J 105 -26.94 -50.94 40.37
N ASP J 106 -26.51 -51.96 39.66
CA ASP J 106 -25.38 -51.80 38.75
C ASP J 106 -25.73 -51.96 37.29
N PRO J 107 -25.75 -50.84 36.54
CA PRO J 107 -26.07 -50.89 35.11
C PRO J 107 -25.03 -51.62 34.27
N ALA J 108 -23.84 -51.85 34.83
CA ALA J 108 -22.79 -52.54 34.09
C ALA J 108 -23.24 -53.95 33.71
N THR J 109 -24.01 -54.59 34.59
CA THR J 109 -24.50 -55.94 34.32
C THR J 109 -25.66 -55.95 33.31
N ARG J 110 -26.38 -54.83 33.22
CA ARG J 110 -27.51 -54.71 32.31
C ARG J 110 -28.56 -55.78 32.64
N ASP J 111 -28.63 -56.17 33.91
CA ASP J 111 -29.56 -57.20 34.33
C ASP J 111 -30.89 -56.58 34.74
N LEU J 112 -31.77 -56.39 33.76
CA LEU J 112 -33.07 -55.80 34.01
C LEU J 112 -33.89 -56.60 35.02
N GLN J 113 -33.82 -57.93 34.95
CA GLN J 113 -34.57 -58.77 35.87
C GLN J 113 -34.14 -58.49 37.30
N VAL J 114 -32.82 -58.43 37.52
CA VAL J 114 -32.32 -58.15 38.85
C VAL J 114 -32.76 -56.77 39.33
N TYR J 115 -32.84 -55.80 38.40
CA TYR J 115 -33.26 -54.45 38.76
C TYR J 115 -34.69 -54.49 39.25
N ARG J 116 -35.55 -55.16 38.50
CA ARG J 116 -36.96 -55.26 38.83
C ARG J 116 -37.20 -55.87 40.20
N GLU J 117 -36.32 -56.78 40.60
CA GLU J 117 -36.45 -57.44 41.90
C GLU J 117 -36.30 -56.46 43.06
N TYR J 118 -35.44 -55.47 42.88
CA TYR J 118 -35.20 -54.46 43.91
C TYR J 118 -36.52 -53.80 44.28
N PHE J 119 -37.26 -53.39 43.25
CA PHE J 119 -38.53 -52.69 43.42
C PHE J 119 -39.70 -53.54 43.95
N ALA J 120 -39.68 -54.83 43.66
CA ALA J 120 -40.75 -55.72 44.09
C ALA J 120 -40.75 -55.93 45.60
N LYS J 121 -39.58 -55.80 46.22
CA LYS J 121 -39.47 -56.01 47.66
C LYS J 121 -39.66 -54.75 48.50
N LYS J 122 -40.21 -53.69 47.92
CA LYS J 122 -40.43 -52.45 48.64
C LYS J 122 -41.83 -51.90 48.47
N THR J 123 -42.27 -51.10 49.43
CA THR J 123 -43.58 -50.47 49.36
C THR J 123 -43.40 -49.06 48.79
N SER J 124 -44.50 -48.39 48.48
CA SER J 124 -44.44 -47.04 47.92
C SER J 124 -43.85 -46.07 48.94
N GLU J 125 -44.30 -46.21 50.18
CA GLU J 125 -43.83 -45.36 51.26
C GLU J 125 -42.32 -45.48 51.50
N GLU J 126 -41.81 -46.71 51.45
CA GLU J 126 -40.37 -46.91 51.67
C GLU J 126 -39.56 -46.30 50.54
N GLN J 127 -40.02 -46.49 49.31
CA GLN J 127 -39.31 -45.95 48.15
C GLN J 127 -39.28 -44.41 48.14
N VAL J 128 -40.38 -43.75 48.51
CA VAL J 128 -40.33 -42.29 48.51
C VAL J 128 -39.34 -41.84 49.59
N ASP J 129 -39.29 -42.56 50.71
CA ASP J 129 -38.33 -42.23 51.77
C ASP J 129 -36.93 -42.37 51.16
N THR J 130 -36.71 -43.51 50.51
CA THR J 130 -35.43 -43.80 49.87
C THR J 130 -35.05 -42.77 48.82
N VAL J 131 -35.96 -42.52 47.87
CA VAL J 131 -35.69 -41.58 46.81
C VAL J 131 -35.48 -40.14 47.28
N LEU J 132 -36.37 -39.65 48.14
CA LEU J 132 -36.24 -38.28 48.63
C LEU J 132 -34.92 -38.11 49.39
N GLN J 133 -34.45 -39.18 50.01
CA GLN J 133 -33.20 -39.12 50.74
C GLN J 133 -32.03 -39.10 49.76
N LEU J 134 -32.04 -39.99 48.76
CA LEU J 134 -30.98 -40.06 47.77
C LEU J 134 -30.86 -38.79 46.92
N ALA J 135 -32.00 -38.19 46.57
CA ALA J 135 -32.00 -36.98 45.75
C ALA J 135 -31.92 -35.72 46.58
N ASN J 136 -31.88 -35.88 47.89
CA ASN J 136 -31.80 -34.75 48.80
C ASN J 136 -32.90 -33.72 48.47
N VAL J 137 -34.12 -34.22 48.30
CA VAL J 137 -35.27 -33.36 48.00
C VAL J 137 -36.10 -33.28 49.27
N SER J 138 -36.28 -32.09 49.79
CA SER J 138 -37.03 -31.90 51.02
C SER J 138 -38.51 -31.60 50.76
N ASP J 139 -38.79 -30.93 49.66
CA ASP J 139 -40.16 -30.55 49.32
C ASP J 139 -40.49 -30.77 47.86
N VAL J 140 -41.63 -31.40 47.61
CA VAL J 140 -42.08 -31.69 46.25
C VAL J 140 -43.41 -31.01 45.99
N VAL J 141 -43.49 -30.22 44.92
CA VAL J 141 -44.73 -29.57 44.57
C VAL J 141 -45.39 -30.42 43.48
N MET J 142 -46.62 -30.84 43.75
CA MET J 142 -47.35 -31.68 42.81
C MET J 142 -48.08 -30.84 41.76
N THR J 143 -48.76 -31.53 40.85
CA THR J 143 -49.57 -30.89 39.82
C THR J 143 -50.95 -31.50 40.09
N ASN J 144 -51.82 -30.73 40.73
CA ASN J 144 -53.14 -31.25 41.08
C ASN J 144 -54.28 -30.70 40.22
N ASP J 145 -54.81 -31.58 39.40
CA ASP J 145 -55.86 -31.27 38.46
C ASP J 145 -57.23 -31.72 38.95
N PRO J 146 -58.05 -30.77 39.43
CA PRO J 146 -59.38 -31.10 39.95
C PRO J 146 -60.28 -31.73 38.88
N PHE J 147 -59.91 -31.55 37.62
CA PHE J 147 -60.69 -32.08 36.51
C PHE J 147 -60.44 -33.55 36.23
N ASP J 148 -59.38 -34.11 36.80
CA ASP J 148 -59.14 -35.53 36.59
C ASP J 148 -59.97 -36.31 37.60
N ASP J 149 -60.88 -37.13 37.10
CA ASP J 149 -61.77 -37.91 37.96
C ASP J 149 -61.08 -38.64 39.10
N ASN J 150 -59.95 -39.27 38.80
CA ASN J 150 -59.22 -40.03 39.81
C ASN J 150 -58.55 -39.17 40.87
N GLU J 151 -58.12 -37.95 40.52
CA GLU J 151 -57.48 -37.08 41.49
C GLU J 151 -58.52 -36.39 42.37
N ARG J 152 -59.58 -35.91 41.74
CA ARG J 152 -60.65 -35.20 42.44
C ARG J 152 -61.24 -36.02 43.59
N ILE J 153 -61.39 -37.31 43.36
CA ILE J 153 -61.95 -38.21 44.37
C ILE J 153 -61.16 -38.17 45.66
N SER J 154 -59.84 -38.29 45.55
CA SER J 154 -58.97 -38.27 46.73
C SER J 154 -59.15 -36.98 47.53
N TRP J 155 -59.15 -35.85 46.83
CA TRP J 155 -59.33 -34.56 47.49
C TRP J 155 -60.70 -34.46 48.13
N LEU J 156 -61.75 -34.78 47.38
CA LEU J 156 -63.10 -34.71 47.91
C LEU J 156 -63.26 -35.67 49.09
N GLU J 157 -62.48 -36.75 49.09
CA GLU J 157 -62.58 -37.73 50.17
C GLU J 157 -61.66 -37.46 51.36
N GLY J 158 -61.27 -36.20 51.52
CA GLY J 158 -60.45 -35.82 52.65
C GLY J 158 -58.95 -36.10 52.63
N LYS J 159 -58.44 -36.73 51.58
CA LYS J 159 -57.01 -37.04 51.53
C LYS J 159 -56.13 -35.79 51.49
N GLN J 160 -55.11 -35.78 52.35
CA GLN J 160 -54.17 -34.69 52.45
C GLN J 160 -52.76 -35.25 52.26
N PRO J 161 -51.90 -34.55 51.50
CA PRO J 161 -50.54 -35.03 51.28
C PRO J 161 -49.71 -34.84 52.55
N ASP J 162 -48.65 -35.62 52.75
CA ASP J 162 -47.84 -35.43 53.94
C ASP J 162 -47.06 -34.11 53.79
N SER J 163 -46.44 -33.67 54.87
CA SER J 163 -45.70 -32.40 54.88
C SER J 163 -44.64 -32.21 53.79
N ARG J 164 -44.20 -33.29 53.17
CA ARG J 164 -43.18 -33.19 52.13
C ARG J 164 -43.74 -32.79 50.77
N PHE J 165 -45.04 -32.93 50.61
CA PHE J 165 -45.69 -32.63 49.34
C PHE J 165 -46.65 -31.44 49.40
N HIS J 166 -46.54 -30.54 48.42
CA HIS J 166 -47.39 -29.38 48.38
C HIS J 166 -48.20 -29.36 47.09
N ALA J 167 -49.42 -28.83 47.19
CA ALA J 167 -50.30 -28.77 46.04
C ALA J 167 -50.17 -27.51 45.20
N ALA J 168 -50.49 -27.67 43.91
CA ALA J 168 -50.50 -26.58 42.96
C ALA J 168 -51.77 -26.86 42.15
N LEU J 169 -52.70 -25.91 42.17
CA LEU J 169 -53.98 -26.05 41.47
C LEU J 169 -53.82 -25.87 39.96
N ARG J 170 -53.83 -26.98 39.23
CA ARG J 170 -53.69 -26.99 37.78
C ARG J 170 -55.04 -26.73 37.10
N LEU J 171 -55.08 -25.72 36.22
CA LEU J 171 -56.32 -25.31 35.57
C LEU J 171 -56.45 -25.36 34.04
N ASP J 172 -55.66 -26.17 33.35
CA ASP J 172 -55.75 -26.26 31.89
C ASP J 172 -57.15 -26.38 31.26
N PRO J 173 -57.98 -27.33 31.75
CA PRO J 173 -59.33 -27.50 31.21
C PRO J 173 -60.22 -26.27 31.31
N LEU J 174 -60.12 -25.56 32.43
CA LEU J 174 -60.91 -24.36 32.65
C LEU J 174 -60.49 -23.21 31.73
N LEU J 175 -59.20 -22.92 31.69
CA LEU J 175 -58.70 -21.83 30.88
C LEU J 175 -58.59 -22.12 29.39
N ASN J 176 -58.24 -23.37 29.04
CA ASN J 176 -58.07 -23.71 27.63
C ASN J 176 -59.25 -24.40 26.96
N GLU J 177 -60.16 -24.99 27.74
CA GLU J 177 -61.29 -25.70 27.16
C GLU J 177 -62.61 -25.35 27.84
N TYR J 178 -62.80 -24.07 28.13
CA TYR J 178 -64.01 -23.64 28.82
C TYR J 178 -65.31 -24.10 28.18
N GLU J 179 -65.43 -23.99 26.85
CA GLU J 179 -66.66 -24.40 26.19
C GLU J 179 -67.08 -25.81 26.60
N GLN J 180 -66.11 -26.71 26.73
CA GLN J 180 -66.42 -28.09 27.12
C GLN J 180 -66.45 -28.22 28.64
N THR J 181 -65.55 -27.51 29.32
CA THR J 181 -65.47 -27.60 30.77
C THR J 181 -66.63 -26.97 31.54
N LYS J 182 -67.30 -25.99 30.95
CA LYS J 182 -68.42 -25.35 31.64
C LYS J 182 -69.53 -26.35 32.00
N HIS J 183 -69.74 -27.35 31.15
CA HIS J 183 -70.77 -28.36 31.39
C HIS J 183 -70.44 -29.18 32.63
N ARG J 184 -69.15 -29.37 32.89
CA ARG J 184 -68.72 -30.13 34.06
C ARG J 184 -68.83 -29.25 35.30
N LEU J 185 -68.63 -27.94 35.12
CA LEU J 185 -68.75 -27.02 36.24
C LEU J 185 -70.19 -27.01 36.76
N ARG J 186 -71.15 -26.99 35.85
CA ARG J 186 -72.55 -27.00 36.24
C ARG J 186 -72.94 -28.36 36.84
N ASP J 187 -72.29 -29.44 36.39
CA ASP J 187 -72.57 -30.75 36.96
C ASP J 187 -72.15 -30.75 38.42
N TRP J 188 -71.15 -29.94 38.74
CA TRP J 188 -70.63 -29.85 40.10
C TRP J 188 -71.25 -28.74 40.93
N GLY J 189 -72.30 -28.12 40.41
CA GLY J 189 -72.97 -27.05 41.14
C GLY J 189 -72.56 -25.62 40.86
N TYR J 190 -71.62 -25.41 39.94
CA TYR J 190 -71.18 -24.06 39.62
C TYR J 190 -72.05 -23.58 38.44
N LYS J 191 -73.07 -22.81 38.79
CA LYS J 191 -74.06 -22.29 37.84
C LYS J 191 -73.56 -21.27 36.83
N VAL J 192 -72.64 -21.66 35.95
CA VAL J 192 -72.18 -20.70 34.95
C VAL J 192 -73.22 -20.67 33.84
N ASN J 193 -73.43 -19.50 33.27
CA ASN J 193 -74.42 -19.33 32.21
C ASN J 193 -73.77 -19.36 30.83
N ASP J 194 -74.60 -19.44 29.79
CA ASP J 194 -74.11 -19.46 28.41
C ASP J 194 -73.43 -18.13 28.15
N GLU J 195 -73.97 -17.08 28.76
CA GLU J 195 -73.43 -15.73 28.62
C GLU J 195 -72.41 -15.46 29.73
N TRP J 196 -71.37 -14.70 29.42
CA TRP J 196 -70.35 -14.37 30.42
C TRP J 196 -70.83 -13.16 31.19
N ASN J 197 -71.73 -13.38 32.14
CA ASN J 197 -72.25 -12.29 32.95
C ASN J 197 -71.67 -12.38 34.36
N GLU J 198 -72.12 -11.48 35.24
CA GLU J 198 -71.62 -11.49 36.61
C GLU J 198 -71.87 -12.85 37.24
N GLY J 199 -72.99 -13.47 36.89
CA GLY J 199 -73.32 -14.78 37.42
C GLY J 199 -72.24 -15.79 37.12
N SER J 200 -71.83 -15.86 35.85
CA SER J 200 -70.80 -16.79 35.42
C SER J 200 -69.44 -16.49 36.06
N ILE J 201 -69.13 -15.20 36.17
CA ILE J 201 -67.88 -14.75 36.75
C ILE J 201 -67.77 -15.16 38.22
N GLN J 202 -68.84 -14.94 38.97
CA GLN J 202 -68.83 -15.28 40.39
C GLN J 202 -68.72 -16.78 40.65
N GLU J 203 -69.34 -17.61 39.81
CA GLU J 203 -69.27 -19.04 40.00
C GLU J 203 -67.88 -19.58 39.69
N VAL J 204 -67.22 -19.04 38.66
CA VAL J 204 -65.88 -19.48 38.33
C VAL J 204 -64.94 -19.09 39.47
N LYS J 205 -65.10 -17.87 39.99
CA LYS J 205 -64.28 -17.43 41.12
C LYS J 205 -64.55 -18.35 42.30
N ARG J 206 -65.81 -18.78 42.47
CA ARG J 206 -66.14 -19.68 43.56
C ARG J 206 -65.51 -21.05 43.35
N PHE J 207 -65.41 -21.47 42.08
CA PHE J 207 -64.80 -22.75 41.77
C PHE J 207 -63.34 -22.70 42.24
N LEU J 208 -62.66 -21.62 41.87
CA LEU J 208 -61.27 -21.41 42.23
C LEU J 208 -61.08 -21.27 43.75
N THR J 209 -62.00 -20.55 44.39
CA THR J 209 -61.90 -20.34 45.83
C THR J 209 -62.12 -21.63 46.61
N ASP J 210 -63.06 -22.45 46.18
CA ASP J 210 -63.31 -23.71 46.89
C ASP J 210 -62.08 -24.59 46.79
N TRP J 211 -61.51 -24.70 45.60
CA TRP J 211 -60.35 -25.53 45.40
C TRP J 211 -59.09 -25.03 46.09
N ILE J 212 -58.97 -23.71 46.21
CA ILE J 212 -57.81 -23.14 46.89
C ILE J 212 -57.93 -23.50 48.37
N GLU J 213 -59.15 -23.45 48.92
CA GLU J 213 -59.37 -23.78 50.32
C GLU J 213 -59.16 -25.27 50.58
N ARG J 214 -59.48 -26.09 49.58
CA ARG J 214 -59.33 -27.54 49.73
C ARG J 214 -57.89 -28.04 49.58
N MET J 215 -57.13 -27.47 48.65
CA MET J 215 -55.75 -27.89 48.41
C MET J 215 -54.70 -27.01 49.08
N ASP J 216 -55.06 -25.78 49.41
CA ASP J 216 -54.10 -24.83 49.99
C ASP J 216 -52.85 -24.88 49.11
N PRO J 217 -53.02 -24.64 47.79
CA PRO J 217 -51.95 -24.66 46.79
C PRO J 217 -50.95 -23.52 46.91
N VAL J 218 -49.70 -23.80 46.56
CA VAL J 218 -48.65 -22.79 46.61
C VAL J 218 -48.80 -21.85 45.43
N TYR J 219 -49.49 -22.29 44.39
CA TYR J 219 -49.77 -21.47 43.21
C TYR J 219 -50.77 -22.14 42.29
N MET J 220 -51.38 -21.33 41.42
CA MET J 220 -52.32 -21.84 40.43
C MET J 220 -51.53 -21.91 39.14
N ALA J 221 -51.71 -22.99 38.38
CA ALA J 221 -50.96 -23.17 37.14
C ALA J 221 -51.76 -23.51 35.91
N VAL J 222 -51.12 -23.30 34.76
CA VAL J 222 -51.69 -23.62 33.47
C VAL J 222 -50.56 -23.69 32.45
N SER J 223 -50.73 -24.52 31.43
CA SER J 223 -49.74 -24.63 30.35
C SER J 223 -50.49 -23.97 29.20
N LEU J 224 -49.78 -23.15 28.42
CA LEU J 224 -50.39 -22.42 27.32
C LEU J 224 -49.67 -22.65 25.99
N PRO J 225 -50.38 -22.47 24.87
CA PRO J 225 -49.83 -22.66 23.51
C PRO J 225 -49.00 -21.46 23.05
N PRO J 226 -48.19 -21.65 22.00
CA PRO J 226 -47.35 -20.55 21.48
C PRO J 226 -48.14 -19.32 21.04
N THR J 227 -49.42 -19.50 20.75
CA THR J 227 -50.29 -18.41 20.31
C THR J 227 -50.93 -17.61 21.48
N PHE J 228 -50.57 -17.94 22.71
CA PHE J 228 -51.13 -17.25 23.87
C PHE J 228 -51.04 -15.73 23.78
N SER J 229 -52.17 -15.06 23.98
CA SER J 229 -52.24 -13.61 23.94
C SER J 229 -53.05 -13.08 25.13
N PHE J 230 -52.76 -11.85 25.53
CA PHE J 230 -53.47 -11.21 26.62
C PHE J 230 -53.18 -9.71 26.65
N PRO J 231 -54.23 -8.87 26.73
CA PRO J 231 -55.66 -9.24 26.79
C PRO J 231 -56.13 -10.02 25.57
N GLU J 232 -57.31 -10.61 25.68
CA GLU J 232 -57.90 -11.36 24.58
C GLU J 232 -59.37 -11.62 24.84
N GLU J 233 -60.21 -11.34 23.83
CA GLU J 233 -61.64 -11.56 23.96
C GLU J 233 -61.95 -13.02 23.63
N SER J 234 -61.65 -13.88 24.60
CA SER J 234 -61.88 -15.31 24.48
C SER J 234 -62.24 -15.76 25.88
N ASN J 235 -62.58 -17.03 26.04
CA ASN J 235 -62.91 -17.52 27.36
C ASN J 235 -61.68 -17.47 28.27
N ARG J 236 -60.53 -17.83 27.72
CA ARG J 236 -59.28 -17.81 28.50
C ARG J 236 -58.95 -16.38 28.95
N GLY J 237 -58.99 -15.45 28.02
CA GLY J 237 -58.69 -14.06 28.36
C GLY J 237 -59.63 -13.48 29.40
N ARG J 238 -60.92 -13.80 29.29
CA ARG J 238 -61.92 -13.32 30.22
C ARG J 238 -61.85 -13.96 31.60
N ILE J 239 -61.56 -15.25 31.63
CA ILE J 239 -61.46 -15.99 32.89
C ILE J 239 -60.25 -15.50 33.67
N ILE J 240 -59.15 -15.26 32.95
CA ILE J 240 -57.94 -14.77 33.59
C ILE J 240 -58.18 -13.35 34.11
N ARG J 241 -58.72 -12.49 33.26
CA ARG J 241 -58.99 -11.12 33.63
C ARG J 241 -60.03 -10.95 34.74
N ASP J 242 -61.17 -11.64 34.62
CA ASP J 242 -62.23 -11.47 35.62
C ASP J 242 -62.23 -12.41 36.81
N CYS J 243 -61.60 -13.57 36.69
CA CYS J 243 -61.63 -14.52 37.79
C CYS J 243 -60.29 -14.89 38.44
N LEU J 244 -59.35 -15.36 37.64
CA LEU J 244 -58.05 -15.80 38.13
C LEU J 244 -57.23 -14.72 38.85
N LEU J 245 -56.94 -13.63 38.16
CA LEU J 245 -56.13 -12.57 38.74
C LEU J 245 -56.74 -11.99 40.01
N PRO J 246 -58.04 -11.65 40.00
CA PRO J 246 -58.65 -11.09 41.21
C PRO J 246 -58.52 -12.05 42.40
N VAL J 247 -58.75 -13.33 42.17
CA VAL J 247 -58.66 -14.31 43.25
C VAL J 247 -57.21 -14.53 43.70
N ALA J 248 -56.29 -14.60 42.74
CA ALA J 248 -54.89 -14.81 43.07
C ALA J 248 -54.37 -13.65 43.91
N GLU J 249 -54.78 -12.43 43.56
CA GLU J 249 -54.37 -11.25 44.30
C GLU J 249 -54.92 -11.31 45.73
N LYS J 250 -56.22 -11.56 45.85
CA LYS J 250 -56.86 -11.63 47.16
C LYS J 250 -56.17 -12.60 48.11
N HIS J 251 -55.78 -13.77 47.60
CA HIS J 251 -55.11 -14.76 48.43
C HIS J 251 -53.60 -14.69 48.32
N ASN J 252 -53.10 -13.72 47.56
CA ASN J 252 -51.66 -13.56 47.37
C ASN J 252 -51.06 -14.89 46.90
N ILE J 253 -51.69 -15.47 45.89
CA ILE J 253 -51.23 -16.73 45.34
C ILE J 253 -50.64 -16.46 43.95
N PRO J 254 -49.41 -16.93 43.70
CA PRO J 254 -48.84 -16.69 42.37
C PRO J 254 -49.51 -17.49 41.26
N PHE J 255 -49.44 -16.97 40.04
CA PHE J 255 -50.03 -17.61 38.87
C PHE J 255 -48.87 -18.14 38.02
N ALA J 256 -48.79 -19.45 37.88
CA ALA J 256 -47.74 -20.06 37.08
C ALA J 256 -48.19 -20.32 35.65
N MET J 257 -47.42 -19.79 34.71
CA MET J 257 -47.72 -19.96 33.29
C MET J 257 -46.57 -20.71 32.62
N MET J 258 -46.88 -21.86 32.04
CA MET J 258 -45.89 -22.66 31.33
C MET J 258 -46.32 -22.52 29.89
N ILE J 259 -45.65 -21.61 29.19
CA ILE J 259 -45.97 -21.24 27.83
C ILE J 259 -45.15 -21.87 26.70
N GLY J 260 -45.83 -22.21 25.61
CA GLY J 260 -45.14 -22.75 24.45
C GLY J 260 -45.51 -24.14 23.96
N VAL J 261 -46.39 -24.84 24.66
CA VAL J 261 -46.76 -26.18 24.24
C VAL J 261 -47.86 -26.22 23.18
N LYS J 262 -47.62 -27.01 22.14
CA LYS J 262 -48.57 -27.21 21.05
C LYS J 262 -49.01 -28.67 21.25
N LYS J 263 -50.13 -28.86 21.94
CA LYS J 263 -50.61 -30.20 22.26
C LYS J 263 -51.19 -31.08 21.16
N ARG J 264 -50.93 -32.37 21.31
CA ARG J 264 -51.44 -33.37 20.40
C ARG J 264 -51.16 -33.17 18.92
N VAL J 265 -49.92 -32.89 18.53
CA VAL J 265 -49.64 -32.74 17.11
C VAL J 265 -49.60 -34.15 16.52
N HIS J 266 -49.42 -35.13 17.39
CA HIS J 266 -49.40 -36.54 17.01
C HIS J 266 -50.17 -37.28 18.10
N PRO J 267 -51.51 -37.21 18.04
CA PRO J 267 -52.40 -37.85 19.02
C PRO J 267 -52.11 -39.31 19.36
N ALA J 268 -51.67 -40.10 18.38
CA ALA J 268 -51.39 -41.51 18.63
C ALA J 268 -50.32 -41.72 19.70
N LEU J 269 -49.47 -40.72 19.93
CA LEU J 269 -48.40 -40.82 20.93
C LEU J 269 -48.84 -40.48 22.35
N GLY J 270 -50.08 -40.02 22.51
CA GLY J 270 -50.57 -39.67 23.83
C GLY J 270 -49.75 -38.56 24.46
N ASP J 271 -49.29 -38.78 25.70
CA ASP J 271 -48.50 -37.77 26.38
C ASP J 271 -47.21 -37.43 25.62
N ALA J 272 -46.77 -38.32 24.75
CA ALA J 272 -45.55 -38.09 23.96
C ALA J 272 -45.80 -37.38 22.63
N GLY J 273 -47.03 -36.93 22.40
CA GLY J 273 -47.35 -36.28 21.14
C GLY J 273 -47.42 -34.76 21.14
N ASP J 274 -46.84 -34.11 22.14
CA ASP J 274 -46.89 -32.65 22.21
C ASP J 274 -45.66 -31.99 21.56
N PHE J 275 -45.89 -30.86 20.90
CA PHE J 275 -44.84 -30.14 20.20
C PHE J 275 -44.60 -28.76 20.84
N VAL J 276 -43.72 -27.97 20.22
CA VAL J 276 -43.37 -26.65 20.73
C VAL J 276 -43.40 -25.56 19.66
N GLY J 277 -43.54 -24.32 20.11
CA GLY J 277 -43.56 -23.17 19.22
C GLY J 277 -43.15 -21.94 20.01
N LYS J 278 -42.54 -20.96 19.34
CA LYS J 278 -42.11 -19.73 20.01
C LYS J 278 -43.33 -18.85 20.24
N ALA J 279 -43.41 -18.23 21.42
CA ALA J 279 -44.53 -17.36 21.74
C ALA J 279 -44.15 -15.90 21.73
N SER J 280 -45.17 -15.04 21.70
CA SER J 280 -44.95 -13.60 21.75
C SER J 280 -44.80 -13.33 23.24
N MET J 281 -44.06 -12.28 23.59
CA MET J 281 -43.87 -11.93 25.00
C MET J 281 -44.91 -10.89 25.43
N ASP J 282 -45.60 -10.30 24.45
CA ASP J 282 -46.59 -9.25 24.71
C ASP J 282 -47.60 -9.56 25.82
N GLY J 283 -48.11 -10.78 25.83
CA GLY J 283 -49.08 -11.16 26.85
C GLY J 283 -48.49 -11.16 28.24
N VAL J 284 -47.29 -11.73 28.37
CA VAL J 284 -46.61 -11.78 29.66
C VAL J 284 -46.21 -10.37 30.10
N GLU J 285 -45.77 -9.56 29.15
CA GLU J 285 -45.36 -8.20 29.41
C GLU J 285 -46.56 -7.41 29.97
N HIS J 286 -47.70 -7.54 29.31
CA HIS J 286 -48.93 -6.85 29.72
C HIS J 286 -49.37 -7.26 31.12
N LEU J 287 -49.37 -8.55 31.38
CA LEU J 287 -49.78 -9.08 32.67
C LEU J 287 -48.91 -8.55 33.82
N LEU J 288 -47.60 -8.54 33.61
CA LEU J 288 -46.66 -8.07 34.62
C LEU J 288 -46.81 -6.58 34.87
N ARG J 289 -46.91 -5.80 33.81
CA ARG J 289 -47.04 -4.37 33.95
C ARG J 289 -48.38 -3.92 34.52
N GLU J 290 -49.47 -4.45 33.96
CA GLU J 290 -50.81 -4.05 34.39
C GLU J 290 -51.32 -4.66 35.68
N TYR J 291 -50.69 -5.73 36.15
CA TYR J 291 -51.10 -6.37 37.39
C TYR J 291 -49.93 -6.44 38.37
N PRO J 292 -49.40 -5.28 38.77
CA PRO J 292 -48.27 -5.19 39.70
C PRO J 292 -48.52 -5.82 41.06
N ASN J 293 -49.78 -6.04 41.41
CA ASN J 293 -50.10 -6.64 42.70
C ASN J 293 -50.29 -8.15 42.57
N ASN J 294 -50.01 -8.67 41.39
CA ASN J 294 -50.11 -10.11 41.13
C ASN J 294 -48.71 -10.67 40.90
N LYS J 295 -48.50 -11.90 41.37
CA LYS J 295 -47.21 -12.55 41.20
C LYS J 295 -47.29 -13.62 40.12
N PHE J 296 -46.25 -13.69 39.29
CA PHE J 296 -46.24 -14.66 38.20
C PHE J 296 -44.97 -15.52 38.16
N LEU J 297 -45.18 -16.82 37.97
CA LEU J 297 -44.10 -17.79 37.84
C LEU J 297 -44.14 -18.20 36.37
N VAL J 298 -43.01 -18.06 35.66
CA VAL J 298 -43.01 -18.40 34.25
C VAL J 298 -41.84 -19.25 33.80
N THR J 299 -42.14 -20.18 32.89
CA THR J 299 -41.15 -21.04 32.25
C THR J 299 -41.69 -21.16 30.83
N MET J 300 -40.81 -21.16 29.84
CA MET J 300 -41.24 -21.26 28.46
C MET J 300 -40.59 -22.46 27.78
N LEU J 301 -41.29 -23.04 26.81
CA LEU J 301 -40.81 -24.24 26.13
C LEU J 301 -39.87 -24.04 24.95
N SER J 302 -40.00 -22.90 24.26
CA SER J 302 -39.17 -22.63 23.10
C SER J 302 -37.76 -22.12 23.45
N ARG J 303 -36.75 -22.64 22.75
CA ARG J 303 -35.37 -22.23 22.99
C ARG J 303 -35.20 -20.74 22.67
N GLU J 304 -35.96 -20.31 21.65
CA GLU J 304 -35.92 -18.93 21.17
C GLU J 304 -36.63 -17.88 22.04
N ASN J 305 -37.25 -18.30 23.14
CA ASN J 305 -37.93 -17.37 24.05
C ASN J 305 -37.09 -17.18 25.31
N GLN J 306 -36.09 -18.04 25.51
CA GLN J 306 -35.30 -17.98 26.74
C GLN J 306 -34.59 -16.68 27.07
N HIS J 307 -33.82 -16.16 26.11
CA HIS J 307 -33.11 -14.92 26.38
C HIS J 307 -34.03 -13.73 26.67
N GLU J 308 -35.09 -13.55 25.87
CA GLU J 308 -35.99 -12.42 26.10
C GLU J 308 -36.79 -12.57 27.40
N LEU J 309 -37.00 -13.80 27.86
CA LEU J 309 -37.72 -14.02 29.11
C LEU J 309 -36.86 -13.48 30.24
N VAL J 310 -35.55 -13.73 30.14
CA VAL J 310 -34.61 -13.27 31.14
C VAL J 310 -34.64 -11.74 31.15
N VAL J 311 -34.70 -11.13 29.96
CA VAL J 311 -34.72 -9.68 29.93
C VAL J 311 -36.00 -9.14 30.56
N LEU J 312 -37.13 -9.84 30.35
CA LEU J 312 -38.40 -9.39 30.93
C LEU J 312 -38.31 -9.46 32.45
N ALA J 313 -37.58 -10.45 32.96
CA ALA J 313 -37.39 -10.59 34.39
C ALA J 313 -36.61 -9.37 34.92
N ARG J 314 -35.71 -8.83 34.10
CA ARG J 314 -34.95 -7.65 34.51
C ARG J 314 -35.88 -6.43 34.68
N LYS J 315 -36.99 -6.43 33.96
CA LYS J 315 -37.95 -5.33 34.01
C LYS J 315 -38.97 -5.39 35.14
N PHE J 316 -39.44 -6.59 35.46
CA PHE J 316 -40.48 -6.75 36.47
C PHE J 316 -40.17 -7.66 37.64
N SER J 317 -40.17 -7.10 38.84
CA SER J 317 -39.90 -7.86 40.05
C SER J 317 -41.03 -8.80 40.42
N ASN J 318 -42.19 -8.64 39.78
CA ASN J 318 -43.30 -9.54 40.10
C ASN J 318 -43.28 -10.77 39.18
N LEU J 319 -42.20 -10.92 38.42
CA LEU J 319 -41.98 -12.07 37.54
C LEU J 319 -40.86 -12.90 38.13
N MET J 320 -41.09 -14.20 38.30
CA MET J 320 -40.07 -15.09 38.80
C MET J 320 -40.02 -16.20 37.75
N ILE J 321 -38.91 -16.28 37.03
CA ILE J 321 -38.78 -17.31 36.00
C ILE J 321 -38.17 -18.54 36.65
N PHE J 322 -38.58 -19.72 36.18
CA PHE J 322 -38.08 -20.95 36.77
C PHE J 322 -37.85 -22.07 35.77
N GLY J 323 -36.96 -22.98 36.14
CA GLY J 323 -36.65 -24.17 35.36
C GLY J 323 -36.30 -24.15 33.88
N CYS J 324 -35.88 -25.32 33.42
CA CYS J 324 -35.53 -25.59 32.03
C CYS J 324 -36.53 -26.69 31.73
N TRP J 325 -37.67 -26.26 31.22
CA TRP J 325 -38.81 -27.11 30.95
C TRP J 325 -38.81 -28.01 29.73
N TRP J 326 -39.03 -29.31 30.00
CA TRP J 326 -39.24 -30.28 28.94
C TRP J 326 -38.13 -30.40 27.89
N PHE J 327 -38.40 -29.87 26.71
CA PHE J 327 -37.45 -29.89 25.60
C PHE J 327 -36.25 -28.97 25.88
N MET J 328 -36.34 -28.21 26.96
CA MET J 328 -35.25 -27.31 27.37
C MET J 328 -34.40 -28.08 28.41
N ASN J 329 -34.94 -29.20 28.90
CA ASN J 329 -34.26 -29.97 29.92
C ASN J 329 -33.18 -30.92 29.39
N ASN J 330 -32.27 -30.37 28.61
CA ASN J 330 -31.15 -31.09 28.01
C ASN J 330 -29.87 -30.28 28.30
N PRO J 331 -28.79 -30.97 28.72
CA PRO J 331 -27.50 -30.34 29.06
C PRO J 331 -27.08 -29.10 28.27
N GLU J 332 -27.08 -29.21 26.95
CA GLU J 332 -26.69 -28.09 26.10
C GLU J 332 -27.55 -26.84 26.35
N ILE J 333 -28.84 -27.04 26.58
CA ILE J 333 -29.74 -25.90 26.80
C ILE J 333 -29.73 -25.42 28.25
N ILE J 334 -29.71 -26.37 29.18
CA ILE J 334 -29.70 -26.05 30.61
C ILE J 334 -28.51 -25.14 30.90
N ASN J 335 -27.39 -25.45 30.26
CA ASN J 335 -26.18 -24.69 30.44
C ASN J 335 -26.32 -23.27 29.89
N GLU J 336 -26.73 -23.13 28.65
CA GLU J 336 -26.87 -21.80 28.09
C GLU J 336 -27.93 -20.98 28.83
N MET J 337 -29.03 -21.62 29.23
CA MET J 337 -30.08 -20.91 29.97
C MET J 337 -29.59 -20.44 31.35
N THR J 338 -28.98 -21.34 32.10
CA THR J 338 -28.51 -20.99 33.43
C THR J 338 -27.44 -19.91 33.41
N ARG J 339 -26.63 -19.88 32.35
CA ARG J 339 -25.60 -18.87 32.23
C ARG J 339 -26.22 -17.52 31.86
N MET J 340 -27.14 -17.51 30.90
CA MET J 340 -27.79 -16.27 30.51
C MET J 340 -28.55 -15.69 31.71
N ARG J 341 -29.23 -16.56 32.43
CA ARG J 341 -30.00 -16.12 33.60
C ARG J 341 -29.11 -15.51 34.69
N MET J 342 -28.06 -16.22 35.09
CA MET J 342 -27.18 -15.70 36.14
C MET J 342 -26.47 -14.41 35.73
N GLU J 343 -26.06 -14.33 34.47
CA GLU J 343 -25.35 -13.15 33.99
C GLU J 343 -26.23 -11.91 34.01
N MET J 344 -27.53 -12.09 33.75
CA MET J 344 -28.45 -10.96 33.75
C MET J 344 -29.31 -10.85 35.00
N LEU J 345 -29.37 -11.89 35.82
CA LEU J 345 -30.20 -11.85 37.03
C LEU J 345 -29.49 -12.17 38.34
N GLY J 346 -28.19 -12.44 38.29
CA GLY J 346 -27.48 -12.80 39.49
C GLY J 346 -28.10 -14.08 40.02
N THR J 347 -28.51 -14.07 41.29
CA THR J 347 -29.14 -15.26 41.86
C THR J 347 -30.66 -15.12 42.01
N SER J 348 -31.25 -14.10 41.40
CA SER J 348 -32.70 -13.91 41.56
C SER J 348 -33.60 -14.69 40.60
N PHE J 349 -33.46 -16.00 40.60
CA PHE J 349 -34.30 -16.85 39.75
C PHE J 349 -34.27 -18.26 40.30
N ILE J 350 -35.09 -19.13 39.73
CA ILE J 350 -35.17 -20.53 40.14
C ILE J 350 -34.63 -21.28 38.93
N PRO J 351 -33.38 -21.74 39.00
CA PRO J 351 -32.79 -22.46 37.86
C PRO J 351 -33.41 -23.76 37.37
N GLN J 352 -34.00 -24.55 38.25
CA GLN J 352 -34.54 -25.83 37.80
C GLN J 352 -35.65 -26.46 38.64
N HIS J 353 -36.36 -27.39 38.01
CA HIS J 353 -37.42 -28.19 38.61
C HIS J 353 -37.27 -29.51 37.85
N SER J 354 -37.71 -30.63 38.42
CA SER J 354 -37.56 -31.94 37.78
C SER J 354 -38.67 -32.36 36.82
N ASP J 355 -39.90 -31.95 37.12
CA ASP J 355 -41.05 -32.31 36.29
C ASP J 355 -41.23 -33.84 36.33
N ALA J 356 -40.77 -34.47 37.39
CA ALA J 356 -40.84 -35.92 37.50
C ALA J 356 -42.25 -36.52 37.43
N ARG J 357 -42.40 -37.53 36.59
CA ARG J 357 -43.67 -38.26 36.43
C ARG J 357 -43.52 -39.60 37.14
N VAL J 358 -42.26 -40.02 37.32
CA VAL J 358 -41.92 -41.28 37.98
C VAL J 358 -41.00 -40.92 39.15
N LEU J 359 -41.36 -41.35 40.35
CA LEU J 359 -40.62 -41.05 41.56
C LEU J 359 -39.09 -41.05 41.43
N GLU J 360 -38.53 -42.17 41.01
CA GLU J 360 -37.07 -42.30 40.87
C GLU J 360 -36.38 -41.23 40.02
N GLN J 361 -37.12 -40.57 39.15
CA GLN J 361 -36.50 -39.55 38.29
C GLN J 361 -35.91 -38.39 39.09
N LEU J 362 -36.34 -38.22 40.34
CA LEU J 362 -35.81 -37.15 41.18
C LEU J 362 -34.31 -37.34 41.30
N ILE J 363 -33.88 -38.60 41.29
CA ILE J 363 -32.46 -38.89 41.40
C ILE J 363 -31.67 -38.33 40.23
N TYR J 364 -32.06 -38.63 38.99
CA TYR J 364 -31.30 -38.14 37.85
C TYR J 364 -31.56 -36.68 37.47
N LYS J 365 -32.82 -36.25 37.49
CA LYS J 365 -33.14 -34.87 37.15
C LYS J 365 -32.26 -33.94 37.99
N TRP J 366 -32.23 -34.19 39.30
CA TRP J 366 -31.44 -33.34 40.18
C TRP J 366 -29.93 -33.60 40.11
N HIS J 367 -29.54 -34.85 39.88
CA HIS J 367 -28.11 -35.12 39.77
C HIS J 367 -27.52 -34.45 38.52
N HIS J 368 -28.16 -34.67 37.37
CA HIS J 368 -27.71 -34.07 36.11
C HIS J 368 -27.75 -32.55 36.15
N SER J 369 -28.81 -31.99 36.73
CA SER J 369 -28.94 -30.53 36.79
C SER J 369 -27.98 -29.88 37.79
N LYS J 370 -27.82 -30.48 38.97
CA LYS J 370 -26.90 -29.92 39.95
C LYS J 370 -25.47 -29.81 39.44
N SER J 371 -24.98 -30.84 38.74
CA SER J 371 -23.60 -30.79 38.24
C SER J 371 -23.41 -29.61 37.31
N ILE J 372 -24.39 -29.36 36.44
CA ILE J 372 -24.30 -28.23 35.52
C ILE J 372 -24.43 -26.89 36.26
N ILE J 373 -25.36 -26.81 37.20
CA ILE J 373 -25.54 -25.58 37.96
C ILE J 373 -24.28 -25.27 38.78
N ALA J 374 -23.65 -26.32 39.31
CA ALA J 374 -22.43 -26.18 40.10
C ALA J 374 -21.30 -25.62 39.23
N GLU J 375 -21.19 -26.12 37.99
CA GLU J 375 -20.18 -25.65 37.05
C GLU J 375 -20.37 -24.16 36.78
N VAL J 376 -21.61 -23.74 36.55
CA VAL J 376 -21.91 -22.34 36.27
C VAL J 376 -21.57 -21.48 37.48
N LEU J 377 -21.96 -21.94 38.66
CA LEU J 377 -21.66 -21.21 39.90
C LEU J 377 -20.15 -21.08 40.08
N ILE J 378 -19.42 -22.18 39.88
CA ILE J 378 -17.98 -22.14 40.01
C ILE J 378 -17.37 -21.10 39.08
N ASP J 379 -17.77 -21.07 37.82
CA ASP J 379 -17.24 -20.09 36.88
C ASP J 379 -17.54 -18.66 37.31
N LYS J 380 -18.79 -18.42 37.71
CA LYS J 380 -19.18 -17.08 38.12
C LYS J 380 -18.45 -16.64 39.38
N TYR J 381 -18.30 -17.54 40.36
CA TYR J 381 -17.59 -17.18 41.58
C TYR J 381 -16.11 -16.98 41.25
N ASP J 382 -15.59 -17.83 40.38
CA ASP J 382 -14.18 -17.72 40.01
C ASP J 382 -13.91 -16.38 39.35
N ASP J 383 -14.83 -15.93 38.52
CA ASP J 383 -14.68 -14.65 37.84
C ASP J 383 -14.59 -13.46 38.81
N ILE J 384 -15.39 -13.45 39.87
CA ILE J 384 -15.31 -12.31 40.78
C ILE J 384 -14.08 -12.47 41.68
N LEU J 385 -13.67 -13.71 41.90
CA LEU J 385 -12.48 -14.00 42.70
C LEU J 385 -11.28 -13.39 41.97
N GLN J 386 -11.28 -13.49 40.64
CA GLN J 386 -10.20 -12.95 39.83
C GLN J 386 -10.19 -11.43 39.89
N ALA J 387 -11.33 -10.84 40.25
CA ALA J 387 -11.42 -9.38 40.37
C ALA J 387 -11.14 -8.97 41.81
N GLY J 388 -10.73 -9.94 42.62
CA GLY J 388 -10.39 -9.64 44.01
C GLY J 388 -11.45 -9.87 45.08
N TRP J 389 -12.64 -10.29 44.68
CA TRP J 389 -13.70 -10.54 45.65
C TRP J 389 -13.52 -11.91 46.28
N GLU J 390 -13.63 -11.99 47.60
CA GLU J 390 -13.48 -13.27 48.28
C GLU J 390 -14.80 -13.66 48.94
N VAL J 391 -15.29 -14.83 48.58
CA VAL J 391 -16.56 -15.31 49.11
C VAL J 391 -16.30 -16.24 50.29
N THR J 392 -17.27 -16.33 51.19
CA THR J 392 -17.12 -17.21 52.34
C THR J 392 -17.96 -18.43 52.04
N GLU J 393 -17.67 -19.55 52.70
CA GLU J 393 -18.44 -20.76 52.50
C GLU J 393 -19.91 -20.51 52.87
N GLU J 394 -20.13 -19.68 53.88
CA GLU J 394 -21.49 -19.38 54.31
C GLU J 394 -22.26 -18.60 53.23
N GLU J 395 -21.61 -17.65 52.57
CA GLU J 395 -22.26 -16.89 51.51
C GLU J 395 -22.60 -17.82 50.35
N ILE J 396 -21.75 -18.81 50.11
CA ILE J 396 -21.99 -19.78 49.05
C ILE J 396 -23.23 -20.60 49.42
N LYS J 397 -23.28 -21.11 50.63
CA LYS J 397 -24.41 -21.90 51.09
C LYS J 397 -25.69 -21.08 50.98
N ARG J 398 -25.58 -19.80 51.33
CA ARG J 398 -26.72 -18.90 51.25
C ARG J 398 -27.21 -18.80 49.81
N ASP J 399 -26.30 -18.50 48.89
CA ASP J 399 -26.67 -18.37 47.49
C ASP J 399 -27.28 -19.66 46.93
N VAL J 400 -26.64 -20.78 47.24
CA VAL J 400 -27.12 -22.08 46.79
C VAL J 400 -28.50 -22.36 47.36
N ALA J 401 -28.71 -22.01 48.63
CA ALA J 401 -30.00 -22.22 49.26
C ALA J 401 -31.07 -21.39 48.55
N ASP J 402 -30.69 -20.19 48.10
CA ASP J 402 -31.64 -19.33 47.40
C ASP J 402 -32.09 -19.95 46.09
N LEU J 403 -31.12 -20.46 45.34
CA LEU J 403 -31.39 -21.03 44.03
C LEU J 403 -32.22 -22.30 44.06
N PHE J 404 -31.92 -23.18 45.00
CA PHE J 404 -32.60 -24.46 45.09
C PHE J 404 -33.81 -24.55 45.99
N SER J 405 -34.08 -23.51 46.79
CA SER J 405 -35.21 -23.59 47.71
C SER J 405 -35.83 -22.29 48.19
N ARG J 406 -35.02 -21.42 48.76
CA ARG J 406 -35.52 -20.14 49.30
C ARG J 406 -36.16 -19.16 48.33
N ASN J 407 -35.62 -19.01 47.12
CA ASN J 407 -36.22 -18.05 46.20
C ASN J 407 -37.69 -18.38 45.94
N PHE J 408 -38.00 -19.66 45.83
CA PHE J 408 -39.36 -20.12 45.58
C PHE J 408 -40.31 -19.81 46.74
N TRP J 409 -39.93 -20.27 47.93
CA TRP J 409 -40.76 -20.06 49.12
C TRP J 409 -40.94 -18.59 49.44
N ARG J 410 -39.91 -17.80 49.16
CA ARG J 410 -39.98 -16.37 49.41
C ARG J 410 -40.93 -15.72 48.40
N PHE J 411 -40.91 -16.20 47.17
CA PHE J 411 -41.78 -15.64 46.14
C PHE J 411 -43.25 -15.98 46.40
N VAL J 412 -43.52 -17.25 46.70
CA VAL J 412 -44.89 -17.70 46.95
C VAL J 412 -45.44 -17.17 48.27
N GLY J 413 -44.56 -16.60 49.09
CA GLY J 413 -44.99 -16.04 50.36
C GLY J 413 -45.38 -17.09 51.37
N ARG J 414 -44.56 -18.13 51.48
CA ARG J 414 -44.79 -19.20 52.44
C ARG J 414 -43.62 -19.29 53.41
N SER K 2 -12.88 -53.31 29.46
CA SER K 2 -13.64 -52.05 29.73
C SER K 2 -12.82 -50.81 29.45
N ILE K 3 -13.50 -49.67 29.40
CA ILE K 3 -12.89 -48.38 29.15
C ILE K 3 -12.98 -47.64 30.49
N ASN K 4 -11.90 -47.63 31.28
CA ASN K 4 -11.99 -46.99 32.58
C ASN K 4 -11.46 -45.56 32.72
N SER K 5 -11.23 -44.87 31.61
CA SER K 5 -10.77 -43.48 31.67
C SER K 5 -11.26 -42.70 30.46
N ARG K 6 -11.59 -41.42 30.69
CA ARG K 6 -12.06 -40.57 29.61
C ARG K 6 -10.99 -40.46 28.54
N GLU K 7 -9.72 -40.52 28.92
CA GLU K 7 -8.63 -40.41 27.96
C GLU K 7 -8.60 -41.55 26.95
N VAL K 8 -8.81 -42.79 27.40
CA VAL K 8 -8.80 -43.91 26.47
C VAL K 8 -10.10 -43.88 25.65
N LEU K 9 -11.20 -43.52 26.30
CA LEU K 9 -12.48 -43.42 25.62
C LEU K 9 -12.33 -42.47 24.45
N ALA K 10 -11.69 -41.34 24.70
CA ALA K 10 -11.51 -40.32 23.67
C ALA K 10 -10.72 -40.88 22.49
N GLU K 11 -9.67 -41.63 22.79
CA GLU K 11 -8.86 -42.21 21.72
C GLU K 11 -9.66 -43.23 20.91
N LYS K 12 -10.46 -44.05 21.60
CA LYS K 12 -11.26 -45.05 20.92
C LYS K 12 -12.38 -44.41 20.09
N VAL K 13 -13.01 -43.36 20.59
CA VAL K 13 -14.05 -42.72 19.80
C VAL K 13 -13.44 -42.07 18.56
N LYS K 14 -12.30 -41.39 18.73
CA LYS K 14 -11.66 -40.73 17.60
C LYS K 14 -11.28 -41.72 16.52
N ASN K 15 -10.71 -42.85 16.91
CA ASN K 15 -10.33 -43.87 15.93
C ASN K 15 -11.57 -44.40 15.22
N ALA K 16 -12.61 -44.72 15.99
CA ALA K 16 -13.84 -45.23 15.39
C ALA K 16 -14.37 -44.23 14.36
N VAL K 17 -14.52 -42.98 14.79
CA VAL K 17 -15.01 -41.93 13.92
C VAL K 17 -14.17 -41.72 12.65
N ASN K 18 -12.85 -41.66 12.82
CA ASN K 18 -11.96 -41.47 11.68
C ASN K 18 -11.94 -42.64 10.71
N ASN K 19 -12.01 -43.86 11.25
CA ASN K 19 -12.00 -45.07 10.42
C ASN K 19 -13.32 -45.41 9.75
N GLN K 20 -14.42 -44.87 10.25
CA GLN K 20 -15.74 -45.16 9.67
C GLN K 20 -15.94 -44.58 8.27
N PRO K 21 -16.18 -45.45 7.28
CA PRO K 21 -16.41 -44.99 5.90
C PRO K 21 -17.67 -44.13 5.92
N VAL K 22 -17.62 -43.00 5.24
CA VAL K 22 -18.74 -42.07 5.22
C VAL K 22 -19.64 -42.10 4.00
N THR K 23 -20.94 -42.01 4.24
CA THR K 23 -21.91 -41.90 3.16
C THR K 23 -22.31 -40.43 3.28
N ASP K 24 -21.97 -39.66 2.26
CA ASP K 24 -22.24 -38.23 2.20
C ASP K 24 -23.57 -38.08 1.46
N MET K 25 -24.67 -37.96 2.20
CA MET K 25 -25.99 -37.90 1.58
C MET K 25 -26.46 -36.65 0.84
N HIS K 26 -25.60 -35.65 0.72
CA HIS K 26 -25.94 -34.46 -0.06
C HIS K 26 -24.72 -33.65 -0.45
N THR K 27 -24.44 -33.61 -1.76
CA THR K 27 -23.30 -32.87 -2.28
C THR K 27 -23.66 -32.33 -3.66
N HIS K 28 -22.74 -31.57 -4.24
CA HIS K 28 -22.94 -31.03 -5.57
C HIS K 28 -21.81 -31.55 -6.45
N LEU K 29 -21.44 -32.80 -6.17
CA LEU K 29 -20.38 -33.46 -6.92
C LEU K 29 -21.03 -34.45 -7.90
N PHE K 30 -20.26 -34.87 -8.90
CA PHE K 30 -20.76 -35.80 -9.90
C PHE K 30 -19.76 -36.93 -10.15
N SER K 31 -20.26 -38.10 -10.54
CA SER K 31 -19.39 -39.23 -10.86
C SER K 31 -18.45 -38.71 -11.94
N PRO K 32 -17.18 -39.13 -11.90
CA PRO K 32 -16.16 -38.70 -12.88
C PRO K 32 -16.55 -38.82 -14.35
N ASN K 33 -17.24 -39.89 -14.72
CA ASN K 33 -17.61 -40.08 -16.12
C ASN K 33 -18.60 -39.04 -16.64
N PHE K 34 -19.14 -38.23 -15.74
CA PHE K 34 -20.09 -37.19 -16.15
C PHE K 34 -19.42 -35.97 -16.80
N GLY K 35 -18.11 -35.92 -16.75
CA GLY K 35 -17.39 -34.81 -17.38
C GLY K 35 -16.99 -33.63 -16.53
N GLU K 36 -16.78 -32.50 -17.19
CA GLU K 36 -16.37 -31.26 -16.53
C GLU K 36 -17.37 -30.77 -15.49
N ILE K 37 -18.52 -31.42 -15.43
CA ILE K 37 -19.54 -31.02 -14.47
C ILE K 37 -18.96 -31.22 -13.06
N LEU K 38 -18.05 -32.18 -12.92
CA LEU K 38 -17.41 -32.40 -11.62
C LEU K 38 -16.28 -31.38 -11.48
N LEU K 39 -16.40 -30.49 -10.49
CA LEU K 39 -15.37 -29.46 -10.29
C LEU K 39 -14.29 -29.91 -9.32
N TRP K 40 -13.06 -29.52 -9.58
CA TRP K 40 -11.94 -29.87 -8.69
C TRP K 40 -10.68 -29.07 -9.02
N ASP K 41 -9.80 -29.03 -8.02
CA ASP K 41 -8.49 -28.35 -7.99
C ASP K 41 -8.48 -27.09 -7.14
N ILE K 42 -7.29 -26.63 -6.79
CA ILE K 42 -7.16 -25.46 -5.92
C ILE K 42 -7.83 -24.19 -6.42
N ASP K 43 -7.89 -23.99 -7.73
CA ASP K 43 -8.54 -22.78 -8.24
C ASP K 43 -10.04 -22.86 -8.03
N GLU K 44 -10.58 -24.07 -8.10
CA GLU K 44 -12.01 -24.26 -7.87
C GLU K 44 -12.30 -24.09 -6.37
N LEU K 45 -11.36 -24.53 -5.54
CA LEU K 45 -11.53 -24.41 -4.10
C LEU K 45 -11.55 -22.94 -3.68
N LEU K 46 -10.66 -22.15 -4.26
CA LEU K 46 -10.57 -20.74 -3.92
C LEU K 46 -11.71 -19.89 -4.46
N THR K 47 -12.40 -20.38 -5.49
CA THR K 47 -13.50 -19.62 -6.06
C THR K 47 -14.87 -20.15 -5.64
N TYR K 48 -14.87 -21.00 -4.61
CA TYR K 48 -16.09 -21.57 -4.02
C TYR K 48 -16.94 -20.33 -3.71
N HIS K 49 -18.24 -20.34 -3.97
CA HIS K 49 -18.98 -19.12 -3.73
C HIS K 49 -18.90 -18.59 -2.29
N TYR K 50 -18.60 -19.44 -1.32
CA TYR K 50 -18.48 -18.96 0.07
C TYR K 50 -17.36 -17.92 0.14
N LEU K 51 -16.28 -18.17 -0.59
CA LEU K 51 -15.13 -17.27 -0.61
C LEU K 51 -15.35 -16.01 -1.44
N VAL K 52 -16.25 -16.09 -2.42
CA VAL K 52 -16.55 -14.92 -3.24
C VAL K 52 -17.28 -13.92 -2.34
N ALA K 53 -18.23 -14.39 -1.57
CA ALA K 53 -18.97 -13.52 -0.66
C ALA K 53 -17.99 -12.88 0.32
N GLU K 54 -17.09 -13.70 0.86
CA GLU K 54 -16.12 -13.21 1.83
C GLU K 54 -15.11 -12.22 1.26
N VAL K 55 -14.65 -12.47 0.04
CA VAL K 55 -13.69 -11.56 -0.54
C VAL K 55 -14.30 -10.19 -0.85
N MET K 56 -15.58 -10.16 -1.23
CA MET K 56 -16.25 -8.91 -1.56
C MET K 56 -16.37 -7.97 -0.38
N ARG K 57 -16.21 -8.49 0.83
CA ARG K 57 -16.31 -7.67 2.02
C ARG K 57 -15.00 -6.91 2.24
N TRP K 58 -13.93 -7.33 1.56
CA TRP K 58 -12.63 -6.70 1.71
C TRP K 58 -12.10 -5.97 0.48
N THR K 59 -12.08 -6.68 -0.65
CA THR K 59 -11.52 -6.17 -1.91
C THR K 59 -12.11 -4.88 -2.51
N ASP K 60 -11.27 -4.13 -3.21
CA ASP K 60 -11.70 -2.91 -3.88
C ASP K 60 -12.19 -3.25 -5.28
N VAL K 61 -11.98 -4.48 -5.69
CA VAL K 61 -12.41 -4.93 -7.02
C VAL K 61 -13.93 -5.11 -7.06
N SER K 62 -14.58 -4.42 -8.00
CA SER K 62 -16.04 -4.53 -8.14
C SER K 62 -16.43 -5.96 -8.48
N ILE K 63 -17.64 -6.35 -8.11
CA ILE K 63 -18.12 -7.68 -8.38
C ILE K 63 -18.18 -7.96 -9.88
N GLU K 64 -18.50 -6.94 -10.68
CA GLU K 64 -18.56 -7.09 -12.12
C GLU K 64 -17.16 -7.39 -12.65
N ALA K 65 -16.17 -6.66 -12.15
CA ALA K 65 -14.78 -6.87 -12.58
C ALA K 65 -14.36 -8.28 -12.17
N PHE K 66 -14.80 -8.71 -10.99
CA PHE K 66 -14.47 -10.05 -10.51
C PHE K 66 -14.96 -11.13 -11.46
N TRP K 67 -16.24 -11.07 -11.83
CA TRP K 67 -16.82 -12.05 -12.73
C TRP K 67 -16.17 -12.00 -14.10
N ALA K 68 -15.63 -10.84 -14.44
CA ALA K 68 -14.97 -10.63 -15.73
C ALA K 68 -13.55 -11.21 -15.74
N MET K 69 -12.99 -11.47 -14.57
CA MET K 69 -11.64 -12.03 -14.49
C MET K 69 -11.68 -13.51 -14.83
N SER K 70 -10.52 -14.08 -15.12
CA SER K 70 -10.43 -15.51 -15.43
C SER K 70 -10.45 -16.26 -14.11
N LYS K 71 -10.76 -17.56 -14.18
CA LYS K 71 -10.82 -18.41 -13.00
C LYS K 71 -9.53 -18.29 -12.19
N ARG K 72 -8.40 -18.28 -12.89
CA ARG K 72 -7.11 -18.18 -12.24
C ARG K 72 -6.93 -16.83 -11.55
N GLU K 73 -7.42 -15.78 -12.20
CA GLU K 73 -7.32 -14.43 -11.66
C GLU K 73 -8.18 -14.25 -10.43
N GLN K 74 -9.37 -14.84 -10.43
CA GLN K 74 -10.28 -14.76 -9.30
C GLN K 74 -9.65 -15.45 -8.09
N ALA K 75 -8.98 -16.57 -8.35
CA ALA K 75 -8.31 -17.33 -7.31
C ALA K 75 -7.15 -16.54 -6.70
N ASP K 76 -6.36 -15.90 -7.55
CA ASP K 76 -5.22 -15.10 -7.08
C ASP K 76 -5.69 -13.96 -6.16
N LEU K 77 -6.78 -13.32 -6.55
CA LEU K 77 -7.34 -12.21 -5.79
C LEU K 77 -7.81 -12.69 -4.42
N ILE K 78 -8.60 -13.76 -4.41
CA ILE K 78 -9.11 -14.30 -3.17
C ILE K 78 -7.97 -14.76 -2.26
N TRP K 79 -6.99 -15.43 -2.84
CA TRP K 79 -5.84 -15.88 -2.06
C TRP K 79 -5.17 -14.68 -1.38
N GLU K 80 -4.86 -13.66 -2.17
CA GLU K 80 -4.23 -12.45 -1.67
C GLU K 80 -5.07 -11.71 -0.63
N GLU K 81 -6.36 -11.55 -0.91
CA GLU K 81 -7.25 -10.81 -0.02
C GLU K 81 -7.70 -11.52 1.25
N LEU K 82 -7.95 -12.83 1.18
CA LEU K 82 -8.41 -13.56 2.34
C LEU K 82 -7.35 -14.34 3.12
N PHE K 83 -6.24 -14.65 2.46
CA PHE K 83 -5.17 -15.41 3.10
C PHE K 83 -3.92 -14.60 3.45
N ILE K 84 -3.54 -13.68 2.56
CA ILE K 84 -2.34 -12.87 2.76
C ILE K 84 -2.52 -11.53 3.49
N LYS K 85 -3.49 -10.72 3.03
CA LYS K 85 -3.74 -9.42 3.68
C LYS K 85 -4.40 -9.56 5.05
N ARG K 86 -5.08 -10.69 5.25
CA ARG K 86 -5.71 -10.96 6.54
C ARG K 86 -5.53 -12.46 6.78
N SER K 87 -5.49 -12.87 8.04
CA SER K 87 -5.33 -14.29 8.33
C SER K 87 -6.55 -15.06 7.87
N PRO K 88 -6.35 -16.22 7.24
CA PRO K 88 -7.46 -17.04 6.75
C PRO K 88 -8.17 -17.77 7.90
N VAL K 89 -8.76 -17.01 8.82
CA VAL K 89 -9.42 -17.61 9.98
C VAL K 89 -10.86 -18.11 9.82
N SER K 90 -11.57 -17.64 8.80
CA SER K 90 -12.96 -18.07 8.59
C SER K 90 -13.01 -19.58 8.33
N GLU K 91 -14.19 -20.17 8.51
CA GLU K 91 -14.35 -21.61 8.29
C GLU K 91 -14.05 -22.05 6.86
N ALA K 92 -14.54 -21.30 5.87
CA ALA K 92 -14.30 -21.67 4.47
C ALA K 92 -12.83 -21.56 4.09
N CYS K 93 -12.15 -20.51 4.56
CA CYS K 93 -10.73 -20.34 4.26
C CYS K 93 -9.93 -21.46 4.92
N ARG K 94 -10.19 -21.69 6.21
CA ARG K 94 -9.53 -22.75 6.97
C ARG K 94 -9.71 -24.06 6.23
N GLY K 95 -10.87 -24.23 5.62
CA GLY K 95 -11.16 -25.45 4.88
C GLY K 95 -10.22 -25.64 3.71
N VAL K 96 -9.91 -24.56 3.01
CA VAL K 96 -9.00 -24.64 1.86
C VAL K 96 -7.64 -25.15 2.33
N LEU K 97 -7.22 -24.72 3.51
CA LEU K 97 -5.93 -25.14 4.04
C LEU K 97 -5.95 -26.61 4.44
N THR K 98 -7.03 -27.05 5.08
CA THR K 98 -7.13 -28.45 5.48
C THR K 98 -7.02 -29.32 4.23
N CYS K 99 -7.63 -28.89 3.14
CA CYS K 99 -7.58 -29.66 1.89
C CYS K 99 -6.14 -29.77 1.40
N LEU K 100 -5.44 -28.65 1.32
CA LEU K 100 -4.04 -28.63 0.87
C LEU K 100 -3.18 -29.57 1.69
N GLN K 101 -3.23 -29.41 3.00
CA GLN K 101 -2.44 -30.26 3.88
C GLN K 101 -2.79 -31.73 3.65
N GLY K 102 -4.09 -32.01 3.59
CA GLY K 102 -4.56 -33.37 3.38
C GLY K 102 -4.02 -34.01 2.11
N LEU K 103 -3.78 -33.19 1.09
CA LEU K 103 -3.27 -33.69 -0.18
C LEU K 103 -1.75 -33.86 -0.16
N GLY K 104 -1.13 -33.58 0.97
CA GLY K 104 0.32 -33.71 1.06
C GLY K 104 1.03 -32.42 0.67
N LEU K 105 0.27 -31.36 0.40
CA LEU K 105 0.87 -30.08 0.04
C LEU K 105 1.19 -29.31 1.31
N ASP K 106 2.06 -28.31 1.21
CA ASP K 106 2.48 -27.55 2.38
C ASP K 106 1.98 -26.10 2.43
N PRO K 107 0.96 -25.84 3.26
CA PRO K 107 0.37 -24.50 3.42
C PRO K 107 1.35 -23.45 3.94
N ALA K 108 2.34 -23.90 4.70
CA ALA K 108 3.34 -23.00 5.27
C ALA K 108 4.09 -22.19 4.20
N THR K 109 4.32 -22.78 3.03
CA THR K 109 5.05 -22.09 1.96
C THR K 109 4.23 -21.01 1.28
N ARG K 110 2.91 -21.19 1.25
CA ARG K 110 2.01 -20.23 0.59
C ARG K 110 2.33 -20.17 -0.90
N ASP K 111 2.91 -21.24 -1.42
CA ASP K 111 3.30 -21.31 -2.83
C ASP K 111 2.13 -21.81 -3.67
N LEU K 112 1.21 -20.91 -3.98
CA LEU K 112 0.03 -21.25 -4.77
C LEU K 112 0.38 -21.92 -6.09
N GLN K 113 1.47 -21.46 -6.71
CA GLN K 113 1.90 -22.04 -7.99
C GLN K 113 2.33 -23.49 -7.85
N VAL K 114 3.00 -23.82 -6.75
CA VAL K 114 3.41 -25.19 -6.51
C VAL K 114 2.17 -26.04 -6.25
N TYR K 115 1.17 -25.44 -5.60
CA TYR K 115 -0.06 -26.15 -5.30
C TYR K 115 -0.79 -26.49 -6.61
N ARG K 116 -0.79 -25.53 -7.53
CA ARG K 116 -1.44 -25.69 -8.83
C ARG K 116 -0.81 -26.81 -9.67
N GLU K 117 0.49 -27.00 -9.53
CA GLU K 117 1.19 -28.03 -10.29
C GLU K 117 0.75 -29.43 -9.87
N TYR K 118 0.41 -29.59 -8.60
CA TYR K 118 -0.05 -30.87 -8.09
C TYR K 118 -1.26 -31.35 -8.90
N PHE K 119 -2.21 -30.44 -9.13
CA PHE K 119 -3.44 -30.78 -9.85
C PHE K 119 -3.27 -30.90 -11.36
N ALA K 120 -2.36 -30.13 -11.93
CA ALA K 120 -2.13 -30.15 -13.37
C ALA K 120 -1.68 -31.52 -13.88
N LYS K 121 -0.78 -32.17 -13.17
CA LYS K 121 -0.29 -33.48 -13.59
C LYS K 121 -1.12 -34.60 -12.97
N LYS K 122 -2.42 -34.54 -13.18
CA LYS K 122 -3.33 -35.55 -12.62
C LYS K 122 -4.67 -35.50 -13.33
N THR K 123 -5.36 -36.64 -13.39
CA THR K 123 -6.65 -36.71 -14.05
C THR K 123 -7.80 -36.69 -13.05
N SER K 124 -9.00 -36.41 -13.55
CA SER K 124 -10.21 -36.36 -12.73
C SER K 124 -10.46 -37.69 -12.03
N GLU K 125 -10.32 -38.79 -12.78
CA GLU K 125 -10.54 -40.12 -12.22
C GLU K 125 -9.56 -40.40 -11.08
N GLU K 126 -8.31 -40.00 -11.25
CA GLU K 126 -7.29 -40.22 -10.23
C GLU K 126 -7.57 -39.40 -8.97
N GLN K 127 -7.96 -38.14 -9.18
CA GLN K 127 -8.24 -37.26 -8.06
C GLN K 127 -9.43 -37.75 -7.23
N VAL K 128 -10.48 -38.26 -7.89
CA VAL K 128 -11.61 -38.77 -7.11
C VAL K 128 -11.14 -39.95 -6.27
N ASP K 129 -10.28 -40.80 -6.85
CA ASP K 129 -9.76 -41.96 -6.11
C ASP K 129 -8.98 -41.48 -4.89
N THR K 130 -8.11 -40.48 -5.11
CA THR K 130 -7.30 -39.92 -4.03
C THR K 130 -8.17 -39.31 -2.94
N VAL K 131 -9.04 -38.37 -3.33
CA VAL K 131 -9.92 -37.70 -2.39
C VAL K 131 -10.84 -38.64 -1.60
N LEU K 132 -11.50 -39.57 -2.28
CA LEU K 132 -12.40 -40.48 -1.57
C LEU K 132 -11.62 -41.27 -0.52
N GLN K 133 -10.39 -41.64 -0.85
CA GLN K 133 -9.56 -42.39 0.09
C GLN K 133 -9.16 -41.51 1.27
N LEU K 134 -8.69 -40.31 0.98
CA LEU K 134 -8.25 -39.38 2.02
C LEU K 134 -9.38 -38.96 2.96
N ALA K 135 -10.56 -38.68 2.40
CA ALA K 135 -11.70 -38.25 3.21
C ALA K 135 -12.50 -39.45 3.71
N ASN K 136 -12.02 -40.65 3.39
CA ASN K 136 -12.69 -41.88 3.80
C ASN K 136 -14.19 -41.84 3.52
N VAL K 137 -14.55 -41.42 2.32
CA VAL K 137 -15.94 -41.35 1.90
C VAL K 137 -16.16 -42.53 0.96
N SER K 138 -17.14 -43.37 1.28
CA SER K 138 -17.44 -44.53 0.46
C SER K 138 -18.54 -44.26 -0.55
N ASP K 139 -19.50 -43.43 -0.17
CA ASP K 139 -20.64 -43.13 -1.03
C ASP K 139 -21.00 -41.65 -1.08
N VAL K 140 -21.21 -41.15 -2.28
CA VAL K 140 -21.56 -39.76 -2.51
C VAL K 140 -22.92 -39.65 -3.17
N VAL K 141 -23.79 -38.83 -2.61
CA VAL K 141 -25.10 -38.61 -3.19
C VAL K 141 -25.00 -37.28 -3.93
N MET K 142 -25.34 -37.31 -5.22
CA MET K 142 -25.28 -36.11 -6.05
C MET K 142 -26.57 -35.34 -5.97
N THR K 143 -26.60 -34.19 -6.65
CA THR K 143 -27.78 -33.35 -6.76
C THR K 143 -28.04 -33.36 -8.26
N ASN K 144 -28.95 -34.21 -8.70
CA ASN K 144 -29.21 -34.33 -10.13
C ASN K 144 -30.44 -33.56 -10.64
N ASP K 145 -30.16 -32.49 -11.39
CA ASP K 145 -31.18 -31.64 -11.95
C ASP K 145 -31.41 -31.90 -13.44
N PRO K 146 -32.57 -32.46 -13.80
CA PRO K 146 -32.92 -32.76 -15.19
C PRO K 146 -33.22 -31.51 -16.01
N PHE K 147 -33.44 -30.39 -15.31
CA PHE K 147 -33.74 -29.13 -15.97
C PHE K 147 -32.47 -28.40 -16.41
N ASP K 148 -31.33 -28.96 -16.02
CA ASP K 148 -30.03 -28.40 -16.38
C ASP K 148 -29.55 -29.10 -17.65
N ASP K 149 -29.63 -28.40 -18.78
CA ASP K 149 -29.24 -28.95 -20.08
C ASP K 149 -27.99 -29.81 -20.08
N ASN K 150 -26.91 -29.26 -19.53
CA ASN K 150 -25.63 -29.97 -19.48
C ASN K 150 -25.75 -31.35 -18.84
N GLU K 151 -26.15 -31.36 -17.58
CA GLU K 151 -26.30 -32.60 -16.84
C GLU K 151 -27.33 -33.52 -17.47
N ARG K 152 -28.38 -32.92 -18.04
CA ARG K 152 -29.44 -33.70 -18.66
C ARG K 152 -28.90 -34.55 -19.81
N ILE K 153 -28.07 -33.95 -20.66
CA ILE K 153 -27.53 -34.67 -21.79
C ILE K 153 -26.77 -35.92 -21.36
N SER K 154 -26.06 -35.82 -20.23
CA SER K 154 -25.31 -36.97 -19.73
C SER K 154 -26.23 -38.15 -19.46
N TRP K 155 -27.39 -37.89 -18.84
CA TRP K 155 -28.34 -38.96 -18.56
C TRP K 155 -28.98 -39.46 -19.85
N LEU K 156 -29.33 -38.54 -20.73
CA LEU K 156 -29.94 -38.90 -22.00
C LEU K 156 -29.00 -39.78 -22.83
N GLU K 157 -27.70 -39.54 -22.68
CA GLU K 157 -26.69 -40.32 -23.41
C GLU K 157 -26.59 -41.75 -22.91
N GLY K 158 -27.12 -42.02 -21.72
CA GLY K 158 -27.07 -43.37 -21.18
C GLY K 158 -25.97 -43.52 -20.15
N LYS K 159 -25.30 -42.43 -19.82
CA LYS K 159 -24.24 -42.46 -18.82
C LYS K 159 -24.81 -42.87 -17.48
N GLN K 160 -24.00 -43.59 -16.70
CA GLN K 160 -24.38 -44.05 -15.37
C GLN K 160 -23.22 -43.73 -14.43
N PRO K 161 -23.53 -43.27 -13.22
CA PRO K 161 -22.45 -42.96 -12.27
C PRO K 161 -21.87 -44.28 -11.76
N ASP K 162 -20.60 -44.30 -11.40
CA ASP K 162 -20.05 -45.56 -10.89
C ASP K 162 -20.69 -45.88 -9.53
N SER K 163 -20.43 -47.08 -9.03
CA SER K 163 -21.01 -47.55 -7.78
C SER K 163 -20.83 -46.66 -6.55
N ARG K 164 -19.86 -45.75 -6.58
CA ARG K 164 -19.60 -44.86 -5.44
C ARG K 164 -20.53 -43.64 -5.42
N PHE K 165 -21.13 -43.33 -6.56
CA PHE K 165 -22.02 -42.18 -6.67
C PHE K 165 -23.49 -42.54 -6.84
N HIS K 166 -24.35 -41.86 -6.09
CA HIS K 166 -25.78 -42.11 -6.14
C HIS K 166 -26.52 -40.86 -6.55
N ALA K 167 -27.64 -41.05 -7.23
CA ALA K 167 -28.40 -39.92 -7.72
C ALA K 167 -29.49 -39.46 -6.78
N ALA K 168 -29.85 -38.19 -6.93
CA ALA K 168 -30.91 -37.58 -6.15
C ALA K 168 -31.60 -36.65 -7.14
N LEU K 169 -32.86 -36.94 -7.42
CA LEU K 169 -33.62 -36.12 -8.36
C LEU K 169 -34.03 -34.78 -7.75
N ARG K 170 -33.32 -33.72 -8.13
CA ARG K 170 -33.58 -32.37 -7.64
C ARG K 170 -34.67 -31.75 -8.52
N LEU K 171 -35.71 -31.21 -7.88
CA LEU K 171 -36.85 -30.67 -8.60
C LEU K 171 -37.22 -29.20 -8.39
N ASP K 172 -36.25 -28.37 -7.99
CA ASP K 172 -36.53 -26.95 -7.77
C ASP K 172 -37.33 -26.27 -8.89
N PRO K 173 -36.87 -26.38 -10.15
CA PRO K 173 -37.60 -25.73 -11.25
C PRO K 173 -39.07 -26.14 -11.35
N LEU K 174 -39.33 -27.43 -11.23
CA LEU K 174 -40.69 -27.97 -11.31
C LEU K 174 -41.57 -27.49 -10.17
N LEU K 175 -41.09 -27.68 -8.95
CA LEU K 175 -41.85 -27.32 -7.77
C LEU K 175 -41.91 -25.83 -7.47
N ASN K 176 -40.85 -25.09 -7.77
CA ASN K 176 -40.82 -23.66 -7.47
C ASN K 176 -41.08 -22.71 -8.64
N GLU K 177 -40.82 -23.16 -9.86
CA GLU K 177 -41.03 -22.29 -11.03
C GLU K 177 -41.91 -23.00 -12.05
N TYR K 178 -43.00 -23.61 -11.60
CA TYR K 178 -43.87 -24.34 -12.50
C TYR K 178 -44.39 -23.54 -13.69
N GLU K 179 -44.81 -22.31 -13.46
CA GLU K 179 -45.32 -21.47 -14.54
C GLU K 179 -44.37 -21.43 -15.74
N GLN K 180 -43.09 -21.17 -15.49
CA GLN K 180 -42.12 -21.10 -16.58
C GLN K 180 -41.59 -22.47 -16.96
N THR K 181 -41.71 -23.44 -16.06
CA THR K 181 -41.21 -24.79 -16.33
C THR K 181 -42.17 -25.66 -17.12
N LYS K 182 -43.46 -25.47 -16.91
CA LYS K 182 -44.47 -26.26 -17.59
C LYS K 182 -44.34 -26.24 -19.11
N HIS K 183 -43.75 -25.17 -19.63
CA HIS K 183 -43.57 -25.04 -21.08
C HIS K 183 -42.43 -25.91 -21.56
N ARG K 184 -41.47 -26.18 -20.68
CA ARG K 184 -40.34 -27.03 -21.05
C ARG K 184 -40.75 -28.48 -20.95
N LEU K 185 -41.70 -28.77 -20.07
CA LEU K 185 -42.19 -30.13 -19.91
C LEU K 185 -42.84 -30.59 -21.22
N ARG K 186 -43.73 -29.76 -21.74
CA ARG K 186 -44.42 -30.09 -22.99
C ARG K 186 -43.42 -30.21 -24.15
N ASP K 187 -42.31 -29.46 -24.08
CA ASP K 187 -41.29 -29.56 -25.13
C ASP K 187 -40.73 -30.98 -25.12
N TRP K 188 -40.71 -31.59 -23.94
CA TRP K 188 -40.18 -32.94 -23.81
C TRP K 188 -41.24 -34.03 -23.98
N GLY K 189 -42.47 -33.62 -24.30
CA GLY K 189 -43.53 -34.59 -24.50
C GLY K 189 -44.46 -34.77 -23.33
N TYR K 190 -44.43 -33.84 -22.39
CA TYR K 190 -45.31 -33.91 -21.23
C TYR K 190 -46.45 -32.95 -21.42
N LYS K 191 -47.59 -33.51 -21.81
CA LYS K 191 -48.80 -32.76 -22.09
C LYS K 191 -49.49 -32.15 -20.87
N VAL K 192 -48.88 -31.12 -20.29
CA VAL K 192 -49.47 -30.45 -19.13
C VAL K 192 -50.37 -29.34 -19.68
N ASN K 193 -51.54 -29.18 -19.08
CA ASN K 193 -52.51 -28.18 -19.52
C ASN K 193 -52.42 -26.85 -18.78
N ASP K 194 -53.12 -25.85 -19.30
CA ASP K 194 -53.14 -24.52 -18.68
C ASP K 194 -53.71 -24.66 -17.28
N GLU K 195 -54.70 -25.53 -17.13
CA GLU K 195 -55.33 -25.74 -15.85
C GLU K 195 -54.89 -27.07 -15.22
N TRP K 196 -54.91 -27.10 -13.89
CA TRP K 196 -54.49 -28.29 -13.15
C TRP K 196 -55.60 -29.34 -13.15
N ASN K 197 -55.65 -30.11 -14.24
CA ASN K 197 -56.66 -31.15 -14.39
C ASN K 197 -56.02 -32.53 -14.35
N GLU K 198 -56.87 -33.55 -14.46
CA GLU K 198 -56.40 -34.94 -14.41
C GLU K 198 -55.25 -35.20 -15.38
N GLY K 199 -55.25 -34.48 -16.50
CA GLY K 199 -54.21 -34.65 -17.49
C GLY K 199 -52.87 -34.05 -17.10
N SER K 200 -52.89 -32.85 -16.54
CA SER K 200 -51.66 -32.19 -16.11
C SER K 200 -51.03 -33.00 -14.99
N ILE K 201 -51.86 -33.43 -14.04
CA ILE K 201 -51.41 -34.22 -12.89
C ILE K 201 -50.76 -35.51 -13.37
N GLN K 202 -51.36 -36.13 -14.37
CA GLN K 202 -50.88 -37.39 -14.90
C GLN K 202 -49.53 -37.26 -15.62
N GLU K 203 -49.37 -36.17 -16.38
CA GLU K 203 -48.13 -35.96 -17.10
C GLU K 203 -47.00 -35.58 -16.16
N VAL K 204 -47.32 -34.83 -15.10
CA VAL K 204 -46.30 -34.43 -14.14
C VAL K 204 -45.77 -35.70 -13.48
N LYS K 205 -46.69 -36.55 -13.01
CA LYS K 205 -46.29 -37.81 -12.37
C LYS K 205 -45.48 -38.64 -13.35
N ARG K 206 -45.85 -38.61 -14.61
CA ARG K 206 -45.15 -39.38 -15.65
C ARG K 206 -43.72 -38.86 -15.74
N PHE K 207 -43.57 -37.54 -15.68
CA PHE K 207 -42.26 -36.91 -15.73
C PHE K 207 -41.42 -37.43 -14.56
N LEU K 208 -41.97 -37.31 -13.35
CA LEU K 208 -41.26 -37.76 -12.15
C LEU K 208 -40.89 -39.24 -12.28
N THR K 209 -41.85 -40.05 -12.73
CA THR K 209 -41.63 -41.49 -12.90
C THR K 209 -40.54 -41.80 -13.92
N ASP K 210 -40.54 -41.12 -15.05
CA ASP K 210 -39.54 -41.37 -16.07
C ASP K 210 -38.14 -41.12 -15.52
N TRP K 211 -37.97 -39.98 -14.85
CA TRP K 211 -36.67 -39.66 -14.29
C TRP K 211 -36.27 -40.57 -13.15
N ILE K 212 -37.25 -41.11 -12.43
CA ILE K 212 -36.94 -42.03 -11.34
C ILE K 212 -36.40 -43.34 -11.92
N GLU K 213 -36.95 -43.75 -13.05
CA GLU K 213 -36.49 -44.98 -13.70
C GLU K 213 -35.10 -44.77 -14.27
N ARG K 214 -34.82 -43.56 -14.71
CA ARG K 214 -33.53 -43.24 -15.31
C ARG K 214 -32.41 -43.02 -14.31
N MET K 215 -32.67 -42.30 -13.23
CA MET K 215 -31.65 -42.01 -12.23
C MET K 215 -31.58 -43.01 -11.07
N ASP K 216 -32.71 -43.62 -10.77
CA ASP K 216 -32.79 -44.56 -9.64
C ASP K 216 -32.27 -43.77 -8.43
N PRO K 217 -32.84 -42.58 -8.17
CA PRO K 217 -32.46 -41.71 -7.07
C PRO K 217 -32.75 -42.27 -5.68
N VAL K 218 -31.90 -41.94 -4.73
CA VAL K 218 -32.09 -42.40 -3.36
C VAL K 218 -33.18 -41.55 -2.71
N TYR K 219 -33.49 -40.44 -3.34
CA TYR K 219 -34.57 -39.55 -2.87
C TYR K 219 -34.82 -38.41 -3.85
N MET K 220 -35.94 -37.74 -3.68
CA MET K 220 -36.30 -36.59 -4.50
C MET K 220 -36.12 -35.40 -3.56
N ALA K 221 -35.55 -34.32 -4.08
CA ALA K 221 -35.27 -33.15 -3.25
C ALA K 221 -35.69 -31.81 -3.81
N VAL K 222 -35.74 -30.82 -2.92
CA VAL K 222 -36.10 -29.45 -3.27
C VAL K 222 -35.67 -28.51 -2.13
N SER K 223 -35.28 -27.29 -2.49
CA SER K 223 -34.90 -26.30 -1.49
C SER K 223 -36.07 -25.31 -1.50
N LEU K 224 -36.54 -24.95 -0.31
CA LEU K 224 -37.69 -24.07 -0.15
C LEU K 224 -37.42 -22.78 0.62
N PRO K 225 -38.23 -21.74 0.37
CA PRO K 225 -38.08 -20.44 1.04
C PRO K 225 -38.60 -20.46 2.48
N PRO K 226 -38.20 -19.47 3.29
CA PRO K 226 -38.67 -19.46 4.67
C PRO K 226 -40.19 -19.29 4.79
N THR K 227 -40.83 -18.89 3.70
CA THR K 227 -42.28 -18.71 3.69
C THR K 227 -43.01 -19.99 3.26
N PHE K 228 -42.27 -21.08 3.13
CA PHE K 228 -42.84 -22.36 2.72
C PHE K 228 -44.05 -22.77 3.57
N SER K 229 -45.12 -23.20 2.90
CA SER K 229 -46.34 -23.62 3.57
C SER K 229 -46.98 -24.82 2.87
N PHE K 230 -47.72 -25.61 3.63
CA PHE K 230 -48.42 -26.77 3.09
C PHE K 230 -49.48 -27.21 4.10
N PRO K 231 -50.72 -27.45 3.63
CA PRO K 231 -51.17 -27.33 2.25
C PRO K 231 -51.15 -25.90 1.72
N GLU K 232 -51.13 -25.76 0.40
CA GLU K 232 -51.11 -24.45 -0.23
C GLU K 232 -51.69 -24.51 -1.63
N GLU K 233 -52.64 -23.63 -1.90
CA GLU K 233 -53.24 -23.57 -3.22
C GLU K 233 -52.34 -22.83 -4.17
N SER K 234 -51.26 -23.49 -4.57
CA SER K 234 -50.29 -22.92 -5.50
C SER K 234 -49.78 -24.09 -6.31
N ASN K 235 -48.99 -23.81 -7.35
CA ASN K 235 -48.45 -24.88 -8.16
C ASN K 235 -47.64 -25.86 -7.31
N ARG K 236 -46.82 -25.33 -6.41
CA ARG K 236 -46.00 -26.18 -5.55
C ARG K 236 -46.88 -27.00 -4.61
N GLY K 237 -47.88 -26.36 -4.02
CA GLY K 237 -48.76 -27.06 -3.11
C GLY K 237 -49.52 -28.19 -3.80
N ARG K 238 -50.02 -27.92 -4.99
CA ARG K 238 -50.78 -28.91 -5.76
C ARG K 238 -49.88 -30.00 -6.33
N ILE K 239 -48.69 -29.63 -6.81
CA ILE K 239 -47.77 -30.61 -7.37
C ILE K 239 -47.28 -31.59 -6.30
N ILE K 240 -47.07 -31.09 -5.09
CA ILE K 240 -46.62 -31.94 -4.00
C ILE K 240 -47.74 -32.89 -3.57
N ARG K 241 -48.94 -32.35 -3.43
CA ARG K 241 -50.11 -33.13 -3.01
C ARG K 241 -50.53 -34.17 -4.06
N ASP K 242 -50.77 -33.72 -5.29
CA ASP K 242 -51.23 -34.61 -6.34
C ASP K 242 -50.20 -35.47 -7.07
N CYS K 243 -48.94 -35.05 -7.10
CA CYS K 243 -47.94 -35.82 -7.83
C CYS K 243 -46.75 -36.36 -7.04
N LEU K 244 -45.93 -35.47 -6.52
CA LEU K 244 -44.74 -35.85 -5.77
C LEU K 244 -44.98 -36.91 -4.68
N LEU K 245 -45.85 -36.60 -3.72
CA LEU K 245 -46.11 -37.52 -2.62
C LEU K 245 -46.66 -38.88 -3.07
N PRO K 246 -47.72 -38.89 -3.89
CA PRO K 246 -48.24 -40.19 -4.33
C PRO K 246 -47.16 -41.00 -5.03
N VAL K 247 -46.36 -40.34 -5.86
CA VAL K 247 -45.28 -41.03 -6.58
C VAL K 247 -44.24 -41.53 -5.58
N ALA K 248 -43.83 -40.65 -4.67
CA ALA K 248 -42.84 -41.00 -3.66
C ALA K 248 -43.26 -42.22 -2.85
N GLU K 249 -44.54 -42.27 -2.47
CA GLU K 249 -45.04 -43.39 -1.69
C GLU K 249 -44.98 -44.71 -2.47
N LYS K 250 -45.45 -44.68 -3.71
CA LYS K 250 -45.44 -45.88 -4.54
C LYS K 250 -44.03 -46.47 -4.68
N HIS K 251 -43.05 -45.61 -4.92
CA HIS K 251 -41.67 -46.08 -5.08
C HIS K 251 -40.88 -46.13 -3.77
N ASN K 252 -41.56 -45.85 -2.67
CA ASN K 252 -40.92 -45.87 -1.35
C ASN K 252 -39.65 -45.01 -1.38
N ILE K 253 -39.75 -43.83 -1.98
CA ILE K 253 -38.63 -42.91 -2.10
C ILE K 253 -38.86 -41.70 -1.18
N PRO K 254 -37.89 -41.41 -0.31
CA PRO K 254 -38.05 -40.26 0.60
C PRO K 254 -38.09 -38.94 -0.14
N PHE K 255 -38.70 -37.93 0.49
CA PHE K 255 -38.76 -36.59 -0.08
C PHE K 255 -37.90 -35.70 0.80
N ALA K 256 -36.84 -35.12 0.23
CA ALA K 256 -35.94 -34.25 0.98
C ALA K 256 -36.32 -32.77 0.81
N MET K 257 -36.47 -32.07 1.92
CA MET K 257 -36.80 -30.65 1.89
C MET K 257 -35.73 -29.86 2.66
N MET K 258 -35.11 -28.92 1.97
CA MET K 258 -34.08 -28.07 2.57
C MET K 258 -34.70 -26.67 2.61
N ILE K 259 -35.26 -26.36 3.77
CA ILE K 259 -35.99 -25.12 4.00
C ILE K 259 -35.25 -23.96 4.65
N GLY K 260 -35.61 -22.74 4.24
CA GLY K 260 -34.99 -21.56 4.82
C GLY K 260 -34.23 -20.62 3.92
N VAL K 261 -33.96 -21.02 2.69
CA VAL K 261 -33.20 -20.18 1.78
C VAL K 261 -34.01 -19.10 1.07
N LYS K 262 -33.49 -17.88 1.10
CA LYS K 262 -34.11 -16.73 0.45
C LYS K 262 -33.21 -16.41 -0.74
N LYS K 263 -33.60 -16.94 -1.90
CA LYS K 263 -32.84 -16.78 -3.12
C LYS K 263 -32.61 -15.37 -3.66
N ARG K 264 -31.38 -15.16 -4.12
CA ARG K 264 -30.94 -13.92 -4.74
C ARG K 264 -31.27 -12.59 -4.08
N VAL K 265 -30.91 -12.40 -2.81
CA VAL K 265 -31.20 -11.10 -2.18
C VAL K 265 -30.17 -10.12 -2.71
N HIS K 266 -29.13 -10.66 -3.33
CA HIS K 266 -28.06 -9.87 -3.95
C HIS K 266 -27.69 -10.61 -5.24
N PRO K 267 -28.52 -10.44 -6.28
CA PRO K 267 -28.33 -11.08 -7.59
C PRO K 267 -26.96 -11.02 -8.25
N ALA K 268 -26.25 -9.91 -8.11
CA ALA K 268 -24.94 -9.76 -8.73
C ALA K 268 -23.91 -10.75 -8.17
N LEU K 269 -24.10 -11.21 -6.93
CA LEU K 269 -23.17 -12.16 -6.34
C LEU K 269 -23.35 -13.59 -6.86
N GLY K 270 -24.33 -13.78 -7.74
CA GLY K 270 -24.55 -15.12 -8.28
C GLY K 270 -24.87 -16.14 -7.20
N ASP K 271 -24.19 -17.30 -7.23
CA ASP K 271 -24.45 -18.34 -6.23
C ASP K 271 -24.20 -17.90 -4.79
N ALA K 272 -23.47 -16.80 -4.62
CA ALA K 272 -23.16 -16.28 -3.29
C ALA K 272 -24.16 -15.22 -2.84
N GLY K 273 -25.25 -15.06 -3.58
CA GLY K 273 -26.22 -14.04 -3.20
C GLY K 273 -27.50 -14.48 -2.53
N ASP K 274 -27.50 -15.66 -1.90
CA ASP K 274 -28.70 -16.16 -1.23
C ASP K 274 -28.65 -15.88 0.28
N PHE K 275 -29.81 -15.56 0.85
CA PHE K 275 -29.92 -15.23 2.28
C PHE K 275 -30.71 -16.32 3.02
N VAL K 276 -31.06 -16.05 4.28
CA VAL K 276 -31.77 -17.02 5.11
C VAL K 276 -32.89 -16.36 5.92
N GLY K 277 -33.88 -17.16 6.31
CA GLY K 277 -34.99 -16.67 7.11
C GLY K 277 -35.59 -17.82 7.91
N LYS K 278 -36.14 -17.53 9.08
CA LYS K 278 -36.73 -18.57 9.90
C LYS K 278 -38.06 -19.02 9.28
N ALA K 279 -38.29 -20.32 9.27
CA ALA K 279 -39.50 -20.86 8.69
C ALA K 279 -40.49 -21.30 9.76
N SER K 280 -41.76 -21.38 9.36
CA SER K 280 -42.80 -21.86 10.24
C SER K 280 -42.64 -23.39 10.16
N MET K 281 -42.96 -24.10 11.21
CA MET K 281 -42.83 -25.56 11.19
C MET K 281 -44.17 -26.22 10.79
N ASP K 282 -45.21 -25.41 10.63
CA ASP K 282 -46.54 -25.91 10.30
C ASP K 282 -46.63 -26.82 9.10
N GLY K 283 -46.06 -26.40 7.98
CA GLY K 283 -46.10 -27.21 6.78
C GLY K 283 -45.41 -28.55 6.95
N VAL K 284 -44.28 -28.58 7.65
CA VAL K 284 -43.55 -29.83 7.84
C VAL K 284 -44.33 -30.72 8.80
N GLU K 285 -44.88 -30.12 9.85
CA GLU K 285 -45.67 -30.86 10.83
C GLU K 285 -46.84 -31.54 10.11
N HIS K 286 -47.55 -30.76 9.29
CA HIS K 286 -48.69 -31.28 8.55
C HIS K 286 -48.31 -32.40 7.59
N LEU K 287 -47.26 -32.18 6.80
CA LEU K 287 -46.81 -33.19 5.87
C LEU K 287 -46.54 -34.51 6.58
N LEU K 288 -45.84 -34.43 7.71
CA LEU K 288 -45.51 -35.62 8.49
C LEU K 288 -46.73 -36.34 9.07
N ARG K 289 -47.68 -35.57 9.62
CA ARG K 289 -48.85 -36.18 10.21
C ARG K 289 -49.82 -36.76 9.19
N GLU K 290 -50.17 -35.97 8.18
CA GLU K 290 -51.12 -36.42 7.17
C GLU K 290 -50.59 -37.42 6.14
N TYR K 291 -49.28 -37.56 6.02
CA TYR K 291 -48.70 -38.51 5.05
C TYR K 291 -47.75 -39.47 5.74
N PRO K 292 -48.28 -40.30 6.66
CA PRO K 292 -47.52 -41.28 7.43
C PRO K 292 -46.76 -42.33 6.62
N ASN K 293 -47.19 -42.57 5.38
CA ASN K 293 -46.51 -43.58 4.58
C ASN K 293 -45.43 -43.00 3.69
N ASN K 294 -45.23 -41.69 3.77
CA ASN K 294 -44.17 -41.05 3.01
C ASN K 294 -43.03 -40.84 3.98
N LYS K 295 -41.81 -40.76 3.45
CA LYS K 295 -40.63 -40.54 4.27
C LYS K 295 -40.06 -39.17 3.94
N PHE K 296 -39.68 -38.43 4.97
CA PHE K 296 -39.15 -37.08 4.77
C PHE K 296 -37.75 -36.88 5.36
N LEU K 297 -36.89 -36.29 4.54
CA LEU K 297 -35.53 -35.95 4.94
C LEU K 297 -35.57 -34.42 5.05
N VAL K 298 -35.19 -33.87 6.20
CA VAL K 298 -35.24 -32.42 6.37
C VAL K 298 -34.00 -31.78 7.00
N THR K 299 -33.62 -30.64 6.46
CA THR K 299 -32.52 -29.85 6.99
C THR K 299 -33.01 -28.40 6.80
N MET K 300 -32.77 -27.55 7.79
CA MET K 300 -33.21 -26.16 7.70
C MET K 300 -32.04 -25.19 7.81
N LEU K 301 -32.20 -24.01 7.22
CA LEU K 301 -31.13 -23.03 7.18
C LEU K 301 -30.99 -22.06 8.34
N SER K 302 -32.09 -21.77 9.02
CA SER K 302 -32.06 -20.82 10.13
C SER K 302 -31.64 -21.43 11.46
N ARG K 303 -30.77 -20.73 12.17
CA ARG K 303 -30.30 -21.21 13.46
C ARG K 303 -31.50 -21.35 14.41
N GLU K 304 -32.43 -20.41 14.28
CA GLU K 304 -33.62 -20.38 15.14
C GLU K 304 -34.65 -21.50 14.89
N ASN K 305 -34.46 -22.27 13.82
CA ASN K 305 -35.36 -23.39 13.50
C ASN K 305 -34.79 -24.72 14.01
N GLN K 306 -33.50 -24.76 14.33
CA GLN K 306 -32.85 -26.02 14.74
C GLN K 306 -33.39 -26.79 15.93
N HIS K 307 -33.69 -26.11 17.04
CA HIS K 307 -34.19 -26.84 18.19
C HIS K 307 -35.58 -27.41 17.95
N GLU K 308 -36.48 -26.61 17.39
CA GLU K 308 -37.84 -27.11 17.15
C GLU K 308 -37.87 -28.22 16.09
N LEU K 309 -36.89 -28.25 15.22
CA LEU K 309 -36.84 -29.30 14.21
C LEU K 309 -36.53 -30.60 14.93
N VAL K 310 -35.63 -30.53 15.91
CA VAL K 310 -35.28 -31.70 16.69
C VAL K 310 -36.52 -32.23 17.41
N VAL K 311 -37.26 -31.33 18.04
CA VAL K 311 -38.46 -31.74 18.74
C VAL K 311 -39.45 -32.37 17.77
N LEU K 312 -39.50 -31.84 16.55
CA LEU K 312 -40.43 -32.38 15.57
C LEU K 312 -40.06 -33.82 15.22
N ALA K 313 -38.75 -34.11 15.20
CA ALA K 313 -38.27 -35.46 14.91
C ALA K 313 -38.68 -36.42 16.03
N ARG K 314 -38.79 -35.91 17.26
CA ARG K 314 -39.21 -36.76 18.38
C ARG K 314 -40.68 -37.16 18.19
N LYS K 315 -41.44 -36.34 17.48
CA LYS K 315 -42.87 -36.60 17.24
C LYS K 315 -43.16 -37.60 16.13
N PHE K 316 -42.42 -37.52 15.03
CA PHE K 316 -42.66 -38.39 13.88
C PHE K 316 -41.46 -39.19 13.41
N SER K 317 -41.65 -40.51 13.39
CA SER K 317 -40.59 -41.41 12.95
C SER K 317 -40.39 -41.35 11.43
N ASN K 318 -41.35 -40.80 10.70
CA ASN K 318 -41.18 -40.71 9.26
C ASN K 318 -40.34 -39.50 8.89
N LEU K 319 -39.81 -38.82 9.90
CA LEU K 319 -38.94 -37.66 9.68
C LEU K 319 -37.51 -38.02 10.06
N MET K 320 -36.59 -37.78 9.14
CA MET K 320 -35.17 -38.03 9.36
C MET K 320 -34.48 -36.69 9.10
N ILE K 321 -33.99 -36.05 10.16
CA ILE K 321 -33.31 -34.78 9.99
C ILE K 321 -31.83 -35.04 9.72
N PHE K 322 -31.23 -34.22 8.88
CA PHE K 322 -29.83 -34.41 8.51
C PHE K 322 -29.00 -33.14 8.37
N GLY K 323 -27.70 -33.29 8.57
CA GLY K 323 -26.73 -32.22 8.42
C GLY K 323 -26.89 -30.83 9.03
N CYS K 324 -25.81 -30.07 8.90
CA CYS K 324 -25.71 -28.68 9.36
C CYS K 324 -25.46 -27.93 8.05
N TRP K 325 -26.57 -27.58 7.42
CA TRP K 325 -26.59 -26.94 6.11
C TRP K 325 -26.16 -25.48 5.97
N TRP K 326 -25.26 -25.25 5.01
CA TRP K 326 -24.82 -23.90 4.63
C TRP K 326 -24.35 -22.97 5.74
N PHE K 327 -25.20 -22.02 6.11
CA PHE K 327 -24.87 -21.06 7.15
C PHE K 327 -24.85 -21.73 8.52
N MET K 328 -25.28 -22.99 8.55
CA MET K 328 -25.27 -23.78 9.79
C MET K 328 -23.97 -24.57 9.88
N ASN K 329 -23.27 -24.68 8.75
CA ASN K 329 -22.03 -25.47 8.69
C ASN K 329 -20.79 -24.74 9.22
N ASN K 330 -20.90 -24.25 10.45
CA ASN K 330 -19.81 -23.54 11.10
C ASN K 330 -19.70 -24.16 12.49
N PRO K 331 -18.47 -24.43 12.95
CA PRO K 331 -18.19 -25.04 14.25
C PRO K 331 -19.09 -24.72 15.44
N GLU K 332 -19.32 -23.43 15.71
CA GLU K 332 -20.16 -23.05 16.83
C GLU K 332 -21.57 -23.61 16.66
N ILE K 333 -22.08 -23.62 15.44
CA ILE K 333 -23.42 -24.11 15.19
C ILE K 333 -23.47 -25.64 15.08
N ILE K 334 -22.49 -26.24 14.40
CA ILE K 334 -22.44 -27.70 14.28
C ILE K 334 -22.43 -28.30 15.68
N ASN K 335 -21.64 -27.71 16.56
CA ASN K 335 -21.55 -28.20 17.92
C ASN K 335 -22.88 -28.13 18.67
N GLU K 336 -23.53 -26.98 18.66
CA GLU K 336 -24.80 -26.87 19.38
C GLU K 336 -25.90 -27.72 18.75
N MET K 337 -25.90 -27.82 17.44
CA MET K 337 -26.91 -28.63 16.74
C MET K 337 -26.75 -30.11 17.04
N THR K 338 -25.52 -30.59 16.93
CA THR K 338 -25.24 -32.00 17.18
C THR K 338 -25.54 -32.38 18.63
N ARG K 339 -25.26 -31.49 19.56
CA ARG K 339 -25.54 -31.80 20.97
C ARG K 339 -27.05 -31.80 21.27
N MET K 340 -27.80 -30.85 20.71
CA MET K 340 -29.25 -30.84 20.94
C MET K 340 -29.87 -32.09 20.34
N ARG K 341 -29.40 -32.45 19.15
CA ARG K 341 -29.89 -33.61 18.44
C ARG K 341 -29.64 -34.92 19.17
N MET K 342 -28.41 -35.12 19.66
CA MET K 342 -28.10 -36.37 20.36
C MET K 342 -28.80 -36.44 21.72
N GLU K 343 -28.96 -35.28 22.37
CA GLU K 343 -29.60 -35.26 23.67
C GLU K 343 -31.09 -35.61 23.59
N MET K 344 -31.74 -35.26 22.48
CA MET K 344 -33.16 -35.55 22.31
C MET K 344 -33.50 -36.73 21.40
N LEU K 345 -32.54 -37.16 20.58
CA LEU K 345 -32.76 -38.26 19.64
C LEU K 345 -31.74 -39.39 19.73
N GLY K 346 -30.82 -39.31 20.68
CA GLY K 346 -29.81 -40.34 20.80
C GLY K 346 -29.03 -40.40 19.49
N THR K 347 -29.07 -41.54 18.82
CA THR K 347 -28.37 -41.68 17.54
C THR K 347 -29.33 -41.80 16.35
N SER K 348 -30.60 -41.48 16.57
CA SER K 348 -31.58 -41.59 15.49
C SER K 348 -31.62 -40.39 14.54
N PHE K 349 -30.46 -39.97 14.04
CA PHE K 349 -30.38 -38.86 13.10
C PHE K 349 -29.11 -38.95 12.27
N ILE K 350 -28.98 -38.06 11.30
CA ILE K 350 -27.81 -38.00 10.41
C ILE K 350 -27.17 -36.67 10.76
N PRO K 351 -26.04 -36.69 11.48
CA PRO K 351 -25.40 -35.43 11.86
C PRO K 351 -24.88 -34.51 10.77
N GLN K 352 -24.28 -35.06 9.71
CA GLN K 352 -23.71 -34.18 8.70
C GLN K 352 -23.67 -34.66 7.23
N HIS K 353 -23.46 -33.70 6.35
CA HIS K 353 -23.29 -33.92 4.91
C HIS K 353 -22.32 -32.80 4.52
N SER K 354 -21.57 -33.01 3.44
CA SER K 354 -20.57 -32.01 3.03
C SER K 354 -21.08 -30.87 2.15
N ASP K 355 -22.06 -31.16 1.31
CA ASP K 355 -22.60 -30.13 0.41
C ASP K 355 -21.45 -29.70 -0.50
N ALA K 356 -20.46 -30.57 -0.66
CA ALA K 356 -19.30 -30.26 -1.49
C ALA K 356 -19.66 -29.84 -2.92
N ARG K 357 -19.09 -28.73 -3.35
CA ARG K 357 -19.29 -28.22 -4.71
C ARG K 357 -18.01 -28.49 -5.49
N VAL K 358 -16.92 -28.65 -4.75
CA VAL K 358 -15.62 -28.93 -5.31
C VAL K 358 -15.13 -30.23 -4.65
N LEU K 359 -14.70 -31.18 -5.47
CA LEU K 359 -14.25 -32.49 -5.03
C LEU K 359 -13.40 -32.53 -3.74
N GLU K 360 -12.32 -31.75 -3.74
CA GLU K 360 -11.41 -31.72 -2.59
C GLU K 360 -12.03 -31.29 -1.26
N GLN K 361 -13.17 -30.60 -1.30
CA GLN K 361 -13.80 -30.16 -0.07
C GLN K 361 -14.19 -31.33 0.82
N LEU K 362 -14.33 -32.51 0.22
CA LEU K 362 -14.68 -33.69 1.00
C LEU K 362 -13.69 -33.87 2.13
N ILE K 363 -12.44 -33.50 1.87
CA ILE K 363 -11.40 -33.62 2.87
C ILE K 363 -11.71 -32.75 4.10
N TYR K 364 -11.79 -31.43 3.91
CA TYR K 364 -12.04 -30.54 5.03
C TYR K 364 -13.44 -30.62 5.64
N LYS K 365 -14.47 -30.76 4.82
CA LYS K 365 -15.85 -30.84 5.34
C LYS K 365 -15.96 -31.99 6.35
N TRP K 366 -15.44 -33.16 5.99
CA TRP K 366 -15.51 -34.30 6.90
C TRP K 366 -14.49 -34.24 8.02
N HIS K 367 -13.30 -33.71 7.74
CA HIS K 367 -12.29 -33.60 8.77
C HIS K 367 -12.79 -32.66 9.88
N HIS K 368 -13.20 -31.46 9.50
CA HIS K 368 -13.69 -30.48 10.49
C HIS K 368 -14.92 -30.97 11.25
N SER K 369 -15.85 -31.62 10.55
CA SER K 369 -17.07 -32.12 11.18
C SER K 369 -16.87 -33.35 12.04
N LYS K 370 -16.01 -34.26 11.59
CA LYS K 370 -15.75 -35.45 12.38
C LYS K 370 -15.12 -35.10 13.72
N SER K 371 -14.25 -34.10 13.75
CA SER K 371 -13.62 -33.74 15.03
C SER K 371 -14.65 -33.21 16.04
N ILE K 372 -15.64 -32.47 15.56
CA ILE K 372 -16.67 -31.93 16.44
C ILE K 372 -17.59 -33.05 16.90
N ILE K 373 -18.05 -33.86 15.96
CA ILE K 373 -18.94 -34.96 16.27
C ILE K 373 -18.26 -35.92 17.25
N ALA K 374 -16.95 -36.13 17.07
CA ALA K 374 -16.22 -37.02 17.97
C ALA K 374 -16.25 -36.46 19.41
N GLU K 375 -16.03 -35.16 19.56
CA GLU K 375 -16.06 -34.55 20.89
C GLU K 375 -17.41 -34.73 21.55
N VAL K 376 -18.49 -34.54 20.79
CA VAL K 376 -19.84 -34.69 21.33
C VAL K 376 -20.01 -36.14 21.84
N LEU K 377 -19.68 -37.12 21.00
CA LEU K 377 -19.80 -38.52 21.37
C LEU K 377 -18.99 -38.85 22.64
N ILE K 378 -17.77 -38.34 22.72
CA ILE K 378 -16.94 -38.57 23.89
C ILE K 378 -17.67 -38.09 25.13
N ASP K 379 -18.27 -36.91 25.07
CA ASP K 379 -19.02 -36.40 26.23
C ASP K 379 -20.21 -37.30 26.57
N LYS K 380 -21.01 -37.64 25.57
CA LYS K 380 -22.18 -38.47 25.83
C LYS K 380 -21.82 -39.85 26.36
N TYR K 381 -20.75 -40.46 25.83
CA TYR K 381 -20.32 -41.76 26.32
C TYR K 381 -19.75 -41.63 27.72
N ASP K 382 -19.08 -40.51 27.98
CA ASP K 382 -18.51 -40.33 29.31
C ASP K 382 -19.62 -40.23 30.34
N ASP K 383 -20.68 -39.50 30.01
CA ASP K 383 -21.78 -39.36 30.96
C ASP K 383 -22.43 -40.70 31.32
N ILE K 384 -22.59 -41.60 30.35
CA ILE K 384 -23.19 -42.87 30.69
C ILE K 384 -22.17 -43.82 31.33
N LEU K 385 -20.88 -43.64 31.02
CA LEU K 385 -19.86 -44.46 31.66
C LEU K 385 -19.93 -44.06 33.15
N GLN K 386 -20.09 -42.76 33.37
CA GLN K 386 -20.18 -42.19 34.72
C GLN K 386 -21.40 -42.74 35.46
N ALA K 387 -22.47 -43.03 34.72
CA ALA K 387 -23.69 -43.57 35.33
C ALA K 387 -23.58 -45.08 35.56
N GLY K 388 -22.40 -45.65 35.30
CA GLY K 388 -22.20 -47.07 35.51
C GLY K 388 -22.37 -47.98 34.30
N TRP K 389 -22.66 -47.40 33.14
CA TRP K 389 -22.85 -48.21 31.95
C TRP K 389 -21.48 -48.62 31.40
N GLU K 390 -21.38 -49.84 30.92
CA GLU K 390 -20.12 -50.31 30.37
C GLU K 390 -20.21 -50.32 28.85
N VAL K 391 -19.85 -49.21 28.22
CA VAL K 391 -19.88 -49.14 26.78
C VAL K 391 -18.68 -49.91 26.26
N THR K 392 -18.85 -50.67 25.19
CA THR K 392 -17.73 -51.41 24.63
C THR K 392 -17.30 -50.71 23.35
N GLU K 393 -16.09 -51.01 22.89
CA GLU K 393 -15.57 -50.40 21.68
C GLU K 393 -16.39 -50.81 20.45
N GLU K 394 -16.94 -52.02 20.48
CA GLU K 394 -17.74 -52.50 19.36
C GLU K 394 -19.08 -51.76 19.25
N GLU K 395 -19.66 -51.40 20.39
CA GLU K 395 -20.92 -50.66 20.39
C GLU K 395 -20.66 -49.24 19.85
N ILE K 396 -19.50 -48.69 20.19
CA ILE K 396 -19.12 -47.38 19.71
C ILE K 396 -18.97 -47.43 18.19
N LYS K 397 -18.34 -48.48 17.68
CA LYS K 397 -18.17 -48.63 16.24
C LYS K 397 -19.53 -48.69 15.56
N ARG K 398 -20.46 -49.43 16.17
CA ARG K 398 -21.82 -49.59 15.65
C ARG K 398 -22.52 -48.22 15.61
N ASP K 399 -22.49 -47.53 16.73
CA ASP K 399 -23.11 -46.21 16.86
C ASP K 399 -22.56 -45.26 15.79
N VAL K 400 -21.23 -45.25 15.65
CA VAL K 400 -20.57 -44.40 14.68
C VAL K 400 -20.97 -44.75 13.25
N ALA K 401 -21.14 -46.04 12.99
CA ALA K 401 -21.55 -46.50 11.66
C ALA K 401 -22.95 -45.97 11.35
N ASP K 402 -23.86 -46.04 12.34
CA ASP K 402 -25.22 -45.56 12.13
C ASP K 402 -25.25 -44.08 11.73
N LEU K 403 -24.54 -43.27 12.50
CA LEU K 403 -24.49 -41.82 12.27
C LEU K 403 -23.88 -41.39 10.94
N PHE K 404 -22.76 -42.00 10.58
CA PHE K 404 -22.07 -41.63 9.35
C PHE K 404 -22.47 -42.39 8.09
N SER K 405 -23.24 -43.47 8.23
CA SER K 405 -23.64 -44.22 7.06
C SER K 405 -24.96 -45.01 7.11
N ARG K 406 -25.06 -45.93 8.05
CA ARG K 406 -26.24 -46.78 8.15
C ARG K 406 -27.60 -46.09 8.34
N ASN K 407 -27.68 -45.07 9.19
CA ASN K 407 -28.96 -44.41 9.40
C ASN K 407 -29.58 -43.94 8.08
N PHE K 408 -28.73 -43.47 7.17
CA PHE K 408 -29.22 -43.00 5.88
C PHE K 408 -29.77 -44.13 5.02
N TRP K 409 -28.98 -45.17 4.81
CA TRP K 409 -29.40 -46.30 3.98
C TRP K 409 -30.61 -47.02 4.55
N ARG K 410 -30.70 -47.09 5.87
CA ARG K 410 -31.82 -47.74 6.52
C ARG K 410 -33.09 -46.92 6.27
N PHE K 411 -32.95 -45.60 6.24
CA PHE K 411 -34.09 -44.73 6.03
C PHE K 411 -34.58 -44.72 4.58
N VAL K 412 -33.64 -44.64 3.64
CA VAL K 412 -34.00 -44.62 2.23
C VAL K 412 -34.35 -46.03 1.75
N GLY K 413 -34.12 -47.02 2.61
CA GLY K 413 -34.43 -48.39 2.26
C GLY K 413 -33.59 -48.91 1.11
N ARG K 414 -32.27 -48.82 1.26
CA ARG K 414 -31.35 -49.28 0.23
C ARG K 414 -30.07 -49.88 0.81
N SER L 2 9.44 -19.31 16.42
CA SER L 2 8.17 -19.04 15.68
C SER L 2 7.00 -19.55 16.49
N ILE L 3 5.81 -19.42 15.92
CA ILE L 3 4.60 -19.88 16.59
C ILE L 3 4.25 -21.25 16.01
N ASN L 4 4.49 -22.31 16.78
CA ASN L 4 4.21 -23.65 16.28
C ASN L 4 3.45 -24.53 17.27
N SER L 5 2.70 -23.91 18.18
CA SER L 5 1.91 -24.66 19.15
C SER L 5 0.77 -23.78 19.66
N ARG L 6 -0.32 -24.41 20.10
CA ARG L 6 -1.45 -23.64 20.64
C ARG L 6 -0.94 -22.83 21.81
N GLU L 7 -0.03 -23.42 22.58
CA GLU L 7 0.53 -22.77 23.76
C GLU L 7 1.25 -21.47 23.43
N VAL L 8 2.11 -21.50 22.41
CA VAL L 8 2.83 -20.29 22.03
C VAL L 8 1.83 -19.29 21.50
N LEU L 9 0.92 -19.78 20.66
CA LEU L 9 -0.12 -18.95 20.08
C LEU L 9 -0.92 -18.24 21.17
N ALA L 10 -1.36 -18.99 22.18
CA ALA L 10 -2.13 -18.40 23.28
C ALA L 10 -1.37 -17.20 23.86
N GLU L 11 -0.07 -17.37 24.06
CA GLU L 11 0.76 -16.30 24.59
C GLU L 11 0.77 -15.07 23.70
N LYS L 12 1.08 -15.26 22.41
CA LYS L 12 1.15 -14.17 21.46
C LYS L 12 -0.19 -13.47 21.26
N VAL L 13 -1.27 -14.25 21.20
CA VAL L 13 -2.60 -13.66 21.02
C VAL L 13 -2.98 -12.82 22.23
N LYS L 14 -2.89 -13.38 23.43
CA LYS L 14 -3.25 -12.61 24.61
C LYS L 14 -2.45 -11.32 24.73
N ASN L 15 -1.15 -11.37 24.41
CA ASN L 15 -0.30 -10.18 24.48
C ASN L 15 -0.73 -9.14 23.45
N ALA L 16 -1.02 -9.61 22.24
CA ALA L 16 -1.43 -8.71 21.17
C ALA L 16 -2.76 -8.04 21.51
N VAL L 17 -3.74 -8.83 21.94
CA VAL L 17 -5.04 -8.30 22.31
C VAL L 17 -4.90 -7.34 23.50
N ASN L 18 -4.14 -7.75 24.52
CA ASN L 18 -3.94 -6.91 25.69
C ASN L 18 -3.28 -5.57 25.36
N ASN L 19 -2.33 -5.59 24.43
CA ASN L 19 -1.61 -4.37 24.05
C ASN L 19 -2.23 -3.49 22.99
N GLN L 20 -3.13 -4.04 22.18
CA GLN L 20 -3.77 -3.28 21.13
C GLN L 20 -4.60 -2.11 21.67
N PRO L 21 -4.26 -0.88 21.27
CA PRO L 21 -5.03 0.27 21.74
C PRO L 21 -6.42 0.15 21.14
N VAL L 22 -7.44 0.40 21.96
CA VAL L 22 -8.83 0.27 21.53
C VAL L 22 -9.55 1.54 21.09
N THR L 23 -10.34 1.40 20.03
CA THR L 23 -11.20 2.48 19.57
C THR L 23 -12.60 1.95 19.97
N ASP L 24 -13.22 2.63 20.92
CA ASP L 24 -14.55 2.27 21.42
C ASP L 24 -15.56 3.05 20.59
N MET L 25 -16.13 2.41 19.57
CA MET L 25 -17.04 3.13 18.67
C MET L 25 -18.47 3.48 19.06
N HIS L 26 -18.85 3.21 20.31
CA HIS L 26 -20.17 3.60 20.83
C HIS L 26 -20.17 3.61 22.35
N THR L 27 -20.27 4.81 22.92
CA THR L 27 -20.32 4.94 24.39
C THR L 27 -21.26 6.09 24.71
N HIS L 28 -21.46 6.31 25.99
CA HIS L 28 -22.29 7.42 26.46
C HIS L 28 -21.40 8.27 27.36
N LEU L 29 -20.13 8.37 26.96
CA LEU L 29 -19.16 9.17 27.70
C LEU L 29 -19.00 10.50 26.96
N PHE L 30 -18.41 11.47 27.62
CA PHE L 30 -18.20 12.79 27.02
C PHE L 30 -16.80 13.31 27.36
N SER L 31 -16.21 14.08 26.45
CA SER L 31 -14.90 14.67 26.70
C SER L 31 -15.06 15.40 28.04
N PRO L 32 -14.06 15.30 28.94
CA PRO L 32 -14.11 15.95 30.26
C PRO L 32 -14.46 17.44 30.29
N ASN L 33 -14.03 18.19 29.28
CA ASN L 33 -14.31 19.62 29.26
C ASN L 33 -15.80 19.93 29.09
N PHE L 34 -16.58 18.93 28.69
CA PHE L 34 -18.02 19.14 28.50
C PHE L 34 -18.75 19.26 29.84
N GLY L 35 -18.03 18.99 30.93
CA GLY L 35 -18.62 19.13 32.25
C GLY L 35 -19.13 17.88 32.95
N GLU L 36 -19.99 18.10 33.92
CA GLU L 36 -20.59 17.05 34.73
C GLU L 36 -21.39 15.99 33.99
N ILE L 37 -21.66 16.24 32.71
CA ILE L 37 -22.42 15.27 31.93
C ILE L 37 -21.59 13.98 31.85
N LEU L 38 -20.29 14.11 32.08
CA LEU L 38 -19.39 12.96 32.09
C LEU L 38 -19.49 12.35 33.47
N LEU L 39 -20.09 11.17 33.56
CA LEU L 39 -20.26 10.51 34.84
C LEU L 39 -19.05 9.64 35.19
N TRP L 40 -18.69 9.65 36.47
CA TRP L 40 -17.58 8.85 36.95
C TRP L 40 -17.57 8.74 38.48
N ASP L 41 -16.88 7.69 38.94
CA ASP L 41 -16.66 7.29 40.33
C ASP L 41 -17.50 6.10 40.75
N ILE L 42 -17.20 5.55 41.92
CA ILE L 42 -17.90 4.37 42.43
C ILE L 42 -19.40 4.51 42.64
N ASP L 43 -19.87 5.70 43.04
CA ASP L 43 -21.31 5.87 43.24
C ASP L 43 -21.99 5.79 41.88
N GLU L 44 -21.39 6.41 40.87
CA GLU L 44 -21.95 6.39 39.52
C GLU L 44 -21.98 4.96 38.98
N LEU L 45 -20.93 4.19 39.27
CA LEU L 45 -20.86 2.80 38.82
C LEU L 45 -21.97 1.97 39.43
N LEU L 46 -22.17 2.14 40.74
CA LEU L 46 -23.18 1.38 41.46
C LEU L 46 -24.61 1.74 41.07
N THR L 47 -24.82 2.95 40.55
CA THR L 47 -26.15 3.38 40.16
C THR L 47 -26.40 3.30 38.64
N TYR L 48 -25.52 2.60 37.95
CA TYR L 48 -25.63 2.38 36.51
C TYR L 48 -27.01 1.73 36.39
N HIS L 49 -27.80 2.06 35.37
CA HIS L 49 -29.15 1.49 35.30
C HIS L 49 -29.22 -0.04 35.26
N TYR L 50 -28.18 -0.70 34.76
CA TYR L 50 -28.19 -2.17 34.75
C TYR L 50 -28.39 -2.63 36.19
N LEU L 51 -27.71 -1.98 37.13
CA LEU L 51 -27.83 -2.35 38.54
C LEU L 51 -29.15 -1.93 39.19
N VAL L 52 -29.78 -0.88 38.68
CA VAL L 52 -31.07 -0.44 39.21
C VAL L 52 -32.08 -1.56 38.93
N ALA L 53 -32.08 -2.04 37.69
CA ALA L 53 -32.98 -3.12 37.31
C ALA L 53 -32.74 -4.32 38.21
N GLU L 54 -31.48 -4.68 38.39
CA GLU L 54 -31.15 -5.82 39.22
C GLU L 54 -31.49 -5.65 40.70
N VAL L 55 -31.20 -4.48 41.26
CA VAL L 55 -31.51 -4.29 42.67
C VAL L 55 -33.01 -4.32 42.93
N MET L 56 -33.80 -3.92 41.95
CA MET L 56 -35.26 -3.91 42.12
C MET L 56 -35.90 -5.29 42.20
N ARG L 57 -35.15 -6.33 41.82
CA ARG L 57 -35.68 -7.68 41.88
C ARG L 57 -35.53 -8.23 43.30
N TRP L 58 -34.68 -7.58 44.10
CA TRP L 58 -34.41 -8.01 45.46
C TRP L 58 -34.93 -7.12 46.58
N THR L 59 -34.73 -5.82 46.45
CA THR L 59 -35.12 -4.88 47.48
C THR L 59 -36.62 -4.64 47.62
N ASP L 60 -37.09 -4.43 48.84
CA ASP L 60 -38.50 -4.16 49.04
C ASP L 60 -38.69 -2.64 49.14
N VAL L 61 -37.62 -1.91 48.80
CA VAL L 61 -37.65 -0.45 48.76
C VAL L 61 -38.39 -0.15 47.47
N SER L 62 -39.40 0.71 47.53
CA SER L 62 -40.17 1.05 46.34
C SER L 62 -39.33 1.79 45.30
N ILE L 63 -39.70 1.64 44.04
CA ILE L 63 -38.98 2.30 42.97
C ILE L 63 -39.06 3.82 43.14
N GLU L 64 -40.19 4.32 43.61
CA GLU L 64 -40.36 5.74 43.83
C GLU L 64 -39.45 6.20 44.97
N ALA L 65 -39.34 5.36 46.00
CA ALA L 65 -38.49 5.66 47.13
C ALA L 65 -37.04 5.70 46.68
N PHE L 66 -36.67 4.74 45.85
CA PHE L 66 -35.30 4.67 45.33
C PHE L 66 -34.93 5.97 44.63
N TRP L 67 -35.78 6.42 43.72
CA TRP L 67 -35.53 7.64 42.99
C TRP L 67 -35.44 8.86 43.90
N ALA L 68 -36.13 8.78 45.05
CA ALA L 68 -36.13 9.87 46.02
C ALA L 68 -34.85 9.90 46.86
N MET L 69 -34.13 8.78 46.89
CA MET L 69 -32.88 8.70 47.65
C MET L 69 -31.81 9.52 46.95
N SER L 70 -30.76 9.90 47.70
CA SER L 70 -29.66 10.65 47.13
C SER L 70 -28.78 9.65 46.38
N LYS L 71 -27.88 10.15 45.54
CA LYS L 71 -26.98 9.28 44.78
C LYS L 71 -26.21 8.33 45.70
N ARG L 72 -25.73 8.84 46.82
CA ARG L 72 -24.97 8.03 47.75
C ARG L 72 -25.86 6.98 48.42
N GLU L 73 -27.11 7.35 48.70
CA GLU L 73 -28.05 6.43 49.34
C GLU L 73 -28.40 5.28 48.41
N GLN L 74 -28.56 5.57 47.12
CA GLN L 74 -28.88 4.55 46.15
C GLN L 74 -27.69 3.59 46.05
N ALA L 75 -26.49 4.14 45.95
CA ALA L 75 -25.27 3.35 45.85
C ALA L 75 -25.14 2.46 47.09
N ASP L 76 -25.46 3.00 48.26
CA ASP L 76 -25.39 2.22 49.49
C ASP L 76 -26.38 1.07 49.42
N LEU L 77 -27.60 1.35 48.97
CA LEU L 77 -28.61 0.30 48.89
C LEU L 77 -28.21 -0.81 47.94
N ILE L 78 -27.83 -0.44 46.72
CA ILE L 78 -27.44 -1.41 45.71
C ILE L 78 -26.25 -2.26 46.20
N TRP L 79 -25.25 -1.61 46.80
CA TRP L 79 -24.09 -2.32 47.32
C TRP L 79 -24.52 -3.37 48.33
N GLU L 80 -25.43 -2.97 49.23
CA GLU L 80 -25.94 -3.85 50.27
C GLU L 80 -26.78 -4.99 49.72
N GLU L 81 -27.67 -4.67 48.79
CA GLU L 81 -28.56 -5.67 48.19
C GLU L 81 -27.88 -6.62 47.21
N LEU L 82 -27.08 -6.06 46.30
CA LEU L 82 -26.44 -6.87 45.27
C LEU L 82 -25.03 -7.41 45.52
N PHE L 83 -24.37 -6.93 46.57
CA PHE L 83 -23.02 -7.38 46.87
C PHE L 83 -22.86 -8.05 48.22
N ILE L 84 -23.61 -7.57 49.22
CA ILE L 84 -23.51 -8.11 50.56
C ILE L 84 -24.55 -9.18 50.88
N LYS L 85 -25.81 -8.91 50.55
CA LYS L 85 -26.91 -9.83 50.82
C LYS L 85 -26.91 -11.07 49.92
N ARG L 86 -26.32 -10.94 48.73
CA ARG L 86 -26.17 -12.02 47.75
C ARG L 86 -24.83 -11.77 47.07
N SER L 87 -24.16 -12.83 46.64
CA SER L 87 -22.87 -12.65 45.99
C SER L 87 -23.03 -11.92 44.66
N PRO L 88 -22.14 -10.94 44.39
CA PRO L 88 -22.15 -10.13 43.17
C PRO L 88 -21.69 -10.91 41.92
N VAL L 89 -22.43 -11.95 41.57
CA VAL L 89 -22.08 -12.80 40.44
C VAL L 89 -22.57 -12.38 39.06
N SER L 90 -23.55 -11.48 39.01
CA SER L 90 -24.07 -11.02 37.72
C SER L 90 -22.93 -10.33 36.96
N GLU L 91 -23.08 -10.21 35.65
CA GLU L 91 -22.07 -9.58 34.83
C GLU L 91 -21.86 -8.12 35.20
N ALA L 92 -22.96 -7.40 35.42
CA ALA L 92 -22.90 -5.99 35.78
C ALA L 92 -22.18 -5.78 37.12
N CYS L 93 -22.48 -6.62 38.10
CA CYS L 93 -21.87 -6.51 39.43
C CYS L 93 -20.40 -6.89 39.37
N ARG L 94 -20.11 -7.93 38.61
CA ARG L 94 -18.73 -8.40 38.42
C ARG L 94 -17.96 -7.21 37.84
N GLY L 95 -18.62 -6.48 36.93
CA GLY L 95 -18.00 -5.33 36.30
C GLY L 95 -17.49 -4.28 37.27
N VAL L 96 -18.33 -3.91 38.23
CA VAL L 96 -17.96 -2.92 39.24
C VAL L 96 -16.67 -3.36 39.93
N LEU L 97 -16.62 -4.64 40.29
CA LEU L 97 -15.46 -5.19 40.96
C LEU L 97 -14.20 -5.08 40.10
N THR L 98 -14.30 -5.45 38.83
CA THR L 98 -13.17 -5.37 37.93
C THR L 98 -12.65 -3.92 37.85
N CYS L 99 -13.58 -2.96 37.84
CA CYS L 99 -13.19 -1.56 37.79
C CYS L 99 -12.38 -1.19 39.03
N LEU L 100 -12.89 -1.58 40.20
CA LEU L 100 -12.20 -1.29 41.45
C LEU L 100 -10.80 -1.89 41.45
N GLN L 101 -10.71 -3.19 41.22
CA GLN L 101 -9.43 -3.86 41.19
C GLN L 101 -8.45 -3.19 40.24
N GLY L 102 -8.93 -2.84 39.05
CA GLY L 102 -8.07 -2.19 38.07
C GLY L 102 -7.54 -0.84 38.52
N LEU L 103 -8.25 -0.19 39.44
CA LEU L 103 -7.82 1.12 39.94
C LEU L 103 -6.88 0.98 41.13
N GLY L 104 -6.61 -0.26 41.53
CA GLY L 104 -5.72 -0.49 42.64
C GLY L 104 -6.46 -0.65 43.96
N LEU L 105 -7.78 -0.53 43.91
CA LEU L 105 -8.60 -0.68 45.10
C LEU L 105 -8.82 -2.18 45.29
N ASP L 106 -9.05 -2.61 46.53
CA ASP L 106 -9.21 -4.04 46.78
C ASP L 106 -10.61 -4.50 47.17
N PRO L 107 -11.29 -5.19 46.24
CA PRO L 107 -12.65 -5.71 46.46
C PRO L 107 -12.70 -6.64 47.67
N ALA L 108 -11.57 -7.25 47.98
CA ALA L 108 -11.46 -8.17 49.11
C ALA L 108 -11.93 -7.57 50.42
N THR L 109 -11.57 -6.32 50.67
CA THR L 109 -11.95 -5.65 51.91
C THR L 109 -13.41 -5.23 51.98
N ARG L 110 -14.03 -5.02 50.82
CA ARG L 110 -15.42 -4.60 50.73
C ARG L 110 -15.59 -3.24 51.42
N ASP L 111 -14.49 -2.50 51.51
CA ASP L 111 -14.49 -1.20 52.15
C ASP L 111 -14.98 -0.11 51.22
N LEU L 112 -16.30 -0.01 51.08
CA LEU L 112 -16.89 1.00 50.19
C LEU L 112 -16.45 2.43 50.51
N GLN L 113 -16.29 2.74 51.79
CA GLN L 113 -15.89 4.09 52.19
C GLN L 113 -14.47 4.40 51.75
N VAL L 114 -13.60 3.40 51.79
CA VAL L 114 -12.23 3.60 51.35
C VAL L 114 -12.23 3.81 49.84
N TYR L 115 -13.00 2.98 49.13
CA TYR L 115 -13.07 3.10 47.68
C TYR L 115 -13.48 4.52 47.29
N ARG L 116 -14.42 5.07 48.04
CA ARG L 116 -14.93 6.41 47.78
C ARG L 116 -13.89 7.51 47.96
N GLU L 117 -12.98 7.33 48.91
CA GLU L 117 -11.94 8.32 49.16
C GLU L 117 -11.02 8.46 47.96
N TYR L 118 -10.83 7.37 47.22
CA TYR L 118 -9.97 7.38 46.04
C TYR L 118 -10.44 8.41 45.02
N PHE L 119 -11.72 8.35 44.69
CA PHE L 119 -12.31 9.26 43.70
C PHE L 119 -12.42 10.71 44.16
N ALA L 120 -12.78 10.90 45.43
CA ALA L 120 -12.93 12.24 45.99
C ALA L 120 -11.73 13.13 45.73
N LYS L 121 -10.53 12.63 46.00
CA LYS L 121 -9.31 13.41 45.79
C LYS L 121 -8.75 13.31 44.38
N LYS L 122 -9.57 13.66 43.40
CA LYS L 122 -9.14 13.58 42.01
C LYS L 122 -10.06 14.39 41.12
N THR L 123 -9.55 14.87 39.99
CA THR L 123 -10.37 15.65 39.07
C THR L 123 -10.86 14.75 37.93
N SER L 124 -11.77 15.28 37.12
CA SER L 124 -12.32 14.53 36.00
C SER L 124 -11.23 14.28 34.96
N GLU L 125 -10.45 15.30 34.67
CA GLU L 125 -9.38 15.21 33.69
C GLU L 125 -8.35 14.16 34.09
N GLU L 126 -8.09 14.05 35.40
CA GLU L 126 -7.12 13.09 35.88
C GLU L 126 -7.68 11.67 35.78
N GLN L 127 -8.94 11.51 36.15
CA GLN L 127 -9.55 10.18 36.10
C GLN L 127 -9.65 9.66 34.68
N VAL L 128 -9.92 10.53 33.72
CA VAL L 128 -9.99 10.10 32.34
C VAL L 128 -8.62 9.64 31.87
N ASP L 129 -7.57 10.40 32.23
CA ASP L 129 -6.22 10.03 31.85
C ASP L 129 -5.90 8.64 32.42
N THR L 130 -6.22 8.47 33.70
CA THR L 130 -5.98 7.21 34.40
C THR L 130 -6.77 6.07 33.74
N VAL L 131 -8.08 6.26 33.60
CA VAL L 131 -8.94 5.24 33.00
C VAL L 131 -8.57 4.86 31.58
N LEU L 132 -8.45 5.84 30.69
CA LEU L 132 -8.11 5.52 29.31
C LEU L 132 -6.79 4.74 29.24
N GLN L 133 -5.92 4.98 30.21
CA GLN L 133 -4.62 4.31 30.25
C GLN L 133 -4.75 2.88 30.76
N LEU L 134 -5.48 2.69 31.85
CA LEU L 134 -5.69 1.36 32.40
C LEU L 134 -6.49 0.50 31.45
N ALA L 135 -7.44 1.11 30.75
CA ALA L 135 -8.30 0.36 29.83
C ALA L 135 -7.71 0.26 28.44
N ASN L 136 -6.60 0.96 28.22
CA ASN L 136 -5.90 0.97 26.93
C ASN L 136 -6.85 1.34 25.80
N VAL L 137 -7.62 2.41 25.99
CA VAL L 137 -8.55 2.91 25.00
C VAL L 137 -7.94 4.20 24.47
N SER L 138 -7.67 4.27 23.17
CA SER L 138 -7.09 5.47 22.59
C SER L 138 -8.14 6.44 22.07
N ASP L 139 -9.27 5.91 21.61
CA ASP L 139 -10.34 6.75 21.06
C ASP L 139 -11.71 6.34 21.57
N VAL L 140 -12.52 7.32 21.94
CA VAL L 140 -13.86 7.08 22.43
C VAL L 140 -14.89 7.81 21.58
N VAL L 141 -15.87 7.08 21.07
CA VAL L 141 -16.93 7.70 20.28
C VAL L 141 -18.10 7.96 21.23
N MET L 142 -18.55 9.21 21.26
CA MET L 142 -19.66 9.62 22.13
C MET L 142 -20.97 9.47 21.39
N THR L 143 -22.06 9.71 22.14
CA THR L 143 -23.41 9.70 21.60
C THR L 143 -23.86 11.15 21.85
N ASN L 144 -23.90 11.95 20.80
CA ASN L 144 -24.27 13.35 20.96
C ASN L 144 -25.66 13.68 20.43
N ASP L 145 -26.53 14.03 21.36
CA ASP L 145 -27.91 14.31 21.06
C ASP L 145 -28.24 15.80 21.07
N PRO L 146 -28.33 16.42 19.88
CA PRO L 146 -28.63 17.84 19.73
C PRO L 146 -30.03 18.23 20.24
N PHE L 147 -30.81 17.22 20.60
CA PHE L 147 -32.16 17.44 21.11
C PHE L 147 -32.17 17.59 22.63
N ASP L 148 -31.03 17.34 23.26
CA ASP L 148 -30.92 17.48 24.70
C ASP L 148 -30.43 18.92 24.92
N ASP L 149 -31.23 19.70 25.64
CA ASP L 149 -30.88 21.10 25.88
C ASP L 149 -29.49 21.32 26.45
N ASN L 150 -29.09 20.53 27.44
CA ASN L 150 -27.78 20.68 28.04
C ASN L 150 -26.64 20.36 27.08
N GLU L 151 -26.80 19.32 26.27
CA GLU L 151 -25.74 18.96 25.32
C GLU L 151 -25.66 20.00 24.19
N ARG L 152 -26.81 20.37 23.66
CA ARG L 152 -26.88 21.33 22.57
C ARG L 152 -26.20 22.66 22.91
N ILE L 153 -26.44 23.16 24.12
CA ILE L 153 -25.84 24.42 24.54
C ILE L 153 -24.31 24.38 24.57
N SER L 154 -23.75 23.24 24.99
CA SER L 154 -22.30 23.11 25.03
C SER L 154 -21.71 23.24 23.64
N TRP L 155 -22.35 22.58 22.67
CA TRP L 155 -21.91 22.63 21.28
C TRP L 155 -22.07 24.02 20.66
N LEU L 156 -23.20 24.66 20.95
CA LEU L 156 -23.47 25.97 20.40
C LEU L 156 -22.48 27.00 20.92
N GLU L 157 -22.00 26.81 22.14
CA GLU L 157 -21.04 27.73 22.73
C GLU L 157 -19.61 27.50 22.28
N GLY L 158 -19.41 26.54 21.38
CA GLY L 158 -18.09 26.28 20.86
C GLY L 158 -17.30 25.17 21.55
N LYS L 159 -17.89 24.52 22.54
CA LYS L 159 -17.19 23.43 23.22
C LYS L 159 -16.90 22.30 22.25
N GLN L 160 -15.63 21.91 22.16
CA GLN L 160 -15.24 20.81 21.29
C GLN L 160 -14.47 19.77 22.09
N PRO L 161 -14.68 18.48 21.77
CA PRO L 161 -13.99 17.39 22.47
C PRO L 161 -12.50 17.38 22.20
N ASP L 162 -11.72 16.84 23.14
CA ASP L 162 -10.28 16.77 22.90
C ASP L 162 -10.04 15.65 21.89
N SER L 163 -8.81 15.59 21.38
CA SER L 163 -8.41 14.63 20.37
C SER L 163 -8.73 13.15 20.63
N ARG L 164 -9.05 12.80 21.87
CA ARG L 164 -9.36 11.42 22.21
C ARG L 164 -10.85 11.09 22.06
N PHE L 165 -11.69 12.11 22.06
CA PHE L 165 -13.14 11.90 21.95
C PHE L 165 -13.72 12.32 20.60
N HIS L 166 -14.53 11.46 20.02
CA HIS L 166 -15.16 11.74 18.73
C HIS L 166 -16.67 11.77 18.83
N ALA L 167 -17.27 12.59 17.98
CA ALA L 167 -18.72 12.76 17.98
C ALA L 167 -19.49 11.80 17.07
N ALA L 168 -20.70 11.50 17.51
CA ALA L 168 -21.62 10.65 16.76
C ALA L 168 -22.94 11.40 16.92
N LEU L 169 -23.51 11.81 15.79
CA LEU L 169 -24.78 12.56 15.79
C LEU L 169 -25.98 11.64 16.00
N ARG L 170 -26.54 11.66 17.20
CA ARG L 170 -27.70 10.82 17.56
C ARG L 170 -29.02 11.50 17.19
N LEU L 171 -29.87 10.79 16.43
CA LEU L 171 -31.12 11.37 15.94
C LEU L 171 -32.45 10.70 16.31
N ASP L 172 -32.52 10.01 17.44
CA ASP L 172 -33.76 9.35 17.83
C ASP L 172 -35.00 10.25 17.81
N PRO L 173 -34.94 11.42 18.49
CA PRO L 173 -36.10 12.33 18.51
C PRO L 173 -36.60 12.74 17.13
N LEU L 174 -35.67 12.95 16.20
CA LEU L 174 -36.03 13.34 14.83
C LEU L 174 -36.70 12.22 14.03
N LEU L 175 -36.10 11.02 14.07
CA LEU L 175 -36.64 9.90 13.32
C LEU L 175 -37.80 9.16 13.98
N ASN L 176 -37.82 9.08 15.30
CA ASN L 176 -38.88 8.36 16.01
C ASN L 176 -39.98 9.22 16.64
N GLU L 177 -39.80 10.52 16.70
CA GLU L 177 -40.81 11.39 17.30
C GLU L 177 -40.92 12.71 16.55
N TYR L 178 -40.92 12.63 15.24
CA TYR L 178 -40.98 13.81 14.39
C TYR L 178 -42.18 14.72 14.67
N GLU L 179 -43.35 14.12 14.87
CA GLU L 179 -44.56 14.92 15.14
C GLU L 179 -44.35 15.83 16.35
N GLN L 180 -43.64 15.35 17.36
CA GLN L 180 -43.39 16.17 18.54
C GLN L 180 -42.16 17.04 18.33
N THR L 181 -41.17 16.51 17.62
CA THR L 181 -39.92 17.20 17.38
C THR L 181 -39.96 18.34 16.35
N LYS L 182 -40.87 18.25 15.39
CA LYS L 182 -40.96 19.26 14.35
C LYS L 182 -41.14 20.68 14.90
N HIS L 183 -41.87 20.80 15.99
CA HIS L 183 -42.10 22.10 16.61
C HIS L 183 -40.79 22.67 17.14
N ARG L 184 -39.95 21.80 17.68
CA ARG L 184 -38.66 22.22 18.22
C ARG L 184 -37.75 22.70 17.09
N LEU L 185 -37.78 22.00 15.96
CA LEU L 185 -36.96 22.38 14.82
C LEU L 185 -37.33 23.81 14.42
N ARG L 186 -38.62 24.09 14.38
CA ARG L 186 -39.12 25.41 14.02
C ARG L 186 -38.57 26.47 14.95
N ASP L 187 -38.62 26.20 16.24
CA ASP L 187 -38.12 27.15 17.23
C ASP L 187 -36.62 27.39 17.07
N TRP L 188 -35.91 26.43 16.49
CA TRP L 188 -34.48 26.57 16.29
C TRP L 188 -34.16 27.29 15.00
N GLY L 189 -35.16 27.52 14.17
CA GLY L 189 -34.93 28.21 12.92
C GLY L 189 -35.09 27.39 11.66
N TYR L 190 -35.51 26.14 11.80
CA TYR L 190 -35.70 25.26 10.66
C TYR L 190 -37.19 25.25 10.28
N LYS L 191 -37.48 25.82 9.11
CA LYS L 191 -38.85 25.96 8.62
C LYS L 191 -39.49 24.70 8.06
N VAL L 192 -39.73 23.71 8.92
CA VAL L 192 -40.38 22.48 8.48
C VAL L 192 -41.87 22.77 8.41
N ASN L 193 -42.49 22.42 7.28
CA ASN L 193 -43.90 22.66 7.09
C ASN L 193 -44.75 21.54 7.69
N ASP L 194 -46.04 21.79 7.83
CA ASP L 194 -46.94 20.79 8.38
C ASP L 194 -46.93 19.53 7.51
N GLU L 195 -47.00 19.72 6.20
CA GLU L 195 -46.97 18.59 5.28
C GLU L 195 -45.52 18.32 4.89
N TRP L 196 -45.26 17.11 4.40
CA TRP L 196 -43.92 16.75 3.99
C TRP L 196 -43.71 17.10 2.52
N ASN L 197 -43.26 18.32 2.28
CA ASN L 197 -43.02 18.81 0.94
C ASN L 197 -41.55 19.16 0.75
N GLU L 198 -41.23 19.70 -0.42
CA GLU L 198 -39.86 20.08 -0.76
C GLU L 198 -39.27 20.92 0.36
N GLY L 199 -40.02 21.93 0.81
CA GLY L 199 -39.55 22.80 1.87
C GLY L 199 -39.12 22.09 3.15
N SER L 200 -39.97 21.18 3.63
CA SER L 200 -39.66 20.43 4.85
C SER L 200 -38.44 19.53 4.64
N ILE L 201 -38.35 18.91 3.47
CA ILE L 201 -37.25 18.03 3.15
C ILE L 201 -35.92 18.77 3.21
N GLN L 202 -35.87 19.94 2.58
CA GLN L 202 -34.64 20.73 2.56
C GLN L 202 -34.27 21.26 3.94
N GLU L 203 -35.24 21.64 4.76
CA GLU L 203 -34.93 22.15 6.08
C GLU L 203 -34.40 21.05 7.00
N VAL L 204 -34.94 19.84 6.85
CA VAL L 204 -34.47 18.73 7.65
C VAL L 204 -33.04 18.39 7.22
N LYS L 205 -32.80 18.40 5.91
CA LYS L 205 -31.45 18.13 5.40
C LYS L 205 -30.50 19.21 5.91
N ARG L 206 -30.98 20.45 5.99
CA ARG L 206 -30.17 21.56 6.46
C ARG L 206 -29.85 21.37 7.94
N PHE L 207 -30.82 20.88 8.71
CA PHE L 207 -30.61 20.62 10.12
C PHE L 207 -29.47 19.60 10.29
N LEU L 208 -29.50 18.53 9.51
CA LEU L 208 -28.47 17.50 9.59
C LEU L 208 -27.11 18.06 9.18
N THR L 209 -27.10 18.80 8.08
CA THR L 209 -25.86 19.40 7.58
C THR L 209 -25.29 20.34 8.63
N ASP L 210 -26.13 21.21 9.19
CA ASP L 210 -25.66 22.14 10.22
C ASP L 210 -24.99 21.39 11.36
N TRP L 211 -25.59 20.30 11.80
CA TRP L 211 -25.00 19.53 12.90
C TRP L 211 -23.79 18.70 12.51
N ILE L 212 -23.72 18.30 11.24
CA ILE L 212 -22.57 17.54 10.78
C ILE L 212 -21.34 18.47 10.80
N GLU L 213 -21.51 19.69 10.30
CA GLU L 213 -20.42 20.65 10.29
C GLU L 213 -20.02 21.06 11.71
N ARG L 214 -20.97 21.09 12.62
CA ARG L 214 -20.68 21.48 14.00
C ARG L 214 -20.02 20.39 14.84
N MET L 215 -20.41 19.12 14.65
CA MET L 215 -19.84 18.03 15.43
C MET L 215 -18.77 17.22 14.69
N ASP L 216 -18.75 17.32 13.37
CA ASP L 216 -17.82 16.53 12.56
C ASP L 216 -17.95 15.09 13.08
N PRO L 217 -19.18 14.56 13.08
CA PRO L 217 -19.45 13.19 13.56
C PRO L 217 -18.85 12.10 12.69
N VAL L 218 -18.49 10.97 13.32
CA VAL L 218 -17.94 9.85 12.58
C VAL L 218 -19.10 9.08 11.94
N TYR L 219 -20.29 9.25 12.50
CA TYR L 219 -21.50 8.63 11.96
C TYR L 219 -22.78 9.21 12.57
N MET L 220 -23.90 9.00 11.89
CA MET L 220 -25.20 9.44 12.38
C MET L 220 -25.84 8.17 12.92
N ALA L 221 -26.55 8.28 14.04
CA ALA L 221 -27.14 7.11 14.66
C ALA L 221 -28.56 7.23 15.15
N VAL L 222 -29.19 6.07 15.32
CA VAL L 222 -30.56 5.99 15.80
C VAL L 222 -30.79 4.57 16.34
N SER L 223 -31.57 4.44 17.40
CA SER L 223 -31.90 3.12 17.91
C SER L 223 -33.33 2.92 17.42
N LEU L 224 -33.65 1.69 17.03
CA LEU L 224 -34.96 1.39 16.47
C LEU L 224 -35.69 0.22 17.15
N PRO L 225 -37.03 0.19 17.06
CA PRO L 225 -37.84 -0.86 17.67
C PRO L 225 -37.83 -2.15 16.85
N PRO L 226 -38.23 -3.27 17.48
CA PRO L 226 -38.28 -4.57 16.83
C PRO L 226 -39.12 -4.52 15.56
N THR L 227 -40.09 -3.61 15.55
CA THR L 227 -41.02 -3.47 14.43
C THR L 227 -40.49 -2.60 13.29
N PHE L 228 -39.23 -2.21 13.36
CA PHE L 228 -38.64 -1.37 12.31
C PHE L 228 -38.84 -1.94 10.92
N SER L 229 -39.36 -1.13 10.02
CA SER L 229 -39.59 -1.53 8.64
C SER L 229 -39.16 -0.42 7.70
N PHE L 230 -38.79 -0.79 6.48
CA PHE L 230 -38.37 0.17 5.46
C PHE L 230 -38.31 -0.54 4.11
N PRO L 231 -38.90 0.09 3.07
CA PRO L 231 -39.60 1.39 3.08
C PRO L 231 -40.82 1.45 4.01
N GLU L 232 -41.29 2.67 4.26
CA GLU L 232 -42.45 2.87 5.11
C GLU L 232 -42.94 4.31 4.98
N GLU L 233 -44.24 4.48 4.75
CA GLU L 233 -44.79 5.82 4.63
C GLU L 233 -45.14 6.33 6.03
N SER L 234 -44.11 6.67 6.77
CA SER L 234 -44.23 7.19 8.13
C SER L 234 -43.22 8.32 8.14
N ASN L 235 -43.15 9.08 9.23
CA ASN L 235 -42.18 10.16 9.28
C ASN L 235 -40.78 9.57 9.24
N ARG L 236 -40.56 8.47 9.96
CA ARG L 236 -39.23 7.86 9.97
C ARG L 236 -38.82 7.38 8.58
N GLY L 237 -39.73 6.73 7.87
CA GLY L 237 -39.42 6.24 6.55
C GLY L 237 -39.12 7.32 5.54
N ARG L 238 -39.86 8.43 5.62
CA ARG L 238 -39.67 9.53 4.68
C ARG L 238 -38.41 10.33 4.98
N ILE L 239 -38.12 10.52 6.26
CA ILE L 239 -36.92 11.27 6.66
C ILE L 239 -35.65 10.49 6.30
N ILE L 240 -35.67 9.17 6.48
CA ILE L 240 -34.52 8.37 6.15
C ILE L 240 -34.30 8.39 4.64
N ARG L 241 -35.39 8.20 3.90
CA ARG L 241 -35.32 8.19 2.45
C ARG L 241 -34.94 9.54 1.83
N ASP L 242 -35.67 10.59 2.19
CA ASP L 242 -35.43 11.91 1.60
C ASP L 242 -34.34 12.78 2.22
N CYS L 243 -33.97 12.53 3.46
CA CYS L 243 -32.98 13.38 4.11
C CYS L 243 -31.71 12.69 4.59
N LEU L 244 -31.87 11.72 5.48
CA LEU L 244 -30.75 10.99 6.06
C LEU L 244 -29.81 10.33 5.03
N LEU L 245 -30.35 9.44 4.21
CA LEU L 245 -29.53 8.74 3.22
C LEU L 245 -28.79 9.66 2.23
N PRO L 246 -29.48 10.62 1.61
CA PRO L 246 -28.75 11.49 0.67
C PRO L 246 -27.66 12.27 1.38
N VAL L 247 -27.96 12.79 2.57
CA VAL L 247 -26.97 13.56 3.31
C VAL L 247 -25.80 12.67 3.72
N ALA L 248 -26.11 11.49 4.23
CA ALA L 248 -25.08 10.54 4.65
C ALA L 248 -24.17 10.17 3.48
N GLU L 249 -24.75 10.02 2.30
CA GLU L 249 -23.95 9.67 1.12
C GLU L 249 -23.03 10.82 0.72
N LYS L 250 -23.60 12.01 0.56
CA LYS L 250 -22.84 13.19 0.16
C LYS L 250 -21.57 13.40 1.00
N HIS L 251 -21.68 13.21 2.31
CA HIS L 251 -20.54 13.39 3.20
C HIS L 251 -19.80 12.09 3.47
N ASN L 252 -20.27 11.00 2.88
CA ASN L 252 -19.65 9.69 3.06
C ASN L 252 -19.61 9.32 4.54
N ILE L 253 -20.70 9.56 5.23
CA ILE L 253 -20.80 9.24 6.65
C ILE L 253 -21.72 8.03 6.82
N PRO L 254 -21.27 6.99 7.52
CA PRO L 254 -22.16 5.84 7.67
C PRO L 254 -23.37 6.13 8.58
N PHE L 255 -24.40 5.31 8.42
CA PHE L 255 -25.63 5.41 9.20
C PHE L 255 -25.64 4.21 10.15
N ALA L 256 -25.64 4.48 11.45
CA ALA L 256 -25.65 3.43 12.45
C ALA L 256 -27.05 3.17 12.97
N MET L 257 -27.49 1.93 12.85
CA MET L 257 -28.80 1.53 13.31
C MET L 257 -28.67 0.48 14.39
N MET L 258 -29.20 0.78 15.56
CA MET L 258 -29.17 -0.15 16.68
C MET L 258 -30.63 -0.58 16.85
N ILE L 259 -30.93 -1.74 16.30
CA ILE L 259 -32.28 -2.30 16.24
C ILE L 259 -32.71 -3.33 17.26
N GLY L 260 -33.97 -3.21 17.72
CA GLY L 260 -34.52 -4.20 18.64
C GLY L 260 -34.98 -3.74 19.99
N VAL L 261 -34.77 -2.48 20.33
CA VAL L 261 -35.19 -1.98 21.64
C VAL L 261 -36.66 -1.60 21.72
N LYS L 262 -37.34 -2.07 22.76
CA LYS L 262 -38.75 -1.74 22.97
C LYS L 262 -38.71 -0.75 24.15
N LYS L 263 -38.88 0.53 23.84
CA LYS L 263 -38.79 1.57 24.85
C LYS L 263 -39.87 1.63 25.92
N ARG L 264 -39.41 1.90 27.14
CA ARG L 264 -40.29 2.05 28.30
C ARG L 264 -41.41 1.04 28.51
N VAL L 265 -41.09 -0.25 28.60
CA VAL L 265 -42.15 -1.23 28.86
C VAL L 265 -42.48 -1.12 30.34
N HIS L 266 -41.56 -0.56 31.12
CA HIS L 266 -41.78 -0.32 32.54
C HIS L 266 -41.28 1.09 32.79
N PRO L 267 -42.07 2.09 32.38
CA PRO L 267 -41.74 3.52 32.53
C PRO L 267 -41.16 3.99 33.87
N ALA L 268 -41.64 3.44 34.98
CA ALA L 268 -41.13 3.84 36.29
C ALA L 268 -39.65 3.54 36.50
N LEU L 269 -39.10 2.58 35.75
CA LEU L 269 -37.69 2.23 35.90
C LEU L 269 -36.75 3.17 35.19
N GLY L 270 -37.30 4.13 34.46
CA GLY L 270 -36.47 5.08 33.74
C GLY L 270 -35.64 4.41 32.66
N ASP L 271 -34.34 4.71 32.66
CA ASP L 271 -33.43 4.16 31.67
C ASP L 271 -33.31 2.65 31.77
N ALA L 272 -33.79 2.09 32.89
CA ALA L 272 -33.72 0.66 33.13
C ALA L 272 -35.04 -0.03 32.76
N GLY L 273 -35.91 0.69 32.07
CA GLY L 273 -37.20 0.13 31.71
C GLY L 273 -37.40 -0.26 30.26
N ASP L 274 -36.30 -0.50 29.55
CA ASP L 274 -36.39 -0.88 28.13
C ASP L 274 -36.28 -2.40 27.95
N PHE L 275 -37.13 -2.93 27.08
CA PHE L 275 -37.18 -4.37 26.80
C PHE L 275 -36.63 -4.64 25.40
N VAL L 276 -36.72 -5.88 24.93
CA VAL L 276 -36.19 -6.25 23.62
C VAL L 276 -37.17 -7.08 22.81
N GLY L 277 -36.91 -7.17 21.50
CA GLY L 277 -37.76 -7.95 20.62
C GLY L 277 -37.01 -8.25 19.32
N LYS L 278 -37.28 -9.41 18.73
CA LYS L 278 -36.63 -9.79 17.47
C LYS L 278 -37.19 -8.95 16.33
N ALA L 279 -36.33 -8.54 15.41
CA ALA L 279 -36.78 -7.73 14.29
C ALA L 279 -36.74 -8.51 12.98
N SER L 280 -37.44 -7.98 11.99
CA SER L 280 -37.45 -8.57 10.67
C SER L 280 -36.19 -8.01 10.01
N MET L 281 -35.54 -8.78 9.15
CA MET L 281 -34.34 -8.29 8.50
C MET L 281 -34.64 -7.57 7.17
N ASP L 282 -35.90 -7.62 6.72
CA ASP L 282 -36.30 -7.00 5.45
C ASP L 282 -35.89 -5.54 5.28
N GLY L 283 -36.07 -4.74 6.33
CA GLY L 283 -35.73 -3.34 6.26
C GLY L 283 -34.24 -3.09 6.06
N VAL L 284 -33.43 -3.84 6.80
CA VAL L 284 -31.97 -3.71 6.69
C VAL L 284 -31.52 -4.22 5.32
N GLU L 285 -32.09 -5.33 4.89
CA GLU L 285 -31.76 -5.93 3.61
C GLU L 285 -32.07 -4.94 2.47
N HIS L 286 -33.22 -4.29 2.55
CA HIS L 286 -33.63 -3.32 1.53
C HIS L 286 -32.70 -2.13 1.44
N LEU L 287 -32.37 -1.57 2.60
CA LEU L 287 -31.47 -0.42 2.67
C LEU L 287 -30.12 -0.76 2.08
N LEU L 288 -29.60 -1.93 2.45
CA LEU L 288 -28.29 -2.35 1.98
C LEU L 288 -28.26 -2.54 0.47
N ARG L 289 -29.26 -3.23 -0.06
CA ARG L 289 -29.32 -3.48 -1.50
C ARG L 289 -29.67 -2.24 -2.33
N GLU L 290 -30.67 -1.49 -1.90
CA GLU L 290 -31.09 -0.32 -2.67
C GLU L 290 -30.24 0.94 -2.52
N TYR L 291 -29.34 0.96 -1.54
CA TYR L 291 -28.48 2.12 -1.35
C TYR L 291 -27.02 1.67 -1.21
N PRO L 292 -26.47 1.06 -2.26
CA PRO L 292 -25.10 0.54 -2.32
C PRO L 292 -24.02 1.61 -2.08
N ASN L 293 -24.36 2.88 -2.24
CA ASN L 293 -23.39 3.94 -2.03
C ASN L 293 -23.43 4.49 -0.60
N ASN L 294 -24.34 3.95 0.21
CA ASN L 294 -24.45 4.36 1.61
C ASN L 294 -23.80 3.30 2.50
N LYS L 295 -23.19 3.74 3.59
CA LYS L 295 -22.55 2.81 4.52
C LYS L 295 -23.43 2.62 5.73
N PHE L 296 -23.52 1.38 6.20
CA PHE L 296 -24.37 1.08 7.35
C PHE L 296 -23.68 0.31 8.46
N LEU L 297 -23.78 0.82 9.67
CA LEU L 297 -23.24 0.19 10.86
C LEU L 297 -24.47 -0.38 11.57
N VAL L 298 -24.45 -1.67 11.88
CA VAL L 298 -25.60 -2.28 12.52
C VAL L 298 -25.27 -3.19 13.69
N THR L 299 -26.06 -3.07 14.76
CA THR L 299 -25.94 -3.94 15.92
C THR L 299 -27.39 -4.22 16.30
N MET L 300 -27.69 -5.44 16.75
CA MET L 300 -29.06 -5.77 17.10
C MET L 300 -29.19 -6.30 18.52
N LEU L 301 -30.32 -6.01 19.15
CA LEU L 301 -30.55 -6.38 20.54
C LEU L 301 -31.04 -7.79 20.85
N SER L 302 -31.70 -8.43 19.88
CA SER L 302 -32.23 -9.77 20.10
C SER L 302 -31.24 -10.88 19.77
N ARG L 303 -31.10 -11.82 20.70
CA ARG L 303 -30.21 -12.95 20.52
C ARG L 303 -30.57 -13.68 19.23
N GLU L 304 -31.87 -13.74 18.94
CA GLU L 304 -32.39 -14.43 17.76
C GLU L 304 -32.14 -13.79 16.41
N ASN L 305 -31.56 -12.59 16.42
CA ASN L 305 -31.24 -11.84 15.21
C ASN L 305 -29.76 -11.97 14.85
N GLN L 306 -28.93 -12.36 15.80
CA GLN L 306 -27.49 -12.40 15.56
C GLN L 306 -26.96 -13.23 14.41
N HIS L 307 -27.39 -14.47 14.30
CA HIS L 307 -26.89 -15.31 13.21
C HIS L 307 -27.28 -14.77 11.84
N GLU L 308 -28.56 -14.47 11.63
CA GLU L 308 -28.96 -13.94 10.33
C GLU L 308 -28.33 -12.59 10.03
N LEU L 309 -27.98 -11.82 11.06
CA LEU L 309 -27.32 -10.53 10.82
C LEU L 309 -25.95 -10.80 10.18
N VAL L 310 -25.28 -11.86 10.64
CA VAL L 310 -23.97 -12.23 10.13
C VAL L 310 -24.09 -12.67 8.66
N VAL L 311 -25.10 -13.47 8.36
CA VAL L 311 -25.31 -13.92 6.99
C VAL L 311 -25.60 -12.72 6.08
N LEU L 312 -26.35 -11.74 6.58
CA LEU L 312 -26.67 -10.56 5.79
C LEU L 312 -25.38 -9.78 5.48
N ALA L 313 -24.44 -9.78 6.42
CA ALA L 313 -23.15 -9.12 6.25
C ALA L 313 -22.35 -9.84 5.15
N ARG L 314 -22.54 -11.16 5.04
CA ARG L 314 -21.87 -11.96 4.00
C ARG L 314 -22.39 -11.50 2.65
N LYS L 315 -23.64 -11.01 2.64
CA LYS L 315 -24.28 -10.55 1.40
C LYS L 315 -23.89 -9.15 0.95
N PHE L 316 -23.78 -8.23 1.90
CA PHE L 316 -23.48 -6.85 1.55
C PHE L 316 -22.26 -6.23 2.22
N SER L 317 -21.34 -5.76 1.38
CA SER L 317 -20.11 -5.15 1.86
C SER L 317 -20.31 -3.75 2.44
N ASN L 318 -21.47 -3.15 2.18
CA ASN L 318 -21.74 -1.82 2.72
C ASN L 318 -22.39 -1.94 4.10
N LEU L 319 -22.32 -3.16 4.65
CA LEU L 319 -22.82 -3.43 5.99
C LEU L 319 -21.64 -3.79 6.87
N MET L 320 -21.45 -3.05 7.95
CA MET L 320 -20.39 -3.37 8.90
C MET L 320 -21.12 -3.67 10.21
N ILE L 321 -21.05 -4.91 10.68
CA ILE L 321 -21.72 -5.24 11.93
C ILE L 321 -20.78 -4.91 13.08
N PHE L 322 -21.36 -4.55 14.22
CA PHE L 322 -20.56 -4.19 15.36
C PHE L 322 -21.18 -4.52 16.70
N GLY L 323 -20.29 -4.77 17.67
CA GLY L 323 -20.66 -5.06 19.05
C GLY L 323 -21.66 -6.13 19.47
N CYS L 324 -21.72 -6.29 20.79
CA CYS L 324 -22.63 -7.20 21.47
C CYS L 324 -23.36 -6.22 22.39
N TRP L 325 -24.41 -5.65 21.84
CA TRP L 325 -25.20 -4.61 22.49
C TRP L 325 -26.15 -4.93 23.64
N TRP L 326 -25.95 -4.20 24.73
CA TRP L 326 -26.86 -4.26 25.87
C TRP L 326 -27.10 -5.67 26.44
N PHE L 327 -28.29 -6.20 26.17
CA PHE L 327 -28.64 -7.54 26.66
C PHE L 327 -27.79 -8.63 25.99
N MET L 328 -27.03 -8.24 24.98
CA MET L 328 -26.15 -9.19 24.29
C MET L 328 -24.76 -9.16 24.95
N ASN L 329 -24.51 -8.10 25.72
CA ASN L 329 -23.22 -7.89 26.37
C ASN L 329 -23.00 -8.77 27.59
N ASN L 330 -23.19 -10.06 27.42
CA ASN L 330 -23.03 -11.04 28.48
C ASN L 330 -22.14 -12.17 27.95
N PRO L 331 -21.12 -12.57 28.73
CA PRO L 331 -20.18 -13.62 28.35
C PRO L 331 -20.75 -14.76 27.48
N GLU L 332 -21.81 -15.41 27.95
CA GLU L 332 -22.39 -16.50 27.18
C GLU L 332 -22.72 -16.08 25.75
N ILE L 333 -23.27 -14.88 25.60
CA ILE L 333 -23.66 -14.38 24.29
C ILE L 333 -22.50 -13.78 23.50
N ILE L 334 -21.64 -13.02 24.18
CA ILE L 334 -20.50 -12.43 23.50
C ILE L 334 -19.72 -13.55 22.82
N ASN L 335 -19.55 -14.65 23.54
CA ASN L 335 -18.82 -15.78 23.01
C ASN L 335 -19.44 -16.36 21.74
N GLU L 336 -20.73 -16.73 21.78
CA GLU L 336 -21.36 -17.32 20.60
C GLU L 336 -21.42 -16.36 19.41
N MET L 337 -21.70 -15.09 19.68
CA MET L 337 -21.76 -14.09 18.63
C MET L 337 -20.39 -13.93 17.95
N THR L 338 -19.35 -13.71 18.75
CA THR L 338 -18.01 -13.51 18.19
C THR L 338 -17.55 -14.72 17.38
N ARG L 339 -17.89 -15.92 17.85
CA ARG L 339 -17.51 -17.14 17.14
C ARG L 339 -18.29 -17.28 15.82
N MET L 340 -19.59 -17.01 15.85
CA MET L 340 -20.38 -17.12 14.62
C MET L 340 -19.89 -16.07 13.63
N ARG L 341 -19.63 -14.87 14.14
CA ARG L 341 -19.14 -13.79 13.29
C ARG L 341 -17.80 -14.11 12.64
N MET L 342 -16.86 -14.64 13.41
CA MET L 342 -15.56 -14.93 12.84
C MET L 342 -15.61 -16.10 11.85
N GLU L 343 -16.41 -17.10 12.17
CA GLU L 343 -16.51 -18.26 11.29
C GLU L 343 -17.06 -17.91 9.90
N MET L 344 -17.95 -16.92 9.82
CA MET L 344 -18.53 -16.51 8.54
C MET L 344 -17.97 -15.24 7.92
N LEU L 345 -17.30 -14.41 8.71
CA LEU L 345 -16.77 -13.15 8.20
C LEU L 345 -15.27 -13.02 8.38
N GLY L 346 -14.64 -14.03 8.96
CA GLY L 346 -13.20 -13.93 9.17
C GLY L 346 -12.97 -12.76 10.12
N THR L 347 -12.25 -11.74 9.66
CA THR L 347 -11.97 -10.58 10.50
C THR L 347 -12.69 -9.31 10.03
N SER L 348 -13.66 -9.44 9.12
CA SER L 348 -14.35 -8.26 8.60
C SER L 348 -15.55 -7.78 9.41
N PHE L 349 -15.32 -7.51 10.69
CA PHE L 349 -16.40 -7.03 11.54
C PHE L 349 -15.79 -6.38 12.78
N ILE L 350 -16.61 -5.65 13.52
CA ILE L 350 -16.15 -4.99 14.72
C ILE L 350 -16.78 -5.76 15.87
N PRO L 351 -15.98 -6.55 16.60
CA PRO L 351 -16.48 -7.35 17.71
C PRO L 351 -17.17 -6.72 18.91
N GLN L 352 -16.72 -5.56 19.35
CA GLN L 352 -17.31 -4.98 20.54
C GLN L 352 -17.21 -3.47 20.68
N HIS L 353 -18.04 -2.95 21.59
CA HIS L 353 -18.05 -1.54 21.98
C HIS L 353 -18.46 -1.64 23.44
N SER L 354 -18.13 -0.64 24.26
CA SER L 354 -18.45 -0.71 25.68
C SER L 354 -19.81 -0.15 26.08
N ASP L 355 -20.29 0.83 25.33
CA ASP L 355 -21.57 1.44 25.66
C ASP L 355 -21.48 2.08 27.04
N ALA L 356 -20.26 2.40 27.46
CA ALA L 356 -20.03 2.98 28.78
C ALA L 356 -20.80 4.27 29.07
N ARG L 357 -21.51 4.26 30.18
CA ARG L 357 -22.29 5.42 30.62
C ARG L 357 -21.51 6.08 31.75
N VAL L 358 -20.64 5.30 32.37
CA VAL L 358 -19.79 5.76 33.46
C VAL L 358 -18.34 5.51 33.07
N LEU L 359 -17.52 6.54 33.18
CA LEU L 359 -16.11 6.50 32.81
C LEU L 359 -15.35 5.22 33.14
N GLU L 360 -15.34 4.85 34.42
CA GLU L 360 -14.61 3.66 34.85
C GLU L 360 -15.00 2.37 34.14
N GLN L 361 -16.24 2.29 33.64
CA GLN L 361 -16.70 1.08 32.97
C GLN L 361 -15.81 0.62 31.82
N LEU L 362 -15.05 1.54 31.24
CA LEU L 362 -14.16 1.17 30.14
C LEU L 362 -13.20 0.08 30.59
N ILE L 363 -12.84 0.09 31.87
CA ILE L 363 -11.93 -0.90 32.40
C ILE L 363 -12.51 -2.33 32.33
N TYR L 364 -13.72 -2.52 32.85
CA TYR L 364 -14.32 -3.85 32.84
C TYR L 364 -14.92 -4.29 31.52
N LYS L 365 -15.54 -3.36 30.79
CA LYS L 365 -16.13 -3.70 29.51
C LYS L 365 -15.06 -4.29 28.59
N TRP L 366 -13.93 -3.61 28.50
CA TRP L 366 -12.86 -4.10 27.65
C TRP L 366 -12.11 -5.29 28.20
N HIS L 367 -11.90 -5.32 29.51
CA HIS L 367 -11.20 -6.44 30.11
C HIS L 367 -12.03 -7.74 29.97
N HIS L 368 -13.32 -7.66 30.25
CA HIS L 368 -14.20 -8.83 30.14
C HIS L 368 -14.35 -9.30 28.70
N SER L 369 -14.39 -8.36 27.77
CA SER L 369 -14.55 -8.72 26.38
C SER L 369 -13.27 -9.21 25.73
N LYS L 370 -12.14 -8.57 26.03
CA LYS L 370 -10.87 -8.98 25.44
C LYS L 370 -10.55 -10.41 25.84
N SER L 371 -10.90 -10.80 27.06
CA SER L 371 -10.66 -12.16 27.53
C SER L 371 -11.31 -13.14 26.58
N ILE L 372 -12.58 -12.90 26.30
CA ILE L 372 -13.37 -13.75 25.42
C ILE L 372 -12.86 -13.71 23.98
N ILE L 373 -12.71 -12.52 23.42
CA ILE L 373 -12.24 -12.39 22.06
C ILE L 373 -10.87 -13.05 21.83
N ALA L 374 -9.98 -12.93 22.81
CA ALA L 374 -8.65 -13.53 22.70
C ALA L 374 -8.78 -15.05 22.59
N GLU L 375 -9.61 -15.65 23.44
CA GLU L 375 -9.81 -17.08 23.41
C GLU L 375 -10.36 -17.52 22.06
N VAL L 376 -11.28 -16.74 21.50
CA VAL L 376 -11.84 -17.08 20.20
C VAL L 376 -10.73 -17.04 19.15
N LEU L 377 -9.88 -16.01 19.22
CA LEU L 377 -8.77 -15.88 18.28
C LEU L 377 -7.83 -17.06 18.42
N ILE L 378 -7.54 -17.45 19.65
CA ILE L 378 -6.63 -18.57 19.85
C ILE L 378 -7.17 -19.84 19.17
N ASP L 379 -8.46 -20.11 19.34
CA ASP L 379 -9.08 -21.28 18.71
C ASP L 379 -9.00 -21.21 17.18
N LYS L 380 -9.32 -20.05 16.61
CA LYS L 380 -9.30 -19.91 15.17
C LYS L 380 -7.90 -19.90 14.57
N TYR L 381 -6.93 -19.33 15.31
CA TYR L 381 -5.56 -19.32 14.82
C TYR L 381 -5.00 -20.72 14.92
N ASP L 382 -5.36 -21.44 15.99
CA ASP L 382 -4.84 -22.80 16.14
C ASP L 382 -5.36 -23.72 15.06
N ASP L 383 -6.61 -23.56 14.66
CA ASP L 383 -7.17 -24.40 13.63
C ASP L 383 -6.40 -24.30 12.32
N ILE L 384 -5.98 -23.09 11.94
CA ILE L 384 -5.23 -22.97 10.70
C ILE L 384 -3.76 -23.33 10.93
N LEU L 385 -3.27 -23.15 12.15
CA LEU L 385 -1.89 -23.52 12.47
C LEU L 385 -1.76 -25.04 12.31
N GLN L 386 -2.68 -25.78 12.93
CA GLN L 386 -2.64 -27.23 12.82
C GLN L 386 -2.84 -27.68 11.38
N ALA L 387 -3.49 -26.84 10.58
CA ALA L 387 -3.74 -27.15 9.18
C ALA L 387 -2.50 -26.87 8.34
N GLY L 388 -1.42 -26.44 8.98
CA GLY L 388 -0.19 -26.18 8.26
C GLY L 388 0.15 -24.74 7.94
N TRP L 389 -0.75 -23.82 8.28
CA TRP L 389 -0.52 -22.41 7.99
C TRP L 389 0.47 -21.73 8.93
N GLU L 390 1.31 -20.86 8.38
CA GLU L 390 2.26 -20.13 9.20
C GLU L 390 1.60 -18.86 9.72
N VAL L 391 1.47 -18.75 11.05
CA VAL L 391 0.89 -17.54 11.64
C VAL L 391 2.02 -16.78 12.31
N THR L 392 2.25 -15.54 11.86
CA THR L 392 3.31 -14.73 12.45
C THR L 392 2.73 -13.76 13.45
N GLU L 393 3.56 -13.38 14.42
CA GLU L 393 3.14 -12.44 15.45
C GLU L 393 2.74 -11.11 14.80
N GLU L 394 3.39 -10.79 13.69
CA GLU L 394 3.10 -9.55 12.98
C GLU L 394 1.70 -9.59 12.36
N GLU L 395 1.32 -10.73 11.80
CA GLU L 395 -0.01 -10.89 11.19
C GLU L 395 -1.08 -10.87 12.28
N ILE L 396 -0.77 -11.44 13.45
CA ILE L 396 -1.72 -11.43 14.56
C ILE L 396 -1.93 -10.00 15.04
N LYS L 397 -0.85 -9.23 15.15
CA LYS L 397 -0.99 -7.86 15.60
C LYS L 397 -1.84 -7.07 14.61
N ARG L 398 -1.66 -7.38 13.32
CA ARG L 398 -2.42 -6.72 12.26
C ARG L 398 -3.91 -7.05 12.33
N ASP L 399 -4.24 -8.33 12.51
CA ASP L 399 -5.64 -8.75 12.59
C ASP L 399 -6.31 -8.15 13.83
N VAL L 400 -5.59 -8.16 14.95
CA VAL L 400 -6.12 -7.64 16.20
C VAL L 400 -6.35 -6.13 16.10
N ALA L 401 -5.48 -5.46 15.36
CA ALA L 401 -5.58 -4.02 15.15
C ALA L 401 -6.84 -3.76 14.34
N ASP L 402 -7.10 -4.62 13.35
CA ASP L 402 -8.30 -4.47 12.53
C ASP L 402 -9.56 -4.56 13.40
N LEU L 403 -9.66 -5.66 14.14
CA LEU L 403 -10.81 -5.90 15.02
C LEU L 403 -11.13 -4.81 16.05
N PHE L 404 -10.13 -4.35 16.78
CA PHE L 404 -10.36 -3.36 17.83
C PHE L 404 -10.23 -1.89 17.44
N SER L 405 -9.83 -1.60 16.21
CA SER L 405 -9.67 -0.21 15.82
C SER L 405 -9.73 0.14 14.34
N ARG L 406 -8.89 -0.50 13.53
CA ARG L 406 -8.83 -0.20 12.10
C ARG L 406 -10.05 -0.45 11.25
N ASN L 407 -10.83 -1.49 11.56
CA ASN L 407 -12.01 -1.76 10.75
C ASN L 407 -13.00 -0.63 10.87
N PHE L 408 -13.08 -0.04 12.06
CA PHE L 408 -14.01 1.07 12.26
C PHE L 408 -13.56 2.31 11.47
N TRP L 409 -12.35 2.79 11.75
CA TRP L 409 -11.83 3.98 11.08
C TRP L 409 -11.81 3.82 9.58
N ARG L 410 -11.49 2.62 9.10
CA ARG L 410 -11.47 2.36 7.67
C ARG L 410 -12.88 2.44 7.10
N PHE L 411 -13.86 1.96 7.86
CA PHE L 411 -15.24 1.99 7.40
C PHE L 411 -15.83 3.40 7.34
N VAL L 412 -15.63 4.19 8.39
CA VAL L 412 -16.18 5.55 8.41
C VAL L 412 -15.48 6.50 7.44
N GLY L 413 -14.39 6.05 6.83
CA GLY L 413 -13.69 6.89 5.87
C GLY L 413 -12.56 7.73 6.42
N ARG L 414 -11.83 7.17 7.38
CA ARG L 414 -10.70 7.84 8.01
C ARG L 414 -9.45 6.96 7.90
O6A REL M . 19.19 -30.02 63.53
C6 REL M . 18.05 -29.52 63.28
O6B REL M . 17.00 -29.82 63.86
C5 REL M . 18.02 -28.48 62.16
O5 REL M . 16.75 -28.60 61.49
C4 REL M . 18.18 -27.02 62.67
O4 REL M . 19.47 -26.94 63.31
C3 REL M . 18.10 -25.92 61.57
O3 REL M . 18.52 -24.64 62.07
C2 REL M . 16.67 -25.82 60.99
O2 REL M . 15.97 -24.69 61.50
C1 REL M . 16.71 -25.77 59.46
O1 REL M . 15.79 -26.21 58.77
C CO3 N . 20.79 -21.18 56.54
O1 CO3 N . 21.42 -21.00 55.39
O2 CO3 N . 20.08 -20.22 57.04
O3 CO3 N . 20.80 -22.33 57.11
C CO3 O . 15.25 -54.45 44.85
O1 CO3 O . 15.19 -53.49 45.73
O2 CO3 O . 14.35 -55.40 44.88
O3 CO3 O . 16.31 -54.57 44.12
ZN ZN P . 15.24 -28.93 62.68
CL CL Q . 28.05 -37.36 44.59
O6A REL R . 38.92 -23.61 31.56
C6 REL R . 38.23 -22.96 30.73
O6B REL R . 38.29 -21.71 30.58
C5 REL R . 37.25 -23.77 29.89
O5 REL R . 36.00 -23.06 29.77
C4 REL R . 37.77 -24.08 28.46
O4 REL R . 39.06 -24.68 28.61
C3 REL R . 36.87 -25.05 27.65
O3 REL R . 37.58 -25.58 26.52
C2 REL R . 35.58 -24.34 27.15
O2 REL R . 35.64 -24.11 25.75
C1 REL R . 34.34 -25.19 27.49
O1 REL R . 33.23 -24.69 27.58
ZN ZN S . 36.10 -21.13 29.35
O6A REL T . 23.54 -57.84 37.57
C6 REL T . 22.44 -57.77 36.96
O6B REL T . 22.22 -58.23 35.82
C5 REL T . 21.32 -57.05 37.70
O5 REL T . 20.54 -56.32 36.73
C4 REL T . 20.38 -58.04 38.45
O4 REL T . 21.19 -58.69 39.45
C3 REL T . 19.16 -57.39 39.15
O3 REL T . 18.59 -58.31 40.11
C2 REL T . 18.09 -56.98 38.11
O2 REL T . 16.99 -57.87 38.09
C1 REL T . 17.60 -55.55 38.39
O1 REL T . 17.17 -54.84 37.47
C CO3 U . 34.08 -31.60 24.99
O1 CO3 U . 33.61 -32.76 25.30
O2 CO3 U . 34.17 -31.27 23.74
O3 CO3 U . 34.68 -30.89 25.89
ZN ZN V . 20.08 -57.47 34.96
O6A REL W . 27.76 24.62 2.61
C6 REL W . 26.63 25.11 2.31
O6B REL W . 25.56 24.85 2.88
C5 REL W . 26.64 26.11 1.16
O5 REL W . 25.41 25.97 0.43
C4 REL W . 26.76 27.57 1.66
O4 REL W . 28.04 27.66 2.30
C3 REL W . 26.68 28.66 0.57
O3 REL W . 27.09 29.93 1.08
C2 REL W . 25.24 28.77 0.02
O2 REL W . 24.54 29.87 0.56
C1 REL W . 25.26 28.85 -1.51
O1 REL W . 24.45 28.21 -2.20
C CO3 X . 29.25 33.50 -4.43
O1 CO3 X . 29.82 33.67 -5.59
O2 CO3 X . 28.47 34.42 -3.94
O3 CO3 X . 29.34 32.36 -3.83
C CO3 Y . 23.89 0.18 -16.23
O1 CO3 Y . 23.77 1.15 -15.38
O2 CO3 Y . 23.07 -0.82 -16.17
O3 CO3 Y . 24.98 0.06 -16.93
ZN ZN Z . 23.77 25.74 1.63
O6A REL AA . 47.37 31.28 -29.20
C6 REL AA . 46.75 31.87 -30.14
O6B REL AA . 46.86 33.08 -30.43
C5 REL AA . 45.82 30.99 -30.96
O5 REL AA . 44.55 31.66 -31.10
C4 REL AA . 46.35 30.66 -32.37
O4 REL AA . 47.63 30.02 -32.19
C3 REL AA . 45.43 29.73 -33.22
O3 REL AA . 46.14 29.13 -34.31
C2 REL AA . 44.18 30.51 -33.74
O2 REL AA . 44.24 30.67 -35.15
C1 REL AA . 42.90 29.76 -33.37
O1 REL AA . 41.90 30.37 -32.95
ZN ZN BA . 44.70 33.62 -31.52
O6A REL CA . 32.06 -3.12 -23.56
C6 REL CA . 30.97 -3.11 -24.16
O6B REL CA . 30.73 -3.62 -25.27
C5 REL CA . 29.83 -2.41 -23.42
O5 REL CA . 29.02 -1.75 -24.41
C4 REL CA . 28.95 -3.38 -22.61
O4 REL CA . 29.83 -4.01 -21.65
C3 REL CA . 27.77 -2.73 -21.87
O3 REL CA . 27.20 -3.62 -20.89
C2 REL CA . 26.67 -2.30 -22.89
O2 REL CA . 25.64 -3.27 -23.01
C1 REL CA . 26.10 -0.93 -22.51
O1 REL CA . 25.72 -0.15 -23.37
C CO3 DA . 42.68 23.17 -35.91
O1 CO3 DA . 42.15 22.03 -35.54
O2 CO3 DA . 42.79 23.45 -37.17
O3 CO3 DA . 43.32 23.89 -35.03
ZN ZN EA . 28.70 -2.77 -26.11
CL CL FA . 36.62 17.33 -16.41
O6A REL GA . -39.15 25.56 -29.78
C6 REL GA . -38.37 24.91 -29.04
O6B REL GA . -38.43 24.84 -27.79
C5 REL GA . -37.27 24.15 -29.76
O5 REL GA . -36.08 24.21 -28.96
C4 REL GA . -37.63 22.66 -29.99
O4 REL GA . -38.87 22.64 -30.74
C3 REL GA . -36.56 21.85 -30.77
O3 REL GA . -37.12 20.63 -31.30
C2 REL GA . -35.37 21.53 -29.85
O2 REL GA . -35.39 20.19 -29.41
C1 REL GA . -34.04 21.82 -30.55
O1 REL GA . -33.02 22.04 -29.91
C CO3 HA . -22.89 51.87 -29.12
O1 CO3 HA . -23.52 50.75 -28.90
O2 CO3 HA . -22.25 52.46 -28.14
O3 CO3 HA . -22.76 52.28 -30.34
ZN ZN IA . -36.29 23.91 -26.99
O6A REL JA . -21.49 28.80 -63.52
C6 REL JA . -20.40 28.21 -63.27
O6B REL JA . -20.14 27.02 -63.53
C5 REL JA . -19.34 29.06 -62.58
O5 REL JA . -18.55 28.20 -61.72
C4 REL JA . -18.41 29.76 -63.59
O4 REL JA . -19.25 30.60 -64.40
C3 REL JA . -17.32 30.65 -62.96
O3 REL JA . -16.74 31.55 -63.93
C2 REL JA . -16.20 29.78 -62.33
O2 REL JA . -15.05 29.75 -63.16
C1 REL JA . -15.84 30.32 -60.94
O1 REL JA . -15.42 29.57 -60.05
C CO3 KA . -33.19 18.58 -36.63
O1 CO3 KA . -32.54 18.72 -37.74
O2 CO3 KA . -33.28 17.40 -36.08
O3 CO3 KA . -33.98 19.53 -36.23
ZN ZN LA . -17.98 26.37 -62.50
CL CL MA . -28.00 37.78 -44.30
O6A REL NA . -21.10 57.91 -38.69
C6 REL NA . -20.00 57.83 -38.09
O6B REL NA . -18.98 58.48 -38.37
C5 REL NA . -19.94 56.83 -36.95
O5 REL NA . -18.63 56.25 -36.92
C4 REL NA . -20.22 57.49 -35.58
O4 REL NA . -21.54 58.06 -35.68
C3 REL NA . -20.19 56.53 -34.37
O3 REL NA . -20.82 57.15 -33.23
C2 REL NA . -18.74 56.14 -34.01
O2 REL NA . -18.30 56.82 -32.83
C1 REL NA . -18.62 54.62 -33.81
O1 REL NA . -17.58 54.03 -34.07
C CO3 OA . -14.07 37.07 -60.46
O1 CO3 OA . -14.09 37.91 -59.48
O2 CO3 OA . -13.00 36.93 -61.17
O3 CO3 OA . -15.04 36.22 -60.58
ZN ZN PA . -17.12 57.56 -37.23
O6A REL QA . -47.73 -29.10 31.19
C6 REL QA . -46.96 -29.76 31.93
O6B REL QA . -47.02 -29.84 33.17
C5 REL QA . -45.85 -30.52 31.21
O5 REL QA . -44.66 -30.49 32.01
C4 REL QA . -46.23 -32.00 30.92
O4 REL QA . -47.44 -31.97 30.13
C3 REL QA . -45.16 -32.80 30.14
O3 REL QA . -45.72 -34.01 29.61
C2 REL QA . -43.96 -33.15 31.07
O2 REL QA . -43.91 -34.53 31.38
C1 REL QA . -42.64 -32.71 30.43
O1 REL QA . -41.65 -32.48 31.11
C CO3 RA . -31.51 -2.71 31.90
O1 CO3 RA . -32.17 -3.82 32.11
O2 CO3 RA . -30.99 -2.05 32.90
O3 CO3 RA . -31.45 -2.22 30.71
ZN ZN SA . -44.92 -30.77 33.94
O6A REL TA . -30.06 -25.94 -2.37
C6 REL TA . -28.93 -26.47 -2.19
O6B REL TA . -28.61 -27.63 -2.53
C5 REL TA . -27.90 -25.56 -1.50
O5 REL TA . -27.07 -26.39 -0.67
C4 REL TA . -27.02 -24.80 -2.51
O4 REL TA . -27.91 -23.96 -3.27
C3 REL TA . -25.93 -23.90 -1.90
O3 REL TA . -25.35 -23.05 -2.90
C2 REL TA . -24.81 -24.75 -1.24
O2 REL TA . -23.69 -24.88 -2.10
C1 REL TA . -24.38 -24.14 0.09
O1 REL TA . -23.88 -24.82 0.97
C CO3 UA . -41.80 -35.95 24.34
O1 CO3 UA . -41.23 -35.80 23.19
O2 CO3 UA . -41.82 -37.13 24.90
O3 CO3 UA . -42.65 -35.05 24.76
ZN ZN VA . -26.50 -28.21 -1.47
CL CL WA . -36.65 -16.81 16.75
O6A REL XA . -29.73 3.35 22.38
C6 REL XA . -28.65 3.27 23.03
O6B REL XA . -27.62 3.92 22.80
C5 REL XA . -28.64 2.27 24.18
O5 REL XA . -27.36 1.64 24.24
C4 REL XA . -28.93 2.94 25.55
O4 REL XA . -30.26 3.48 25.45
C3 REL XA . -28.88 2.00 26.78
O3 REL XA . -29.42 2.65 27.93
C2 REL XA . -27.43 1.54 27.07
O2 REL XA . -26.92 2.15 28.23
C1 REL XA . -27.37 0.02 27.22
O1 REL XA . -26.31 -0.58 27.10
C CO3 YA . -22.65 -17.53 0.71
O1 CO3 YA . -22.65 -16.58 1.58
O2 CO3 YA . -21.68 -17.62 -0.15
O3 CO3 YA . -23.71 -18.24 0.54
ZN ZN ZA . -25.74 2.95 23.92
#